data_6XN3
#
_entry.id   6XN3
#
_cell.length_a   1.00
_cell.length_b   1.00
_cell.length_c   1.00
_cell.angle_alpha   90.00
_cell.angle_beta   90.00
_cell.angle_gamma   90.00
#
_symmetry.space_group_name_H-M   'P 1'
#
loop_
_entity.id
_entity.type
_entity.pdbx_description
1 polymer 'CRISPR-associated protein Cas10'
2 polymer 'CRISPR-associated protein Csm4'
3 polymer 'CRISPR-associated protein Csm3'
4 polymer 'CRISPR-associated protein Csm5'
5 polymer 'Crispr RNA'
6 polymer 'CRISPR-associated protein Csm2'
7 polymer 'target RNA'
#
loop_
_entity_poly.entity_id
_entity_poly.type
_entity_poly.pdbx_seq_one_letter_code
_entity_poly.pdbx_strand_id
1 'polypeptide(L)'
;MDKINLVCGSLLHNIGKIIYRGTSERAKHSKLGGDFIKSFEQFRNTELTDCIRYHHAQEITSVKSNKEKNSLFYITYIAD
NISSGMDRRKDLEEGAEGFNWDKKVALGSVFNVLNEKEKGRQNYSYPFVARTRIKEEPLNFPTATQNQYTTSYYDGLITD
MKTILQRLKPDKEHINSLLQMMESLWSYVPSSTDKNQLVDISLYDHSRTTAAIASAIYDYFQAENITDYQKELFDYNATE
FYDKNAFLMMNFDMSGVQNFIYNISGSKALKSLRARSFYLDMLLEYISDNLLEKLELSRANILYVGGGHAYLLLANTNKT
KAILSDFEHDLKTWFLDKFKIDLYVAMAYTEVSANDLMNHNGHYRDIYRRLSQKTSAKKANRYTAEEILNLNHQGTENAR
ECRECKRSDLLIEEDDICEICDSLQKVSRDLTRENIFVIANEGVLDMPFGKKMSALSYSQADKLKKSNAEVQIYAKNISE
IGQNLMTRIDMGDYTYRSDFHEMLEEVEVGINRLGVLRADVDNLGQAFINGIPDDYLSISRTATFSRAMSRFFKNYLNQL
LAEKSYKINVIYAGGDDLFMIGAWQDILDFSIVLKQKFADFTQNKLSISAGIGMFREKYPVARMASLTGDLEDAAKDYKP
DERAVQATKNAVTLFDATNVFSWDTLENDIFVKLDAITKNFEKLDETGKAFIYRLIDLLRGVNENQQINIARLAYTLSRM
EEKIGKTFAQELYNWANADRKTLIMALEIYILKTRE
;
A
2 'polypeptide(L)'
;MKIIKLYFESPVHFGEKRLSESKITFSADTLFSALMIEAVGLGKEDEFYQLASNNLVKFSDAFPFIDQYYYIPKPMFNLK
LEKEDENPSKAFKKLLYVPIDSLEDYLSGGLDAYFERESFNLGKLALSEKVQQHDFKDSEPYNVGTFTFKENTGLYVLIE
QTHPLLEELLENLQYSGIGGKRNSGYGKFKFEILEDSDIEDLFSAKGNRKILLSGALPKDAELEQALKNASYLLERRGGF
VQSDTYATNLVKKQDLYVFKSGSTFENSFDGDIYQVGKKGNHPVYKYAKSFFLEVS
;
B
3 'polypeptide(L)'
;MKLVIEGTIVLKTGMHIGGSSDFSAIGAVASPVVRDTLTRLPLIPGSSLKGKMRYLLAKELNNGILLNEPNNDQDEILRL
FGSSEKDKIRRARLKFNDIKLSNLAELETFNVSSTEVKFENTINRKTAVANPRQIERVIAGSKFDFEIFYNLDDIKEVEK
DFENIKQGFDLLEFDYLGGHGTRGSGRIAFENLSVITAVGNFEKINTLNEILGA
;
F,H,G,I
4 'polypeptide(L)'
;MKKTYRVTLTALGPIFIGGGEKLKKYEYIFDKQKKVAHMIDHTKFTKYLLEKNLLDDFTSRVNSHFDLYDYLVNKKGIVF
MPLVKYSVPVAQFRTEVKNRFGKPISSPPMNDLNTFVKDAFGRPYIPGSSLKGALRTAILNDLKEDTKENEVFAHLQVSD
SETIDLENLKVYQKVDYSKTAKPLPLYRECLKPNTEITFTVSFDDEYLTLKKIQNALHKTYQHYYIKWLKGGKVGETLIK
GVYDSHADELKKNTFALDQPSQNQGEIIYIGGGAGFVSKTLHYKSKNRDQARNDSFDILKQLFRTTYSKMRSVPDNVPVA
LKLAVETKTFNGRVTGKHYLEMGKARIKLEEL
;
J
5 'polyribonucleotide' ACGAGAACAUACGUUCUUUGAACCAAGCUUCAACUCC R
6 'polypeptide(L)'
;TELKIGNEKVNSTNFGDFAEKAIRGINHKPFVNSKGGEQKITTSKIRGILELVNKVYNRVINTNDVELSENILADIAYIK
VKIAYESGREPVVKDFIQRTAFTAAITDVMNQRTRESFLLFARYVESLIAYFKFYGGKD
;
C,D,E
7 'polyribonucleotide' AGGAGUUGAAGCUUGGUUCAAAGAACGUAUCAAG T
#
# COMPACT_ATOMS: atom_id res chain seq x y z
N MET A 1 -23.42 -86.84 0.32
CA MET A 1 -22.17 -86.37 0.92
C MET A 1 -21.68 -85.14 0.16
N ASP A 2 -22.11 -83.96 0.61
CA ASP A 2 -21.83 -82.72 -0.11
C ASP A 2 -20.92 -81.83 0.75
N LYS A 3 -20.47 -80.72 0.15
CA LYS A 3 -19.38 -79.90 0.68
C LYS A 3 -19.76 -79.02 1.86
N ILE A 4 -20.98 -79.15 2.40
CA ILE A 4 -21.34 -78.42 3.61
C ILE A 4 -20.47 -78.89 4.77
N ASN A 5 -20.26 -80.21 4.86
CA ASN A 5 -19.40 -80.78 5.91
C ASN A 5 -17.98 -80.27 5.82
N LEU A 6 -17.45 -80.20 4.60
CA LEU A 6 -16.06 -79.79 4.42
C LEU A 6 -15.88 -78.29 4.66
N VAL A 7 -16.81 -77.46 4.17
CA VAL A 7 -16.69 -76.03 4.36
C VAL A 7 -16.91 -75.66 5.82
N CYS A 8 -17.74 -76.44 6.54
CA CYS A 8 -17.91 -76.19 7.96
C CYS A 8 -16.70 -76.68 8.75
N GLY A 9 -16.07 -77.76 8.27
CA GLY A 9 -14.85 -78.22 8.92
C GLY A 9 -13.68 -77.30 8.68
N SER A 10 -13.74 -76.51 7.61
CA SER A 10 -12.70 -75.52 7.38
C SER A 10 -12.97 -74.23 8.14
N LEU A 11 -14.19 -73.69 8.03
CA LEU A 11 -14.50 -72.42 8.65
C LEU A 11 -14.58 -72.51 10.17
N LEU A 12 -15.08 -73.64 10.70
CA LEU A 12 -15.20 -73.85 12.14
C LEU A 12 -13.96 -74.49 12.74
N HIS A 13 -12.82 -74.44 12.04
CA HIS A 13 -11.62 -75.10 12.50
C HIS A 13 -10.88 -74.24 13.53
N ASN A 14 -10.03 -74.89 14.32
CA ASN A 14 -9.13 -74.35 15.33
C ASN A 14 -9.84 -73.59 16.44
N ILE A 15 -11.15 -73.77 16.62
CA ILE A 15 -11.84 -73.28 17.81
C ILE A 15 -11.36 -74.02 19.05
N GLY A 16 -11.02 -75.31 18.89
CA GLY A 16 -10.50 -76.08 19.99
C GLY A 16 -9.15 -75.60 20.47
N LYS A 17 -8.32 -75.10 19.54
CA LYS A 17 -7.03 -74.58 19.95
C LYS A 17 -7.16 -73.22 20.63
N ILE A 18 -8.10 -72.38 20.18
CA ILE A 18 -8.25 -71.07 20.81
C ILE A 18 -8.92 -71.19 22.17
N ILE A 19 -9.67 -72.27 22.42
CA ILE A 19 -10.10 -72.52 23.80
C ILE A 19 -9.07 -73.37 24.55
N TYR A 20 -8.16 -74.04 23.83
CA TYR A 20 -7.09 -74.76 24.49
C TYR A 20 -6.09 -73.78 25.10
N ARG A 21 -5.92 -72.63 24.48
CA ARG A 21 -4.97 -71.66 25.03
C ARG A 21 -5.52 -70.90 26.22
N GLY A 22 -6.78 -71.13 26.63
CA GLY A 22 -7.28 -70.49 27.82
C GLY A 22 -7.91 -71.40 28.87
N THR A 23 -8.34 -72.60 28.48
CA THR A 23 -9.03 -73.50 29.39
C THR A 23 -8.20 -74.75 29.60
N SER A 24 -8.09 -75.15 30.88
CA SER A 24 -7.10 -76.12 31.31
C SER A 24 -7.63 -77.53 31.06
N GLU A 25 -7.28 -78.09 29.90
CA GLU A 25 -7.45 -79.51 29.63
C GLU A 25 -6.18 -79.99 28.93
N ARG A 26 -5.25 -80.53 29.72
CA ARG A 26 -3.95 -80.94 29.20
C ARG A 26 -3.98 -82.27 28.46
N ALA A 27 -5.14 -82.82 28.15
CA ALA A 27 -5.19 -84.01 27.31
C ALA A 27 -5.07 -83.62 25.84
N LYS A 28 -5.03 -84.64 24.98
CA LYS A 28 -4.94 -84.45 23.53
C LYS A 28 -6.17 -83.72 23.02
N HIS A 29 -5.95 -82.81 22.06
CA HIS A 29 -7.01 -81.87 21.69
C HIS A 29 -8.10 -82.52 20.85
N SER A 30 -7.87 -83.75 20.37
CA SER A 30 -8.91 -84.48 19.62
C SER A 30 -10.13 -84.78 20.49
N LYS A 31 -9.89 -85.15 21.75
CA LYS A 31 -10.99 -85.39 22.68
C LYS A 31 -11.71 -84.09 23.03
N LEU A 32 -10.99 -82.96 23.02
CA LEU A 32 -11.63 -81.67 23.26
C LEU A 32 -12.53 -81.29 22.09
N GLY A 33 -12.07 -81.56 20.86
CA GLY A 33 -12.93 -81.32 19.70
C GLY A 33 -14.17 -82.20 19.71
N GLY A 34 -13.99 -83.49 20.04
CA GLY A 34 -15.12 -84.41 20.09
C GLY A 34 -16.13 -84.06 21.17
N ASP A 35 -15.64 -83.58 22.32
CA ASP A 35 -16.55 -83.14 23.37
C ASP A 35 -17.21 -81.81 23.01
N PHE A 36 -16.57 -80.99 22.17
CA PHE A 36 -17.24 -79.77 21.76
C PHE A 36 -18.28 -80.05 20.69
N ILE A 37 -18.20 -81.21 20.03
CA ILE A 37 -19.13 -81.54 18.93
C ILE A 37 -20.57 -81.65 19.42
N LYS A 38 -20.81 -82.41 20.48
CA LYS A 38 -22.18 -82.84 20.80
C LYS A 38 -22.99 -81.78 21.52
N SER A 39 -22.43 -80.61 21.79
CA SER A 39 -23.12 -79.56 22.53
C SER A 39 -23.76 -78.53 21.62
N PHE A 40 -24.33 -78.99 20.52
CA PHE A 40 -25.00 -78.16 19.54
C PHE A 40 -26.42 -78.68 19.31
N GLU A 41 -27.03 -78.21 18.22
CA GLU A 41 -28.35 -78.61 17.72
C GLU A 41 -28.61 -80.11 17.75
N GLN A 42 -27.86 -80.86 16.96
CA GLN A 42 -27.68 -82.30 17.14
C GLN A 42 -26.25 -82.63 16.74
N PHE A 43 -25.79 -83.79 17.22
CA PHE A 43 -24.52 -84.32 16.72
C PHE A 43 -24.69 -84.75 15.26
N ARG A 44 -23.71 -84.43 14.45
CA ARG A 44 -23.79 -84.60 13.01
C ARG A 44 -23.39 -86.03 12.65
N ASN A 45 -23.20 -86.29 11.36
CA ASN A 45 -22.67 -87.59 10.96
C ASN A 45 -21.18 -87.67 11.28
N THR A 46 -20.61 -88.86 11.03
CA THR A 46 -19.19 -89.09 11.33
C THR A 46 -18.26 -88.28 10.43
N GLU A 47 -18.77 -87.77 9.30
CA GLU A 47 -17.94 -87.07 8.33
C GLU A 47 -17.36 -85.78 8.90
N LEU A 48 -18.22 -84.91 9.44
CA LEU A 48 -17.72 -83.63 9.93
C LEU A 48 -16.97 -83.80 11.25
N THR A 49 -17.38 -84.79 12.06
CA THR A 49 -16.66 -85.07 13.31
C THR A 49 -15.25 -85.54 13.05
N ASP A 50 -15.08 -86.49 12.13
CA ASP A 50 -13.74 -86.94 11.76
C ASP A 50 -12.98 -85.86 11.00
N CYS A 51 -13.71 -84.95 10.33
CA CYS A 51 -13.06 -83.82 9.69
C CYS A 51 -12.42 -82.88 10.72
N ILE A 52 -13.10 -82.63 11.82
CA ILE A 52 -12.62 -81.59 12.73
C ILE A 52 -11.76 -82.16 13.85
N ARG A 53 -11.86 -83.45 14.19
CA ARG A 53 -11.06 -83.97 15.30
C ARG A 53 -9.89 -84.82 14.85
N TYR A 54 -9.76 -85.10 13.55
CA TYR A 54 -8.58 -85.75 12.96
C TYR A 54 -7.87 -84.84 11.97
N HIS A 55 -6.87 -84.11 12.46
CA HIS A 55 -5.88 -83.44 11.60
C HIS A 55 -4.49 -83.53 12.22
N HIS A 56 -4.28 -84.50 13.10
CA HIS A 56 -3.00 -84.74 13.77
C HIS A 56 -2.43 -86.05 13.25
N ALA A 57 -1.20 -85.99 12.73
CA ALA A 57 -0.71 -86.96 11.75
C ALA A 57 -0.62 -88.38 12.32
N GLN A 58 -0.20 -88.48 13.58
CA GLN A 58 -0.12 -89.79 14.22
C GLN A 58 -1.51 -90.37 14.46
N GLU A 59 -2.47 -89.52 14.80
CA GLU A 59 -3.87 -89.97 14.87
C GLU A 59 -4.41 -90.31 13.50
N ILE A 60 -3.94 -89.60 12.46
CA ILE A 60 -4.37 -89.89 11.10
C ILE A 60 -3.94 -91.29 10.69
N THR A 61 -2.67 -91.63 10.94
CA THR A 61 -2.20 -92.98 10.65
C THR A 61 -2.79 -94.00 11.62
N SER A 62 -3.21 -93.57 12.81
CA SER A 62 -3.79 -94.50 13.78
C SER A 62 -5.20 -94.93 13.42
N VAL A 63 -5.89 -94.23 12.53
CA VAL A 63 -7.28 -94.52 12.20
C VAL A 63 -7.35 -94.78 10.69
N LYS A 64 -7.32 -96.07 10.34
CA LYS A 64 -7.47 -96.55 8.96
C LYS A 64 -8.70 -97.42 8.76
N SER A 65 -8.81 -98.51 9.53
CA SER A 65 -9.67 -99.63 9.14
C SER A 65 -10.93 -99.73 10.00
N ASN A 66 -10.95 -99.06 11.16
CA ASN A 66 -12.12 -99.12 12.02
C ASN A 66 -13.30 -98.38 11.44
N LYS A 67 -13.05 -97.41 10.55
CA LYS A 67 -14.10 -96.70 9.84
C LYS A 67 -13.88 -96.80 8.33
N GLU A 68 -14.80 -96.23 7.57
CA GLU A 68 -14.81 -96.38 6.13
C GLU A 68 -13.80 -95.44 5.47
N LYS A 69 -13.74 -95.53 4.13
CA LYS A 69 -13.01 -94.58 3.31
C LYS A 69 -13.82 -93.30 3.13
N ASN A 70 -13.39 -92.49 2.15
CA ASN A 70 -13.87 -91.12 1.95
C ASN A 70 -13.68 -90.32 3.24
N SER A 71 -12.39 -90.11 3.56
CA SER A 71 -11.94 -89.55 4.82
C SER A 71 -12.52 -88.16 5.10
N LEU A 72 -12.35 -87.24 4.15
CA LEU A 72 -12.74 -85.83 4.22
C LEU A 72 -12.10 -85.09 5.40
N PHE A 73 -10.97 -85.60 5.90
CA PHE A 73 -10.10 -84.80 6.74
C PHE A 73 -8.68 -84.74 6.20
N TYR A 74 -8.37 -85.60 5.23
CA TYR A 74 -7.11 -85.48 4.48
C TYR A 74 -7.08 -84.15 3.75
N ILE A 75 -8.25 -83.76 3.23
CA ILE A 75 -8.46 -82.47 2.59
C ILE A 75 -8.07 -81.34 3.51
N THR A 76 -8.60 -81.36 4.74
CA THR A 76 -8.33 -80.27 5.68
C THR A 76 -6.91 -80.30 6.19
N TYR A 77 -6.29 -81.49 6.23
CA TYR A 77 -4.89 -81.60 6.62
C TYR A 77 -3.97 -80.90 5.62
N ILE A 78 -4.05 -81.29 4.35
CA ILE A 78 -3.19 -80.61 3.37
C ILE A 78 -3.70 -79.22 3.09
N ALA A 79 -4.96 -78.91 3.42
CA ALA A 79 -5.46 -77.55 3.31
C ALA A 79 -4.79 -76.65 4.31
N ASP A 80 -4.63 -77.12 5.55
CA ASP A 80 -3.90 -76.36 6.56
C ASP A 80 -2.43 -76.26 6.17
N ASN A 81 -1.91 -77.31 5.50
CA ASN A 81 -0.53 -77.28 5.04
C ASN A 81 -0.30 -76.20 3.98
N ILE A 82 -1.15 -76.16 2.95
CA ILE A 82 -0.98 -75.18 1.87
C ILE A 82 -1.36 -73.77 2.34
N SER A 83 -2.35 -73.64 3.22
CA SER A 83 -2.72 -72.32 3.73
C SER A 83 -1.71 -71.79 4.72
N SER A 84 -0.91 -72.67 5.33
CA SER A 84 0.10 -72.23 6.28
C SER A 84 1.28 -71.58 5.59
N GLY A 85 1.73 -72.15 4.48
CA GLY A 85 2.89 -71.64 3.77
C GLY A 85 4.17 -72.39 4.07
N MET A 86 4.11 -73.41 4.93
CA MET A 86 5.27 -74.24 5.28
C MET A 86 4.78 -75.62 5.67
N ASP A 87 5.72 -76.50 5.95
CA ASP A 87 5.48 -77.94 5.98
C ASP A 87 5.34 -78.47 7.39
N ARG A 88 4.39 -79.41 7.57
CA ARG A 88 4.26 -80.21 8.78
C ARG A 88 4.18 -81.67 8.34
N ARG A 89 5.30 -82.38 8.37
CA ARG A 89 5.36 -83.73 7.82
C ARG A 89 5.09 -84.80 8.86
N LYS A 90 5.93 -84.88 9.88
CA LYS A 90 5.79 -85.86 10.95
C LYS A 90 5.88 -85.24 12.34
N ASP A 91 6.01 -83.93 12.44
CA ASP A 91 6.15 -83.29 13.74
C ASP A 91 4.80 -83.20 14.43
N LEU A 92 4.84 -83.13 15.76
CA LEU A 92 3.63 -82.85 16.54
C LEU A 92 3.14 -81.45 16.23
N GLU A 93 1.84 -81.32 15.99
CA GLU A 93 1.27 -80.04 15.62
C GLU A 93 1.00 -79.22 16.89
N GLU A 94 0.28 -78.11 16.74
CA GLU A 94 0.12 -77.14 17.81
C GLU A 94 -0.75 -77.68 18.93
N GLY A 95 -0.28 -77.49 20.17
CA GLY A 95 -0.97 -77.89 21.37
C GLY A 95 -1.22 -79.39 21.48
N ALA A 96 -0.23 -80.20 21.11
CA ALA A 96 -0.42 -81.63 21.02
C ALA A 96 0.17 -82.39 22.20
N GLU A 97 0.42 -81.70 23.32
CA GLU A 97 1.13 -82.23 24.49
C GLU A 97 2.50 -82.81 24.07
N GLY A 98 3.38 -81.95 23.58
CA GLY A 98 4.73 -82.38 23.24
C GLY A 98 5.76 -81.51 23.89
N PHE A 99 5.33 -80.33 24.31
CA PHE A 99 6.19 -79.38 24.99
C PHE A 99 5.29 -78.49 25.84
N ASN A 100 5.92 -77.72 26.73
CA ASN A 100 5.18 -76.86 27.63
C ASN A 100 4.66 -75.63 26.89
N TRP A 101 3.48 -75.75 26.28
CA TRP A 101 2.93 -74.71 25.42
C TRP A 101 2.26 -73.65 26.28
N ASP A 102 2.96 -72.54 26.50
CA ASP A 102 2.44 -71.44 27.30
C ASP A 102 1.93 -70.33 26.37
N LYS A 103 0.64 -70.40 26.06
CA LYS A 103 0.07 -69.65 24.95
C LYS A 103 -0.72 -68.45 25.44
N LYS A 104 -0.09 -67.27 25.40
CA LYS A 104 -0.67 -66.02 25.90
C LYS A 104 -0.36 -64.85 24.97
N VAL A 105 -0.08 -65.13 23.69
CA VAL A 105 0.54 -64.16 22.79
C VAL A 105 -0.47 -63.64 21.77
N ALA A 106 -0.43 -62.33 21.54
CA ALA A 106 -1.42 -61.62 20.72
C ALA A 106 -1.12 -61.75 19.23
N LEU A 107 -1.81 -60.95 18.43
CA LEU A 107 -1.78 -61.01 16.98
C LEU A 107 -0.89 -59.91 16.41
N GLY A 108 0.10 -60.31 15.61
CA GLY A 108 1.00 -59.35 14.98
C GLY A 108 0.36 -58.59 13.83
N SER A 109 0.88 -57.40 13.58
CA SER A 109 0.32 -56.48 12.60
C SER A 109 0.82 -56.79 11.20
N VAL A 110 -0.07 -56.61 10.22
CA VAL A 110 0.24 -56.88 8.82
C VAL A 110 1.36 -56.01 8.27
N PHE A 111 1.40 -54.75 8.63
CA PHE A 111 2.31 -53.77 8.07
C PHE A 111 3.74 -53.87 8.61
N ASN A 112 4.14 -54.79 9.50
CA ASN A 112 5.54 -54.84 9.91
C ASN A 112 6.46 -55.45 8.84
N VAL A 113 6.00 -56.49 8.15
CA VAL A 113 6.80 -57.12 7.11
C VAL A 113 6.89 -56.26 5.85
N LEU A 114 5.95 -55.32 5.67
CA LEU A 114 5.76 -54.59 4.41
C LEU A 114 6.95 -53.69 4.07
N ASN A 115 7.63 -54.02 2.96
CA ASN A 115 8.76 -53.28 2.38
C ASN A 115 9.93 -53.21 3.38
N GLU A 116 10.42 -54.40 3.75
CA GLU A 116 11.46 -54.50 4.75
C GLU A 116 12.86 -54.35 4.15
N LYS A 117 12.98 -54.37 2.82
CA LYS A 117 14.27 -54.19 2.18
C LYS A 117 14.66 -52.73 1.99
N GLU A 118 13.72 -51.80 2.18
CA GLU A 118 14.04 -50.37 2.08
C GLU A 118 14.18 -49.70 3.43
N LYS A 119 13.38 -50.09 4.43
CA LYS A 119 13.37 -49.37 5.70
C LYS A 119 13.51 -50.31 6.89
N GLY A 120 13.92 -51.56 6.65
CA GLY A 120 14.18 -52.49 7.73
C GLY A 120 12.93 -53.17 8.26
N ARG A 121 13.15 -54.07 9.21
CA ARG A 121 12.10 -54.91 9.76
C ARG A 121 11.59 -54.34 11.08
N GLN A 122 10.40 -53.74 11.05
CA GLN A 122 9.70 -53.36 12.28
C GLN A 122 8.91 -54.55 12.81
N ASN A 123 8.28 -54.35 13.97
CA ASN A 123 7.39 -55.34 14.56
C ASN A 123 6.34 -54.65 15.40
N TYR A 124 5.10 -55.11 15.30
CA TYR A 124 3.97 -54.51 16.02
C TYR A 124 3.03 -55.63 16.46
N SER A 125 1.90 -55.23 17.02
CA SER A 125 0.86 -56.19 17.41
C SER A 125 -0.47 -55.46 17.46
N TYR A 126 -1.54 -56.25 17.65
CA TYR A 126 -2.89 -55.71 17.73
C TYR A 126 -3.36 -55.71 19.18
N PRO A 127 -3.59 -54.56 19.80
CA PRO A 127 -4.18 -54.53 21.14
C PRO A 127 -5.69 -54.70 21.08
N PHE A 128 -6.29 -54.80 22.27
CA PHE A 128 -7.71 -55.07 22.42
C PHE A 128 -8.34 -54.01 23.32
N VAL A 129 -9.44 -53.43 22.86
CA VAL A 129 -10.20 -52.43 23.61
C VAL A 129 -11.62 -52.97 23.79
N ALA A 130 -12.07 -53.01 25.04
CA ALA A 130 -13.43 -53.44 25.34
C ALA A 130 -14.41 -52.30 25.10
N GLU A 137 -13.85 -52.26 12.69
CA GLU A 137 -14.82 -51.91 13.72
C GLU A 137 -14.55 -52.72 14.98
N PRO A 138 -14.47 -52.05 16.14
CA PRO A 138 -14.63 -50.60 16.37
C PRO A 138 -13.33 -49.80 16.24
N LEU A 139 -13.31 -48.62 16.87
CA LEU A 139 -12.16 -47.74 16.80
C LEU A 139 -11.00 -48.29 17.62
N ASN A 140 -10.04 -48.91 16.95
CA ASN A 140 -8.80 -49.33 17.57
C ASN A 140 -7.69 -49.35 16.54
N PHE A 141 -6.45 -49.28 17.01
CA PHE A 141 -5.31 -49.17 16.11
C PHE A 141 -4.12 -49.99 16.62
N PRO A 142 -3.45 -50.75 15.76
CA PRO A 142 -2.28 -51.52 16.20
C PRO A 142 -1.12 -50.63 16.62
N THR A 143 -0.31 -51.15 17.54
CA THR A 143 0.75 -50.40 18.21
C THR A 143 1.98 -51.27 18.43
N ALA A 144 3.06 -50.60 18.82
CA ALA A 144 4.34 -51.24 19.17
C ALA A 144 4.48 -51.50 20.66
N THR A 145 3.49 -52.13 21.29
CA THR A 145 3.62 -52.58 22.67
C THR A 145 3.08 -53.99 22.77
N GLN A 146 3.63 -54.74 23.72
CA GLN A 146 3.20 -56.13 23.91
C GLN A 146 1.80 -56.17 24.50
N ASN A 147 1.04 -57.17 24.10
CA ASN A 147 -0.37 -57.25 24.42
C ASN A 147 -0.72 -58.63 24.95
N GLN A 148 -1.94 -58.76 25.45
CA GLN A 148 -2.33 -59.94 26.20
C GLN A 148 -3.85 -60.01 26.26
N TYR A 149 -4.39 -61.22 26.16
CA TYR A 149 -5.81 -61.49 26.24
C TYR A 149 -6.10 -62.38 27.45
N THR A 150 -7.30 -62.21 28.01
CA THR A 150 -7.68 -62.89 29.24
C THR A 150 -8.90 -63.76 28.99
N THR A 151 -8.95 -64.89 29.68
CA THR A 151 -9.93 -65.94 29.43
C THR A 151 -11.36 -65.53 29.80
N SER A 152 -11.51 -64.49 30.65
CA SER A 152 -12.84 -64.00 31.02
C SER A 152 -13.59 -63.44 29.81
N TYR A 153 -12.89 -62.65 29.00
CA TYR A 153 -13.47 -62.15 27.76
C TYR A 153 -13.73 -63.26 26.77
N TYR A 154 -12.91 -64.32 26.81
CA TYR A 154 -13.13 -65.47 25.94
C TYR A 154 -14.42 -66.19 26.28
N ASP A 155 -14.65 -66.48 27.57
CA ASP A 155 -15.87 -67.19 27.92
C ASP A 155 -17.10 -66.28 27.75
N GLY A 156 -16.93 -64.97 27.92
CA GLY A 156 -18.02 -64.06 27.59
C GLY A 156 -18.39 -64.07 26.12
N LEU A 157 -17.38 -64.03 25.25
CA LEU A 157 -17.64 -64.03 23.81
C LEU A 157 -18.19 -65.37 23.35
N ILE A 158 -17.75 -66.48 23.96
CA ILE A 158 -18.28 -67.78 23.56
C ILE A 158 -19.71 -67.97 24.08
N THR A 159 -20.04 -67.38 25.24
CA THR A 159 -21.44 -67.39 25.69
C THR A 159 -22.33 -66.59 24.74
N ASP A 160 -21.84 -65.45 24.27
CA ASP A 160 -22.60 -64.68 23.26
C ASP A 160 -22.71 -65.44 21.94
N MET A 161 -21.61 -66.09 21.53
CA MET A 161 -21.57 -66.83 20.27
C MET A 161 -22.50 -68.04 20.30
N LYS A 162 -22.56 -68.72 21.43
CA LYS A 162 -23.44 -69.89 21.53
C LYS A 162 -24.83 -69.57 22.06
N THR A 163 -25.11 -68.31 22.45
CA THR A 163 -26.50 -67.93 22.67
C THR A 163 -27.13 -67.25 21.46
N ILE A 164 -26.33 -66.89 20.45
CA ILE A 164 -26.90 -66.35 19.23
C ILE A 164 -26.66 -67.26 18.02
N LEU A 165 -25.80 -68.27 18.17
CA LEU A 165 -25.38 -69.12 17.06
C LEU A 165 -26.43 -70.13 16.61
N GLN A 166 -27.29 -70.59 17.53
CA GLN A 166 -28.22 -71.68 17.23
C GLN A 166 -29.36 -71.27 16.30
N ARG A 167 -29.42 -70.02 15.86
CA ARG A 167 -30.47 -69.61 14.92
C ARG A 167 -30.18 -70.07 13.50
N LEU A 168 -28.98 -70.55 13.22
CA LEU A 168 -28.61 -71.02 11.89
C LEU A 168 -28.65 -72.54 11.82
N LYS A 169 -28.79 -73.05 10.60
CA LYS A 169 -28.76 -74.49 10.35
C LYS A 169 -27.49 -74.83 9.58
N PRO A 170 -26.70 -75.82 9.99
CA PRO A 170 -25.51 -76.20 9.21
C PRO A 170 -25.82 -76.76 7.82
N ASP A 171 -26.15 -75.89 6.88
CA ASP A 171 -26.53 -76.27 5.53
C ASP A 171 -25.85 -75.30 4.56
N LYS A 172 -26.32 -75.29 3.31
CA LYS A 172 -25.61 -74.60 2.23
C LYS A 172 -25.69 -73.08 2.38
N GLU A 173 -26.88 -72.54 2.60
CA GLU A 173 -27.06 -71.10 2.52
C GLU A 173 -26.59 -70.36 3.76
N HIS A 174 -26.47 -71.04 4.89
CA HIS A 174 -26.12 -70.37 6.15
C HIS A 174 -24.64 -70.08 6.28
N ILE A 175 -23.83 -70.49 5.31
CA ILE A 175 -22.40 -70.19 5.30
C ILE A 175 -22.17 -68.69 5.23
N ASN A 176 -23.02 -67.98 4.48
CA ASN A 176 -22.94 -66.53 4.39
C ASN A 176 -23.19 -65.87 5.75
N SER A 177 -24.20 -66.33 6.48
CA SER A 177 -24.56 -65.70 7.74
C SER A 177 -23.55 -66.00 8.83
N LEU A 178 -23.06 -67.26 8.87
CA LEU A 178 -21.99 -67.56 9.82
C LEU A 178 -20.71 -66.84 9.43
N LEU A 179 -20.54 -66.51 8.15
CA LEU A 179 -19.40 -65.74 7.72
C LEU A 179 -19.52 -64.27 8.13
N GLN A 180 -20.75 -63.74 8.12
CA GLN A 180 -20.98 -62.38 8.61
C GLN A 180 -20.69 -62.27 10.11
N MET A 181 -21.19 -63.24 10.88
CA MET A 181 -20.84 -63.26 12.29
C MET A 181 -19.37 -63.59 12.52
N MET A 182 -18.73 -64.30 11.59
CA MET A 182 -17.31 -64.55 11.72
C MET A 182 -16.48 -63.30 11.48
N GLU A 183 -16.89 -62.44 10.53
CA GLU A 183 -16.17 -61.17 10.38
C GLU A 183 -16.51 -60.21 11.51
N SER A 184 -17.67 -60.38 12.15
CA SER A 184 -17.95 -59.58 13.34
C SER A 184 -17.07 -59.98 14.50
N LEU A 185 -16.83 -61.29 14.67
CA LEU A 185 -16.19 -61.80 15.87
C LEU A 185 -14.68 -61.99 15.70
N TRP A 186 -14.26 -62.78 14.72
CA TRP A 186 -12.92 -63.34 14.63
C TRP A 186 -11.93 -62.42 13.92
N SER A 187 -12.21 -61.12 13.84
CA SER A 187 -11.34 -60.26 13.04
C SER A 187 -10.00 -60.01 13.73
N TYR A 188 -9.95 -60.19 15.05
CA TYR A 188 -8.76 -59.81 15.82
C TYR A 188 -8.13 -60.98 16.57
N VAL A 189 -8.72 -62.16 16.51
CA VAL A 189 -8.18 -63.33 17.22
C VAL A 189 -7.01 -63.87 16.39
N PRO A 190 -5.90 -64.26 17.01
CA PRO A 190 -4.75 -64.73 16.23
C PRO A 190 -4.97 -66.10 15.60
N SER A 191 -4.09 -66.41 14.64
CA SER A 191 -4.08 -67.70 13.98
C SER A 191 -3.28 -68.75 14.74
N SER A 192 -2.21 -68.36 15.40
CA SER A 192 -1.45 -69.24 16.27
C SER A 192 -0.85 -68.38 17.39
N THR A 193 0.08 -68.96 18.15
CA THR A 193 0.68 -68.26 19.27
C THR A 193 2.17 -68.00 19.06
N ASP A 194 2.96 -69.03 18.83
CA ASP A 194 4.36 -68.88 18.46
C ASP A 194 4.43 -68.90 16.93
N LYS A 195 5.63 -69.10 16.38
CA LYS A 195 5.87 -69.22 14.93
C LYS A 195 5.43 -67.96 14.19
N ASN A 196 6.27 -66.92 14.34
CA ASN A 196 6.15 -65.57 13.77
C ASN A 196 5.66 -65.52 12.32
N GLN A 197 6.01 -66.54 11.53
CA GLN A 197 5.47 -66.71 10.19
C GLN A 197 3.96 -66.96 10.17
N LEU A 198 3.35 -67.32 11.31
CA LEU A 198 1.91 -67.55 11.36
C LEU A 198 1.13 -66.49 12.13
N VAL A 199 1.77 -65.74 13.04
CA VAL A 199 1.04 -64.80 13.88
C VAL A 199 0.77 -63.47 13.19
N ASP A 200 1.05 -63.37 11.90
CA ASP A 200 0.85 -62.13 11.15
C ASP A 200 -0.59 -61.94 10.70
N ILE A 201 -1.37 -63.01 10.65
CA ILE A 201 -2.72 -62.96 10.07
C ILE A 201 -3.72 -63.49 11.08
N SER A 202 -4.94 -62.97 11.02
CA SER A 202 -6.05 -63.47 11.81
C SER A 202 -6.60 -64.75 11.19
N LEU A 203 -7.17 -65.59 12.05
CA LEU A 203 -7.59 -66.90 11.60
C LEU A 203 -8.95 -66.87 10.90
N TYR A 204 -9.63 -65.73 10.90
CA TYR A 204 -10.88 -65.61 10.16
C TYR A 204 -10.66 -65.71 8.66
N ASP A 205 -9.72 -64.92 8.14
CA ASP A 205 -9.40 -65.04 6.71
C ASP A 205 -8.62 -66.30 6.42
N HIS A 206 -7.95 -66.88 7.43
CA HIS A 206 -7.35 -68.19 7.24
C HIS A 206 -8.42 -69.26 7.08
N SER A 207 -9.52 -69.10 7.80
CA SER A 207 -10.65 -70.02 7.65
C SER A 207 -11.35 -69.81 6.31
N ARG A 208 -11.46 -68.56 5.86
CA ARG A 208 -12.02 -68.28 4.54
C ARG A 208 -11.16 -68.91 3.44
N THR A 209 -9.84 -68.74 3.55
CA THR A 209 -8.93 -69.33 2.58
C THR A 209 -9.00 -70.85 2.61
N THR A 210 -9.09 -71.43 3.81
CA THR A 210 -9.15 -72.88 3.96
C THR A 210 -10.45 -73.43 3.38
N ALA A 211 -11.55 -72.68 3.56
CA ALA A 211 -12.82 -73.07 2.97
C ALA A 211 -12.76 -73.05 1.44
N ALA A 212 -12.12 -72.01 0.89
CA ALA A 212 -11.99 -71.88 -0.56
C ALA A 212 -11.15 -73.02 -1.13
N ILE A 213 -9.99 -73.28 -0.54
CA ILE A 213 -9.09 -74.30 -1.08
C ILE A 213 -9.66 -75.70 -0.85
N ALA A 214 -10.42 -75.89 0.23
CA ALA A 214 -11.03 -77.18 0.49
C ALA A 214 -12.13 -77.48 -0.51
N SER A 215 -12.96 -76.49 -0.82
CA SER A 215 -13.97 -76.66 -1.84
C SER A 215 -13.33 -76.85 -3.22
N ALA A 216 -12.21 -76.18 -3.46
CA ALA A 216 -11.50 -76.32 -4.74
C ALA A 216 -10.98 -77.75 -4.93
N ILE A 217 -10.29 -78.29 -3.92
CA ILE A 217 -9.76 -79.64 -4.06
C ILE A 217 -10.88 -80.67 -4.05
N TYR A 218 -12.01 -80.37 -3.38
CA TYR A 218 -13.11 -81.32 -3.37
C TYR A 218 -13.73 -81.43 -4.76
N ASP A 219 -13.98 -80.28 -5.40
CA ASP A 219 -14.54 -80.34 -6.75
C ASP A 219 -13.53 -80.87 -7.76
N TYR A 220 -12.24 -80.65 -7.49
CA TYR A 220 -11.19 -81.24 -8.33
C TYR A 220 -11.23 -82.76 -8.28
N PHE A 221 -11.38 -83.32 -7.08
CA PHE A 221 -11.47 -84.78 -6.96
C PHE A 221 -12.83 -85.29 -7.40
N GLN A 222 -13.83 -84.42 -7.40
CA GLN A 222 -15.15 -84.81 -7.90
C GLN A 222 -15.14 -84.92 -9.42
N ALA A 223 -14.31 -84.13 -10.10
CA ALA A 223 -14.27 -84.23 -11.55
C ALA A 223 -13.31 -85.31 -12.03
N GLU A 224 -12.14 -85.44 -11.39
CA GLU A 224 -11.13 -86.39 -11.87
C GLU A 224 -11.50 -87.84 -11.58
N ASN A 225 -12.45 -88.07 -10.66
CA ASN A 225 -13.02 -89.39 -10.34
C ASN A 225 -11.95 -90.37 -9.85
N ILE A 226 -11.31 -90.01 -8.75
CA ILE A 226 -10.21 -90.80 -8.21
C ILE A 226 -10.63 -91.35 -6.86
N THR A 227 -9.99 -92.45 -6.46
CA THR A 227 -10.31 -93.23 -5.28
C THR A 227 -9.00 -93.33 -4.48
N ASP A 228 -9.04 -93.96 -3.29
CA ASP A 228 -7.93 -94.22 -2.35
C ASP A 228 -7.10 -92.96 -2.08
N TYR A 229 -7.75 -92.04 -1.36
CA TYR A 229 -7.06 -90.82 -0.90
C TYR A 229 -5.94 -91.14 0.08
N GLN A 230 -6.07 -92.23 0.84
CA GLN A 230 -5.06 -92.56 1.85
C GLN A 230 -3.74 -92.96 1.22
N LYS A 231 -3.78 -93.79 0.16
CA LYS A 231 -2.54 -94.21 -0.51
C LYS A 231 -1.91 -93.03 -1.22
N GLU A 232 -2.72 -92.27 -1.95
CA GLU A 232 -2.26 -91.13 -2.75
C GLU A 232 -1.61 -90.06 -1.89
N LEU A 233 -2.20 -89.75 -0.74
CA LEU A 233 -1.75 -88.62 0.03
C LEU A 233 -0.85 -89.00 1.20
N PHE A 234 -0.76 -90.28 1.57
CA PHE A 234 0.02 -90.61 2.75
C PHE A 234 0.96 -91.78 2.53
N ASP A 235 0.75 -92.59 1.49
CA ASP A 235 1.76 -93.60 1.19
C ASP A 235 2.97 -93.00 0.48
N TYR A 236 2.81 -91.80 -0.06
CA TYR A 236 3.91 -90.86 -0.25
C TYR A 236 3.56 -89.59 0.50
N ASN A 237 4.58 -88.78 0.82
CA ASN A 237 4.42 -87.70 1.78
C ASN A 237 3.78 -86.44 1.19
N ALA A 238 2.60 -86.58 0.57
CA ALA A 238 1.72 -85.48 0.16
C ALA A 238 2.40 -84.49 -0.79
N THR A 239 3.20 -85.02 -1.71
CA THR A 239 3.75 -84.21 -2.79
C THR A 239 3.06 -84.49 -4.12
N GLU A 240 2.50 -85.69 -4.27
CA GLU A 240 1.89 -86.10 -5.52
C GLU A 240 0.60 -85.34 -5.79
N PHE A 241 -0.05 -84.82 -4.74
CA PHE A 241 -1.12 -83.86 -4.97
C PHE A 241 -0.54 -82.52 -5.40
N TYR A 242 0.57 -82.12 -4.78
CA TYR A 242 1.08 -80.76 -4.98
C TYR A 242 1.61 -80.54 -6.38
N ASP A 243 2.14 -81.58 -7.01
CA ASP A 243 2.67 -81.45 -8.37
C ASP A 243 1.61 -81.56 -9.45
N LYS A 244 0.35 -81.26 -9.12
CA LYS A 244 -0.75 -81.27 -10.07
C LYS A 244 -1.40 -79.89 -10.10
N ASN A 245 -1.90 -79.50 -11.26
CA ASN A 245 -2.62 -78.25 -11.45
C ASN A 245 -4.04 -78.44 -10.94
N ALA A 246 -4.40 -77.72 -9.86
CA ALA A 246 -5.74 -77.85 -9.29
C ALA A 246 -6.35 -76.54 -8.82
N PHE A 247 -5.78 -75.39 -9.17
CA PHE A 247 -6.25 -74.09 -8.70
C PHE A 247 -6.39 -73.13 -9.86
N LEU A 248 -7.52 -72.44 -9.94
CA LEU A 248 -7.76 -71.40 -10.94
C LEU A 248 -8.01 -70.09 -10.23
N MET A 249 -7.04 -69.18 -10.28
CA MET A 249 -7.11 -67.94 -9.54
C MET A 249 -7.42 -66.84 -10.56
N MET A 250 -8.72 -66.66 -10.85
CA MET A 250 -9.14 -65.76 -11.90
C MET A 250 -9.37 -64.37 -11.29
N ASN A 251 -9.82 -63.41 -12.11
CA ASN A 251 -9.99 -62.07 -11.59
C ASN A 251 -11.09 -61.35 -12.36
N PHE A 252 -11.33 -60.11 -11.94
CA PHE A 252 -12.26 -59.19 -12.59
C PHE A 252 -11.59 -57.83 -12.68
N ASP A 253 -11.95 -57.07 -13.70
CA ASP A 253 -11.33 -55.77 -13.93
C ASP A 253 -12.30 -54.94 -14.76
N MET A 254 -12.99 -54.00 -14.12
CA MET A 254 -13.77 -53.02 -14.86
C MET A 254 -12.83 -51.94 -15.34
N SER A 255 -12.89 -51.62 -16.62
CA SER A 255 -12.07 -50.56 -17.18
C SER A 255 -12.91 -49.32 -17.45
N GLY A 256 -12.28 -48.16 -17.32
CA GLY A 256 -12.97 -46.92 -17.55
C GLY A 256 -14.04 -46.59 -16.55
N VAL A 257 -13.82 -46.91 -15.27
CA VAL A 257 -14.81 -46.56 -14.25
C VAL A 257 -14.83 -45.07 -14.02
N GLN A 258 -13.68 -44.40 -14.17
CA GLN A 258 -13.59 -42.97 -13.86
C GLN A 258 -14.42 -42.14 -14.81
N ASN A 259 -14.37 -42.49 -16.10
CA ASN A 259 -15.10 -41.72 -17.10
C ASN A 259 -16.58 -42.04 -17.07
N PHE A 260 -16.99 -43.05 -16.31
CA PHE A 260 -18.42 -43.29 -16.12
C PHE A 260 -18.91 -42.65 -14.83
N ILE A 261 -18.05 -42.56 -13.81
CA ILE A 261 -18.39 -41.78 -12.63
C ILE A 261 -18.54 -40.32 -12.98
N TYR A 262 -17.61 -39.78 -13.78
CA TYR A 262 -17.66 -38.38 -14.17
C TYR A 262 -18.31 -38.18 -15.53
N ASN A 263 -19.23 -39.07 -15.92
CA ASN A 263 -20.02 -38.88 -17.14
C ASN A 263 -21.29 -38.09 -16.81
N ILE A 264 -21.10 -36.97 -16.13
CA ILE A 264 -22.19 -36.14 -15.66
C ILE A 264 -21.93 -34.70 -16.08
N SER A 265 -22.96 -34.02 -16.55
CA SER A 265 -22.85 -32.59 -16.76
C SER A 265 -24.15 -31.87 -16.43
N GLY A 266 -25.12 -32.59 -15.89
CA GLY A 266 -26.44 -32.03 -15.65
C GLY A 266 -26.49 -31.17 -14.40
N SER A 267 -27.73 -30.87 -14.00
CA SER A 267 -27.94 -30.15 -12.75
C SER A 267 -27.52 -31.01 -11.57
N LYS A 268 -28.21 -32.14 -11.35
CA LYS A 268 -28.02 -32.94 -10.16
C LYS A 268 -26.71 -33.73 -10.21
N ALA A 269 -25.59 -33.02 -10.12
CA ALA A 269 -24.28 -33.63 -10.24
C ALA A 269 -23.72 -34.08 -8.91
N LEU A 270 -24.26 -33.57 -7.79
CA LEU A 270 -23.89 -34.11 -6.48
C LEU A 270 -24.43 -35.52 -6.30
N LYS A 271 -25.69 -35.74 -6.66
CA LYS A 271 -26.31 -37.03 -6.41
C LYS A 271 -25.80 -38.09 -7.37
N SER A 272 -25.63 -37.73 -8.65
CA SER A 272 -25.22 -38.70 -9.66
C SER A 272 -23.81 -39.21 -9.42
N LEU A 273 -22.96 -38.38 -8.82
CA LEU A 273 -21.59 -38.78 -8.51
C LEU A 273 -21.56 -39.91 -7.49
N ARG A 274 -22.28 -39.73 -6.37
CA ARG A 274 -22.32 -40.80 -5.37
C ARG A 274 -23.11 -42.00 -5.88
N ALA A 275 -24.08 -41.75 -6.76
CA ALA A 275 -24.84 -42.83 -7.37
C ALA A 275 -23.97 -43.75 -8.20
N ARG A 276 -23.17 -43.17 -9.10
CA ARG A 276 -22.30 -43.97 -9.94
C ARG A 276 -21.19 -44.63 -9.12
N SER A 277 -20.65 -43.91 -8.14
CA SER A 277 -19.57 -44.49 -7.33
C SER A 277 -20.06 -45.66 -6.48
N PHE A 278 -21.33 -45.62 -6.08
CA PHE A 278 -21.92 -46.77 -5.42
C PHE A 278 -22.25 -47.87 -6.42
N TYR A 279 -22.68 -47.47 -7.62
CA TYR A 279 -23.23 -48.40 -8.58
C TYR A 279 -22.18 -49.34 -9.14
N LEU A 280 -20.98 -48.82 -9.42
CA LEU A 280 -19.92 -49.69 -9.94
C LEU A 280 -19.51 -50.76 -8.94
N ASP A 281 -19.42 -50.37 -7.66
CA ASP A 281 -19.09 -51.30 -6.60
C ASP A 281 -20.15 -52.37 -6.45
N MET A 282 -21.43 -51.96 -6.51
CA MET A 282 -22.50 -52.94 -6.32
C MET A 282 -22.65 -53.87 -7.53
N LEU A 283 -22.37 -53.37 -8.74
CA LEU A 283 -22.31 -54.25 -9.91
C LEU A 283 -21.22 -55.29 -9.78
N LEU A 284 -20.04 -54.87 -9.31
CA LEU A 284 -18.96 -55.84 -9.14
C LEU A 284 -19.32 -56.85 -8.06
N GLU A 285 -20.03 -56.40 -7.02
CA GLU A 285 -20.45 -57.30 -5.95
C GLU A 285 -21.43 -58.36 -6.45
N TYR A 286 -22.47 -57.95 -7.18
CA TYR A 286 -23.46 -58.92 -7.63
C TYR A 286 -22.89 -59.80 -8.73
N ILE A 287 -21.99 -59.27 -9.56
CA ILE A 287 -21.39 -60.09 -10.61
C ILE A 287 -20.54 -61.20 -10.00
N SER A 288 -19.74 -60.85 -8.99
CA SER A 288 -18.94 -61.86 -8.31
C SER A 288 -19.81 -62.86 -7.55
N ASP A 289 -20.82 -62.37 -6.83
CA ASP A 289 -21.66 -63.26 -6.04
C ASP A 289 -22.49 -64.18 -6.91
N ASN A 290 -22.92 -63.70 -8.09
CA ASN A 290 -23.68 -64.54 -8.99
C ASN A 290 -22.78 -65.57 -9.67
N LEU A 291 -21.51 -65.24 -9.90
CA LEU A 291 -20.58 -66.24 -10.38
C LEU A 291 -20.37 -67.34 -9.35
N LEU A 292 -20.23 -66.97 -8.07
CA LEU A 292 -20.10 -67.98 -7.03
C LEU A 292 -21.37 -68.80 -6.86
N GLU A 293 -22.54 -68.18 -7.07
CA GLU A 293 -23.80 -68.91 -6.99
C GLU A 293 -23.94 -69.91 -8.13
N LYS A 294 -23.52 -69.51 -9.33
CA LYS A 294 -23.55 -70.45 -10.46
C LYS A 294 -22.41 -71.46 -10.37
N LEU A 295 -21.44 -71.24 -9.50
CA LEU A 295 -20.38 -72.20 -9.27
C LEU A 295 -20.68 -73.10 -8.06
N GLU A 296 -21.94 -73.09 -7.60
CA GLU A 296 -22.47 -73.78 -6.41
C GLU A 296 -21.53 -73.65 -5.20
N LEU A 297 -21.14 -72.40 -4.95
CA LEU A 297 -19.99 -72.16 -4.09
C LEU A 297 -20.33 -71.06 -3.09
N SER A 298 -19.59 -71.03 -1.99
CA SER A 298 -19.79 -70.06 -0.93
C SER A 298 -19.03 -68.77 -1.24
N ARG A 299 -19.24 -67.76 -0.41
CA ARG A 299 -18.53 -66.49 -0.60
C ARG A 299 -17.12 -66.50 -0.02
N ALA A 300 -16.64 -67.64 0.46
CA ALA A 300 -15.30 -67.67 1.04
C ALA A 300 -14.21 -67.65 -0.01
N ASN A 301 -14.55 -67.86 -1.28
CA ASN A 301 -13.53 -67.94 -2.33
C ASN A 301 -13.09 -66.57 -2.81
N ILE A 302 -13.77 -65.50 -2.41
CA ILE A 302 -13.31 -64.16 -2.70
C ILE A 302 -12.08 -63.87 -1.86
N LEU A 303 -10.97 -63.55 -2.51
CA LEU A 303 -9.88 -62.94 -1.75
C LEU A 303 -10.14 -61.48 -1.46
N TYR A 304 -10.48 -60.70 -2.48
CA TYR A 304 -10.61 -59.27 -2.30
C TYR A 304 -11.48 -58.70 -3.41
N VAL A 305 -12.42 -57.85 -3.02
CA VAL A 305 -13.20 -57.01 -3.94
C VAL A 305 -12.96 -55.55 -3.59
N GLY A 306 -12.54 -54.78 -4.58
CA GLY A 306 -12.23 -53.38 -4.34
C GLY A 306 -12.93 -52.46 -5.32
N GLY A 307 -12.28 -51.36 -5.66
CA GLY A 307 -12.84 -50.47 -6.65
C GLY A 307 -12.45 -50.92 -8.03
N GLY A 308 -13.34 -51.67 -8.68
CA GLY A 308 -13.11 -52.14 -10.03
C GLY A 308 -12.38 -53.47 -10.14
N HIS A 309 -11.99 -54.08 -9.03
CA HIS A 309 -11.20 -55.31 -9.09
C HIS A 309 -11.80 -56.36 -8.17
N ALA A 310 -11.73 -57.61 -8.60
CA ALA A 310 -12.26 -58.71 -7.80
C ALA A 310 -11.45 -59.97 -8.11
N TYR A 311 -10.57 -60.36 -7.20
CA TYR A 311 -9.70 -61.51 -7.37
C TYR A 311 -10.33 -62.72 -6.70
N LEU A 312 -10.31 -63.85 -7.37
CA LEU A 312 -11.01 -65.04 -6.91
C LEU A 312 -10.09 -66.26 -6.88
N LEU A 313 -10.60 -67.34 -6.33
CA LEU A 313 -9.88 -68.61 -6.22
C LEU A 313 -10.88 -69.74 -6.35
N LEU A 314 -10.88 -70.40 -7.51
CA LEU A 314 -11.85 -71.44 -7.81
C LEU A 314 -11.12 -72.76 -8.04
N ALA A 315 -11.86 -73.78 -8.44
CA ALA A 315 -11.29 -75.07 -8.77
C ALA A 315 -10.89 -75.09 -10.25
N ASN A 316 -10.11 -76.10 -10.64
CA ASN A 316 -9.64 -76.24 -12.02
C ASN A 316 -10.28 -77.48 -12.61
N THR A 317 -11.53 -77.34 -13.07
CA THR A 317 -12.24 -78.43 -13.73
C THR A 317 -12.78 -77.91 -15.04
N ASN A 318 -13.02 -78.82 -15.99
CA ASN A 318 -13.48 -78.41 -17.30
C ASN A 318 -14.94 -77.93 -17.27
N LYS A 319 -15.71 -78.41 -16.30
CA LYS A 319 -17.07 -77.89 -16.10
C LYS A 319 -17.03 -76.42 -15.67
N THR A 320 -16.06 -76.07 -14.82
CA THR A 320 -15.87 -74.68 -14.45
C THR A 320 -15.41 -73.85 -15.64
N LYS A 321 -14.65 -74.46 -16.56
CA LYS A 321 -14.25 -73.75 -17.77
C LYS A 321 -15.45 -73.46 -18.66
N ALA A 322 -16.35 -74.43 -18.79
CA ALA A 322 -17.54 -74.24 -19.61
C ALA A 322 -18.45 -73.17 -19.02
N ILE A 323 -18.65 -73.21 -17.70
CA ILE A 323 -19.52 -72.21 -17.09
C ILE A 323 -18.82 -70.85 -17.05
N LEU A 324 -17.49 -70.83 -17.08
CA LEU A 324 -16.76 -69.57 -17.11
C LEU A 324 -16.85 -68.90 -18.48
N SER A 325 -16.78 -69.69 -19.55
CA SER A 325 -16.97 -69.15 -20.89
C SER A 325 -18.41 -68.70 -21.12
N ASP A 326 -19.37 -69.44 -20.56
CA ASP A 326 -20.77 -69.00 -20.67
C ASP A 326 -20.99 -67.71 -19.89
N PHE A 327 -20.37 -67.59 -18.72
CA PHE A 327 -20.45 -66.38 -17.92
C PHE A 327 -19.79 -65.20 -18.65
N GLU A 328 -18.68 -65.46 -19.34
CA GLU A 328 -18.05 -64.50 -20.24
C GLU A 328 -19.03 -63.98 -21.27
N HIS A 329 -19.70 -64.89 -21.97
CA HIS A 329 -20.57 -64.47 -23.09
C HIS A 329 -21.77 -63.69 -22.58
N ASP A 330 -22.37 -64.15 -21.48
CA ASP A 330 -23.54 -63.47 -20.93
C ASP A 330 -23.19 -62.08 -20.39
N LEU A 331 -22.09 -61.97 -19.63
CA LEU A 331 -21.72 -60.70 -19.03
C LEU A 331 -21.28 -59.69 -20.08
N LYS A 332 -20.52 -60.16 -21.08
CA LYS A 332 -20.09 -59.30 -22.17
C LYS A 332 -21.27 -58.78 -22.97
N THR A 333 -22.24 -59.66 -23.27
CA THR A 333 -23.42 -59.21 -24.01
C THR A 333 -24.27 -58.25 -23.18
N TRP A 334 -24.31 -58.45 -21.86
CA TRP A 334 -25.16 -57.57 -21.05
C TRP A 334 -24.55 -56.18 -20.91
N PHE A 335 -23.22 -56.08 -20.79
CA PHE A 335 -22.62 -54.75 -20.86
C PHE A 335 -22.74 -54.13 -22.24
N LEU A 336 -22.61 -54.92 -23.31
CA LEU A 336 -22.70 -54.34 -24.63
C LEU A 336 -24.12 -53.90 -24.96
N ASP A 337 -25.12 -54.44 -24.27
CA ASP A 337 -26.47 -53.90 -24.39
C ASP A 337 -26.60 -52.55 -23.70
N LYS A 338 -26.05 -52.41 -22.49
CA LYS A 338 -26.36 -51.25 -21.66
C LYS A 338 -25.35 -50.12 -21.82
N PHE A 339 -24.08 -50.40 -21.58
CA PHE A 339 -23.01 -49.42 -21.73
C PHE A 339 -22.19 -49.81 -22.94
N LYS A 340 -22.41 -49.12 -24.06
CA LYS A 340 -22.03 -49.53 -25.41
C LYS A 340 -20.56 -49.89 -25.57
N ILE A 341 -19.65 -49.02 -25.17
CA ILE A 341 -18.24 -49.39 -25.02
C ILE A 341 -17.73 -48.89 -23.68
N ASP A 342 -18.61 -48.29 -22.89
CA ASP A 342 -18.17 -47.55 -21.70
C ASP A 342 -17.61 -48.46 -20.62
N LEU A 343 -18.27 -49.58 -20.34
CA LEU A 343 -17.86 -50.46 -19.27
C LEU A 343 -17.48 -51.82 -19.83
N TYR A 344 -16.41 -52.40 -19.29
CA TYR A 344 -15.98 -53.71 -19.74
C TYR A 344 -15.25 -54.41 -18.61
N VAL A 345 -15.65 -55.65 -18.33
CA VAL A 345 -14.97 -56.53 -17.40
C VAL A 345 -14.02 -57.43 -18.16
N ALA A 346 -12.87 -57.68 -17.57
CA ALA A 346 -11.84 -58.53 -18.17
C ALA A 346 -11.61 -59.72 -17.26
N MET A 347 -12.33 -60.80 -17.52
CA MET A 347 -12.14 -62.05 -16.80
C MET A 347 -11.07 -62.87 -17.50
N ALA A 348 -10.00 -63.17 -16.77
CA ALA A 348 -8.96 -64.08 -17.22
C ALA A 348 -8.62 -65.03 -16.09
N TYR A 349 -8.58 -66.31 -16.39
CA TYR A 349 -8.18 -67.34 -15.45
C TYR A 349 -6.70 -67.64 -15.65
N THR A 350 -5.99 -67.90 -14.57
CA THR A 350 -4.65 -68.45 -14.66
C THR A 350 -4.59 -69.73 -13.85
N GLU A 351 -3.84 -70.71 -14.34
CA GLU A 351 -3.72 -71.98 -13.67
C GLU A 351 -2.41 -72.05 -12.90
N VAL A 352 -2.48 -72.60 -11.70
CA VAL A 352 -1.30 -72.83 -10.85
C VAL A 352 -1.39 -74.24 -10.29
N SER A 353 -0.24 -74.89 -10.16
CA SER A 353 -0.21 -76.16 -9.47
C SER A 353 -0.31 -75.95 -7.97
N ALA A 354 -0.64 -77.01 -7.26
CA ALA A 354 -0.78 -76.91 -5.81
C ALA A 354 0.57 -76.71 -5.12
N ASN A 355 1.64 -77.23 -5.71
CA ASN A 355 2.99 -76.89 -5.25
C ASN A 355 3.35 -75.44 -5.52
N ASP A 356 2.71 -74.81 -6.51
CA ASP A 356 3.18 -73.50 -6.99
C ASP A 356 2.79 -72.37 -6.05
N LEU A 357 1.68 -72.54 -5.31
CA LEU A 357 1.34 -71.50 -4.35
C LEU A 357 1.82 -71.81 -2.95
N MET A 358 2.63 -72.86 -2.75
CA MET A 358 3.18 -73.12 -1.43
C MET A 358 4.34 -72.17 -1.13
N ASN A 359 4.87 -71.49 -2.15
CA ASN A 359 5.90 -70.45 -2.12
C ASN A 359 7.25 -71.01 -1.71
N HIS A 360 7.45 -72.33 -1.79
CA HIS A 360 8.77 -72.89 -1.49
C HIS A 360 9.75 -72.63 -2.61
N ASN A 361 9.29 -72.73 -3.86
CA ASN A 361 10.08 -72.33 -5.02
C ASN A 361 9.80 -70.89 -5.42
N GLY A 362 9.19 -70.13 -4.51
CA GLY A 362 8.86 -68.74 -4.82
C GLY A 362 7.57 -68.71 -5.61
N HIS A 363 7.57 -67.87 -6.66
CA HIS A 363 6.56 -67.85 -7.71
C HIS A 363 5.15 -67.53 -7.19
N TYR A 364 5.00 -66.31 -6.66
CA TYR A 364 3.68 -65.77 -6.33
C TYR A 364 3.42 -64.39 -6.92
N ARG A 365 4.43 -63.51 -6.87
CA ARG A 365 4.31 -62.20 -7.51
C ARG A 365 4.24 -62.33 -9.02
N ASP A 366 4.84 -63.38 -9.59
CA ASP A 366 4.65 -63.62 -11.00
C ASP A 366 3.29 -64.25 -11.30
N ILE A 367 2.62 -64.82 -10.30
CA ILE A 367 1.23 -65.25 -10.52
C ILE A 367 0.34 -64.03 -10.68
N TYR A 368 0.55 -63.02 -9.82
CA TYR A 368 -0.09 -61.71 -10.08
C TYR A 368 0.33 -61.11 -11.41
N ARG A 369 1.60 -61.23 -11.77
CA ARG A 369 2.07 -60.66 -13.03
C ARG A 369 1.45 -61.37 -14.23
N ARG A 370 1.34 -62.70 -14.18
CA ARG A 370 0.73 -63.45 -15.27
C ARG A 370 -0.74 -63.14 -15.40
N LEU A 371 -1.42 -62.96 -14.26
CA LEU A 371 -2.82 -62.58 -14.30
C LEU A 371 -2.99 -61.19 -14.87
N SER A 372 -2.05 -60.28 -14.59
CA SER A 372 -2.07 -58.95 -15.20
C SER A 372 -1.81 -59.01 -16.70
N GLN A 373 -0.90 -59.89 -17.14
CA GLN A 373 -0.62 -60.05 -18.57
C GLN A 373 -1.84 -60.59 -19.30
N LYS A 374 -2.53 -61.55 -18.72
CA LYS A 374 -3.73 -62.10 -19.37
C LYS A 374 -4.88 -61.10 -19.35
N THR A 375 -4.99 -60.30 -18.28
CA THR A 375 -6.00 -59.25 -18.24
C THR A 375 -5.74 -58.18 -19.28
N SER A 376 -4.49 -57.76 -19.44
CA SER A 376 -4.16 -56.77 -20.46
C SER A 376 -4.29 -57.36 -21.87
N ALA A 377 -4.05 -58.67 -22.02
CA ALA A 377 -4.23 -59.32 -23.31
C ALA A 377 -5.70 -59.34 -23.72
N LYS A 378 -6.60 -59.62 -22.77
CA LYS A 378 -8.01 -59.57 -23.11
C LYS A 378 -8.50 -58.14 -23.25
N LYS A 379 -7.83 -57.20 -22.56
CA LYS A 379 -8.19 -55.79 -22.71
C LYS A 379 -7.78 -55.25 -24.06
N ALA A 380 -6.72 -55.82 -24.65
CA ALA A 380 -6.24 -55.32 -25.94
C ALA A 380 -7.19 -55.72 -27.07
N ASN A 381 -7.77 -56.91 -26.98
CA ASN A 381 -8.69 -57.44 -28.00
C ASN A 381 -10.02 -57.68 -27.29
N ARG A 382 -10.84 -56.64 -27.23
CA ARG A 382 -12.01 -56.69 -26.36
C ARG A 382 -13.15 -57.48 -27.02
N TYR A 383 -13.66 -56.98 -28.13
CA TYR A 383 -14.89 -57.53 -28.69
C TYR A 383 -14.56 -58.37 -29.91
N THR A 384 -15.41 -59.35 -30.17
CA THR A 384 -15.22 -60.19 -31.34
C THR A 384 -15.82 -59.52 -32.57
N ALA A 385 -15.90 -60.27 -33.67
CA ALA A 385 -16.31 -59.67 -34.94
C ALA A 385 -17.79 -59.35 -34.97
N GLU A 386 -18.64 -60.29 -34.56
CA GLU A 386 -20.07 -60.06 -34.65
C GLU A 386 -20.54 -59.06 -33.61
N GLU A 387 -19.79 -58.90 -32.51
CA GLU A 387 -20.13 -57.87 -31.53
C GLU A 387 -19.92 -56.48 -32.11
N ILE A 388 -18.81 -56.27 -32.82
CA ILE A 388 -18.56 -54.97 -33.47
C ILE A 388 -19.54 -54.75 -34.60
N LEU A 389 -19.87 -55.82 -35.34
CA LEU A 389 -20.83 -55.69 -36.44
C LEU A 389 -22.23 -55.34 -35.94
N ASN A 390 -22.69 -56.01 -34.88
CA ASN A 390 -23.98 -55.68 -34.29
C ASN A 390 -23.96 -54.29 -33.67
N LEU A 391 -22.83 -53.93 -33.07
CA LEU A 391 -22.70 -52.65 -32.39
C LEU A 391 -22.68 -51.49 -33.37
N ASN A 392 -22.24 -51.73 -34.60
CA ASN A 392 -22.37 -50.69 -35.62
C ASN A 392 -23.73 -50.72 -36.30
N HIS A 393 -24.34 -51.90 -36.41
CA HIS A 393 -25.63 -51.99 -37.09
C HIS A 393 -26.77 -51.46 -36.26
N GLN A 394 -26.67 -51.46 -34.93
CA GLN A 394 -27.74 -50.93 -34.10
C GLN A 394 -27.73 -49.40 -33.98
N GLY A 395 -26.97 -48.71 -34.83
CA GLY A 395 -26.93 -47.26 -34.76
C GLY A 395 -28.13 -46.67 -35.48
N THR A 396 -28.71 -45.63 -34.89
CA THR A 396 -29.80 -44.89 -35.49
C THR A 396 -29.68 -43.43 -35.09
N GLU A 397 -30.35 -42.57 -35.83
CA GLU A 397 -30.26 -41.14 -35.61
C GLU A 397 -31.56 -40.62 -35.01
N ASN A 398 -31.43 -39.72 -34.03
CA ASN A 398 -32.58 -39.16 -33.34
C ASN A 398 -32.30 -37.70 -33.03
N ALA A 399 -33.36 -36.98 -32.68
CA ALA A 399 -33.27 -35.56 -32.36
C ALA A 399 -33.13 -35.31 -30.87
N ARG A 400 -32.97 -36.36 -30.07
CA ARG A 400 -32.87 -36.20 -28.63
C ARG A 400 -31.66 -36.95 -28.11
N GLU A 401 -31.14 -36.49 -26.99
CA GLU A 401 -30.14 -37.25 -26.26
C GLU A 401 -30.33 -36.92 -24.78
N CYS A 402 -29.80 -37.77 -23.93
CA CYS A 402 -29.64 -37.36 -22.55
C CYS A 402 -28.40 -36.50 -22.38
N ARG A 403 -28.39 -35.73 -21.30
CA ARG A 403 -27.33 -34.76 -21.07
C ARG A 403 -26.14 -35.34 -20.31
N GLU A 404 -26.33 -36.33 -19.44
CA GLU A 404 -25.16 -36.97 -18.85
C GLU A 404 -24.61 -38.06 -19.76
N CYS A 405 -25.40 -39.12 -19.95
CA CYS A 405 -25.16 -40.15 -20.95
C CYS A 405 -25.59 -39.61 -22.31
N LYS A 406 -24.64 -39.04 -23.06
CA LYS A 406 -25.02 -38.47 -24.34
C LYS A 406 -25.32 -39.59 -25.33
N ARG A 407 -26.55 -40.06 -25.29
CA ARG A 407 -26.92 -41.39 -25.75
C ARG A 407 -28.33 -41.34 -26.32
N SER A 408 -28.48 -41.86 -27.53
CA SER A 408 -29.63 -41.58 -28.37
C SER A 408 -30.61 -42.74 -28.38
N ASP A 409 -30.58 -43.58 -27.35
CA ASP A 409 -31.51 -44.69 -27.28
C ASP A 409 -31.77 -45.01 -25.82
N LEU A 410 -32.87 -45.73 -25.60
CA LEU A 410 -33.40 -46.06 -24.27
C LEU A 410 -33.63 -44.79 -23.45
N LEU A 411 -34.32 -43.83 -24.04
CA LEU A 411 -34.68 -42.58 -23.39
C LEU A 411 -36.17 -42.61 -23.07
N ILE A 412 -36.54 -41.99 -21.94
CA ILE A 412 -37.92 -42.01 -21.52
C ILE A 412 -38.72 -40.95 -22.27
N GLU A 413 -40.04 -41.03 -22.14
CA GLU A 413 -40.93 -40.09 -22.81
C GLU A 413 -41.19 -38.87 -21.93
N GLU A 414 -41.40 -37.72 -22.61
CA GLU A 414 -41.78 -36.41 -22.04
C GLU A 414 -40.60 -35.75 -21.31
N ASP A 415 -39.51 -36.48 -21.12
CA ASP A 415 -38.34 -36.06 -20.38
C ASP A 415 -37.12 -36.68 -21.06
N ASP A 416 -35.99 -35.98 -20.98
CA ASP A 416 -34.85 -36.30 -21.83
C ASP A 416 -33.60 -36.74 -21.07
N ILE A 417 -33.78 -37.66 -20.14
CA ILE A 417 -32.69 -38.24 -19.37
C ILE A 417 -32.78 -39.76 -19.48
N CYS A 418 -31.64 -40.43 -19.68
CA CYS A 418 -31.66 -41.85 -20.00
C CYS A 418 -32.06 -42.66 -18.77
N GLU A 419 -32.49 -43.91 -19.01
CA GLU A 419 -33.20 -44.66 -17.97
C GLU A 419 -32.29 -45.00 -16.79
N ILE A 420 -31.05 -45.40 -17.07
CA ILE A 420 -30.08 -45.51 -15.99
C ILE A 420 -29.70 -44.12 -15.49
N CYS A 421 -29.65 -43.14 -16.39
CA CYS A 421 -29.23 -41.78 -16.09
C CYS A 421 -30.22 -41.04 -15.18
N ASP A 422 -31.45 -41.53 -15.06
CA ASP A 422 -32.44 -40.99 -14.13
C ASP A 422 -32.63 -41.91 -12.94
N SER A 423 -32.46 -43.22 -13.15
CA SER A 423 -32.57 -44.18 -12.06
C SER A 423 -31.48 -43.95 -11.02
N LEU A 424 -30.28 -43.61 -11.47
CA LEU A 424 -29.20 -43.28 -10.54
C LEU A 424 -29.50 -42.05 -9.71
N GLN A 425 -30.10 -41.02 -10.33
CA GLN A 425 -30.42 -39.80 -9.58
C GLN A 425 -31.50 -40.05 -8.54
N LYS A 426 -32.53 -40.82 -8.90
CA LYS A 426 -33.62 -41.10 -7.95
C LYS A 426 -33.13 -41.96 -6.79
N VAL A 427 -32.38 -43.02 -7.09
CA VAL A 427 -31.92 -43.91 -6.04
C VAL A 427 -30.84 -43.25 -5.19
N SER A 428 -30.10 -42.30 -5.78
CA SER A 428 -29.19 -41.48 -4.98
C SER A 428 -29.95 -40.54 -4.06
N ARG A 429 -31.14 -40.08 -4.48
CA ARG A 429 -31.96 -39.27 -3.58
C ARG A 429 -32.42 -40.07 -2.37
N ASP A 430 -33.02 -41.24 -2.58
CA ASP A 430 -33.42 -42.03 -1.40
C ASP A 430 -32.35 -43.06 -1.04
N LEU A 431 -31.32 -42.56 -0.37
CA LEU A 431 -30.21 -43.38 0.11
C LEU A 431 -29.66 -42.79 1.40
N THR A 432 -29.78 -43.54 2.49
CA THR A 432 -29.37 -43.10 3.82
C THR A 432 -28.42 -44.14 4.41
N ARG A 433 -28.10 -43.99 5.71
CA ARG A 433 -27.12 -44.85 6.38
C ARG A 433 -27.67 -46.26 6.62
N GLU A 434 -28.77 -46.37 7.36
CA GLU A 434 -29.31 -47.66 7.77
C GLU A 434 -30.20 -48.30 6.69
N ASN A 435 -30.24 -47.73 5.49
CA ASN A 435 -31.07 -48.27 4.43
C ASN A 435 -30.52 -49.59 3.92
N ILE A 436 -31.42 -50.41 3.37
CA ILE A 436 -31.11 -51.77 2.98
C ILE A 436 -31.15 -51.83 1.45
N PHE A 437 -30.33 -52.70 0.87
CA PHE A 437 -30.29 -52.88 -0.57
C PHE A 437 -30.75 -54.28 -0.94
N VAL A 438 -31.68 -54.35 -1.88
CA VAL A 438 -32.38 -55.58 -2.23
C VAL A 438 -32.43 -55.71 -3.75
N ILE A 439 -32.30 -56.95 -4.22
CA ILE A 439 -32.35 -57.26 -5.64
C ILE A 439 -33.36 -58.37 -5.90
N ALA A 440 -34.02 -58.27 -7.04
CA ALA A 440 -35.07 -59.20 -7.45
C ALA A 440 -35.29 -59.04 -8.94
N ASN A 441 -36.35 -59.69 -9.44
CA ASN A 441 -36.72 -59.54 -10.85
C ASN A 441 -37.41 -58.21 -11.11
N GLU A 442 -37.81 -57.50 -10.07
CA GLU A 442 -38.37 -56.16 -10.19
C GLU A 442 -37.58 -55.22 -9.29
N GLY A 443 -37.03 -54.17 -9.89
CA GLY A 443 -36.23 -53.20 -9.16
C GLY A 443 -36.11 -51.92 -9.92
N VAL A 444 -35.00 -51.19 -9.75
CA VAL A 444 -34.84 -49.89 -10.41
C VAL A 444 -33.59 -49.92 -11.28
N LEU A 445 -32.45 -50.21 -10.67
CA LEU A 445 -31.16 -50.20 -11.36
C LEU A 445 -30.86 -51.54 -12.00
N ASP A 446 -30.45 -51.48 -13.26
CA ASP A 446 -30.24 -52.67 -14.07
C ASP A 446 -28.96 -53.39 -13.65
N MET A 447 -29.06 -54.69 -13.46
CA MET A 447 -27.92 -55.56 -13.22
C MET A 447 -28.07 -56.80 -14.07
N PRO A 448 -26.96 -57.43 -14.45
CA PRO A 448 -27.04 -58.76 -15.05
C PRO A 448 -27.41 -59.78 -13.97
N PHE A 449 -28.21 -60.78 -14.34
CA PHE A 449 -28.46 -61.22 -15.71
C PHE A 449 -29.87 -60.92 -16.14
N GLY A 450 -30.49 -59.92 -15.51
CA GLY A 450 -31.88 -59.67 -15.75
C GLY A 450 -32.61 -59.45 -14.45
N LYS A 451 -31.85 -59.33 -13.37
CA LYS A 451 -32.38 -59.01 -12.06
C LYS A 451 -31.93 -57.61 -11.68
N LYS A 452 -32.86 -56.78 -11.24
CA LYS A 452 -32.61 -55.38 -10.99
C LYS A 452 -32.37 -55.15 -9.50
N MET A 453 -32.10 -53.89 -9.14
CA MET A 453 -31.92 -53.50 -7.74
C MET A 453 -32.96 -52.45 -7.37
N SER A 454 -33.62 -52.66 -6.24
CA SER A 454 -34.62 -51.72 -5.75
C SER A 454 -34.05 -50.62 -4.86
N ALA A 455 -33.16 -50.98 -3.93
CA ALA A 455 -32.58 -50.10 -2.91
C ALA A 455 -33.65 -49.37 -2.11
N LEU A 456 -34.67 -50.12 -1.70
CA LEU A 456 -35.79 -49.59 -0.95
C LEU A 456 -35.45 -49.56 0.54
N SER A 457 -36.10 -48.65 1.26
CA SER A 457 -35.84 -48.42 2.67
C SER A 457 -36.70 -49.32 3.54
N TYR A 458 -36.55 -49.17 4.85
CA TYR A 458 -37.47 -49.78 5.81
C TYR A 458 -38.79 -49.03 5.73
N SER A 459 -39.73 -49.60 5.00
CA SER A 459 -40.97 -48.94 4.61
C SER A 459 -41.99 -50.02 4.31
N GLN A 460 -43.04 -49.65 3.54
CA GLN A 460 -44.11 -50.58 3.19
C GLN A 460 -43.66 -51.73 2.29
N ALA A 461 -42.47 -51.64 1.70
CA ALA A 461 -41.92 -52.72 0.88
C ALA A 461 -40.96 -53.64 1.63
N ASP A 462 -41.00 -53.65 2.97
CA ASP A 462 -40.21 -54.61 3.74
C ASP A 462 -40.78 -56.01 3.66
N LYS A 463 -42.06 -56.13 3.25
CA LYS A 463 -42.78 -57.39 3.31
C LYS A 463 -42.36 -58.39 2.23
N LEU A 464 -41.39 -58.04 1.38
CA LEU A 464 -40.86 -59.01 0.44
C LEU A 464 -39.96 -60.02 1.15
N LYS A 465 -39.35 -59.65 2.28
CA LYS A 465 -38.45 -60.56 3.00
C LYS A 465 -39.18 -61.75 3.58
N LYS A 466 -40.50 -61.68 3.74
CA LYS A 466 -41.29 -62.87 3.98
C LYS A 466 -41.43 -63.63 2.65
N SER A 467 -40.96 -64.88 2.63
CA SER A 467 -40.88 -65.73 1.43
C SER A 467 -40.08 -65.04 0.32
N ASN A 468 -38.87 -64.60 0.67
CA ASN A 468 -37.97 -63.94 -0.27
C ASN A 468 -37.11 -64.97 -1.02
N ALA A 469 -37.79 -65.85 -1.76
CA ALA A 469 -37.08 -66.76 -2.63
C ALA A 469 -36.52 -66.01 -3.83
N GLU A 470 -35.28 -66.37 -4.22
CA GLU A 470 -34.55 -65.78 -5.35
C GLU A 470 -34.34 -64.27 -5.16
N VAL A 471 -34.18 -63.86 -3.91
CA VAL A 471 -34.02 -62.45 -3.54
C VAL A 471 -32.85 -62.36 -2.57
N GLN A 472 -31.90 -61.46 -2.85
CA GLN A 472 -30.74 -61.26 -2.00
C GLN A 472 -30.77 -59.88 -1.35
N ILE A 473 -30.04 -59.77 -0.25
CA ILE A 473 -30.09 -58.61 0.64
C ILE A 473 -28.67 -58.10 0.83
N TYR A 474 -28.45 -56.81 0.58
CA TYR A 474 -27.14 -56.18 0.78
C TYR A 474 -27.29 -55.09 1.84
N ALA A 475 -26.44 -55.17 2.86
CA ALA A 475 -26.69 -54.46 4.11
C ALA A 475 -25.59 -53.47 4.47
N LYS A 476 -25.96 -52.52 5.33
CA LYS A 476 -25.01 -51.62 5.97
C LYS A 476 -24.72 -52.05 7.41
N ASN A 477 -25.76 -52.43 8.14
CA ASN A 477 -25.64 -52.97 9.49
C ASN A 477 -26.19 -54.38 9.52
N ILE A 478 -25.71 -55.17 10.49
CA ILE A 478 -26.23 -56.52 10.73
C ILE A 478 -26.63 -56.63 12.19
N SER A 479 -27.90 -56.97 12.42
CA SER A 479 -28.42 -57.24 13.76
C SER A 479 -29.07 -58.61 13.86
N GLU A 480 -29.94 -58.96 12.92
CA GLU A 480 -30.71 -60.19 12.97
C GLU A 480 -29.97 -61.26 12.17
N ILE A 481 -29.69 -62.40 12.82
CA ILE A 481 -29.08 -63.54 12.14
C ILE A 481 -29.96 -64.77 12.19
N GLY A 482 -31.28 -64.59 12.18
CA GLY A 482 -32.17 -65.72 12.03
C GLY A 482 -32.52 -65.93 10.57
N GLN A 483 -33.73 -65.58 10.18
CA GLN A 483 -34.14 -65.68 8.79
C GLN A 483 -34.05 -64.36 8.05
N ASN A 484 -33.18 -63.45 8.50
CA ASN A 484 -33.01 -62.18 7.80
C ASN A 484 -32.04 -62.33 6.62
N LEU A 485 -30.83 -62.84 6.89
CA LEU A 485 -29.78 -63.14 5.91
C LEU A 485 -29.37 -61.89 5.12
N MET A 486 -28.78 -60.95 5.86
CA MET A 486 -28.27 -59.70 5.31
C MET A 486 -26.75 -59.76 5.26
N THR A 487 -26.17 -59.64 4.07
CA THR A 487 -24.72 -59.57 3.95
C THR A 487 -24.28 -58.12 3.77
N ARG A 488 -23.11 -57.81 4.35
CA ARG A 488 -22.63 -56.44 4.41
C ARG A 488 -21.99 -56.03 3.08
N ILE A 489 -22.34 -54.83 2.62
CA ILE A 489 -21.64 -54.17 1.53
C ILE A 489 -21.04 -52.89 2.09
N ASP A 490 -19.74 -52.70 1.86
CA ASP A 490 -19.00 -51.60 2.47
C ASP A 490 -19.16 -50.35 1.61
N MET A 491 -19.97 -49.40 2.07
CA MET A 491 -20.12 -48.12 1.40
C MET A 491 -20.29 -47.05 2.45
N GLY A 492 -19.62 -45.92 2.26
CA GLY A 492 -19.55 -44.85 3.24
C GLY A 492 -20.32 -43.63 2.76
N ASP A 493 -21.38 -43.30 3.50
CA ASP A 493 -22.31 -42.25 3.11
C ASP A 493 -22.63 -41.35 4.30
N TYR A 494 -21.61 -40.82 4.96
CA TYR A 494 -21.85 -39.81 5.97
C TYR A 494 -22.43 -38.56 5.34
N THR A 495 -23.48 -38.02 5.96
CA THR A 495 -24.10 -36.78 5.50
C THR A 495 -24.54 -36.00 6.73
N TYR A 496 -24.06 -34.77 6.85
CA TYR A 496 -24.40 -33.95 8.01
C TYR A 496 -25.83 -33.45 7.94
N ARG A 497 -26.14 -32.63 6.93
CA ARG A 497 -27.45 -32.00 6.80
C ARG A 497 -28.07 -32.19 5.42
N SER A 498 -27.28 -32.40 4.38
CA SER A 498 -27.59 -32.59 2.95
C SER A 498 -28.05 -31.30 2.27
N ASP A 499 -28.24 -30.21 3.00
CA ASP A 499 -28.46 -28.89 2.42
C ASP A 499 -27.21 -28.08 2.74
N PHE A 500 -26.61 -27.48 1.72
CA PHE A 500 -25.40 -26.72 1.96
C PHE A 500 -25.70 -25.39 2.64
N HIS A 501 -26.91 -24.86 2.45
CA HIS A 501 -27.24 -23.58 3.04
C HIS A 501 -27.41 -23.69 4.55
N GLU A 502 -28.08 -24.74 5.02
CA GLU A 502 -28.22 -24.95 6.45
C GLU A 502 -26.88 -25.29 7.09
N MET A 503 -26.06 -26.04 6.35
CA MET A 503 -24.71 -26.39 6.79
C MET A 503 -23.85 -25.16 7.00
N LEU A 504 -23.93 -24.20 6.08
CA LEU A 504 -23.14 -22.99 6.26
C LEU A 504 -23.77 -22.06 7.29
N GLU A 505 -25.10 -22.03 7.36
CA GLU A 505 -25.80 -21.14 8.28
C GLU A 505 -25.57 -21.52 9.74
N GLU A 506 -25.32 -22.80 10.02
CA GLU A 506 -24.97 -23.17 11.38
C GLU A 506 -23.60 -22.61 11.80
N VAL A 507 -22.68 -22.47 10.84
CA VAL A 507 -21.40 -21.82 11.10
C VAL A 507 -21.61 -20.32 11.22
N GLU A 508 -21.07 -19.73 12.30
CA GLU A 508 -21.24 -18.30 12.54
C GLU A 508 -19.92 -17.71 13.04
N VAL A 509 -18.79 -18.25 12.61
CA VAL A 509 -17.50 -17.81 13.12
C VAL A 509 -16.61 -17.26 12.01
N GLY A 510 -16.63 -17.87 10.83
CA GLY A 510 -15.71 -17.54 9.76
C GLY A 510 -16.40 -17.05 8.49
N ILE A 511 -15.64 -17.10 7.41
CA ILE A 511 -16.15 -16.65 6.11
C ILE A 511 -17.12 -17.69 5.56
N ASN A 512 -18.16 -17.22 4.86
CA ASN A 512 -19.24 -18.07 4.38
C ASN A 512 -18.79 -18.75 3.10
N ARG A 513 -17.92 -19.74 3.24
CA ARG A 513 -17.39 -20.49 2.12
C ARG A 513 -17.60 -21.98 2.34
N LEU A 514 -17.49 -22.75 1.26
CA LEU A 514 -17.70 -24.18 1.26
C LEU A 514 -16.39 -24.87 0.89
N GLY A 515 -15.83 -25.64 1.83
CA GLY A 515 -14.52 -26.23 1.62
C GLY A 515 -14.58 -27.67 1.19
N VAL A 516 -13.65 -28.04 0.31
CA VAL A 516 -13.72 -29.27 -0.47
C VAL A 516 -12.42 -30.05 -0.35
N LEU A 517 -12.54 -31.32 0.00
CA LEU A 517 -11.38 -32.19 0.14
C LEU A 517 -11.44 -33.29 -0.89
N ARG A 518 -10.36 -33.43 -1.64
CA ARG A 518 -10.17 -34.59 -2.50
C ARG A 518 -8.84 -35.21 -2.13
N ALA A 519 -8.86 -36.50 -1.83
CA ALA A 519 -7.67 -37.19 -1.40
C ALA A 519 -7.58 -38.53 -2.11
N ASP A 520 -6.35 -39.03 -2.22
CA ASP A 520 -6.10 -40.36 -2.73
C ASP A 520 -4.80 -40.86 -2.13
N VAL A 521 -4.68 -42.18 -2.05
CA VAL A 521 -3.47 -42.79 -1.55
C VAL A 521 -2.45 -42.84 -2.68
N ASP A 522 -1.30 -42.19 -2.49
CA ASP A 522 -0.26 -42.24 -3.50
C ASP A 522 0.61 -43.47 -3.27
N ASN A 523 1.24 -43.90 -4.38
CA ASN A 523 2.08 -45.11 -4.45
C ASN A 523 1.32 -46.36 -4.03
N LEU A 524 0.00 -46.36 -4.25
CA LEU A 524 -0.84 -47.50 -3.89
C LEU A 524 -0.69 -48.64 -4.89
N GLY A 525 -0.29 -48.33 -6.12
CA GLY A 525 -0.19 -49.31 -7.20
C GLY A 525 0.81 -50.43 -6.96
N GLN A 526 2.10 -50.10 -6.89
CA GLN A 526 3.11 -51.13 -6.70
C GLN A 526 3.07 -51.69 -5.28
N ALA A 527 2.53 -50.93 -4.33
CA ALA A 527 2.36 -51.45 -2.98
C ALA A 527 1.29 -52.52 -2.93
N PHE A 528 0.19 -52.33 -3.67
CA PHE A 528 -0.86 -53.33 -3.74
C PHE A 528 -0.44 -54.52 -4.58
N ILE A 529 0.29 -54.28 -5.67
CA ILE A 529 0.67 -55.37 -6.56
C ILE A 529 1.79 -56.20 -5.95
N ASN A 530 2.92 -55.56 -5.67
CA ASN A 530 4.08 -56.24 -5.08
C ASN A 530 4.57 -55.41 -3.88
N GLY A 531 3.94 -55.60 -2.74
CA GLY A 531 4.36 -54.92 -1.52
C GLY A 531 4.99 -55.81 -0.46
N ILE A 532 4.41 -56.99 -0.26
CA ILE A 532 4.86 -57.91 0.78
C ILE A 532 6.08 -58.66 0.24
N PRO A 533 7.20 -58.66 0.96
CA PRO A 533 8.45 -59.22 0.41
C PRO A 533 8.41 -60.73 0.27
N ASP A 534 9.28 -61.23 -0.61
CA ASP A 534 9.22 -62.60 -1.10
C ASP A 534 9.61 -63.65 -0.06
N ASP A 535 10.23 -63.26 1.05
CA ASP A 535 10.64 -64.26 2.02
C ASP A 535 9.46 -64.68 2.92
N TYR A 536 8.90 -63.73 3.65
CA TYR A 536 7.73 -64.00 4.49
C TYR A 536 6.46 -63.57 3.76
N LEU A 537 6.14 -64.32 2.71
CA LEU A 537 5.08 -63.95 1.79
C LEU A 537 3.89 -64.89 1.86
N SER A 538 2.70 -64.31 2.07
CA SER A 538 1.47 -65.08 2.22
C SER A 538 0.38 -64.48 1.34
N ILE A 539 -0.62 -65.29 1.04
CA ILE A 539 -1.78 -64.90 0.25
C ILE A 539 -2.86 -64.27 1.12
N SER A 540 -3.12 -64.86 2.28
CA SER A 540 -4.11 -64.31 3.19
C SER A 540 -3.65 -63.00 3.79
N ARG A 541 -2.33 -62.78 3.85
CA ARG A 541 -1.80 -61.50 4.29
C ARG A 541 -2.19 -60.39 3.31
N THR A 542 -2.08 -60.67 2.01
CA THR A 542 -2.51 -59.70 1.00
C THR A 542 -4.03 -59.48 1.04
N ALA A 543 -4.78 -60.56 1.31
CA ALA A 543 -6.22 -60.45 1.46
C ALA A 543 -6.59 -59.52 2.62
N THR A 544 -5.94 -59.72 3.78
CA THR A 544 -6.14 -58.85 4.92
C THR A 544 -5.70 -57.41 4.62
N PHE A 545 -4.62 -57.25 3.85
CA PHE A 545 -4.09 -55.94 3.51
C PHE A 545 -5.12 -55.10 2.75
N SER A 546 -5.63 -55.65 1.65
CA SER A 546 -6.55 -54.87 0.83
C SER A 546 -7.94 -54.77 1.48
N ARG A 547 -8.38 -55.84 2.14
CA ARG A 547 -9.69 -55.82 2.78
C ARG A 547 -9.68 -54.87 3.97
N ALA A 548 -8.53 -54.77 4.65
CA ALA A 548 -8.38 -53.82 5.74
C ALA A 548 -8.29 -52.39 5.25
N MET A 549 -7.70 -52.17 4.07
CA MET A 549 -7.67 -50.82 3.51
C MET A 549 -9.08 -50.31 3.21
N SER A 550 -9.86 -51.12 2.48
CA SER A 550 -11.24 -50.73 2.18
C SER A 550 -12.09 -50.63 3.45
N ARG A 551 -11.88 -51.58 4.37
CA ARG A 551 -12.55 -51.56 5.66
C ARG A 551 -12.28 -50.29 6.43
N PHE A 552 -11.00 -49.87 6.48
CA PHE A 552 -10.58 -48.66 7.16
C PHE A 552 -11.32 -47.46 6.63
N PHE A 553 -11.25 -47.28 5.30
CA PHE A 553 -11.77 -46.07 4.67
C PHE A 553 -13.24 -45.97 4.94
N LYS A 554 -14.00 -47.05 4.71
CA LYS A 554 -15.44 -47.01 4.96
C LYS A 554 -15.79 -46.80 6.43
N ASN A 555 -15.45 -47.75 7.31
CA ASN A 555 -16.07 -47.68 8.63
C ASN A 555 -15.38 -46.63 9.51
N TYR A 556 -14.02 -46.55 9.47
CA TYR A 556 -13.38 -45.50 10.24
C TYR A 556 -13.64 -44.11 9.70
N LEU A 557 -13.96 -43.95 8.39
CA LEU A 557 -14.30 -42.62 7.94
C LEU A 557 -15.66 -42.20 8.48
N ASN A 558 -16.64 -43.13 8.46
CA ASN A 558 -17.94 -42.77 9.01
C ASN A 558 -17.89 -42.58 10.52
N GLN A 559 -17.08 -43.38 11.23
CA GLN A 559 -17.03 -43.22 12.68
C GLN A 559 -16.25 -41.98 13.09
N LEU A 560 -15.17 -41.64 12.38
CA LEU A 560 -14.41 -40.44 12.69
C LEU A 560 -15.22 -39.19 12.37
N LEU A 561 -16.10 -39.27 11.39
CA LEU A 561 -17.00 -38.15 11.14
C LEU A 561 -18.26 -38.19 11.98
N ALA A 562 -18.52 -39.29 12.69
CA ALA A 562 -19.69 -39.33 13.56
C ALA A 562 -19.36 -38.92 14.98
N GLU A 563 -18.14 -39.21 15.45
CA GLU A 563 -17.80 -38.99 16.86
C GLU A 563 -17.72 -37.50 17.18
N LYS A 564 -17.26 -36.70 16.22
CA LYS A 564 -17.35 -35.24 16.30
C LYS A 564 -18.30 -34.80 15.21
N SER A 565 -19.20 -33.87 15.53
CA SER A 565 -20.25 -33.44 14.60
C SER A 565 -19.62 -32.56 13.53
N TYR A 566 -18.94 -33.21 12.60
CA TYR A 566 -18.32 -32.50 11.49
C TYR A 566 -19.37 -32.19 10.44
N LYS A 567 -19.39 -30.93 10.02
CA LYS A 567 -20.36 -30.46 9.02
C LYS A 567 -19.83 -30.76 7.61
N ILE A 568 -19.66 -32.04 7.34
CA ILE A 568 -19.06 -32.55 6.12
C ILE A 568 -20.00 -33.56 5.50
N ASN A 569 -20.30 -33.37 4.22
CA ASN A 569 -21.03 -34.35 3.44
C ASN A 569 -20.02 -35.17 2.65
N VAL A 570 -19.97 -36.46 2.91
CA VAL A 570 -19.14 -37.36 2.10
C VAL A 570 -19.90 -37.72 0.84
N ILE A 571 -19.26 -37.54 -0.30
CA ILE A 571 -19.85 -37.99 -1.55
C ILE A 571 -19.57 -39.47 -1.77
N TYR A 572 -18.29 -39.84 -1.80
CA TYR A 572 -17.88 -41.22 -1.94
C TYR A 572 -16.48 -41.35 -1.37
N ALA A 573 -16.15 -42.55 -0.90
CA ALA A 573 -14.84 -42.83 -0.33
C ALA A 573 -14.24 -44.07 -0.98
N GLY A 574 -13.02 -44.36 -0.60
CA GLY A 574 -12.26 -45.47 -1.13
C GLY A 574 -10.78 -45.18 -1.05
N GLY A 575 -9.98 -46.20 -1.35
CA GLY A 575 -8.54 -46.00 -1.40
C GLY A 575 -8.11 -45.13 -2.56
N ASP A 576 -8.65 -45.39 -3.75
CA ASP A 576 -8.31 -44.65 -4.96
C ASP A 576 -8.91 -43.26 -4.97
N ASP A 577 -10.04 -43.06 -4.28
CA ASP A 577 -10.79 -41.84 -4.45
C ASP A 577 -11.47 -41.39 -3.16
N LEU A 578 -11.51 -40.09 -2.94
CA LEU A 578 -12.18 -39.52 -1.78
C LEU A 578 -12.68 -38.14 -2.17
N PHE A 579 -13.91 -37.81 -1.78
CA PHE A 579 -14.50 -36.54 -2.18
C PHE A 579 -15.49 -36.12 -1.11
N MET A 580 -15.19 -35.01 -0.43
CA MET A 580 -16.03 -34.52 0.64
C MET A 580 -16.23 -33.02 0.50
N ILE A 581 -17.47 -32.58 0.63
CA ILE A 581 -17.85 -31.17 0.55
C ILE A 581 -18.51 -30.78 1.84
N GLY A 582 -18.00 -29.74 2.49
CA GLY A 582 -18.59 -29.27 3.72
C GLY A 582 -18.12 -27.86 4.01
N ALA A 583 -18.32 -27.45 5.26
CA ALA A 583 -17.78 -26.17 5.70
C ALA A 583 -16.26 -26.25 5.71
N TRP A 584 -15.60 -25.14 5.35
CA TRP A 584 -14.16 -25.19 5.14
C TRP A 584 -13.40 -25.33 6.44
N GLN A 585 -14.00 -24.86 7.55
CA GLN A 585 -13.39 -24.99 8.86
C GLN A 585 -13.26 -26.45 9.26
N ASP A 586 -14.35 -27.21 9.11
CA ASP A 586 -14.33 -28.63 9.45
C ASP A 586 -13.48 -29.43 8.47
N ILE A 587 -13.43 -29.03 7.21
CA ILE A 587 -12.63 -29.76 6.21
C ILE A 587 -11.14 -29.58 6.51
N LEU A 588 -10.73 -28.34 6.79
CA LEU A 588 -9.34 -28.08 7.16
C LEU A 588 -8.98 -28.74 8.48
N ASP A 589 -9.89 -28.71 9.46
CA ASP A 589 -9.58 -29.33 10.74
C ASP A 589 -9.71 -30.84 10.71
N PHE A 590 -10.32 -31.41 9.67
CA PHE A 590 -10.46 -32.85 9.57
C PHE A 590 -9.40 -33.48 8.67
N SER A 591 -8.78 -32.70 7.79
CA SER A 591 -7.73 -33.26 6.92
C SER A 591 -6.54 -33.77 7.72
N ILE A 592 -6.13 -33.03 8.75
CA ILE A 592 -5.03 -33.49 9.60
C ILE A 592 -5.46 -34.70 10.43
N VAL A 593 -6.73 -34.75 10.83
CA VAL A 593 -7.26 -35.88 11.59
C VAL A 593 -7.24 -37.15 10.73
N LEU A 594 -7.68 -37.03 9.48
CA LEU A 594 -7.71 -38.17 8.58
C LEU A 594 -6.29 -38.62 8.23
N LYS A 595 -5.38 -37.66 8.04
CA LYS A 595 -3.99 -38.02 7.75
C LYS A 595 -3.36 -38.77 8.92
N GLN A 596 -3.58 -38.29 10.14
CA GLN A 596 -2.94 -38.92 11.29
C GLN A 596 -3.57 -40.27 11.62
N LYS A 597 -4.89 -40.41 11.41
CA LYS A 597 -5.52 -41.70 11.64
C LYS A 597 -5.13 -42.71 10.57
N PHE A 598 -4.94 -42.27 9.32
CA PHE A 598 -4.41 -43.16 8.30
C PHE A 598 -2.99 -43.59 8.62
N ALA A 599 -2.18 -42.66 9.14
CA ALA A 599 -0.82 -42.99 9.53
C ALA A 599 -0.80 -43.97 10.68
N ASP A 600 -1.73 -43.83 11.63
CA ASP A 600 -1.80 -44.77 12.74
C ASP A 600 -2.29 -46.14 12.28
N PHE A 601 -3.23 -46.17 11.35
CA PHE A 601 -3.75 -47.46 10.89
C PHE A 601 -2.73 -48.20 10.04
N THR A 602 -2.04 -47.49 9.16
CA THR A 602 -1.10 -48.13 8.24
C THR A 602 0.32 -48.17 8.78
N GLN A 603 0.51 -47.87 10.07
CA GLN A 603 1.81 -47.77 10.74
C GLN A 603 2.76 -46.79 10.03
N ASN A 604 2.18 -45.70 9.52
CA ASN A 604 2.82 -44.64 8.72
C ASN A 604 3.87 -45.16 7.74
N LYS A 605 3.44 -46.09 6.89
CA LYS A 605 4.25 -46.44 5.72
C LYS A 605 3.50 -46.38 4.40
N LEU A 606 2.17 -46.37 4.39
CA LEU A 606 1.42 -45.94 3.22
C LEU A 606 1.27 -44.44 3.28
N SER A 607 1.76 -43.75 2.26
CA SER A 607 1.62 -42.31 2.22
C SER A 607 0.21 -41.92 1.79
N ILE A 608 -0.11 -40.64 1.93
CA ILE A 608 -1.39 -40.11 1.47
C ILE A 608 -1.18 -38.66 1.05
N SER A 609 -1.84 -38.27 -0.05
CA SER A 609 -1.85 -36.89 -0.50
C SER A 609 -3.30 -36.45 -0.62
N ALA A 610 -3.51 -35.14 -0.61
CA ALA A 610 -4.85 -34.58 -0.59
C ALA A 610 -4.82 -33.20 -1.21
N GLY A 611 -6.00 -32.65 -1.44
CA GLY A 611 -6.11 -31.28 -1.89
C GLY A 611 -7.30 -30.59 -1.28
N ILE A 612 -7.08 -29.50 -0.58
CA ILE A 612 -8.18 -28.73 0.00
C ILE A 612 -8.47 -27.59 -0.94
N GLY A 613 -9.74 -27.44 -1.30
CA GLY A 613 -10.19 -26.31 -2.07
C GLY A 613 -11.25 -25.57 -1.29
N MET A 614 -11.50 -24.32 -1.70
CA MET A 614 -12.47 -23.51 -0.97
C MET A 614 -13.25 -22.67 -1.96
N PHE A 615 -14.58 -22.76 -1.88
CA PHE A 615 -15.49 -22.19 -2.85
C PHE A 615 -16.64 -21.53 -2.10
N ARG A 616 -17.40 -20.70 -2.80
CA ARG A 616 -18.49 -19.98 -2.15
C ARG A 616 -19.68 -20.92 -1.93
N GLU A 617 -20.78 -20.35 -1.42
CA GLU A 617 -21.92 -21.15 -1.01
C GLU A 617 -22.62 -21.80 -2.20
N LYS A 618 -22.93 -21.00 -3.20
CA LYS A 618 -23.66 -21.50 -4.36
C LYS A 618 -22.66 -21.65 -5.48
N TYR A 619 -22.04 -22.82 -5.58
CA TYR A 619 -21.08 -23.06 -6.63
C TYR A 619 -21.38 -24.43 -7.22
N PRO A 620 -21.19 -24.62 -8.52
CA PRO A 620 -21.49 -25.92 -9.12
C PRO A 620 -20.52 -26.99 -8.68
N VAL A 621 -21.07 -28.18 -8.41
CA VAL A 621 -20.28 -29.29 -7.90
C VAL A 621 -19.36 -29.91 -8.95
N ALA A 622 -19.75 -29.86 -10.23
CA ALA A 622 -18.90 -30.45 -11.28
C ALA A 622 -17.60 -29.68 -11.43
N ARG A 623 -17.69 -28.36 -11.54
CA ARG A 623 -16.50 -27.52 -11.62
C ARG A 623 -15.74 -27.54 -10.30
N MET A 624 -16.45 -27.68 -9.17
CA MET A 624 -15.84 -27.85 -7.85
C MET A 624 -14.94 -29.08 -7.81
N ALA A 625 -15.48 -30.22 -8.22
CA ALA A 625 -14.76 -31.48 -8.19
C ALA A 625 -13.58 -31.46 -9.14
N SER A 626 -13.76 -30.88 -10.34
CA SER A 626 -12.66 -30.80 -11.29
C SER A 626 -11.53 -29.91 -10.79
N LEU A 627 -11.87 -28.77 -10.18
CA LEU A 627 -10.85 -27.87 -9.64
C LEU A 627 -10.09 -28.50 -8.48
N THR A 628 -10.81 -29.18 -7.58
CA THR A 628 -10.12 -29.78 -6.44
C THR A 628 -9.33 -31.02 -6.85
N GLY A 629 -9.78 -31.72 -7.89
CA GLY A 629 -8.97 -32.79 -8.45
C GLY A 629 -7.69 -32.27 -9.08
N ASP A 630 -7.77 -31.12 -9.75
CA ASP A 630 -6.57 -30.44 -10.25
C ASP A 630 -5.64 -30.06 -9.11
N LEU A 631 -6.20 -29.58 -8.00
CA LEU A 631 -5.41 -29.20 -6.83
C LEU A 631 -4.68 -30.40 -6.23
N GLU A 632 -5.37 -31.54 -6.08
CA GLU A 632 -4.72 -32.69 -5.47
C GLU A 632 -3.75 -33.36 -6.44
N ASP A 633 -3.99 -33.25 -7.76
CA ASP A 633 -2.97 -33.67 -8.72
C ASP A 633 -1.72 -32.82 -8.60
N ALA A 634 -1.87 -31.52 -8.40
CA ALA A 634 -0.70 -30.67 -8.19
C ALA A 634 -0.02 -30.97 -6.87
N ALA A 635 -0.78 -31.43 -5.88
CA ALA A 635 -0.19 -31.88 -4.62
C ALA A 635 0.66 -33.13 -4.84
N LYS A 636 0.14 -34.11 -5.58
CA LYS A 636 0.87 -35.34 -5.78
C LYS A 636 2.02 -35.17 -6.77
N ASP A 637 2.01 -34.08 -7.55
CA ASP A 637 3.17 -33.78 -8.38
C ASP A 637 4.31 -33.14 -7.60
N TYR A 638 4.03 -32.65 -6.38
CA TYR A 638 5.01 -32.10 -5.44
C TYR A 638 5.84 -30.95 -6.03
N THR A 648 7.58 -36.04 -5.68
CA THR A 648 6.55 -37.02 -5.96
C THR A 648 6.15 -37.79 -4.71
N LYS A 649 5.93 -37.04 -3.62
CA LYS A 649 5.76 -37.59 -2.28
C LYS A 649 4.42 -37.14 -1.73
N ASN A 650 4.23 -37.37 -0.42
CA ASN A 650 3.01 -36.93 0.24
C ASN A 650 3.04 -35.44 0.50
N ALA A 651 1.93 -34.77 0.16
CA ALA A 651 1.79 -33.33 0.33
C ALA A 651 0.31 -32.98 0.26
N VAL A 652 0.02 -31.68 0.33
CA VAL A 652 -1.35 -31.18 0.26
C VAL A 652 -1.31 -29.76 -0.29
N THR A 653 -2.33 -29.39 -1.07
CA THR A 653 -2.47 -28.01 -1.51
C THR A 653 -3.60 -27.32 -0.76
N LEU A 654 -3.27 -26.16 -0.21
CA LEU A 654 -4.25 -25.33 0.47
C LEU A 654 -4.75 -24.33 -0.57
N PHE A 655 -5.93 -24.62 -1.11
CA PHE A 655 -6.79 -23.68 -1.84
C PHE A 655 -6.26 -23.30 -3.22
N ASP A 656 -5.03 -23.68 -3.55
CA ASP A 656 -4.38 -23.19 -4.76
C ASP A 656 -3.19 -24.09 -5.07
N ALA A 657 -2.79 -24.10 -6.33
CA ALA A 657 -1.65 -24.89 -6.72
C ALA A 657 -0.32 -24.25 -6.35
N THR A 658 -0.33 -22.97 -6.00
CA THR A 658 0.91 -22.29 -5.61
C THR A 658 1.29 -22.54 -4.17
N ASN A 659 0.40 -23.11 -3.37
CA ASN A 659 0.65 -23.34 -1.95
C ASN A 659 0.60 -24.84 -1.69
N VAL A 660 1.72 -25.50 -1.92
CA VAL A 660 1.85 -26.94 -1.74
C VAL A 660 2.70 -27.16 -0.50
N PHE A 661 2.15 -27.88 0.48
CA PHE A 661 2.86 -28.12 1.72
C PHE A 661 2.88 -29.62 2.01
N SER A 662 3.96 -30.08 2.61
CA SER A 662 3.99 -31.43 3.15
C SER A 662 3.07 -31.51 4.38
N TRP A 663 2.65 -32.73 4.71
CA TRP A 663 1.65 -32.92 5.76
C TRP A 663 2.19 -32.52 7.13
N ASP A 664 3.41 -32.95 7.44
CA ASP A 664 4.03 -32.53 8.69
C ASP A 664 4.34 -31.04 8.67
N THR A 665 4.69 -30.51 7.49
CA THR A 665 4.97 -29.09 7.34
C THR A 665 3.72 -28.26 7.59
N LEU A 666 2.60 -28.65 6.94
CA LEU A 666 1.30 -28.01 7.16
C LEU A 666 0.90 -28.09 8.62
N GLU A 667 0.86 -29.31 9.18
CA GLU A 667 0.35 -29.58 10.51
C GLU A 667 1.17 -28.80 11.52
N ASN A 668 2.45 -29.16 11.64
CA ASN A 668 3.39 -28.53 12.56
C ASN A 668 3.50 -27.03 12.33
N ASP A 669 4.05 -26.59 11.20
CA ASP A 669 4.42 -25.20 11.01
C ASP A 669 3.19 -24.29 10.97
N ILE A 670 2.25 -24.60 10.07
CA ILE A 670 1.10 -23.72 9.86
C ILE A 670 0.20 -23.71 11.09
N PHE A 671 0.01 -24.85 11.75
CA PHE A 671 -0.93 -24.83 12.84
C PHE A 671 -0.31 -24.31 14.14
N VAL A 672 0.99 -24.46 14.36
CA VAL A 672 1.55 -23.80 15.55
C VAL A 672 1.64 -22.30 15.33
N LYS A 673 1.89 -21.87 14.09
CA LYS A 673 1.92 -20.43 13.82
C LYS A 673 0.52 -19.84 13.92
N LEU A 674 -0.48 -20.57 13.44
CA LEU A 674 -1.86 -20.13 13.55
C LEU A 674 -2.32 -20.07 15.00
N ASP A 675 -1.95 -21.07 15.81
CA ASP A 675 -2.36 -21.07 17.20
C ASP A 675 -1.63 -19.99 17.99
N ALA A 676 -0.37 -19.73 17.68
CA ALA A 676 0.37 -18.64 18.32
C ALA A 676 -0.23 -17.29 17.95
N ILE A 677 -0.61 -17.11 16.68
CA ILE A 677 -1.22 -15.86 16.23
C ILE A 677 -2.58 -15.68 16.89
N THR A 678 -3.33 -16.77 17.06
CA THR A 678 -4.66 -16.66 17.66
C THR A 678 -4.56 -16.38 19.16
N LYS A 679 -3.55 -16.93 19.84
CA LYS A 679 -3.34 -16.56 21.24
C LYS A 679 -2.91 -15.11 21.37
N ASN A 680 -2.03 -14.64 20.49
CA ASN A 680 -1.49 -13.30 20.65
C ASN A 680 -2.50 -12.22 20.30
N PHE A 681 -3.23 -12.36 19.20
CA PHE A 681 -4.14 -11.30 18.77
C PHE A 681 -5.48 -11.34 19.49
N GLU A 682 -5.74 -12.36 20.31
CA GLU A 682 -6.95 -12.35 21.11
C GLU A 682 -6.82 -11.40 22.28
N LYS A 683 -5.71 -11.50 23.02
CA LYS A 683 -5.51 -10.66 24.20
C LYS A 683 -5.22 -9.20 23.84
N LEU A 684 -4.80 -8.92 22.61
CA LEU A 684 -4.66 -7.54 22.16
C LEU A 684 -6.04 -6.95 21.93
N ASP A 685 -6.26 -5.76 22.49
CA ASP A 685 -7.58 -5.15 22.45
C ASP A 685 -7.85 -4.40 21.16
N GLU A 686 -6.92 -3.56 20.68
CA GLU A 686 -7.06 -2.93 19.37
C GLU A 686 -5.77 -3.11 18.55
N THR A 687 -5.63 -4.27 17.92
CA THR A 687 -4.59 -4.41 16.91
C THR A 687 -5.14 -4.94 15.58
N GLY A 688 -5.92 -6.01 15.62
CA GLY A 688 -6.38 -6.64 14.40
C GLY A 688 -7.65 -6.04 13.88
N LYS A 689 -7.83 -6.05 12.56
CA LYS A 689 -7.04 -6.86 11.62
C LYS A 689 -6.24 -6.04 10.61
N ALA A 690 -6.24 -4.72 10.78
CA ALA A 690 -5.58 -3.85 9.80
C ALA A 690 -4.07 -4.03 9.81
N PHE A 691 -3.51 -4.28 10.99
CA PHE A 691 -2.09 -4.62 11.09
C PHE A 691 -1.78 -5.91 10.36
N ILE A 692 -2.68 -6.88 10.43
CA ILE A 692 -2.46 -8.16 9.76
C ILE A 692 -2.54 -7.99 8.24
N TYR A 693 -3.43 -7.13 7.76
CA TYR A 693 -3.49 -6.91 6.32
C TYR A 693 -2.26 -6.16 5.80
N ARG A 694 -1.76 -5.19 6.57
CA ARG A 694 -0.51 -4.53 6.16
C ARG A 694 0.67 -5.49 6.21
N LEU A 695 0.66 -6.39 7.21
CA LEU A 695 1.69 -7.41 7.34
C LEU A 695 1.68 -8.38 6.16
N ILE A 696 0.49 -8.79 5.72
CA ILE A 696 0.37 -9.67 4.56
C ILE A 696 0.77 -8.95 3.28
N ASP A 697 0.46 -7.64 3.20
CA ASP A 697 0.87 -6.84 2.05
C ASP A 697 2.38 -6.80 1.92
N LEU A 698 3.08 -6.61 3.04
CA LEU A 698 4.54 -6.64 3.00
C LEU A 698 5.07 -8.03 2.71
N LEU A 699 4.45 -9.05 3.31
CA LEU A 699 4.97 -10.42 3.19
C LEU A 699 4.62 -11.07 1.86
N ARG A 700 3.78 -10.44 1.04
CA ARG A 700 3.63 -10.92 -0.32
C ARG A 700 4.30 -9.98 -1.30
N GLY A 701 4.60 -8.75 -0.90
CA GLY A 701 5.45 -7.93 -1.72
C GLY A 701 6.92 -8.31 -1.64
N VAL A 702 7.31 -9.04 -0.60
CA VAL A 702 8.71 -9.39 -0.41
C VAL A 702 9.17 -10.48 -1.38
N ASN A 703 8.23 -11.12 -2.09
CA ASN A 703 8.62 -12.12 -3.08
C ASN A 703 9.35 -11.49 -4.25
N GLU A 704 8.91 -10.31 -4.70
CA GLU A 704 9.49 -9.68 -5.88
C GLU A 704 10.52 -8.61 -5.50
N ASN A 705 10.14 -7.70 -4.60
CA ASN A 705 11.07 -6.70 -4.06
C ASN A 705 11.50 -7.18 -2.68
N GLN A 706 12.67 -7.82 -2.63
CA GLN A 706 13.01 -8.62 -1.46
C GLN A 706 13.59 -7.75 -0.35
N GLN A 707 14.40 -6.75 -0.71
CA GLN A 707 15.10 -5.96 0.28
C GLN A 707 14.23 -4.92 0.98
N ILE A 708 13.50 -4.11 0.22
CA ILE A 708 12.81 -2.97 0.81
C ILE A 708 11.61 -3.42 1.64
N ASN A 709 11.03 -4.57 1.30
CA ASN A 709 9.91 -5.07 2.10
C ASN A 709 10.41 -5.66 3.41
N ILE A 710 11.61 -6.25 3.41
CA ILE A 710 12.21 -6.70 4.66
C ILE A 710 12.54 -5.51 5.56
N ALA A 711 13.03 -4.43 4.96
CA ALA A 711 13.28 -3.20 5.71
C ALA A 711 12.00 -2.61 6.29
N ARG A 712 10.94 -2.55 5.47
CA ARG A 712 9.66 -2.03 5.94
C ARG A 712 9.07 -2.93 7.01
N LEU A 713 9.32 -4.23 6.90
CA LEU A 713 8.87 -5.19 7.90
C LEU A 713 9.54 -4.95 9.24
N ALA A 714 10.86 -4.75 9.23
CA ALA A 714 11.59 -4.45 10.46
C ALA A 714 11.12 -3.14 11.06
N TYR A 715 10.87 -2.14 10.21
CA TYR A 715 10.40 -0.84 10.66
C TYR A 715 9.03 -0.94 11.32
N THR A 716 8.11 -1.70 10.73
CA THR A 716 6.78 -1.82 11.31
C THR A 716 6.79 -2.66 12.57
N LEU A 717 7.66 -3.67 12.64
CA LEU A 717 7.68 -4.51 13.83
C LEU A 717 8.25 -3.76 15.02
N SER A 718 9.28 -2.94 14.80
CA SER A 718 9.76 -2.12 15.92
C SER A 718 8.85 -0.93 16.18
N ARG A 719 8.11 -0.48 15.16
CA ARG A 719 7.05 0.51 15.36
C ARG A 719 6.00 0.01 16.34
N MET A 720 5.52 -1.21 16.13
CA MET A 720 4.46 -1.76 16.98
C MET A 720 4.99 -2.76 17.99
N GLU A 721 6.28 -2.66 18.33
CA GLU A 721 6.87 -3.45 19.42
C GLU A 721 6.16 -3.19 20.73
N GLU A 722 5.89 -1.93 21.04
CA GLU A 722 5.20 -1.59 22.28
C GLU A 722 3.72 -1.93 22.25
N LYS A 723 3.16 -2.21 21.08
CA LYS A 723 1.72 -2.41 20.93
C LYS A 723 1.33 -3.87 20.80
N ILE A 724 1.97 -4.62 19.89
CA ILE A 724 1.56 -5.99 19.65
C ILE A 724 2.25 -6.97 20.59
N GLY A 725 3.29 -6.55 21.29
CA GLY A 725 4.04 -7.43 22.16
C GLY A 725 5.52 -7.36 21.89
N LYS A 726 6.29 -7.49 22.97
CA LYS A 726 7.74 -7.45 22.89
C LYS A 726 8.32 -8.65 22.16
N THR A 727 7.79 -9.84 22.42
CA THR A 727 8.36 -11.08 21.89
C THR A 727 7.67 -11.54 20.62
N PHE A 728 6.41 -11.19 20.44
CA PHE A 728 5.68 -11.60 19.25
C PHE A 728 6.20 -10.89 18.01
N ALA A 729 6.60 -9.62 18.14
CA ALA A 729 7.11 -8.88 17.00
C ALA A 729 8.45 -9.44 16.52
N GLN A 730 9.32 -9.79 17.47
CA GLN A 730 10.59 -10.38 17.08
C GLN A 730 10.40 -11.80 16.59
N GLU A 731 9.37 -12.50 17.08
CA GLU A 731 9.04 -13.82 16.54
C GLU A 731 8.56 -13.72 15.10
N LEU A 732 7.75 -12.70 14.79
CA LEU A 732 7.32 -12.47 13.42
C LEU A 732 8.48 -12.10 12.52
N TYR A 733 9.43 -11.30 13.03
CA TYR A 733 10.60 -10.96 12.25
C TYR A 733 11.49 -12.18 12.00
N ASN A 734 11.58 -13.08 12.98
CA ASN A 734 12.36 -14.29 12.78
C ASN A 734 11.69 -15.22 11.79
N TRP A 735 10.38 -15.42 11.93
CA TRP A 735 9.65 -16.32 11.05
C TRP A 735 9.56 -15.80 9.62
N ALA A 736 9.62 -14.49 9.44
CA ALA A 736 9.48 -13.95 8.09
C ALA A 736 10.77 -13.99 7.30
N ASN A 737 11.87 -14.46 7.88
CA ASN A 737 13.11 -14.70 7.17
C ASN A 737 13.42 -16.18 7.05
N ALA A 738 13.08 -16.96 8.06
CA ALA A 738 13.43 -18.37 8.07
C ALA A 738 12.47 -19.21 7.25
N ASP A 739 11.20 -19.23 7.65
CA ASP A 739 10.15 -19.98 6.97
C ASP A 739 9.07 -18.97 6.63
N ARG A 740 9.23 -18.29 5.50
CA ARG A 740 8.39 -17.16 5.14
C ARG A 740 7.02 -17.58 4.64
N LYS A 741 6.98 -18.37 3.55
CA LYS A 741 5.77 -18.69 2.81
C LYS A 741 4.71 -19.38 3.67
N THR A 742 5.15 -20.08 4.72
CA THR A 742 4.27 -20.67 5.71
C THR A 742 3.46 -19.60 6.44
N LEU A 743 4.09 -18.48 6.81
CA LEU A 743 3.42 -17.50 7.66
C LEU A 743 2.36 -16.72 6.89
N ILE A 744 2.54 -16.53 5.58
CA ILE A 744 1.50 -15.92 4.77
C ILE A 744 0.23 -16.74 4.82
N MET A 745 0.33 -18.06 4.60
CA MET A 745 -0.84 -18.92 4.69
C MET A 745 -1.41 -19.00 6.10
N ALA A 746 -0.54 -18.93 7.11
CA ALA A 746 -1.02 -18.91 8.50
C ALA A 746 -1.87 -17.68 8.78
N LEU A 747 -1.42 -16.51 8.30
CA LEU A 747 -2.19 -15.29 8.51
C LEU A 747 -3.46 -15.27 7.68
N GLU A 748 -3.39 -15.79 6.44
CA GLU A 748 -4.58 -15.83 5.59
C GLU A 748 -5.66 -16.71 6.20
N ILE A 749 -5.29 -17.88 6.70
CA ILE A 749 -6.33 -18.72 7.31
C ILE A 749 -6.72 -18.17 8.67
N TYR A 750 -5.87 -17.36 9.30
CA TYR A 750 -6.29 -16.68 10.52
C TYR A 750 -7.42 -15.70 10.25
N ILE A 751 -7.28 -14.86 9.23
CA ILE A 751 -8.34 -13.90 8.94
C ILE A 751 -9.58 -14.60 8.40
N LEU A 752 -9.38 -15.65 7.59
CA LEU A 752 -10.52 -16.41 7.09
C LEU A 752 -11.27 -17.09 8.23
N LYS A 753 -10.58 -17.47 9.30
CA LYS A 753 -11.28 -17.97 10.47
C LYS A 753 -11.98 -16.86 11.24
N THR A 754 -11.36 -15.69 11.40
CA THR A 754 -11.90 -14.73 12.34
C THR A 754 -12.77 -13.64 11.71
N ARG A 755 -13.04 -13.72 10.42
CA ARG A 755 -13.95 -12.77 9.78
C ARG A 755 -15.37 -13.02 10.23
N GLU A 756 -16.04 -11.98 10.67
CA GLU A 756 -17.41 -12.11 11.14
C GLU A 756 -18.40 -12.14 9.97
N MET B 1 5.59 -39.30 -50.22
CA MET B 1 4.55 -39.04 -49.23
C MET B 1 4.83 -37.77 -48.44
N LYS B 2 3.80 -36.95 -48.28
CA LYS B 2 3.97 -35.56 -47.91
C LYS B 2 3.60 -35.36 -46.45
N ILE B 3 3.75 -34.12 -45.98
CA ILE B 3 3.41 -33.72 -44.61
C ILE B 3 2.47 -32.53 -44.75
N ILE B 4 1.58 -32.35 -43.78
CA ILE B 4 0.73 -31.17 -43.71
C ILE B 4 0.86 -30.64 -42.28
N LYS B 5 1.63 -29.57 -42.10
CA LYS B 5 1.86 -29.04 -40.77
C LYS B 5 0.89 -27.91 -40.47
N LEU B 6 0.37 -27.90 -39.25
CA LEU B 6 -0.68 -26.97 -38.87
C LEU B 6 -0.22 -26.12 -37.70
N TYR B 7 -0.04 -24.82 -37.92
CA TYR B 7 0.40 -23.90 -36.89
C TYR B 7 -0.81 -23.09 -36.40
N PHE B 8 -1.18 -23.31 -35.16
CA PHE B 8 -2.31 -22.61 -34.55
C PHE B 8 -1.79 -21.41 -33.78
N GLU B 9 -2.35 -20.23 -34.05
CA GLU B 9 -1.97 -19.07 -33.25
C GLU B 9 -3.02 -18.72 -32.21
N SER B 10 -4.08 -19.49 -32.13
CA SER B 10 -5.20 -19.26 -31.24
C SER B 10 -5.53 -20.56 -30.55
N PRO B 11 -6.28 -20.53 -29.44
CA PRO B 11 -6.66 -21.79 -28.78
C PRO B 11 -7.57 -22.62 -29.66
N VAL B 12 -7.62 -23.92 -29.37
CA VAL B 12 -8.47 -24.84 -30.10
C VAL B 12 -9.44 -25.48 -29.13
N HIS B 13 -10.54 -25.99 -29.67
CA HIS B 13 -11.49 -26.78 -28.89
C HIS B 13 -11.82 -28.00 -29.74
N PHE B 14 -11.14 -29.10 -29.49
CA PHE B 14 -11.48 -30.36 -30.12
C PHE B 14 -12.26 -31.19 -29.11
N GLY B 15 -13.57 -31.02 -29.13
CA GLY B 15 -14.41 -31.77 -28.24
C GLY B 15 -14.50 -33.23 -28.66
N GLU B 16 -14.69 -34.11 -27.70
CA GLU B 16 -14.99 -35.49 -28.04
C GLU B 16 -16.34 -35.95 -27.53
N LYS B 17 -16.77 -35.48 -26.39
CA LYS B 17 -18.13 -35.79 -25.97
C LYS B 17 -18.94 -34.57 -25.58
N ARG B 18 -18.32 -33.61 -24.90
CA ARG B 18 -19.04 -32.45 -24.38
C ARG B 18 -18.18 -31.21 -24.55
N LEU B 19 -18.83 -30.05 -24.45
CA LEU B 19 -18.18 -28.77 -24.65
C LEU B 19 -17.22 -28.38 -23.53
N SER B 20 -17.45 -28.85 -22.31
CA SER B 20 -16.68 -28.42 -21.16
C SER B 20 -15.25 -28.94 -21.15
N GLU B 21 -14.93 -29.95 -21.94
CA GLU B 21 -13.61 -30.54 -22.00
C GLU B 21 -13.14 -30.57 -23.44
N SER B 22 -11.84 -30.79 -23.62
CA SER B 22 -11.27 -30.81 -24.96
C SER B 22 -10.20 -31.88 -25.07
N LYS B 23 -9.68 -32.00 -26.28
CA LYS B 23 -8.72 -33.03 -26.67
C LYS B 23 -7.56 -32.33 -27.34
N ILE B 24 -6.37 -32.94 -27.25
CA ILE B 24 -5.17 -32.31 -27.81
C ILE B 24 -5.24 -32.25 -29.32
N THR B 25 -5.56 -33.36 -29.96
CA THR B 25 -5.56 -33.48 -31.42
C THR B 25 -6.98 -33.60 -31.93
N PHE B 26 -7.12 -33.70 -33.26
CA PHE B 26 -8.40 -33.98 -33.88
C PHE B 26 -8.25 -35.18 -34.79
N SER B 27 -9.37 -35.83 -35.08
CA SER B 27 -9.33 -37.09 -35.80
C SER B 27 -9.30 -36.86 -37.30
N ALA B 28 -9.42 -37.97 -38.05
CA ALA B 28 -9.26 -37.91 -39.49
C ALA B 28 -10.57 -37.55 -40.16
N ASP B 29 -11.67 -38.12 -39.69
CA ASP B 29 -12.96 -37.77 -40.22
C ASP B 29 -13.38 -36.38 -39.78
N THR B 30 -12.77 -35.85 -38.72
CA THR B 30 -12.95 -34.44 -38.39
C THR B 30 -12.39 -33.55 -39.49
N LEU B 31 -11.18 -33.86 -39.97
CA LEU B 31 -10.60 -33.08 -41.05
C LEU B 31 -11.34 -33.32 -42.36
N PHE B 32 -11.81 -34.54 -42.57
CA PHE B 32 -12.55 -34.83 -43.80
C PHE B 32 -13.91 -34.14 -43.78
N SER B 33 -14.52 -34.04 -42.60
CA SER B 33 -15.79 -33.32 -42.48
C SER B 33 -15.59 -31.85 -42.73
N ALA B 34 -14.48 -31.29 -42.24
CA ALA B 34 -14.15 -29.89 -42.51
C ALA B 34 -13.92 -29.66 -44.00
N LEU B 35 -13.26 -30.60 -44.66
CA LEU B 35 -13.02 -30.42 -46.09
C LEU B 35 -14.30 -30.59 -46.91
N MET B 36 -15.18 -31.52 -46.52
CA MET B 36 -16.48 -31.62 -47.18
C MET B 36 -17.33 -30.38 -47.00
N ILE B 37 -17.39 -29.83 -45.79
CA ILE B 37 -18.23 -28.66 -45.57
C ILE B 37 -17.66 -27.45 -46.29
N GLU B 38 -16.33 -27.41 -46.44
CA GLU B 38 -15.80 -26.27 -47.16
C GLU B 38 -15.91 -26.48 -48.66
N ALA B 39 -15.89 -27.74 -49.12
CA ALA B 39 -16.02 -28.02 -50.54
C ALA B 39 -17.43 -27.77 -51.02
N VAL B 40 -18.44 -28.03 -50.18
CA VAL B 40 -19.79 -27.65 -50.58
C VAL B 40 -19.96 -26.15 -50.40
N GLY B 41 -19.09 -25.53 -49.58
CA GLY B 41 -18.92 -24.09 -49.69
C GLY B 41 -18.46 -23.65 -51.06
N LEU B 42 -17.54 -24.40 -51.68
CA LEU B 42 -17.09 -24.11 -53.03
C LEU B 42 -17.89 -24.80 -54.12
N GLY B 43 -18.78 -25.73 -53.75
CA GLY B 43 -19.56 -26.45 -54.73
C GLY B 43 -18.86 -27.60 -55.39
N LYS B 44 -17.63 -27.92 -54.98
CA LYS B 44 -16.86 -29.00 -55.57
C LYS B 44 -16.84 -30.24 -54.69
N GLU B 45 -17.93 -30.48 -53.95
CA GLU B 45 -17.92 -31.54 -52.95
C GLU B 45 -18.02 -32.91 -53.59
N ASP B 46 -18.63 -33.01 -54.77
CA ASP B 46 -18.92 -34.31 -55.35
C ASP B 46 -17.64 -34.95 -55.89
N GLU B 47 -16.81 -34.19 -56.58
CA GLU B 47 -15.59 -34.78 -57.10
C GLU B 47 -14.52 -34.87 -56.02
N PHE B 48 -14.69 -34.12 -54.92
CA PHE B 48 -13.85 -34.38 -53.75
C PHE B 48 -14.19 -35.71 -53.12
N TYR B 49 -15.48 -36.05 -53.06
CA TYR B 49 -15.86 -37.36 -52.56
C TYR B 49 -15.41 -38.46 -53.50
N GLN B 50 -15.46 -38.21 -54.82
CA GLN B 50 -14.98 -39.22 -55.76
C GLN B 50 -13.45 -39.33 -55.75
N LEU B 51 -12.76 -38.30 -55.29
CA LEU B 51 -11.33 -38.44 -55.05
C LEU B 51 -11.06 -39.26 -53.80
N ALA B 52 -11.75 -38.97 -52.71
CA ALA B 52 -11.44 -39.65 -51.46
C ALA B 52 -11.98 -41.06 -51.42
N SER B 53 -12.97 -41.36 -52.26
CA SER B 53 -13.50 -42.72 -52.33
C SER B 53 -12.57 -43.67 -53.08
N ASN B 54 -11.77 -43.15 -54.01
CA ASN B 54 -10.88 -44.00 -54.79
C ASN B 54 -9.42 -43.72 -54.48
N ASN B 55 -9.10 -43.52 -53.20
CA ASN B 55 -7.77 -43.66 -52.59
C ASN B 55 -6.73 -42.62 -53.02
N LEU B 56 -7.03 -41.72 -53.95
CA LEU B 56 -6.03 -40.72 -54.29
C LEU B 56 -5.88 -39.65 -53.23
N VAL B 57 -6.85 -39.51 -52.34
CA VAL B 57 -6.75 -38.64 -51.18
C VAL B 57 -6.91 -39.54 -49.96
N LYS B 58 -5.82 -39.76 -49.24
CA LYS B 58 -5.79 -40.71 -48.13
C LYS B 58 -4.90 -40.13 -47.05
N PHE B 59 -5.51 -39.57 -46.02
CA PHE B 59 -4.77 -38.93 -44.95
C PHE B 59 -5.04 -39.63 -43.63
N SER B 60 -4.07 -39.52 -42.73
CA SER B 60 -4.21 -40.01 -41.37
C SER B 60 -4.88 -38.94 -40.54
N ASP B 61 -4.84 -39.08 -39.21
CA ASP B 61 -5.36 -38.01 -38.39
C ASP B 61 -4.24 -37.14 -37.87
N ALA B 62 -4.61 -36.10 -37.13
CA ALA B 62 -3.65 -35.16 -36.60
C ALA B 62 -2.87 -35.79 -35.47
N PHE B 63 -1.61 -35.41 -35.37
CA PHE B 63 -0.69 -35.91 -34.37
C PHE B 63 0.04 -34.71 -33.78
N PRO B 64 0.50 -34.80 -32.54
CA PRO B 64 1.35 -33.72 -32.00
C PRO B 64 2.71 -33.69 -32.67
N PHE B 65 3.29 -32.50 -32.73
CA PHE B 65 4.67 -32.35 -33.18
C PHE B 65 5.29 -31.17 -32.46
N ILE B 66 6.55 -31.35 -32.06
CA ILE B 66 7.37 -30.30 -31.50
C ILE B 66 8.50 -30.14 -32.52
N ASP B 67 9.36 -29.13 -32.35
CA ASP B 67 10.45 -28.76 -33.26
C ASP B 67 11.32 -29.93 -33.70
N GLN B 68 11.29 -30.22 -35.01
CA GLN B 68 11.86 -31.39 -35.69
C GLN B 68 11.61 -32.74 -35.01
N TYR B 69 10.55 -32.88 -34.24
CA TYR B 69 10.12 -34.16 -33.70
C TYR B 69 8.65 -34.38 -34.02
N TYR B 70 8.37 -35.38 -34.84
CA TYR B 70 7.01 -35.72 -35.24
C TYR B 70 6.58 -36.89 -34.39
N TYR B 71 5.39 -36.80 -33.80
CA TYR B 71 4.95 -37.81 -32.84
C TYR B 71 3.76 -38.60 -33.39
N ILE B 72 3.51 -39.74 -32.76
CA ILE B 72 2.31 -40.56 -32.95
C ILE B 72 1.85 -41.01 -31.57
N PRO B 73 0.59 -41.46 -31.44
CA PRO B 73 0.20 -42.11 -30.19
C PRO B 73 1.00 -43.38 -29.98
N LYS B 74 1.23 -43.69 -28.71
CA LYS B 74 1.98 -44.86 -28.26
C LYS B 74 1.37 -46.12 -28.83
N PRO B 75 2.05 -46.78 -29.77
CA PRO B 75 1.50 -48.01 -30.33
C PRO B 75 1.50 -49.08 -29.26
N MET B 76 0.43 -49.85 -29.24
CA MET B 76 0.14 -50.75 -28.15
C MET B 76 0.12 -52.19 -28.65
N PHE B 77 1.07 -52.96 -28.13
CA PHE B 77 1.42 -54.24 -28.67
C PHE B 77 0.93 -55.35 -27.75
N ASN B 78 1.22 -56.60 -28.11
CA ASN B 78 1.10 -57.70 -27.16
C ASN B 78 2.44 -57.92 -26.47
N LEU B 79 2.94 -56.84 -25.88
CA LEU B 79 4.29 -56.84 -25.32
C LEU B 79 4.29 -57.57 -23.98
N LYS B 80 5.06 -58.65 -23.91
CA LYS B 80 5.18 -59.40 -22.67
C LYS B 80 5.98 -58.63 -21.63
N LEU B 81 6.89 -57.77 -22.06
CA LEU B 81 7.70 -56.97 -21.16
CA LEU B 81 7.70 -56.97 -21.16
C LEU B 81 6.89 -55.82 -20.56
N ALA B 91 9.25 -43.81 -14.75
CA ALA B 91 8.86 -44.88 -15.67
C ALA B 91 8.16 -44.30 -16.89
N PHE B 92 8.29 -44.98 -18.02
CA PHE B 92 7.76 -44.50 -19.29
C PHE B 92 6.34 -45.01 -19.56
N LYS B 93 5.60 -45.42 -18.53
CA LYS B 93 4.21 -45.83 -18.69
C LYS B 93 3.25 -44.65 -18.67
N LYS B 94 3.73 -43.46 -18.28
CA LYS B 94 2.93 -42.25 -18.28
C LYS B 94 2.87 -41.56 -19.64
N LEU B 95 3.75 -41.94 -20.56
CA LEU B 95 3.91 -41.18 -21.80
C LEU B 95 2.91 -41.64 -22.84
N LEU B 96 2.17 -40.68 -23.40
CA LEU B 96 1.12 -40.97 -24.36
C LEU B 96 1.59 -40.93 -25.80
N TYR B 97 2.72 -40.28 -26.08
CA TYR B 97 3.16 -40.11 -27.47
C TYR B 97 4.64 -40.43 -27.58
N VAL B 98 5.00 -41.12 -28.66
CA VAL B 98 6.38 -41.50 -28.94
C VAL B 98 6.75 -40.84 -30.27
N PRO B 99 8.00 -40.48 -30.51
CA PRO B 99 8.38 -39.98 -31.85
C PRO B 99 8.22 -41.05 -32.91
N ILE B 100 7.90 -40.60 -34.13
CA ILE B 100 7.48 -41.50 -35.20
C ILE B 100 8.65 -42.34 -35.73
N ASP B 101 9.88 -41.84 -35.62
CA ASP B 101 11.02 -42.59 -36.09
C ASP B 101 11.67 -43.43 -34.99
N SER B 102 11.26 -43.26 -33.74
CA SER B 102 11.87 -43.94 -32.61
C SER B 102 11.18 -45.25 -32.27
N LEU B 103 10.49 -45.86 -33.24
CA LEU B 103 9.89 -47.17 -33.00
C LEU B 103 10.95 -48.27 -32.98
N GLU B 104 12.02 -48.10 -33.75
CA GLU B 104 13.09 -49.08 -33.74
C GLU B 104 13.87 -49.03 -32.44
N ASP B 105 14.02 -47.84 -31.86
CA ASP B 105 14.61 -47.73 -30.53
C ASP B 105 13.69 -48.27 -29.47
N TYR B 106 12.37 -48.26 -29.72
CA TYR B 106 11.41 -48.69 -28.72
C TYR B 106 11.32 -50.21 -28.62
N LEU B 107 11.84 -50.93 -29.60
CA LEU B 107 11.74 -52.38 -29.58
C LEU B 107 13.06 -53.03 -29.94
N SER B 119 10.15 -33.44 -20.60
CA SER B 119 10.62 -33.84 -21.93
C SER B 119 9.60 -33.46 -22.99
N PHE B 120 8.53 -34.27 -23.08
CA PHE B 120 7.47 -34.06 -24.06
C PHE B 120 6.32 -33.34 -23.37
N ASN B 121 6.05 -32.11 -23.79
CA ASN B 121 4.84 -31.39 -23.39
C ASN B 121 4.60 -30.28 -24.39
N LEU B 122 3.55 -30.42 -25.18
CA LEU B 122 3.06 -29.33 -26.01
C LEU B 122 1.85 -28.74 -25.32
N GLY B 123 1.90 -27.43 -25.10
CA GLY B 123 0.80 -26.66 -24.55
C GLY B 123 0.23 -27.06 -23.21
N LYS B 124 -0.93 -26.50 -22.87
CA LYS B 124 -1.64 -26.89 -21.67
C LYS B 124 -3.12 -26.61 -21.86
N LEU B 125 -3.95 -27.53 -21.40
CA LEU B 125 -5.38 -27.38 -21.54
C LEU B 125 -5.90 -26.29 -20.62
N ALA B 126 -6.80 -25.48 -21.15
CA ALA B 126 -7.43 -24.41 -20.38
C ALA B 126 -8.93 -24.55 -20.51
N LEU B 127 -9.64 -23.97 -19.54
CA LEU B 127 -11.09 -23.94 -19.57
C LEU B 127 -11.50 -22.48 -19.54
N SER B 128 -12.25 -22.07 -20.55
CA SER B 128 -12.67 -20.68 -20.70
C SER B 128 -14.12 -20.56 -20.26
N GLU B 129 -14.38 -19.67 -19.31
CA GLU B 129 -15.72 -19.50 -18.76
C GLU B 129 -16.40 -18.34 -19.47
N LYS B 130 -17.59 -18.60 -19.98
CA LYS B 130 -18.39 -17.68 -20.77
C LYS B 130 -19.77 -17.54 -20.14
N VAL B 131 -20.61 -16.72 -20.75
CA VAL B 131 -21.97 -16.53 -20.25
C VAL B 131 -22.83 -16.17 -21.46
N GLN B 132 -24.14 -16.30 -21.32
CA GLN B 132 -25.10 -15.73 -22.25
C GLN B 132 -26.03 -14.86 -21.44
N GLN B 133 -26.08 -13.56 -21.70
CA GLN B 133 -26.96 -12.75 -20.88
C GLN B 133 -28.27 -12.51 -21.62
N HIS B 134 -29.36 -12.50 -20.87
CA HIS B 134 -30.63 -12.06 -21.37
C HIS B 134 -30.92 -10.70 -20.76
N ASP B 135 -31.65 -9.87 -21.49
CA ASP B 135 -31.76 -8.47 -21.11
C ASP B 135 -32.68 -8.24 -19.91
N PHE B 136 -33.81 -8.93 -19.86
CA PHE B 136 -34.78 -8.75 -18.77
C PHE B 136 -34.87 -10.01 -17.93
N LYS B 137 -33.74 -10.68 -17.75
CA LYS B 137 -33.68 -11.97 -17.07
C LYS B 137 -32.26 -12.15 -16.59
N ASP B 138 -32.08 -13.07 -15.64
CA ASP B 138 -30.75 -13.39 -15.19
C ASP B 138 -29.97 -14.13 -16.27
N SER B 139 -28.65 -13.99 -16.22
CA SER B 139 -27.76 -14.56 -17.22
C SER B 139 -27.66 -16.07 -17.03
N GLU B 140 -26.92 -16.73 -17.91
CA GLU B 140 -26.63 -18.16 -17.72
C GLU B 140 -25.24 -18.48 -18.22
N PRO B 141 -24.38 -19.05 -17.39
CA PRO B 141 -23.01 -19.33 -17.83
C PRO B 141 -22.89 -20.68 -18.50
N TYR B 142 -21.90 -20.76 -19.38
CA TYR B 142 -21.47 -22.01 -19.97
C TYR B 142 -19.96 -21.92 -20.10
N ASN B 143 -19.28 -23.03 -19.97
CA ASN B 143 -17.84 -23.01 -20.05
C ASN B 143 -17.31 -23.92 -21.15
N VAL B 144 -16.21 -23.49 -21.76
CA VAL B 144 -15.66 -24.13 -22.94
C VAL B 144 -14.25 -24.58 -22.59
N GLY B 145 -13.98 -25.87 -22.72
CA GLY B 145 -12.62 -26.34 -22.58
C GLY B 145 -11.81 -26.06 -23.82
N THR B 146 -10.59 -25.56 -23.63
CA THR B 146 -9.75 -25.15 -24.75
C THR B 146 -8.40 -25.83 -24.64
N PHE B 147 -7.59 -25.68 -25.68
CA PHE B 147 -6.21 -26.10 -25.66
C PHE B 147 -5.39 -25.08 -26.45
N THR B 148 -4.30 -24.62 -25.87
CA THR B 148 -3.43 -23.66 -26.51
C THR B 148 -2.07 -24.30 -26.73
N PHE B 149 -1.56 -24.20 -27.95
CA PHE B 149 -0.29 -24.80 -28.31
C PHE B 149 0.85 -23.85 -27.94
N LYS B 150 2.00 -24.41 -27.61
CA LYS B 150 3.18 -23.60 -27.35
C LYS B 150 3.71 -23.00 -28.66
N GLU B 151 4.72 -22.15 -28.53
CA GLU B 151 5.10 -21.28 -29.64
C GLU B 151 5.80 -22.04 -30.77
N ASN B 152 6.49 -23.13 -30.46
CA ASN B 152 7.20 -23.86 -31.50
C ASN B 152 6.63 -25.26 -31.68
N THR B 153 5.32 -25.39 -31.66
CA THR B 153 4.69 -26.70 -31.80
C THR B 153 3.35 -26.54 -32.49
N GLY B 154 2.62 -27.64 -32.63
CA GLY B 154 1.32 -27.63 -33.26
C GLY B 154 0.81 -29.03 -33.55
N LEU B 155 0.25 -29.24 -34.73
CA LEU B 155 -0.18 -30.55 -35.16
C LEU B 155 0.29 -30.78 -36.59
N TYR B 156 0.44 -32.05 -36.96
CA TYR B 156 0.74 -32.38 -38.35
C TYR B 156 -0.15 -33.52 -38.81
N VAL B 157 -0.49 -33.49 -40.09
CA VAL B 157 -1.35 -34.50 -40.72
C VAL B 157 -0.58 -35.16 -41.84
N LEU B 158 -0.46 -36.48 -41.77
CA LEU B 158 0.15 -37.25 -42.83
C LEU B 158 -0.76 -37.29 -44.04
N ILE B 159 -0.17 -37.27 -45.23
CA ILE B 159 -0.91 -37.41 -46.47
C ILE B 159 0.04 -37.98 -47.52
N GLU B 160 -0.48 -38.83 -48.38
CA GLU B 160 0.27 -39.33 -49.52
C GLU B 160 -0.36 -38.82 -50.80
N GLN B 161 0.50 -38.48 -51.77
CA GLN B 161 0.10 -38.06 -53.12
C GLN B 161 -0.82 -36.84 -53.08
N THR B 162 -0.23 -35.71 -52.68
CA THR B 162 -0.97 -34.46 -52.53
C THR B 162 -1.62 -34.04 -53.85
N HIS B 163 -2.83 -33.52 -53.74
CA HIS B 163 -3.66 -33.13 -54.86
C HIS B 163 -3.77 -31.61 -54.91
N PRO B 164 -3.96 -31.02 -56.09
CA PRO B 164 -4.25 -29.59 -56.14
C PRO B 164 -5.54 -29.22 -55.45
N LEU B 165 -6.53 -30.11 -55.44
CA LEU B 165 -7.82 -29.83 -54.82
C LEU B 165 -7.69 -29.66 -53.32
N LEU B 166 -6.97 -30.56 -52.65
CA LEU B 166 -6.84 -30.46 -51.21
C LEU B 166 -5.88 -29.35 -50.82
N GLU B 167 -4.92 -29.03 -51.69
CA GLU B 167 -4.10 -27.85 -51.45
C GLU B 167 -4.92 -26.58 -51.58
N GLU B 168 -5.96 -26.61 -52.42
CA GLU B 168 -6.83 -25.46 -52.54
C GLU B 168 -7.82 -25.40 -51.38
N LEU B 169 -8.26 -26.56 -50.90
CA LEU B 169 -9.25 -26.58 -49.82
C LEU B 169 -8.64 -26.24 -48.48
N LEU B 170 -7.44 -26.72 -48.18
CA LEU B 170 -6.78 -26.33 -46.95
C LEU B 170 -6.32 -24.88 -47.00
N GLU B 171 -6.02 -24.36 -48.19
CA GLU B 171 -5.77 -22.93 -48.34
C GLU B 171 -7.03 -22.14 -48.06
N ASN B 172 -8.19 -22.76 -48.27
CA ASN B 172 -9.44 -22.05 -48.06
C ASN B 172 -10.00 -22.38 -46.67
N LEU B 173 -9.66 -23.53 -46.10
CA LEU B 173 -10.17 -23.94 -44.79
C LEU B 173 -9.63 -23.07 -43.68
N GLN B 174 -8.41 -22.54 -43.84
CA GLN B 174 -7.74 -21.85 -42.76
C GLN B 174 -8.36 -20.50 -42.45
N TYR B 175 -9.31 -20.04 -43.26
CA TYR B 175 -10.11 -18.87 -42.95
C TYR B 175 -11.55 -19.24 -42.60
N SER B 176 -11.82 -20.51 -42.29
CA SER B 176 -13.07 -20.95 -41.68
C SER B 176 -12.85 -21.66 -40.36
N GLY B 177 -11.71 -22.29 -40.17
CA GLY B 177 -11.36 -22.81 -38.86
C GLY B 177 -11.68 -24.27 -38.61
N ILE B 178 -10.65 -25.08 -38.45
CA ILE B 178 -10.82 -26.41 -37.90
C ILE B 178 -11.02 -26.25 -36.41
N GLY B 179 -11.74 -27.15 -35.79
CA GLY B 179 -11.98 -27.07 -34.37
C GLY B 179 -13.46 -27.12 -34.09
N GLY B 180 -13.78 -27.08 -32.80
CA GLY B 180 -15.19 -27.16 -32.46
C GLY B 180 -15.87 -25.82 -32.32
N LYS B 181 -15.41 -24.97 -31.40
CA LYS B 181 -16.23 -23.85 -30.96
C LYS B 181 -16.05 -22.72 -31.97
N ARG B 182 -16.92 -22.71 -32.97
CA ARG B 182 -16.91 -21.73 -34.04
C ARG B 182 -18.33 -21.23 -34.27
N ASN B 183 -18.48 -19.97 -34.69
CA ASN B 183 -17.41 -19.01 -34.96
C ASN B 183 -17.17 -18.06 -33.81
N SER B 184 -17.06 -18.62 -32.61
CA SER B 184 -16.59 -17.90 -31.43
C SER B 184 -15.50 -18.86 -30.94
N GLY B 185 -14.33 -18.81 -31.55
CA GLY B 185 -13.59 -17.62 -31.91
C GLY B 185 -12.20 -18.20 -31.76
N TYR B 186 -12.17 -19.52 -31.63
CA TYR B 186 -10.98 -20.27 -31.26
C TYR B 186 -10.19 -20.80 -32.44
N GLY B 187 -10.75 -21.72 -33.21
CA GLY B 187 -9.96 -22.45 -34.18
C GLY B 187 -9.53 -21.66 -35.38
N LYS B 188 -8.23 -21.37 -35.47
CA LYS B 188 -7.67 -20.75 -36.67
C LYS B 188 -6.23 -21.20 -36.78
N PHE B 189 -5.73 -21.27 -38.00
CA PHE B 189 -4.42 -21.87 -38.24
C PHE B 189 -3.91 -21.39 -39.59
N LYS B 190 -2.60 -21.53 -39.79
CA LYS B 190 -1.97 -21.32 -41.09
C LYS B 190 -1.13 -22.55 -41.36
N PHE B 191 -1.24 -23.10 -42.56
CA PHE B 191 -0.57 -24.36 -42.85
C PHE B 191 0.51 -24.19 -43.89
N GLU B 192 1.41 -25.17 -43.93
CA GLU B 192 2.37 -25.30 -45.01
C GLU B 192 2.70 -26.77 -45.16
N ILE B 193 3.07 -27.17 -46.37
CA ILE B 193 3.23 -28.60 -46.65
C ILE B 193 4.50 -29.14 -46.00
N LEU B 194 5.66 -28.68 -46.49
CA LEU B 194 6.99 -29.03 -45.95
C LEU B 194 7.19 -30.55 -45.93
N GLU B 195 7.32 -31.10 -47.13
CA GLU B 195 7.49 -32.54 -47.28
C GLU B 195 8.83 -32.99 -46.73
N ASP B 196 8.89 -34.27 -46.33
CA ASP B 196 10.05 -34.81 -45.63
C ASP B 196 10.43 -36.15 -46.24
N SER B 197 11.73 -36.43 -46.23
CA SER B 197 12.25 -37.71 -46.69
C SER B 197 12.87 -38.55 -45.59
N ASP B 198 13.08 -37.99 -44.40
CA ASP B 198 13.56 -38.77 -43.27
C ASP B 198 12.51 -39.74 -42.78
N ILE B 199 11.23 -39.46 -43.03
CA ILE B 199 10.15 -40.34 -42.59
C ILE B 199 9.34 -40.90 -43.75
N GLU B 200 9.67 -40.59 -44.99
CA GLU B 200 9.00 -41.26 -46.09
C GLU B 200 9.47 -42.71 -46.21
N ASP B 201 10.73 -42.97 -45.86
CA ASP B 201 11.27 -44.32 -45.98
C ASP B 201 10.69 -45.24 -44.92
N LEU B 202 10.20 -44.68 -43.80
CA LEU B 202 9.46 -45.48 -42.83
C LEU B 202 8.21 -46.06 -43.46
N PHE B 203 7.51 -45.26 -44.24
CA PHE B 203 6.28 -45.70 -44.86
C PHE B 203 6.53 -46.48 -46.15
N SER B 204 7.73 -46.40 -46.71
CA SER B 204 8.07 -47.29 -47.80
C SER B 204 8.48 -48.67 -47.27
N ALA B 205 8.78 -48.78 -45.99
CA ALA B 205 9.21 -50.03 -45.41
C ALA B 205 8.04 -50.99 -45.25
N LYS B 206 8.37 -52.27 -45.09
CA LYS B 206 7.37 -53.29 -44.79
C LYS B 206 7.87 -54.19 -43.68
N GLY B 207 6.96 -54.55 -42.79
CA GLY B 207 7.28 -55.37 -41.64
C GLY B 207 6.22 -56.42 -41.37
N ASN B 208 6.21 -56.99 -40.17
CA ASN B 208 5.23 -58.03 -39.88
C ASN B 208 4.01 -57.51 -39.15
N ARG B 209 4.16 -56.45 -38.36
CA ARG B 209 3.05 -55.85 -37.64
C ARG B 209 2.85 -54.42 -38.13
N LYS B 210 1.62 -54.08 -38.51
CA LYS B 210 1.32 -52.78 -39.06
C LYS B 210 0.44 -52.03 -38.07
N ILE B 211 0.90 -50.86 -37.64
CA ILE B 211 0.13 -50.07 -36.68
C ILE B 211 -0.80 -49.16 -37.47
N LEU B 212 -1.91 -48.78 -36.85
CA LEU B 212 -2.84 -47.88 -37.51
C LEU B 212 -2.43 -46.45 -37.23
N LEU B 213 -2.92 -45.52 -38.05
CA LEU B 213 -2.66 -44.11 -37.84
C LEU B 213 -3.87 -43.23 -38.05
N SER B 214 -5.05 -43.80 -38.23
CA SER B 214 -6.26 -43.02 -38.38
C SER B 214 -7.43 -43.82 -37.81
N GLY B 215 -8.48 -43.11 -37.43
CA GLY B 215 -9.68 -43.78 -36.95
C GLY B 215 -10.37 -44.49 -38.08
N ALA B 216 -10.29 -45.82 -38.10
CA ALA B 216 -10.73 -46.59 -39.25
C ALA B 216 -11.60 -47.76 -38.80
N LEU B 217 -12.27 -48.36 -39.77
CA LEU B 217 -13.11 -49.52 -39.56
C LEU B 217 -13.20 -50.28 -40.86
N PRO B 218 -12.88 -51.57 -40.87
CA PRO B 218 -12.90 -52.32 -42.12
C PRO B 218 -14.32 -52.59 -42.61
N LYS B 219 -14.42 -53.00 -43.86
CA LYS B 219 -15.69 -53.39 -44.42
C LYS B 219 -16.16 -54.70 -43.81
N ASP B 220 -17.46 -54.98 -43.97
CA ASP B 220 -18.11 -56.08 -43.24
C ASP B 220 -17.58 -57.45 -43.63
N ALA B 221 -17.07 -57.62 -44.84
CA ALA B 221 -16.60 -58.91 -45.30
C ALA B 221 -15.12 -59.13 -45.04
N GLU B 222 -14.45 -58.19 -44.37
CA GLU B 222 -13.03 -58.33 -44.09
C GLU B 222 -12.68 -57.98 -42.65
N LEU B 223 -13.67 -57.75 -41.79
CA LEU B 223 -13.37 -57.43 -40.41
C LEU B 223 -12.79 -58.63 -39.68
N GLU B 224 -13.21 -59.83 -40.06
CA GLU B 224 -12.68 -61.05 -39.46
C GLU B 224 -11.22 -61.24 -39.82
N GLN B 225 -10.87 -61.03 -41.10
CA GLN B 225 -9.48 -61.17 -41.51
C GLN B 225 -8.63 -60.03 -40.97
N ALA B 226 -9.24 -58.87 -40.74
CA ALA B 226 -8.53 -57.77 -40.11
C ALA B 226 -8.33 -58.03 -38.62
N LEU B 227 -9.18 -58.88 -38.04
CA LEU B 227 -9.19 -59.10 -36.60
C LEU B 227 -8.63 -60.48 -36.32
N LYS B 228 -7.32 -60.57 -36.21
CA LYS B 228 -6.66 -61.85 -35.93
C LYS B 228 -5.82 -61.79 -34.67
N ASN B 229 -4.87 -60.87 -34.60
CA ASN B 229 -3.95 -60.77 -33.47
C ASN B 229 -3.85 -59.32 -33.06
N ALA B 230 -4.96 -58.60 -33.21
CA ALA B 230 -5.01 -57.15 -33.11
C ALA B 230 -4.92 -56.68 -31.67
N SER B 231 -4.65 -55.39 -31.53
CA SER B 231 -4.64 -54.70 -30.25
C SER B 231 -5.23 -53.32 -30.48
N TYR B 232 -6.43 -53.08 -29.97
CA TYR B 232 -7.25 -51.97 -30.40
C TYR B 232 -8.15 -51.51 -29.26
N LEU B 233 -8.69 -50.32 -29.41
CA LEU B 233 -9.90 -49.90 -28.70
C LEU B 233 -10.88 -49.35 -29.72
N LEU B 234 -12.16 -49.63 -29.51
CA LEU B 234 -13.19 -48.92 -30.24
C LEU B 234 -13.31 -47.51 -29.69
N GLU B 235 -13.78 -46.61 -30.54
CA GLU B 235 -14.20 -45.29 -30.12
C GLU B 235 -15.55 -45.03 -30.76
N ARG B 236 -16.51 -44.55 -29.97
CA ARG B 236 -17.73 -44.07 -30.59
C ARG B 236 -17.41 -42.81 -31.36
N ARG B 237 -18.09 -42.59 -32.46
CA ARG B 237 -17.73 -41.47 -33.33
C ARG B 237 -19.02 -40.97 -33.95
N GLY B 238 -19.66 -40.02 -33.30
CA GLY B 238 -20.95 -39.53 -33.75
C GLY B 238 -21.04 -38.03 -33.60
N GLY B 239 -22.17 -37.54 -33.13
CA GLY B 239 -22.31 -36.13 -32.92
C GLY B 239 -23.59 -35.58 -33.53
N PHE B 240 -23.55 -34.35 -33.98
CA PHE B 240 -24.67 -33.74 -34.68
C PHE B 240 -24.24 -33.36 -36.09
N VAL B 241 -25.19 -33.38 -37.00
CA VAL B 241 -24.92 -32.98 -38.37
C VAL B 241 -24.79 -31.46 -38.43
N GLN B 242 -23.65 -30.98 -38.87
CA GLN B 242 -23.40 -29.54 -38.98
C GLN B 242 -23.65 -29.13 -40.42
N SER B 243 -24.90 -28.75 -40.71
CA SER B 243 -25.24 -28.16 -41.99
C SER B 243 -26.54 -27.39 -41.82
N ASP B 244 -26.83 -26.56 -42.82
CA ASP B 244 -28.09 -25.85 -42.90
C ASP B 244 -29.05 -26.48 -43.90
N THR B 245 -28.77 -27.71 -44.32
CA THR B 245 -29.54 -28.36 -45.38
C THR B 245 -30.06 -29.72 -44.95
N TYR B 246 -29.45 -30.35 -43.95
CA TYR B 246 -29.86 -31.66 -43.49
C TYR B 246 -31.06 -31.50 -42.56
N ALA B 247 -32.26 -31.50 -43.16
CA ALA B 247 -33.51 -31.85 -42.50
C ALA B 247 -33.90 -30.93 -41.35
N THR B 248 -33.89 -29.60 -41.57
CA THR B 248 -34.55 -28.54 -40.79
C THR B 248 -34.43 -28.59 -39.27
N ASN B 249 -33.42 -29.27 -38.75
CA ASN B 249 -33.24 -29.43 -37.31
C ASN B 249 -31.79 -29.80 -37.04
N LEU B 250 -31.54 -30.19 -35.79
CA LEU B 250 -30.22 -30.71 -35.41
C LEU B 250 -30.38 -32.20 -35.15
N VAL B 251 -30.18 -32.97 -36.19
CA VAL B 251 -30.32 -34.42 -36.12
C VAL B 251 -28.97 -35.03 -35.80
N LYS B 252 -28.96 -36.00 -34.90
CA LYS B 252 -27.72 -36.68 -34.55
C LYS B 252 -27.24 -37.56 -35.69
N LYS B 253 -26.00 -38.03 -35.58
CA LYS B 253 -25.45 -38.93 -36.57
C LYS B 253 -25.59 -40.37 -36.12
N GLN B 254 -25.57 -41.27 -37.09
CA GLN B 254 -25.44 -42.69 -36.82
C GLN B 254 -24.07 -42.95 -36.20
N ASP B 255 -24.03 -43.32 -34.93
CA ASP B 255 -22.75 -43.36 -34.20
C ASP B 255 -21.92 -44.53 -34.70
N LEU B 256 -21.06 -44.25 -35.66
CA LEU B 256 -20.14 -45.26 -36.17
C LEU B 256 -19.06 -45.52 -35.14
N TYR B 257 -18.65 -46.78 -35.02
CA TYR B 257 -17.61 -47.16 -34.08
C TYR B 257 -16.38 -47.62 -34.84
N VAL B 258 -15.29 -46.87 -34.70
CA VAL B 258 -14.09 -47.10 -35.48
C VAL B 258 -12.97 -47.48 -34.53
N PHE B 259 -11.91 -48.05 -35.10
CA PHE B 259 -10.73 -48.40 -34.32
C PHE B 259 -9.97 -47.15 -33.91
N LYS B 260 -9.34 -47.21 -32.75
CA LYS B 260 -8.55 -46.11 -32.24
C LYS B 260 -7.24 -46.02 -33.04
N SER B 261 -6.73 -44.79 -33.15
CA SER B 261 -5.59 -44.52 -34.03
C SER B 261 -4.31 -45.17 -33.52
N GLY B 262 -4.24 -45.49 -32.24
CA GLY B 262 -3.04 -46.13 -31.75
C GLY B 262 -3.07 -47.64 -31.78
N SER B 263 -3.73 -48.22 -32.79
CA SER B 263 -3.93 -49.66 -32.85
C SER B 263 -2.75 -50.31 -33.56
N THR B 264 -2.73 -51.64 -33.51
CA THR B 264 -1.77 -52.45 -34.25
C THR B 264 -2.51 -53.60 -34.91
N PHE B 265 -2.07 -54.01 -36.09
CA PHE B 265 -2.67 -55.13 -36.79
C PHE B 265 -1.57 -55.92 -37.48
N GLU B 266 -1.64 -57.25 -37.40
CA GLU B 266 -0.62 -58.04 -38.07
C GLU B 266 -0.89 -58.14 -39.57
N ASN B 267 -2.16 -57.99 -39.97
CA ASN B 267 -2.53 -58.00 -41.36
C ASN B 267 -3.36 -56.77 -41.71
N SER B 268 -3.19 -56.28 -42.93
CA SER B 268 -3.76 -55.00 -43.32
C SER B 268 -5.24 -55.13 -43.64
N PHE B 269 -5.91 -53.98 -43.64
CA PHE B 269 -7.29 -53.87 -44.10
C PHE B 269 -7.47 -52.49 -44.71
N ASP B 270 -8.51 -52.36 -45.53
CA ASP B 270 -8.84 -51.09 -46.17
C ASP B 270 -10.19 -50.64 -45.66
N GLY B 271 -10.26 -49.40 -45.21
CA GLY B 271 -11.51 -48.89 -44.66
C GLY B 271 -12.45 -48.36 -45.72
N ASP B 272 -13.54 -47.75 -45.28
CA ASP B 272 -14.50 -47.17 -46.20
C ASP B 272 -14.93 -45.82 -45.62
N ILE B 273 -15.49 -44.99 -46.49
CA ILE B 273 -16.07 -43.72 -46.08
C ILE B 273 -17.57 -44.00 -45.92
N TYR B 274 -17.98 -44.28 -44.69
CA TYR B 274 -19.33 -44.74 -44.45
C TYR B 274 -20.31 -43.58 -44.43
N GLN B 275 -21.50 -43.83 -44.95
CA GLN B 275 -22.59 -42.88 -44.92
C GLN B 275 -23.33 -43.03 -43.60
N VAL B 276 -23.21 -42.03 -42.74
CA VAL B 276 -23.79 -42.10 -41.41
C VAL B 276 -24.97 -41.16 -41.32
N GLY B 277 -25.41 -40.65 -42.46
CA GLY B 277 -26.64 -39.89 -42.50
C GLY B 277 -27.46 -40.31 -43.69
N LYS B 278 -28.67 -40.82 -43.46
CA LYS B 278 -29.46 -41.36 -44.55
C LYS B 278 -30.90 -40.87 -44.46
N LYS B 279 -31.13 -39.73 -43.83
CA LYS B 279 -32.48 -39.21 -43.69
C LYS B 279 -32.64 -37.75 -44.08
N GLY B 280 -31.58 -36.99 -44.24
CA GLY B 280 -31.69 -35.59 -44.59
C GLY B 280 -31.81 -35.38 -46.08
N ASN B 281 -31.49 -34.16 -46.50
CA ASN B 281 -31.57 -33.81 -47.91
C ASN B 281 -30.25 -34.02 -48.65
N HIS B 282 -29.20 -34.44 -47.96
CA HIS B 282 -27.90 -34.72 -48.55
C HIS B 282 -27.24 -35.78 -47.69
N PRO B 283 -26.36 -36.60 -48.27
CA PRO B 283 -25.70 -37.63 -47.45
C PRO B 283 -24.68 -37.01 -46.52
N VAL B 284 -24.43 -37.70 -45.42
CA VAL B 284 -23.42 -37.32 -44.45
C VAL B 284 -22.42 -38.46 -44.36
N TYR B 285 -21.18 -38.19 -44.75
CA TYR B 285 -20.15 -39.21 -44.79
C TYR B 285 -19.30 -39.17 -43.53
N LYS B 286 -18.55 -40.25 -43.31
CA LYS B 286 -17.62 -40.30 -42.20
C LYS B 286 -16.39 -41.09 -42.63
N TYR B 287 -15.24 -40.46 -42.57
CA TYR B 287 -14.01 -41.06 -43.06
C TYR B 287 -13.51 -42.11 -42.09
N ALA B 288 -13.41 -43.35 -42.56
CA ALA B 288 -12.89 -44.43 -41.74
C ALA B 288 -11.91 -45.28 -42.51
N LYS B 289 -11.09 -44.67 -43.36
CA LYS B 289 -10.14 -45.45 -44.13
C LYS B 289 -8.84 -45.61 -43.37
N SER B 290 -8.12 -46.66 -43.72
CA SER B 290 -6.95 -47.05 -42.96
C SER B 290 -5.70 -46.33 -43.46
N PHE B 291 -4.71 -46.26 -42.58
CA PHE B 291 -3.43 -45.62 -42.88
C PHE B 291 -2.41 -46.30 -41.98
N PHE B 292 -1.51 -47.08 -42.56
CA PHE B 292 -0.63 -47.94 -41.79
C PHE B 292 0.81 -47.45 -41.79
N LEU B 293 1.50 -47.72 -40.69
CA LEU B 293 2.94 -47.54 -40.56
C LEU B 293 3.50 -48.93 -40.33
N GLU B 294 4.13 -49.48 -41.36
CA GLU B 294 4.58 -50.87 -41.32
C GLU B 294 5.93 -50.95 -40.63
N VAL B 295 6.04 -51.84 -39.64
CA VAL B 295 7.21 -51.94 -38.79
C VAL B 295 7.47 -53.41 -38.50
N SER B 296 8.72 -53.76 -38.24
CA SER B 296 9.06 -55.12 -37.85
C SER B 296 8.65 -55.39 -36.40
N MET C 1 -14.01 -14.48 -52.44
CA MET C 1 -14.65 -15.67 -51.91
C MET C 1 -14.68 -15.65 -50.39
N LYS C 2 -13.58 -15.20 -49.78
CA LYS C 2 -13.53 -14.97 -48.34
C LYS C 2 -12.78 -13.68 -48.08
N LEU C 3 -13.25 -12.90 -47.12
CA LEU C 3 -12.70 -11.60 -46.81
C LEU C 3 -12.18 -11.56 -45.38
N VAL C 4 -11.26 -10.64 -45.12
CA VAL C 4 -10.67 -10.47 -43.80
C VAL C 4 -10.92 -9.05 -43.36
N ILE C 5 -11.70 -8.88 -42.29
CA ILE C 5 -11.97 -7.56 -41.72
C ILE C 5 -10.94 -7.36 -40.62
N GLU C 6 -9.96 -6.51 -40.89
CA GLU C 6 -8.86 -6.31 -39.96
C GLU C 6 -8.90 -4.89 -39.43
N GLY C 7 -8.68 -4.74 -38.14
CA GLY C 7 -8.59 -3.43 -37.54
C GLY C 7 -7.80 -3.47 -36.27
N THR C 8 -7.94 -2.40 -35.47
CA THR C 8 -7.35 -2.34 -34.15
C THR C 8 -8.42 -1.91 -33.17
N ILE C 9 -8.33 -2.41 -31.94
CA ILE C 9 -9.18 -1.96 -30.85
C ILE C 9 -8.31 -1.18 -29.89
N VAL C 10 -8.59 0.10 -29.73
CA VAL C 10 -7.83 0.99 -28.86
C VAL C 10 -8.69 1.29 -27.64
N LEU C 11 -8.15 1.03 -26.46
CA LEU C 11 -8.90 1.23 -25.23
C LEU C 11 -8.81 2.67 -24.77
N LYS C 12 -9.94 3.23 -24.35
CA LYS C 12 -9.96 4.56 -23.76
C LYS C 12 -10.16 4.52 -22.26
N THR C 13 -10.63 3.39 -21.74
CA THR C 13 -10.83 3.15 -20.32
C THR C 13 -10.34 1.73 -20.03
N GLY C 14 -10.79 1.18 -18.93
CA GLY C 14 -10.30 -0.10 -18.44
C GLY C 14 -10.46 -1.37 -19.26
N MET C 15 -11.69 -1.81 -19.53
CA MET C 15 -12.00 -3.10 -20.18
C MET C 15 -11.46 -4.26 -19.34
N HIS C 16 -12.18 -4.51 -18.27
CA HIS C 16 -12.03 -5.74 -17.50
C HIS C 16 -12.99 -6.76 -18.09
N ILE C 17 -12.46 -7.75 -18.82
CA ILE C 17 -13.26 -8.81 -19.39
C ILE C 17 -12.96 -10.11 -18.66
N GLY C 18 -14.01 -10.76 -18.18
CA GLY C 18 -13.89 -12.17 -17.94
C GLY C 18 -13.72 -12.58 -16.50
N GLY C 19 -14.06 -13.82 -16.22
CA GLY C 19 -13.82 -14.37 -14.91
C GLY C 19 -13.28 -15.78 -14.99
N SER C 20 -12.07 -15.98 -14.49
CA SER C 20 -11.59 -17.33 -14.29
C SER C 20 -12.08 -17.85 -12.94
N SER C 21 -11.95 -19.15 -12.76
CA SER C 21 -12.25 -19.75 -11.46
C SER C 21 -11.00 -19.90 -10.60
N ASP C 22 -9.96 -19.10 -10.86
CA ASP C 22 -8.75 -19.08 -10.06
C ASP C 22 -9.07 -18.61 -8.66
N PHE C 23 -8.41 -19.22 -7.68
CA PHE C 23 -8.66 -18.86 -6.30
C PHE C 23 -8.07 -17.51 -5.97
N SER C 24 -8.87 -16.68 -5.32
CA SER C 24 -8.45 -15.34 -4.93
C SER C 24 -7.94 -15.38 -3.50
N ALA C 25 -6.75 -14.84 -3.28
CA ALA C 25 -6.23 -14.70 -1.94
C ALA C 25 -7.01 -13.61 -1.20
N ILE C 26 -6.78 -13.53 0.12
CA ILE C 26 -7.69 -12.77 0.97
C ILE C 26 -7.45 -11.27 0.81
N GLY C 27 -6.20 -10.86 0.62
CA GLY C 27 -5.93 -9.44 0.49
C GLY C 27 -5.68 -9.06 -0.95
N ALA C 28 -5.97 -9.97 -1.87
CA ALA C 28 -5.51 -9.82 -3.24
C ALA C 28 -6.68 -9.72 -4.21
N VAL C 29 -6.35 -9.76 -5.51
CA VAL C 29 -7.33 -9.45 -6.53
C VAL C 29 -8.29 -10.62 -6.70
N ALA C 30 -9.55 -10.37 -6.40
CA ALA C 30 -10.63 -11.23 -6.85
C ALA C 30 -11.04 -10.77 -8.25
N SER C 31 -11.60 -11.70 -9.02
CA SER C 31 -11.98 -11.55 -10.42
C SER C 31 -10.83 -11.00 -11.27
N PRO C 32 -9.83 -11.81 -11.61
CA PRO C 32 -8.79 -11.34 -12.53
C PRO C 32 -9.31 -11.31 -13.95
N VAL C 33 -8.63 -10.56 -14.78
CA VAL C 33 -9.00 -10.36 -16.17
C VAL C 33 -8.62 -11.62 -16.93
N VAL C 34 -9.27 -11.84 -18.07
CA VAL C 34 -8.98 -13.01 -18.89
C VAL C 34 -7.64 -12.80 -19.59
N ARG C 35 -6.88 -13.87 -19.72
CA ARG C 35 -5.58 -13.82 -20.35
C ARG C 35 -5.40 -15.04 -21.24
N ASP C 36 -4.35 -15.02 -22.05
CA ASP C 36 -3.86 -16.20 -22.71
C ASP C 36 -3.37 -17.13 -21.62
N THR C 37 -3.62 -18.43 -21.78
CA THR C 37 -3.27 -19.38 -20.73
C THR C 37 -1.81 -19.79 -20.79
N LEU C 38 -1.11 -19.36 -21.82
CA LEU C 38 0.24 -19.86 -22.04
C LEU C 38 1.25 -18.73 -22.21
N THR C 39 0.78 -17.58 -22.68
CA THR C 39 1.61 -16.39 -22.79
C THR C 39 1.41 -15.46 -21.61
N ARG C 40 0.25 -15.54 -20.96
CA ARG C 40 -0.21 -14.63 -19.91
C ARG C 40 -0.19 -13.18 -20.40
N LEU C 41 -0.72 -12.99 -21.60
CA LEU C 41 -0.87 -11.70 -22.23
C LEU C 41 -2.35 -11.38 -22.25
N PRO C 42 -2.76 -10.17 -21.88
CA PRO C 42 -4.20 -9.86 -21.80
C PRO C 42 -4.86 -9.90 -23.15
N LEU C 43 -6.17 -10.16 -23.15
CA LEU C 43 -6.84 -10.72 -24.30
C LEU C 43 -8.30 -10.29 -24.32
N ILE C 44 -8.81 -10.07 -25.53
CA ILE C 44 -10.24 -9.94 -25.74
C ILE C 44 -10.70 -11.23 -26.40
N PRO C 45 -11.52 -12.04 -25.73
CA PRO C 45 -12.07 -13.22 -26.39
C PRO C 45 -12.98 -12.81 -27.52
N GLY C 46 -12.97 -13.60 -28.59
CA GLY C 46 -13.77 -13.27 -29.76
C GLY C 46 -15.25 -13.45 -29.52
N SER C 47 -15.60 -14.29 -28.55
CA SER C 47 -16.99 -14.44 -28.17
C SER C 47 -17.51 -13.18 -27.51
N SER C 48 -16.66 -12.47 -26.77
CA SER C 48 -17.08 -11.22 -26.12
C SER C 48 -17.35 -10.13 -27.14
N LEU C 49 -16.44 -9.94 -28.09
CA LEU C 49 -16.66 -8.97 -29.16
C LEU C 49 -17.85 -9.34 -30.02
N LYS C 50 -18.00 -10.62 -30.33
CA LYS C 50 -19.13 -11.10 -31.13
C LYS C 50 -20.46 -10.88 -30.41
N GLY C 51 -20.50 -11.21 -29.12
CA GLY C 51 -21.72 -11.04 -28.36
C GLY C 51 -22.10 -9.59 -28.17
N LYS C 52 -21.11 -8.72 -28.00
CA LYS C 52 -21.44 -7.32 -27.82
C LYS C 52 -21.89 -6.68 -29.13
N MET C 53 -21.28 -7.06 -30.26
CA MET C 53 -21.77 -6.59 -31.54
C MET C 53 -23.17 -7.12 -31.85
N ARG C 54 -23.42 -8.39 -31.51
CA ARG C 54 -24.76 -8.93 -31.72
C ARG C 54 -25.79 -8.23 -30.85
N TYR C 55 -25.42 -7.92 -29.61
CA TYR C 55 -26.31 -7.19 -28.71
C TYR C 55 -26.66 -5.81 -29.25
N LEU C 56 -25.65 -5.05 -29.65
CA LEU C 56 -25.91 -3.68 -30.09
C LEU C 56 -26.62 -3.65 -31.43
N LEU C 57 -26.28 -4.59 -32.32
CA LEU C 57 -26.94 -4.63 -33.62
C LEU C 57 -28.39 -5.10 -33.49
N ALA C 58 -28.66 -6.04 -32.59
CA ALA C 58 -30.02 -6.51 -32.43
C ALA C 58 -30.88 -5.50 -31.69
N LYS C 59 -30.29 -4.75 -30.77
CA LYS C 59 -31.04 -3.69 -30.11
C LYS C 59 -31.24 -2.50 -31.03
N GLU C 60 -30.37 -2.34 -32.03
CA GLU C 60 -30.52 -1.23 -32.96
C GLU C 60 -31.68 -1.45 -33.92
N LEU C 61 -31.65 -2.56 -34.66
CA LEU C 61 -32.76 -2.88 -35.55
C LEU C 61 -33.98 -3.29 -34.74
N ASN C 62 -35.16 -3.15 -35.38
CA ASN C 62 -36.48 -3.25 -34.74
C ASN C 62 -36.56 -2.29 -33.54
N ASN C 63 -36.59 -1.00 -33.87
CA ASN C 63 -36.40 0.07 -32.89
C ASN C 63 -37.59 0.16 -31.94
N GLY C 64 -37.43 -0.41 -30.75
CA GLY C 64 -38.35 -0.18 -29.65
C GLY C 64 -39.72 -0.83 -29.80
N ILE C 65 -39.85 -1.83 -30.67
CA ILE C 65 -41.15 -2.46 -30.87
C ILE C 65 -41.07 -3.95 -30.56
N ASP C 73 -34.41 -13.06 -34.00
CA ASP C 73 -34.61 -11.71 -34.50
C ASP C 73 -34.77 -11.68 -36.01
N GLN C 74 -34.08 -10.75 -36.66
CA GLN C 74 -34.27 -10.44 -38.07
C GLN C 74 -33.24 -11.22 -38.88
N ASP C 75 -33.49 -11.32 -40.20
CA ASP C 75 -32.70 -12.16 -41.09
C ASP C 75 -31.27 -11.64 -41.18
N GLU C 76 -31.07 -10.33 -41.04
CA GLU C 76 -29.74 -9.75 -41.12
C GLU C 76 -28.86 -10.21 -39.96
N ILE C 77 -29.40 -10.20 -38.74
CA ILE C 77 -28.61 -10.55 -37.57
C ILE C 77 -28.30 -12.04 -37.56
N LEU C 78 -29.26 -12.87 -37.94
CA LEU C 78 -29.02 -14.30 -37.99
C LEU C 78 -28.05 -14.65 -39.10
N ARG C 79 -28.12 -13.96 -40.22
CA ARG C 79 -27.20 -14.24 -41.30
C ARG C 79 -25.81 -13.67 -41.04
N LEU C 80 -25.66 -12.74 -40.09
CA LEU C 80 -24.31 -12.34 -39.73
C LEU C 80 -23.72 -13.25 -38.66
N PHE C 81 -24.48 -13.56 -37.61
CA PHE C 81 -23.92 -14.24 -36.44
C PHE C 81 -24.52 -15.62 -36.18
N GLY C 82 -25.11 -16.24 -37.19
CA GLY C 82 -25.55 -17.61 -37.01
C GLY C 82 -26.90 -17.74 -36.34
N SER C 83 -27.37 -18.98 -36.30
CA SER C 83 -28.71 -19.29 -35.80
C SER C 83 -28.80 -20.78 -35.54
N SER C 84 -29.42 -21.13 -34.42
CA SER C 84 -29.77 -22.52 -34.15
C SER C 84 -31.23 -22.66 -33.77
N GLU C 85 -32.11 -21.82 -34.32
CA GLU C 85 -33.55 -21.93 -34.07
C GLU C 85 -34.08 -23.24 -34.64
N LYS C 86 -35.14 -23.75 -34.02
CA LYS C 86 -35.68 -25.06 -34.37
C LYS C 86 -36.21 -25.10 -35.79
N ASP C 87 -36.73 -23.98 -36.29
CA ASP C 87 -37.22 -24.02 -37.66
C ASP C 87 -36.15 -23.65 -38.67
N LYS C 88 -35.51 -22.50 -38.51
CA LYS C 88 -34.54 -22.01 -39.48
C LYS C 88 -33.15 -22.05 -38.87
N ILE C 89 -32.21 -22.60 -39.62
CA ILE C 89 -30.81 -22.66 -39.22
C ILE C 89 -29.99 -22.06 -40.36
N ARG C 90 -29.12 -21.12 -40.02
CA ARG C 90 -28.26 -20.52 -41.03
C ARG C 90 -26.82 -20.55 -40.53
N ARG C 91 -25.91 -20.83 -41.45
CA ARG C 91 -24.49 -20.83 -41.15
C ARG C 91 -24.04 -19.40 -40.88
N ALA C 92 -23.21 -19.23 -39.86
CA ALA C 92 -22.72 -17.91 -39.51
C ALA C 92 -21.75 -17.41 -40.57
N ARG C 93 -22.05 -16.26 -41.15
CA ARG C 93 -21.11 -15.68 -42.11
C ARG C 93 -19.85 -15.17 -41.45
N LEU C 94 -19.96 -14.56 -40.28
CA LEU C 94 -18.81 -13.96 -39.62
C LEU C 94 -18.00 -15.04 -38.94
N LYS C 95 -16.71 -14.77 -38.78
CA LYS C 95 -15.75 -15.68 -38.15
C LYS C 95 -14.85 -14.78 -37.28
N PHE C 96 -15.02 -14.88 -35.98
CA PHE C 96 -14.27 -14.04 -35.06
C PHE C 96 -13.04 -14.78 -34.58
N ASN C 97 -12.13 -14.05 -33.97
CA ASN C 97 -10.95 -14.67 -33.38
C ASN C 97 -10.67 -14.01 -32.05
N ASP C 98 -9.97 -14.74 -31.20
CA ASP C 98 -9.56 -14.19 -29.92
C ASP C 98 -8.47 -13.16 -30.15
N ILE C 99 -8.70 -11.96 -29.65
CA ILE C 99 -7.84 -10.81 -29.92
C ILE C 99 -6.80 -10.73 -28.81
N LYS C 100 -5.53 -10.75 -29.18
CA LYS C 100 -4.44 -10.68 -28.23
C LYS C 100 -3.87 -9.26 -28.22
N LEU C 101 -3.16 -8.94 -27.15
CA LEU C 101 -2.61 -7.59 -27.03
C LEU C 101 -1.41 -7.43 -27.93
N SER C 102 -1.36 -6.31 -28.63
CA SER C 102 -0.37 -6.09 -29.66
C SER C 102 0.70 -5.09 -29.30
N ASN C 103 0.37 -4.05 -28.54
CA ASN C 103 1.29 -2.93 -28.32
C ASN C 103 2.07 -3.06 -27.02
N LEU C 104 2.42 -4.28 -26.60
CA LEU C 104 3.28 -4.46 -25.43
C LEU C 104 4.67 -3.90 -25.68
N ALA C 105 5.09 -3.83 -26.94
CA ALA C 105 6.31 -3.09 -27.28
C ALA C 105 6.14 -1.60 -27.00
N GLU C 106 4.94 -1.06 -27.24
CA GLU C 106 4.69 0.34 -26.94
C GLU C 106 4.47 0.57 -25.45
N LEU C 107 3.84 -0.38 -24.77
CA LEU C 107 3.60 -0.20 -23.34
C LEU C 107 4.86 -0.45 -22.53
N GLU C 108 5.86 -1.12 -23.12
CA GLU C 108 7.15 -1.23 -22.46
C GLU C 108 7.92 0.08 -22.55
N THR C 109 7.73 0.82 -23.65
CA THR C 109 8.33 2.13 -23.83
C THR C 109 7.86 3.11 -22.77
N PHE C 110 6.60 3.04 -22.37
CA PHE C 110 6.04 3.90 -21.33
C PHE C 110 6.36 3.39 -19.94
N ASN C 111 7.06 2.25 -19.85
CA ASN C 111 7.56 1.64 -18.61
C ASN C 111 6.43 1.34 -17.63
N VAL C 112 5.40 0.69 -18.15
CA VAL C 112 4.23 0.34 -17.37
C VAL C 112 3.76 -1.03 -17.84
N SER C 113 3.24 -1.83 -16.91
CA SER C 113 2.64 -3.09 -17.26
C SER C 113 1.37 -2.87 -18.08
N SER C 114 0.90 -3.94 -18.73
CA SER C 114 -0.29 -3.88 -19.55
C SER C 114 -1.57 -4.12 -18.75
N THR C 115 -1.45 -4.20 -17.43
CA THR C 115 -2.60 -4.49 -16.59
C THR C 115 -2.43 -3.75 -15.27
N GLU C 116 -3.54 -3.55 -14.57
CA GLU C 116 -3.55 -2.77 -13.35
C GLU C 116 -4.59 -3.35 -12.42
N VAL C 117 -4.66 -2.81 -11.21
CA VAL C 117 -5.65 -3.19 -10.22
C VAL C 117 -6.47 -1.95 -9.95
N LYS C 118 -7.80 -2.07 -10.02
CA LYS C 118 -8.68 -0.98 -9.64
C LYS C 118 -9.28 -1.27 -8.28
N PHE C 119 -9.21 -0.30 -7.39
CA PHE C 119 -9.62 -0.47 -6.01
C PHE C 119 -10.95 0.23 -5.81
N GLU C 120 -11.90 -0.48 -5.20
CA GLU C 120 -13.28 -0.01 -5.26
C GLU C 120 -14.04 -0.59 -4.07
N ASN C 121 -15.08 0.09 -3.62
CA ASN C 121 -15.98 -0.48 -2.62
C ASN C 121 -17.43 -0.13 -2.93
N THR C 122 -18.33 -0.75 -2.17
CA THR C 122 -19.69 -0.30 -2.03
C THR C 122 -19.90 0.13 -0.58
N ILE C 123 -20.92 0.93 -0.35
CA ILE C 123 -21.29 1.36 0.99
C ILE C 123 -22.74 1.00 1.22
N ASN C 124 -23.00 0.22 2.26
CA ASN C 124 -24.36 -0.08 2.67
C ASN C 124 -25.02 1.22 3.12
N ARG C 125 -26.26 1.44 2.72
CA ARG C 125 -26.85 2.73 3.02
C ARG C 125 -27.40 2.80 4.43
N LYS C 126 -27.73 1.67 5.03
CA LYS C 126 -28.20 1.70 6.41
C LYS C 126 -27.05 1.67 7.40
N THR C 127 -26.13 0.72 7.24
CA THR C 127 -25.08 0.53 8.22
C THR C 127 -23.82 1.30 7.92
N ALA C 128 -23.73 1.97 6.76
CA ALA C 128 -22.66 2.90 6.38
C ALA C 128 -21.26 2.28 6.43
N VAL C 129 -21.15 0.96 6.31
CA VAL C 129 -19.88 0.25 6.35
C VAL C 129 -19.46 -0.02 4.91
N ALA C 130 -18.22 0.32 4.57
CA ALA C 130 -17.72 0.08 3.24
C ALA C 130 -17.45 -1.41 3.03
N ASN C 131 -17.19 -1.79 1.79
CA ASN C 131 -16.98 -3.19 1.43
C ASN C 131 -16.08 -3.24 0.23
N PRO C 132 -14.77 -3.33 0.45
CA PRO C 132 -13.83 -3.09 -0.64
C PRO C 132 -13.68 -4.27 -1.56
N ARG C 133 -13.31 -3.97 -2.81
CA ARG C 133 -13.01 -5.00 -3.78
C ARG C 133 -11.86 -4.52 -4.64
N GLN C 134 -11.06 -5.46 -5.11
CA GLN C 134 -10.04 -5.18 -6.11
C GLN C 134 -10.44 -5.93 -7.36
N ILE C 135 -10.36 -5.26 -8.50
CA ILE C 135 -10.62 -5.90 -9.78
C ILE C 135 -9.42 -5.64 -10.70
N GLU C 136 -8.87 -6.70 -11.26
CA GLU C 136 -7.81 -6.51 -12.24
C GLU C 136 -8.42 -6.00 -13.52
N ARG C 137 -7.67 -5.17 -14.22
CA ARG C 137 -8.26 -4.44 -15.34
C ARG C 137 -7.13 -4.10 -16.29
N VAL C 138 -7.39 -4.16 -17.59
CA VAL C 138 -6.39 -3.74 -18.56
C VAL C 138 -6.25 -2.22 -18.46
N ILE C 139 -5.05 -1.70 -18.72
CA ILE C 139 -4.91 -0.27 -18.63
C ILE C 139 -5.48 0.37 -19.90
N ALA C 140 -5.68 1.68 -19.84
CA ALA C 140 -6.07 2.38 -21.04
C ALA C 140 -4.88 2.54 -21.97
N GLY C 141 -5.16 2.94 -23.20
CA GLY C 141 -4.10 3.12 -24.16
C GLY C 141 -3.53 1.84 -24.74
N SER C 142 -4.22 0.72 -24.55
CA SER C 142 -3.80 -0.55 -25.11
C SER C 142 -4.38 -0.71 -26.50
N LYS C 143 -3.64 -1.39 -27.37
CA LYS C 143 -4.11 -1.70 -28.72
C LYS C 143 -4.41 -3.18 -28.83
N PHE C 144 -5.21 -3.53 -29.83
CA PHE C 144 -5.65 -4.92 -30.00
C PHE C 144 -5.89 -5.17 -31.49
N ASP C 145 -4.92 -5.80 -32.15
CA ASP C 145 -5.05 -6.18 -33.55
C ASP C 145 -6.06 -7.30 -33.68
N PHE C 146 -7.16 -7.07 -34.39
CA PHE C 146 -8.15 -8.12 -34.57
C PHE C 146 -8.36 -8.45 -36.03
N GLU C 147 -8.54 -9.73 -36.29
CA GLU C 147 -8.89 -10.25 -37.60
C GLU C 147 -10.27 -10.88 -37.49
N ILE C 148 -11.18 -10.46 -38.36
CA ILE C 148 -12.52 -11.05 -38.46
C ILE C 148 -12.68 -11.51 -39.90
N PHE C 149 -13.14 -12.74 -40.09
CA PHE C 149 -13.25 -13.31 -41.42
C PHE C 149 -14.71 -13.38 -41.84
N TYR C 150 -15.00 -12.89 -43.04
CA TYR C 150 -16.35 -12.88 -43.59
C TYR C 150 -16.46 -13.95 -44.66
N ASN C 151 -17.55 -14.71 -44.63
CA ASN C 151 -17.80 -15.74 -45.63
C ASN C 151 -18.62 -15.12 -46.77
N LEU C 152 -17.94 -14.74 -47.84
CA LEU C 152 -18.56 -14.12 -49.01
C LEU C 152 -19.30 -15.21 -49.79
N ASP C 153 -20.45 -15.62 -49.24
CA ASP C 153 -21.26 -16.63 -49.90
C ASP C 153 -22.29 -16.05 -50.84
N ASP C 154 -22.70 -14.80 -50.63
CA ASP C 154 -23.64 -14.16 -51.51
C ASP C 154 -23.18 -12.75 -51.82
N ILE C 155 -23.21 -12.38 -53.09
CA ILE C 155 -22.68 -11.10 -53.53
C ILE C 155 -23.73 -9.99 -53.34
N LYS C 156 -25.00 -10.28 -53.55
CA LYS C 156 -26.03 -9.26 -53.48
C LYS C 156 -26.34 -8.81 -52.06
N GLU C 157 -25.77 -9.44 -51.04
CA GLU C 157 -26.02 -9.04 -49.66
C GLU C 157 -24.80 -8.48 -48.94
N VAL C 158 -23.63 -8.46 -49.58
CA VAL C 158 -22.41 -8.08 -48.87
C VAL C 158 -22.41 -6.58 -48.54
N GLU C 159 -23.15 -5.79 -49.33
CA GLU C 159 -23.19 -4.35 -49.08
C GLU C 159 -23.97 -4.06 -47.81
N LYS C 160 -25.14 -4.67 -47.66
CA LYS C 160 -25.92 -4.51 -46.44
C LYS C 160 -25.20 -5.14 -45.26
N ASP C 161 -24.48 -6.24 -45.49
CA ASP C 161 -23.74 -6.88 -44.41
C ASP C 161 -22.63 -5.97 -43.90
N PHE C 162 -21.88 -5.34 -44.80
CA PHE C 162 -20.77 -4.50 -44.34
C PHE C 162 -21.27 -3.18 -43.79
N GLU C 163 -22.41 -2.71 -44.27
CA GLU C 163 -23.08 -1.58 -43.65
C GLU C 163 -23.47 -1.91 -42.20
N ASN C 164 -23.97 -3.13 -41.98
CA ASN C 164 -24.32 -3.55 -40.63
C ASN C 164 -23.10 -3.74 -39.75
N ILE C 165 -21.99 -4.22 -40.32
CA ILE C 165 -20.77 -4.40 -39.52
C ILE C 165 -20.20 -3.06 -39.07
N LYS C 166 -20.16 -2.07 -39.98
CA LYS C 166 -19.68 -0.75 -39.59
C LYS C 166 -20.66 -0.08 -38.62
N GLN C 167 -21.96 -0.34 -38.78
CA GLN C 167 -22.94 0.17 -37.82
C GLN C 167 -22.73 -0.42 -36.44
N GLY C 168 -22.41 -1.71 -36.38
CA GLY C 168 -22.12 -2.35 -35.10
C GLY C 168 -20.85 -1.84 -34.47
N PHE C 169 -19.83 -1.57 -35.29
CA PHE C 169 -18.59 -0.96 -34.78
C PHE C 169 -18.84 0.43 -34.21
N ASP C 170 -19.65 1.23 -34.91
CA ASP C 170 -19.93 2.58 -34.42
C ASP C 170 -20.80 2.56 -33.18
N LEU C 171 -21.70 1.58 -33.08
CA LEU C 171 -22.51 1.46 -31.87
C LEU C 171 -21.65 1.01 -30.70
N LEU C 172 -20.67 0.16 -30.97
CA LEU C 172 -19.77 -0.29 -29.92
C LEU C 172 -18.76 0.79 -29.54
N GLU C 173 -18.61 1.80 -30.38
CA GLU C 173 -17.74 2.94 -30.03
C GLU C 173 -18.31 3.76 -28.89
N PHE C 174 -19.63 3.79 -28.73
CA PHE C 174 -20.29 4.57 -27.69
C PHE C 174 -20.81 3.72 -26.55
N ASP C 175 -20.20 2.58 -26.29
CA ASP C 175 -20.66 1.65 -25.28
C ASP C 175 -19.47 0.78 -24.89
N TYR C 176 -19.58 0.11 -23.76
CA TYR C 176 -18.44 -0.65 -23.26
C TYR C 176 -18.28 -1.98 -23.98
N LEU C 177 -17.19 -2.68 -23.69
CA LEU C 177 -16.91 -3.92 -24.40
C LEU C 177 -17.05 -5.13 -23.49
N GLY C 178 -16.71 -4.97 -22.22
CA GLY C 178 -16.88 -6.08 -21.31
C GLY C 178 -16.70 -5.70 -19.87
N GLY C 179 -17.50 -6.26 -18.99
CA GLY C 179 -17.34 -6.01 -17.57
C GLY C 179 -18.10 -4.80 -17.10
N HIS C 180 -17.65 -4.20 -16.01
CA HIS C 180 -18.40 -3.17 -15.31
C HIS C 180 -18.39 -1.85 -16.06
N GLY C 181 -19.04 -1.80 -17.22
CA GLY C 181 -18.90 -0.64 -18.07
C GLY C 181 -19.72 0.54 -17.60
N THR C 182 -20.81 0.26 -16.88
CA THR C 182 -21.67 1.33 -16.39
C THR C 182 -20.98 2.16 -15.31
N ARG C 183 -20.00 1.59 -14.62
CA ARG C 183 -19.17 2.32 -13.68
C ARG C 183 -17.86 2.78 -14.29
N GLY C 184 -17.84 3.13 -15.57
CA GLY C 184 -16.64 3.71 -16.12
C GLY C 184 -15.57 2.70 -16.46
N SER C 185 -15.85 1.83 -17.42
CA SER C 185 -14.87 0.88 -17.89
C SER C 185 -15.26 0.47 -19.30
N GLY C 186 -14.31 -0.15 -19.99
CA GLY C 186 -14.64 -0.83 -21.21
C GLY C 186 -14.80 0.02 -22.44
N ARG C 187 -14.60 1.32 -22.36
CA ARG C 187 -14.83 2.16 -23.52
C ARG C 187 -13.72 1.97 -24.54
N ILE C 188 -14.11 1.62 -25.77
CA ILE C 188 -13.18 1.28 -26.81
C ILE C 188 -13.38 2.23 -27.99
N ALA C 189 -12.47 2.16 -28.94
CA ALA C 189 -12.62 2.88 -30.20
C ALA C 189 -11.98 2.03 -31.27
N PHE C 190 -12.55 2.06 -32.46
CA PHE C 190 -12.03 1.29 -33.58
C PHE C 190 -11.30 2.22 -34.53
N GLU C 191 -10.01 1.97 -34.71
CA GLU C 191 -9.23 2.73 -35.67
C GLU C 191 -8.41 1.77 -36.53
N ASN C 192 -8.04 2.26 -37.71
CA ASN C 192 -7.26 1.55 -38.73
C ASN C 192 -7.98 0.29 -39.20
N LEU C 193 -9.23 0.50 -39.61
CA LEU C 193 -10.06 -0.57 -40.14
C LEU C 193 -9.81 -0.74 -41.64
N SER C 194 -9.63 -1.98 -42.07
CA SER C 194 -9.35 -2.27 -43.47
C SER C 194 -9.88 -3.67 -43.79
N VAL C 195 -10.14 -3.90 -45.07
CA VAL C 195 -10.66 -5.18 -45.54
C VAL C 195 -9.76 -5.68 -46.67
N ILE C 196 -9.32 -6.94 -46.55
CA ILE C 196 -8.49 -7.57 -47.57
C ILE C 196 -9.04 -8.97 -47.80
N THR C 197 -8.93 -9.43 -49.04
CA THR C 197 -9.33 -10.79 -49.40
C THR C 197 -8.13 -11.72 -49.31
N ALA C 198 -8.41 -13.01 -49.14
CA ALA C 198 -7.36 -14.00 -48.96
C ALA C 198 -7.39 -15.12 -49.98
N VAL C 199 -8.56 -15.65 -50.30
CA VAL C 199 -8.76 -16.61 -51.39
C VAL C 199 -9.93 -16.15 -52.24
N GLY C 200 -9.95 -16.57 -53.50
CA GLY C 200 -10.91 -16.06 -54.45
C GLY C 200 -10.56 -14.65 -54.87
N ASN C 201 -11.50 -13.93 -55.46
CA ASN C 201 -11.27 -12.53 -55.80
C ASN C 201 -12.60 -11.80 -55.86
N PHE C 202 -12.80 -10.86 -54.96
CA PHE C 202 -13.97 -10.00 -54.96
C PHE C 202 -13.66 -8.77 -55.78
N GLU C 203 -14.55 -8.46 -56.73
CA GLU C 203 -14.28 -7.37 -57.67
C GLU C 203 -14.37 -6.01 -56.99
N LYS C 204 -15.51 -5.72 -56.39
CA LYS C 204 -15.70 -4.42 -55.75
C LYS C 204 -15.30 -4.47 -54.27
N ILE C 205 -14.02 -4.77 -54.04
CA ILE C 205 -13.48 -4.72 -52.70
C ILE C 205 -13.34 -3.27 -52.21
N ASN C 206 -13.26 -2.33 -53.15
CA ASN C 206 -13.02 -0.93 -52.78
C ASN C 206 -14.25 -0.29 -52.13
N THR C 207 -15.45 -0.65 -52.59
CA THR C 207 -16.63 -0.08 -51.94
C THR C 207 -16.87 -0.70 -50.57
N LEU C 208 -16.37 -1.92 -50.36
CA LEU C 208 -16.39 -2.50 -49.02
C LEU C 208 -15.38 -1.81 -48.11
N ASN C 209 -14.22 -1.44 -48.67
CA ASN C 209 -13.23 -0.70 -47.89
C ASN C 209 -13.74 0.70 -47.56
N GLU C 210 -14.53 1.29 -48.45
CA GLU C 210 -14.99 2.65 -48.24
C GLU C 210 -16.25 2.70 -47.39
N ILE C 211 -17.03 1.63 -47.35
CA ILE C 211 -18.24 1.64 -46.51
C ILE C 211 -17.85 1.38 -45.06
N LEU C 212 -16.65 0.87 -44.84
CA LEU C 212 -16.21 0.42 -43.52
C LEU C 212 -15.09 1.30 -42.96
N GLY C 213 -14.24 1.82 -43.82
CA GLY C 213 -13.15 2.66 -43.36
C GLY C 213 -13.43 4.14 -43.50
N ALA C 214 -14.70 4.50 -43.65
CA ALA C 214 -15.07 5.90 -43.81
C ALA C 214 -14.96 6.65 -42.49
N MET D 1 -33.57 19.25 2.56
CA MET D 1 -32.84 20.49 2.37
C MET D 1 -31.44 20.38 2.93
N LYS D 2 -30.54 21.21 2.42
CA LYS D 2 -29.23 21.41 3.02
C LYS D 2 -29.05 22.90 3.27
N LEU D 3 -28.34 23.24 4.33
CA LEU D 3 -28.08 24.63 4.62
C LEU D 3 -26.59 24.91 4.50
N VAL D 4 -26.28 26.17 4.22
CA VAL D 4 -24.91 26.64 4.07
C VAL D 4 -24.65 27.64 5.18
N ILE D 5 -23.63 27.39 5.99
CA ILE D 5 -23.28 28.28 7.10
C ILE D 5 -22.19 29.21 6.59
N GLU D 6 -22.61 30.38 6.12
CA GLU D 6 -21.69 31.37 5.57
C GLU D 6 -21.15 32.22 6.72
N GLY D 7 -19.94 32.72 6.55
CA GLY D 7 -19.35 33.59 7.54
C GLY D 7 -17.95 33.97 7.12
N THR D 8 -17.20 34.53 8.07
CA THR D 8 -15.79 34.81 7.83
C THR D 8 -15.02 34.66 9.12
N ILE D 9 -13.74 34.33 8.99
CA ILE D 9 -12.81 34.22 10.11
C ILE D 9 -11.79 35.34 9.96
N VAL D 10 -11.79 36.27 10.91
CA VAL D 10 -10.86 37.37 10.91
C VAL D 10 -9.76 37.05 11.92
N LEU D 11 -8.52 37.36 11.57
CA LEU D 11 -7.38 37.06 12.42
C LEU D 11 -7.03 38.25 13.28
N LYS D 12 -6.89 38.02 14.58
CA LYS D 12 -6.37 39.04 15.46
C LYS D 12 -4.86 38.91 15.68
N THR D 13 -4.31 37.72 15.43
CA THR D 13 -2.89 37.44 15.58
C THR D 13 -2.46 36.61 14.38
N GLY D 14 -1.30 35.98 14.49
CA GLY D 14 -0.64 35.34 13.37
C GLY D 14 -1.29 34.16 12.66
N MET D 15 -1.59 33.08 13.38
CA MET D 15 -2.17 31.85 12.83
C MET D 15 -1.23 31.25 11.77
N HIS D 16 -0.19 30.63 12.28
CA HIS D 16 0.65 29.76 11.48
C HIS D 16 0.05 28.36 11.48
N ILE D 17 -0.38 27.89 10.31
CA ILE D 17 -0.89 26.53 10.17
C ILE D 17 -0.05 25.77 9.16
N GLY D 18 0.47 24.62 9.57
CA GLY D 18 0.72 23.60 8.60
C GLY D 18 2.16 23.33 8.26
N GLY D 19 2.38 22.31 7.44
CA GLY D 19 3.70 21.99 6.97
C GLY D 19 3.72 21.65 5.50
N SER D 20 4.54 22.36 4.74
CA SER D 20 4.91 21.92 3.41
C SER D 20 6.06 20.91 3.55
N SER D 21 6.26 19.97 2.60
CA SER D 21 6.03 19.83 1.12
C SER D 21 6.70 20.89 0.26
N ASP D 22 7.64 21.64 0.85
CA ASP D 22 8.52 22.56 0.15
C ASP D 22 9.92 22.35 0.68
N PHE D 23 10.92 22.63 -0.16
CA PHE D 23 12.28 22.66 0.35
C PHE D 23 12.49 23.92 1.18
N SER D 24 13.51 23.89 2.02
CA SER D 24 13.83 25.00 2.90
C SER D 24 15.21 25.53 2.56
N ALA D 25 15.41 26.83 2.74
CA ALA D 25 16.74 27.41 2.63
C ALA D 25 17.47 27.25 3.96
N ILE D 26 18.71 27.71 4.04
CA ILE D 26 19.48 27.49 5.26
C ILE D 26 19.71 28.82 5.96
N GLY D 27 18.89 29.81 5.63
CA GLY D 27 18.90 31.06 6.34
C GLY D 27 17.49 31.63 6.41
N ALA D 28 16.53 30.82 6.00
CA ALA D 28 15.15 31.25 5.82
C ALA D 28 14.22 30.40 6.66
N VAL D 29 12.92 30.46 6.34
CA VAL D 29 11.90 29.86 7.18
C VAL D 29 12.03 28.36 7.23
N ALA D 30 11.89 27.82 8.43
CA ALA D 30 11.62 26.41 8.64
C ALA D 30 10.19 26.31 9.13
N SER D 31 9.51 25.24 8.73
CA SER D 31 8.05 25.07 8.82
C SER D 31 7.33 26.27 8.19
N PRO D 32 7.27 26.35 6.86
CA PRO D 32 6.47 27.40 6.22
C PRO D 32 4.98 27.11 6.34
N VAL D 33 4.16 28.10 6.08
CA VAL D 33 2.72 28.00 6.26
C VAL D 33 2.12 27.26 5.08
N VAL D 34 0.98 26.59 5.30
CA VAL D 34 0.36 25.79 4.26
C VAL D 34 -0.35 26.70 3.26
N ARG D 35 -0.33 26.31 1.98
CA ARG D 35 -0.82 27.15 0.91
C ARG D 35 -1.67 26.34 -0.06
N ASP D 36 -2.53 27.06 -0.77
CA ASP D 36 -3.28 26.49 -1.89
C ASP D 36 -2.25 26.56 -3.01
N THR D 37 -1.85 25.41 -3.53
CA THR D 37 -0.64 25.37 -4.35
C THR D 37 -0.89 25.85 -5.77
N LEU D 38 -2.14 26.01 -6.19
CA LEU D 38 -2.35 26.58 -7.52
C LEU D 38 -2.10 28.08 -7.50
N THR D 39 -2.54 28.75 -6.45
CA THR D 39 -2.46 30.20 -6.41
C THR D 39 -1.38 30.73 -5.48
N ARG D 40 -0.81 29.88 -4.62
CA ARG D 40 0.15 30.26 -3.58
C ARG D 40 -0.41 31.39 -2.72
N LEU D 41 -1.66 31.19 -2.33
CA LEU D 41 -2.46 31.94 -1.40
C LEU D 41 -2.62 31.14 -0.13
N PRO D 42 -2.44 31.75 1.04
CA PRO D 42 -2.48 30.99 2.29
C PRO D 42 -3.86 30.44 2.57
N LEU D 43 -3.90 29.27 3.21
CA LEU D 43 -5.09 28.47 3.32
C LEU D 43 -5.27 27.97 4.75
N ILE D 44 -6.50 28.00 5.24
CA ILE D 44 -6.88 27.26 6.42
C ILE D 44 -7.47 25.94 5.95
N PRO D 45 -6.87 24.80 6.30
CA PRO D 45 -7.49 23.52 5.99
C PRO D 45 -8.80 23.37 6.75
N GLY D 46 -9.77 22.71 6.12
CA GLY D 46 -11.01 22.44 6.81
C GLY D 46 -10.86 21.39 7.89
N SER D 47 -9.83 20.54 7.77
CA SER D 47 -9.55 19.55 8.79
C SER D 47 -9.13 20.20 10.10
N SER D 48 -8.33 21.27 10.02
CA SER D 48 -7.87 21.98 11.21
C SER D 48 -9.03 22.65 11.93
N LEU D 49 -9.88 23.34 11.17
CA LEU D 49 -11.04 24.01 11.74
C LEU D 49 -12.00 23.00 12.36
N LYS D 50 -12.25 21.89 11.65
CA LYS D 50 -13.14 20.85 12.17
C LYS D 50 -12.58 20.22 13.44
N GLY D 51 -11.29 19.92 13.45
CA GLY D 51 -10.70 19.28 14.62
C GLY D 51 -10.67 20.18 15.84
N LYS D 52 -10.29 21.45 15.66
CA LYS D 52 -10.26 22.37 16.79
C LYS D 52 -11.66 22.65 17.30
N MET D 53 -12.62 22.83 16.39
CA MET D 53 -14.00 23.09 16.78
C MET D 53 -14.60 21.89 17.49
N ARG D 54 -14.31 20.69 17.00
CA ARG D 54 -14.80 19.48 17.63
C ARG D 54 -14.21 19.28 19.02
N TYR D 55 -12.91 19.53 19.16
CA TYR D 55 -12.25 19.40 20.46
C TYR D 55 -12.82 20.39 21.47
N LEU D 56 -13.00 21.64 21.06
CA LEU D 56 -13.51 22.64 22.00
C LEU D 56 -14.98 22.39 22.33
N LEU D 57 -15.78 22.01 21.35
CA LEU D 57 -17.20 21.81 21.60
C LEU D 57 -17.46 20.56 22.43
N ALA D 58 -16.68 19.50 22.19
CA ALA D 58 -16.79 18.31 23.00
C ALA D 58 -15.95 18.40 24.26
N LYS D 59 -15.29 19.54 24.49
CA LYS D 59 -14.80 19.83 25.82
C LYS D 59 -15.83 20.57 26.64
N GLU D 60 -16.58 21.49 26.02
CA GLU D 60 -17.65 22.18 26.73
C GLU D 60 -18.79 21.23 27.06
N LEU D 61 -19.39 20.63 26.04
CA LEU D 61 -20.22 19.47 26.27
C LEU D 61 -19.31 18.35 26.77
N ASN D 62 -19.88 17.41 27.54
CA ASN D 62 -19.16 16.63 28.54
C ASN D 62 -18.42 17.57 29.48
N ASN D 63 -19.25 18.28 30.27
CA ASN D 63 -18.90 19.39 31.16
C ASN D 63 -17.67 19.13 32.00
N GLY D 64 -16.61 19.88 31.76
CA GLY D 64 -15.35 19.64 32.41
C GLY D 64 -14.27 19.23 31.43
N ILE D 65 -13.88 17.96 31.46
CA ILE D 65 -12.75 17.49 30.67
C ILE D 65 -13.21 16.31 29.82
N LEU D 66 -12.51 16.13 28.70
CA LEU D 66 -12.68 14.98 27.84
C LEU D 66 -11.33 14.29 27.71
N LEU D 67 -11.35 12.98 27.79
CA LEU D 67 -10.14 12.18 27.67
C LEU D 67 -10.32 11.03 26.68
N ASN D 68 -11.41 10.98 25.95
CA ASN D 68 -11.75 9.80 25.19
C ASN D 68 -11.46 10.01 23.70
N GLU D 69 -11.69 8.95 22.94
CA GLU D 69 -11.55 8.99 21.49
C GLU D 69 -12.68 9.82 20.89
N PRO D 70 -12.53 10.24 19.61
CA PRO D 70 -13.65 10.92 18.95
C PRO D 70 -14.92 10.12 18.83
N ASN D 71 -14.86 8.79 18.88
CA ASN D 71 -16.06 7.99 18.78
C ASN D 71 -16.85 7.92 20.08
N ASN D 72 -16.32 8.46 21.19
CA ASN D 72 -16.97 8.35 22.48
C ASN D 72 -17.49 9.68 22.99
N ASP D 73 -17.80 10.61 22.11
CA ASP D 73 -18.44 11.84 22.51
C ASP D 73 -19.94 11.61 22.69
N GLN D 74 -20.66 12.63 23.15
CA GLN D 74 -22.11 12.50 23.19
C GLN D 74 -22.72 12.61 21.79
N ASP D 75 -24.01 12.29 21.72
CA ASP D 75 -24.68 12.13 20.43
C ASP D 75 -24.80 13.44 19.67
N GLU D 76 -24.73 14.57 20.37
CA GLU D 76 -24.70 15.85 19.68
C GLU D 76 -23.42 16.01 18.87
N ILE D 77 -22.29 15.67 19.48
CA ILE D 77 -21.01 15.82 18.79
C ILE D 77 -20.84 14.74 17.73
N LEU D 78 -21.28 13.52 18.01
CA LEU D 78 -21.22 12.45 17.03
C LEU D 78 -22.11 12.74 15.83
N ARG D 79 -23.30 13.27 16.09
CA ARG D 79 -24.21 13.58 14.99
C ARG D 79 -23.80 14.85 14.27
N LEU D 80 -22.98 15.68 14.90
CA LEU D 80 -22.59 16.93 14.25
C LEU D 80 -21.31 16.78 13.45
N PHE D 81 -20.37 15.96 13.93
CA PHE D 81 -19.05 15.85 13.32
C PHE D 81 -18.74 14.42 12.86
N GLY D 82 -19.76 13.58 12.73
CA GLY D 82 -19.55 12.25 12.23
C GLY D 82 -19.03 11.30 13.30
N SER D 83 -19.03 10.02 12.95
CA SER D 83 -18.61 8.97 13.87
C SER D 83 -18.18 7.77 13.05
N SER D 84 -17.39 6.91 13.68
CA SER D 84 -16.97 5.68 13.02
C SER D 84 -16.95 4.49 13.97
N GLU D 85 -17.64 4.56 15.11
CA GLU D 85 -17.74 3.41 15.99
C GLU D 85 -18.55 2.33 15.31
N LYS D 86 -18.28 1.08 15.69
CA LYS D 86 -18.46 -0.12 14.87
C LYS D 86 -19.87 -0.31 14.31
N ASP D 87 -20.88 -0.18 15.15
CA ASP D 87 -22.24 -0.33 14.67
C ASP D 87 -23.03 0.96 14.70
N LYS D 88 -22.76 1.85 15.66
CA LYS D 88 -23.55 3.07 15.82
C LYS D 88 -22.86 4.21 15.07
N ILE D 89 -22.66 3.99 13.77
CA ILE D 89 -21.99 4.95 12.90
C ILE D 89 -22.99 6.03 12.52
N ARG D 90 -22.53 7.28 12.48
CA ARG D 90 -23.38 8.40 12.17
C ARG D 90 -22.70 9.26 11.12
N ARG D 91 -23.42 9.55 10.03
CA ARG D 91 -22.89 10.41 8.98
C ARG D 91 -22.84 11.84 9.48
N ALA D 92 -21.79 12.55 9.07
CA ALA D 92 -21.56 13.91 9.56
C ALA D 92 -22.58 14.86 8.97
N ARG D 93 -23.20 15.66 9.82
CA ARG D 93 -24.11 16.67 9.33
C ARG D 93 -23.37 17.88 8.76
N LEU D 94 -22.14 18.10 9.19
CA LEU D 94 -21.35 19.24 8.74
C LEU D 94 -20.28 18.83 7.74
N LYS D 95 -20.17 19.62 6.67
CA LYS D 95 -19.12 19.44 5.67
C LYS D 95 -18.31 20.73 5.67
N PHE D 96 -17.08 20.68 6.16
CA PHE D 96 -16.21 21.84 6.13
C PHE D 96 -15.51 21.93 4.79
N ASN D 97 -14.86 23.07 4.55
CA ASN D 97 -14.16 23.30 3.29
C ASN D 97 -12.81 23.94 3.57
N ASP D 98 -11.88 23.73 2.63
CA ASP D 98 -10.61 24.43 2.69
C ASP D 98 -10.85 25.91 2.52
N ILE D 99 -10.28 26.72 3.39
CA ILE D 99 -10.59 28.13 3.44
C ILE D 99 -9.38 28.89 2.93
N LYS D 100 -9.51 29.51 1.75
CA LYS D 100 -8.43 30.31 1.20
C LYS D 100 -8.45 31.69 1.85
N LEU D 101 -7.32 32.39 1.75
CA LEU D 101 -7.27 33.78 2.19
C LEU D 101 -8.15 34.62 1.28
N SER D 102 -9.03 35.41 1.88
CA SER D 102 -10.12 35.97 1.10
C SER D 102 -10.04 37.46 0.83
N ASN D 103 -9.24 38.21 1.59
CA ASN D 103 -9.19 39.66 1.44
C ASN D 103 -7.83 40.14 0.95
N LEU D 104 -7.25 39.47 -0.04
CA LEU D 104 -5.90 39.77 -0.51
C LEU D 104 -5.79 41.16 -1.10
N ALA D 105 -6.87 41.65 -1.71
CA ALA D 105 -6.86 43.02 -2.25
C ALA D 105 -6.77 44.05 -1.13
N GLU D 106 -7.43 43.78 0.00
CA GLU D 106 -7.40 44.74 1.10
C GLU D 106 -6.13 44.61 1.92
N LEU D 107 -5.40 43.52 1.77
CA LEU D 107 -4.04 43.45 2.29
C LEU D 107 -3.07 44.19 1.38
N GLU D 108 -3.26 44.10 0.07
CA GLU D 108 -2.38 44.81 -0.85
C GLU D 108 -2.66 46.30 -0.87
N THR D 109 -3.84 46.72 -0.39
CA THR D 109 -4.14 48.14 -0.31
C THR D 109 -3.27 48.83 0.73
N PHE D 110 -2.89 48.12 1.78
CA PHE D 110 -1.96 48.66 2.77
C PHE D 110 -0.51 48.36 2.43
N ASN D 111 -0.26 47.80 1.24
CA ASN D 111 1.07 47.63 0.65
C ASN D 111 1.94 46.71 1.51
N VAL D 112 1.48 45.48 1.67
CA VAL D 112 2.21 44.48 2.44
C VAL D 112 1.90 43.11 1.84
N SER D 113 2.82 42.17 2.04
CA SER D 113 2.59 40.80 1.58
C SER D 113 1.53 40.13 2.44
N SER D 114 1.02 39.02 1.93
CA SER D 114 -0.03 38.26 2.59
C SER D 114 0.46 37.50 3.81
N THR D 115 1.77 37.28 3.93
CA THR D 115 2.31 36.54 5.05
C THR D 115 3.50 37.31 5.61
N GLU D 116 3.97 36.86 6.77
CA GLU D 116 5.11 37.48 7.41
C GLU D 116 6.03 36.38 7.90
N VAL D 117 7.26 36.77 8.22
CA VAL D 117 8.19 35.90 8.92
C VAL D 117 8.33 36.45 10.34
N LYS D 118 8.21 35.56 11.31
CA LYS D 118 8.30 35.98 12.69
C LYS D 118 9.53 35.35 13.33
N PHE D 119 10.48 36.18 13.73
CA PHE D 119 11.75 35.71 14.23
C PHE D 119 11.59 35.28 15.68
N GLU D 120 12.11 34.09 15.99
CA GLU D 120 12.04 33.49 17.30
C GLU D 120 13.45 33.06 17.67
N ASN D 121 13.62 32.71 18.95
CA ASN D 121 14.76 31.91 19.37
C ASN D 121 14.42 31.20 20.67
N THR D 122 15.32 30.33 21.09
CA THR D 122 15.29 29.75 22.42
C THR D 122 16.71 29.75 22.98
N ILE D 123 16.83 29.93 24.29
CA ILE D 123 18.13 29.94 24.92
C ILE D 123 18.27 28.65 25.72
N ASN D 124 19.46 28.06 25.66
CA ASN D 124 19.75 26.92 26.51
C ASN D 124 19.91 27.42 27.92
N ARG D 125 19.28 26.73 28.88
CA ARG D 125 19.20 27.30 30.21
C ARG D 125 20.51 27.21 30.98
N LYS D 126 21.43 26.35 30.55
CA LYS D 126 22.68 26.23 31.28
C LYS D 126 23.83 26.95 30.59
N THR D 127 23.76 27.14 29.28
CA THR D 127 24.86 27.74 28.55
C THR D 127 24.52 29.10 27.94
N ALA D 128 23.25 29.51 28.01
CA ALA D 128 22.74 30.80 27.52
C ALA D 128 22.98 31.01 26.02
N VAL D 129 23.20 29.95 25.26
CA VAL D 129 23.41 30.03 23.82
C VAL D 129 22.04 30.06 23.14
N ALA D 130 21.86 30.98 22.21
CA ALA D 130 20.57 31.10 21.57
C ALA D 130 20.43 30.06 20.48
N ASN D 131 19.20 29.88 20.00
CA ASN D 131 18.91 28.95 18.92
C ASN D 131 17.77 29.52 18.11
N PRO D 132 18.08 30.29 17.08
CA PRO D 132 17.03 30.99 16.35
C PRO D 132 16.27 30.08 15.41
N ARG D 133 15.00 30.41 15.22
CA ARG D 133 14.17 29.77 14.21
C ARG D 133 13.33 30.85 13.57
N GLN D 134 12.90 30.61 12.34
CA GLN D 134 12.03 31.54 11.63
C GLN D 134 10.81 30.77 11.17
N ILE D 135 9.64 31.25 11.55
CA ILE D 135 8.38 30.63 11.17
C ILE D 135 7.62 31.59 10.26
N GLU D 136 7.23 31.09 9.10
CA GLU D 136 6.27 31.81 8.28
C GLU D 136 4.95 31.84 9.01
N ARG D 137 4.24 32.95 8.89
CA ARG D 137 3.03 33.14 9.67
C ARG D 137 2.16 34.13 8.92
N VAL D 138 0.85 33.92 8.92
CA VAL D 138 -0.04 34.84 8.22
C VAL D 138 -0.12 36.14 9.01
N ILE D 139 -0.34 37.25 8.33
CA ILE D 139 -0.35 38.52 9.00
C ILE D 139 -1.69 38.66 9.70
N ALA D 140 -1.73 39.47 10.75
CA ALA D 140 -2.97 39.69 11.46
C ALA D 140 -3.91 40.55 10.63
N GLY D 141 -5.19 40.45 10.92
CA GLY D 141 -6.16 41.17 10.11
C GLY D 141 -6.40 40.56 8.76
N SER D 142 -6.05 39.30 8.58
CA SER D 142 -6.37 38.56 7.37
C SER D 142 -7.73 37.92 7.55
N LYS D 143 -8.63 38.16 6.62
CA LYS D 143 -9.98 37.62 6.71
C LYS D 143 -10.10 36.37 5.86
N PHE D 144 -10.97 35.46 6.31
CA PHE D 144 -11.11 34.14 5.69
C PHE D 144 -12.59 33.83 5.55
N ASP D 145 -13.18 34.18 4.39
CA ASP D 145 -14.60 33.90 4.17
C ASP D 145 -14.79 32.41 3.94
N PHE D 146 -15.48 31.75 4.87
CA PHE D 146 -15.69 30.32 4.82
C PHE D 146 -17.15 30.01 4.55
N GLU D 147 -17.43 28.75 4.23
CA GLU D 147 -18.79 28.26 4.19
C GLU D 147 -18.83 26.78 4.56
N ILE D 148 -19.79 26.42 5.40
CA ILE D 148 -19.95 25.06 5.92
C ILE D 148 -21.33 24.58 5.54
N PHE D 149 -21.41 23.40 4.93
CA PHE D 149 -22.69 22.84 4.56
C PHE D 149 -23.27 22.05 5.73
N TYR D 150 -24.55 22.26 6.00
CA TYR D 150 -25.26 21.53 7.05
C TYR D 150 -26.32 20.65 6.40
N ASN D 151 -26.46 19.45 6.91
CA ASN D 151 -27.37 18.45 6.33
C ASN D 151 -28.62 18.37 7.19
N LEU D 152 -29.68 19.04 6.76
CA LEU D 152 -30.93 19.06 7.50
C LEU D 152 -31.63 17.72 7.34
N ASP D 153 -31.47 16.87 8.34
CA ASP D 153 -32.05 15.54 8.32
C ASP D 153 -33.21 15.41 9.29
N ASP D 154 -33.09 15.95 10.50
CA ASP D 154 -34.15 15.92 11.48
C ASP D 154 -34.49 17.34 11.87
N ILE D 155 -35.72 17.76 11.58
CA ILE D 155 -36.10 19.16 11.78
C ILE D 155 -36.31 19.52 13.24
N LYS D 156 -36.44 18.54 14.13
CA LYS D 156 -36.58 18.83 15.54
C LYS D 156 -35.26 18.89 16.27
N GLU D 157 -34.15 18.65 15.58
CA GLU D 157 -32.84 18.73 16.20
C GLU D 157 -31.98 19.85 15.64
N VAL D 158 -32.49 20.64 14.69
CA VAL D 158 -31.67 21.66 14.06
C VAL D 158 -31.46 22.84 15.01
N GLU D 159 -32.39 23.05 15.94
CA GLU D 159 -32.25 24.11 16.93
C GLU D 159 -31.07 23.83 17.86
N LYS D 160 -31.00 22.62 18.38
CA LYS D 160 -29.89 22.25 19.26
C LYS D 160 -28.58 22.18 18.49
N ASP D 161 -28.62 21.76 17.23
CA ASP D 161 -27.40 21.71 16.43
C ASP D 161 -26.84 23.09 16.18
N PHE D 162 -27.68 24.06 15.84
CA PHE D 162 -27.12 25.39 15.63
C PHE D 162 -26.79 26.11 16.93
N GLU D 163 -27.45 25.74 18.03
CA GLU D 163 -27.02 26.21 19.34
C GLU D 163 -25.62 25.70 19.65
N ASN D 164 -25.36 24.42 19.36
CA ASN D 164 -24.04 23.86 19.58
C ASN D 164 -23.00 24.46 18.64
N ILE D 165 -23.39 24.76 17.40
CA ILE D 165 -22.46 25.36 16.45
C ILE D 165 -22.07 26.76 16.89
N LYS D 166 -23.02 27.56 17.35
CA LYS D 166 -22.70 28.89 17.84
C LYS D 166 -21.89 28.81 19.12
N GLN D 167 -22.16 27.78 19.94
CA GLN D 167 -21.33 27.52 21.11
C GLN D 167 -19.89 27.24 20.71
N GLY D 168 -19.70 26.42 19.67
CA GLY D 168 -18.35 26.07 19.25
C GLY D 168 -17.58 27.23 18.66
N PHE D 169 -18.26 28.07 17.87
CA PHE D 169 -17.63 29.29 17.38
C PHE D 169 -17.29 30.25 18.51
N ASP D 170 -18.17 30.38 19.51
CA ASP D 170 -17.88 31.30 20.60
C ASP D 170 -16.78 30.78 21.51
N LEU D 171 -16.61 29.46 21.58
CA LEU D 171 -15.42 28.95 22.26
C LEU D 171 -14.16 29.15 21.45
N LEU D 172 -14.27 29.05 20.13
CA LEU D 172 -13.06 29.11 19.32
C LEU D 172 -12.61 30.56 19.14
N GLU D 173 -13.45 31.52 19.51
CA GLU D 173 -13.00 32.91 19.59
C GLU D 173 -12.00 33.10 20.70
N PHE D 174 -12.13 32.36 21.80
CA PHE D 174 -11.23 32.48 22.93
C PHE D 174 -10.13 31.44 22.92
N ASP D 175 -9.70 31.01 21.74
CA ASP D 175 -8.66 30.00 21.62
C ASP D 175 -8.05 30.12 20.22
N TYR D 176 -6.85 29.59 20.07
CA TYR D 176 -6.14 29.69 18.80
C TYR D 176 -6.68 28.69 17.79
N LEU D 177 -6.26 28.85 16.52
CA LEU D 177 -6.78 28.00 15.47
C LEU D 177 -5.78 26.93 15.06
N GLY D 178 -4.50 27.27 15.02
CA GLY D 178 -3.51 26.25 14.74
C GLY D 178 -2.10 26.70 15.02
N GLY D 179 -1.20 25.74 15.16
CA GLY D 179 0.21 26.02 15.30
C GLY D 179 0.55 26.64 16.64
N HIS D 180 1.54 27.51 16.62
CA HIS D 180 2.14 28.06 17.82
C HIS D 180 1.20 29.02 18.54
N GLY D 181 0.19 28.48 19.20
CA GLY D 181 -0.87 29.31 19.70
C GLY D 181 -0.63 29.87 21.07
N THR D 182 -0.05 29.06 21.96
CA THR D 182 0.22 29.52 23.31
C THR D 182 1.29 30.59 23.34
N ARG D 183 2.18 30.59 22.35
CA ARG D 183 3.24 31.57 22.24
C ARG D 183 2.84 32.75 21.37
N GLY D 184 1.55 33.09 21.36
CA GLY D 184 1.10 34.32 20.78
C GLY D 184 0.73 34.28 19.32
N SER D 185 -0.13 33.37 18.92
CA SER D 185 -0.61 33.33 17.55
C SER D 185 -1.94 32.61 17.53
N GLY D 186 -2.61 32.70 16.38
CA GLY D 186 -3.77 31.89 16.13
C GLY D 186 -5.08 32.45 16.61
N ARG D 187 -5.07 33.57 17.33
CA ARG D 187 -6.31 34.09 17.88
C ARG D 187 -7.19 34.66 16.78
N ILE D 188 -8.37 34.10 16.63
CA ILE D 188 -9.28 34.47 15.57
C ILE D 188 -10.57 35.01 16.18
N ALA D 189 -11.47 35.43 15.30
CA ALA D 189 -12.80 35.87 15.70
C ALA D 189 -13.73 35.58 14.55
N PHE D 190 -15.02 35.51 14.81
CA PHE D 190 -15.98 35.14 13.80
C PHE D 190 -16.94 36.29 13.50
N GLU D 191 -17.00 36.66 12.23
CA GLU D 191 -17.81 37.79 11.79
C GLU D 191 -18.67 37.35 10.61
N ASN D 192 -19.65 38.19 10.29
CA ASN D 192 -20.52 38.06 9.10
C ASN D 192 -21.26 36.72 9.07
N LEU D 193 -21.66 36.27 10.25
CA LEU D 193 -22.16 34.91 10.41
C LEU D 193 -23.63 34.86 10.05
N SER D 194 -23.99 33.91 9.19
CA SER D 194 -25.35 33.76 8.72
C SER D 194 -25.53 32.33 8.21
N VAL D 195 -26.76 31.98 7.88
CA VAL D 195 -27.06 30.69 7.28
C VAL D 195 -28.05 30.91 6.15
N ILE D 196 -27.83 30.22 5.03
CA ILE D 196 -28.70 30.33 3.87
C ILE D 196 -29.02 28.91 3.40
N THR D 197 -30.09 28.80 2.63
CA THR D 197 -30.48 27.50 2.09
C THR D 197 -29.70 27.21 0.81
N ALA D 198 -29.54 25.91 0.54
CA ALA D 198 -28.86 25.49 -0.68
C ALA D 198 -29.79 25.61 -1.87
N VAL D 199 -30.89 24.88 -1.84
CA VAL D 199 -31.95 24.99 -2.83
C VAL D 199 -33.28 24.83 -2.08
N GLY D 200 -34.26 25.64 -2.46
CA GLY D 200 -35.54 25.59 -1.78
C GLY D 200 -35.62 26.64 -0.70
N ASN D 201 -36.19 26.27 0.44
CA ASN D 201 -36.35 27.17 1.58
C ASN D 201 -36.61 26.35 2.82
N PHE D 202 -35.97 26.72 3.93
CA PHE D 202 -36.31 26.15 5.22
C PHE D 202 -37.29 27.05 5.95
N GLU D 203 -38.26 26.44 6.62
CA GLU D 203 -39.40 27.17 7.17
C GLU D 203 -38.99 28.09 8.31
N LYS D 204 -38.27 27.56 9.30
CA LYS D 204 -37.75 28.42 10.35
C LYS D 204 -36.28 28.74 10.11
N ILE D 205 -36.03 29.45 8.99
CA ILE D 205 -34.68 29.88 8.69
C ILE D 205 -34.30 31.09 9.53
N ASN D 206 -35.27 31.85 10.03
CA ASN D 206 -34.95 33.03 10.82
C ASN D 206 -34.50 32.67 12.22
N THR D 207 -35.00 31.56 12.76
CA THR D 207 -34.59 31.16 14.10
C THR D 207 -33.20 30.57 14.11
N LEU D 208 -32.69 30.18 12.94
CA LEU D 208 -31.30 29.74 12.85
C LEU D 208 -30.37 30.91 12.60
N ASN D 209 -30.78 31.86 11.77
CA ASN D 209 -29.96 33.02 11.50
C ASN D 209 -29.89 33.96 12.69
N GLU D 210 -30.92 33.96 13.54
CA GLU D 210 -30.88 34.80 14.74
C GLU D 210 -29.99 34.16 15.81
N ILE D 211 -29.96 32.83 15.86
CA ILE D 211 -29.16 32.17 16.88
C ILE D 211 -27.68 32.17 16.51
N LEU D 212 -27.36 32.52 15.27
CA LEU D 212 -25.97 32.68 14.82
C LEU D 212 -25.58 34.15 14.66
N GLY D 213 -26.56 35.03 14.52
CA GLY D 213 -26.24 36.44 14.28
C GLY D 213 -26.18 37.28 15.53
N ALA D 214 -25.79 36.67 16.64
CA ALA D 214 -25.70 37.37 17.92
C ALA D 214 -24.39 37.04 18.62
N MET E 1 -31.54 5.76 -30.13
CA MET E 1 -30.80 7.01 -30.01
C MET E 1 -30.04 7.07 -28.70
N LYS E 2 -28.78 7.48 -28.76
CA LYS E 2 -27.93 7.57 -27.58
C LYS E 2 -27.36 8.97 -27.49
N LEU E 3 -27.47 9.57 -26.32
CA LEU E 3 -27.01 10.93 -26.09
C LEU E 3 -25.77 10.94 -25.20
N VAL E 4 -24.99 12.01 -25.33
CA VAL E 4 -23.74 12.15 -24.62
C VAL E 4 -23.84 13.38 -23.73
N ILE E 5 -23.65 13.20 -22.43
CA ILE E 5 -23.72 14.31 -21.47
C ILE E 5 -22.29 14.81 -21.28
N GLU E 6 -21.97 15.89 -21.94
CA GLU E 6 -20.62 16.45 -21.96
C GLU E 6 -20.55 17.61 -20.96
N GLY E 7 -19.45 17.68 -20.22
CA GLY E 7 -19.28 18.75 -19.26
C GLY E 7 -17.89 18.76 -18.68
N THR E 8 -17.76 19.46 -17.56
CA THR E 8 -16.49 19.61 -16.87
C THR E 8 -16.73 19.64 -15.37
N ILE E 9 -15.91 18.91 -14.63
CA ILE E 9 -15.90 18.96 -13.17
C ILE E 9 -14.74 19.85 -12.78
N VAL E 10 -15.02 20.87 -11.97
CA VAL E 10 -14.00 21.80 -11.49
C VAL E 10 -13.85 21.61 -10.00
N LEU E 11 -12.62 21.39 -9.55
CA LEU E 11 -12.35 21.14 -8.15
C LEU E 11 -12.28 22.45 -7.38
N LYS E 12 -13.06 22.54 -6.32
CA LYS E 12 -12.96 23.68 -5.42
C LYS E 12 -12.00 23.43 -4.29
N THR E 13 -11.84 22.17 -3.88
CA THR E 13 -10.89 21.74 -2.87
C THR E 13 -10.26 20.44 -3.37
N GLY E 14 -9.65 19.70 -2.46
CA GLY E 14 -8.83 18.53 -2.75
C GLY E 14 -9.27 17.41 -3.67
N MET E 15 -10.36 16.71 -3.33
CA MET E 15 -10.82 15.51 -4.05
C MET E 15 -9.73 14.44 -4.05
N HIS E 16 -9.60 13.81 -2.90
CA HIS E 16 -8.75 12.64 -2.75
C HIS E 16 -9.60 11.41 -3.01
N ILE E 17 -9.64 10.95 -4.25
CA ILE E 17 -10.30 9.69 -4.60
C ILE E 17 -9.24 8.63 -4.83
N GLY E 18 -9.42 7.48 -4.20
CA GLY E 18 -8.82 6.26 -4.71
C GLY E 18 -7.46 5.95 -4.15
N GLY E 19 -6.97 4.76 -4.45
CA GLY E 19 -5.60 4.41 -4.15
C GLY E 19 -5.42 2.98 -3.76
N SER E 20 -4.27 2.41 -4.11
CA SER E 20 -3.87 1.15 -3.52
C SER E 20 -3.58 1.36 -2.05
N SER E 21 -4.12 0.48 -1.22
CA SER E 21 -3.83 0.53 0.21
C SER E 21 -2.58 -0.25 0.58
N ASP E 22 -1.65 -0.39 -0.36
CA ASP E 22 -0.38 -1.05 -0.09
C ASP E 22 0.56 -0.06 0.58
N PHE E 23 1.71 -0.55 1.02
CA PHE E 23 2.74 0.35 1.53
C PHE E 23 3.36 1.15 0.40
N SER E 24 3.49 2.46 0.63
CA SER E 24 4.16 3.33 -0.31
C SER E 24 5.63 3.51 0.02
N ALA E 25 5.93 4.03 1.21
CA ALA E 25 7.28 4.18 1.71
C ALA E 25 7.16 4.36 3.22
N ILE E 26 8.25 4.82 3.82
CA ILE E 26 8.25 4.98 5.28
C ILE E 26 7.90 6.41 5.66
N GLY E 27 8.55 7.38 5.04
CA GLY E 27 8.28 8.75 5.41
C GLY E 27 7.65 9.58 4.31
N ALA E 28 6.97 8.93 3.38
CA ALA E 28 6.52 9.60 2.16
C ALA E 28 5.00 9.64 2.13
N VAL E 29 4.47 10.05 0.98
CA VAL E 29 3.03 10.20 0.84
C VAL E 29 2.35 8.84 0.88
N ALA E 30 1.34 8.74 1.72
CA ALA E 30 0.62 7.49 1.93
C ALA E 30 -0.79 7.63 1.39
N SER E 31 -1.31 6.54 0.84
CA SER E 31 -2.56 6.47 0.09
C SER E 31 -2.54 7.50 -1.02
N PRO E 32 -1.84 7.25 -2.13
CA PRO E 32 -1.87 8.18 -3.26
C PRO E 32 -3.22 8.13 -3.95
N VAL E 33 -3.45 9.11 -4.78
CA VAL E 33 -4.70 9.19 -5.53
C VAL E 33 -4.63 8.23 -6.71
N VAL E 34 -5.81 7.88 -7.24
CA VAL E 34 -5.88 6.97 -8.37
C VAL E 34 -5.49 7.71 -9.63
N ARG E 35 -4.81 7.00 -10.55
CA ARG E 35 -4.27 7.62 -11.75
C ARG E 35 -4.50 6.69 -12.92
N ASP E 36 -4.38 7.25 -14.13
CA ASP E 36 -4.38 6.47 -15.35
C ASP E 36 -2.95 6.06 -15.66
N THR E 37 -2.63 4.79 -15.43
CA THR E 37 -1.24 4.38 -15.20
C THR E 37 -0.39 4.45 -16.45
N LEU E 38 -0.98 4.59 -17.64
CA LEU E 38 -0.18 4.90 -18.81
C LEU E 38 0.37 6.31 -18.73
N THR E 39 -0.47 7.27 -18.44
CA THR E 39 -0.03 8.65 -18.30
C THR E 39 0.44 8.97 -16.90
N ARG E 40 -0.12 8.30 -15.89
CA ARG E 40 -0.07 8.69 -14.49
C ARG E 40 -0.44 10.15 -14.34
N LEU E 41 -1.64 10.45 -14.84
CA LEU E 41 -2.46 11.62 -14.71
C LEU E 41 -3.54 11.33 -13.70
N PRO E 42 -3.84 12.25 -12.78
CA PRO E 42 -4.83 11.97 -11.73
C PRO E 42 -6.23 11.79 -12.30
N LEU E 43 -6.98 10.89 -11.68
CA LEU E 43 -8.15 10.29 -12.29
C LEU E 43 -9.36 10.39 -11.39
N ILE E 44 -10.52 10.66 -12.00
CA ILE E 44 -11.80 10.41 -11.35
C ILE E 44 -12.38 9.15 -11.95
N PRO E 45 -12.53 8.08 -11.19
CA PRO E 45 -13.24 6.91 -11.70
C PRO E 45 -14.70 7.22 -11.92
N GLY E 46 -15.30 6.56 -12.91
CA GLY E 46 -16.72 6.72 -13.12
C GLY E 46 -17.55 6.05 -12.06
N SER E 47 -16.97 5.08 -11.38
CA SER E 47 -17.64 4.40 -10.27
C SER E 47 -17.91 5.35 -9.13
N SER E 48 -16.95 6.24 -8.82
CA SER E 48 -17.10 7.17 -7.72
C SER E 48 -18.19 8.19 -8.02
N LEU E 49 -18.16 8.75 -9.23
CA LEU E 49 -19.15 9.73 -9.62
C LEU E 49 -20.54 9.11 -9.67
N LYS E 50 -20.64 7.90 -10.21
CA LYS E 50 -21.94 7.21 -10.30
C LYS E 50 -22.49 6.89 -8.91
N GLY E 51 -21.62 6.40 -8.01
CA GLY E 51 -22.09 6.03 -6.68
C GLY E 51 -22.51 7.23 -5.87
N LYS E 52 -21.76 8.33 -5.95
CA LYS E 52 -22.12 9.51 -5.17
C LYS E 52 -23.38 10.17 -5.74
N MET E 53 -23.50 10.22 -7.07
CA MET E 53 -24.72 10.73 -7.69
C MET E 53 -25.93 9.89 -7.31
N ARG E 54 -25.77 8.57 -7.31
CA ARG E 54 -26.89 7.70 -6.99
C ARG E 54 -27.30 7.86 -5.53
N TYR E 55 -26.32 8.01 -4.63
CA TYR E 55 -26.63 8.19 -3.22
C TYR E 55 -27.38 9.49 -2.96
N LEU E 56 -26.87 10.60 -3.51
CA LEU E 56 -27.51 11.89 -3.26
C LEU E 56 -28.87 12.00 -3.96
N LEU E 57 -28.94 11.52 -5.20
CA LEU E 57 -30.17 11.59 -5.97
C LEU E 57 -31.25 10.68 -5.39
N ALA E 58 -30.84 9.54 -4.84
CA ALA E 58 -31.82 8.68 -4.19
C ALA E 58 -32.07 9.10 -2.76
N LYS E 59 -31.32 10.06 -2.24
CA LYS E 59 -31.71 10.64 -0.96
C LYS E 59 -32.70 11.79 -1.16
N GLU E 60 -32.58 12.53 -2.26
CA GLU E 60 -33.52 13.63 -2.50
C GLU E 60 -34.90 13.10 -2.91
N LEU E 61 -34.93 12.14 -3.84
CA LEU E 61 -36.11 11.30 -3.97
C LEU E 61 -36.18 10.39 -2.76
N ASN E 62 -37.36 9.83 -2.50
CA ASN E 62 -37.69 9.14 -1.24
C ASN E 62 -37.40 10.09 -0.06
N ASN E 63 -38.18 11.18 -0.05
CA ASN E 63 -37.79 12.45 0.54
C ASN E 63 -37.39 12.40 2.01
N GLY E 64 -36.16 12.84 2.27
CA GLY E 64 -35.62 12.69 3.60
C GLY E 64 -34.53 11.65 3.66
N ILE E 65 -34.87 10.51 4.23
CA ILE E 65 -33.90 9.49 4.58
C ILE E 65 -33.78 8.46 3.46
N LEU E 66 -32.63 7.77 3.41
CA LEU E 66 -32.39 6.66 2.49
C LEU E 66 -31.81 5.50 3.29
N LEU E 67 -32.69 4.73 3.94
CA LEU E 67 -32.27 3.57 4.72
C LEU E 67 -32.65 2.28 4.00
N ASN E 68 -32.07 2.04 2.82
CA ASN E 68 -32.43 0.81 2.13
C ASN E 68 -31.28 0.33 1.25
N GLU E 69 -31.42 -0.92 0.80
CA GLU E 69 -30.49 -1.55 -0.12
C GLU E 69 -30.53 -0.85 -1.48
N PRO E 70 -29.39 -0.77 -2.19
CA PRO E 70 -29.38 0.02 -3.43
C PRO E 70 -30.05 -0.65 -4.60
N ASN E 71 -30.49 -1.88 -4.47
CA ASN E 71 -31.12 -2.58 -5.58
C ASN E 71 -32.61 -2.28 -5.65
N ASN E 72 -33.16 -1.66 -4.62
CA ASN E 72 -34.56 -1.24 -4.65
C ASN E 72 -34.78 0.03 -3.83
N ASP E 73 -34.63 1.17 -4.48
CA ASP E 73 -34.97 2.36 -3.72
C ASP E 73 -36.11 3.17 -4.34
N GLN E 74 -35.97 3.60 -5.59
CA GLN E 74 -36.99 4.40 -6.25
C GLN E 74 -36.91 4.14 -7.73
N ASP E 75 -38.07 4.13 -8.39
CA ASP E 75 -38.15 3.67 -9.78
C ASP E 75 -37.37 4.56 -10.73
N GLU E 76 -37.34 5.87 -10.47
CA GLU E 76 -36.51 6.76 -11.26
C GLU E 76 -35.04 6.45 -11.08
N ILE E 77 -34.63 6.17 -9.85
CA ILE E 77 -33.25 5.79 -9.57
C ILE E 77 -32.94 4.44 -10.21
N LEU E 78 -33.90 3.52 -10.19
CA LEU E 78 -33.70 2.20 -10.78
C LEU E 78 -33.51 2.28 -12.29
N ARG E 79 -34.31 3.10 -12.98
CA ARG E 79 -34.14 3.21 -14.41
C ARG E 79 -32.98 4.11 -14.80
N LEU E 80 -32.46 4.91 -13.87
CA LEU E 80 -31.32 5.75 -14.23
C LEU E 80 -30.00 5.06 -13.96
N PHE E 81 -29.91 4.25 -12.90
CA PHE E 81 -28.64 3.68 -12.47
C PHE E 81 -28.63 2.16 -12.42
N GLY E 82 -29.53 1.51 -13.14
CA GLY E 82 -29.47 0.07 -13.26
C GLY E 82 -30.12 -0.66 -12.11
N SER E 83 -30.27 -1.97 -12.30
CA SER E 83 -31.04 -2.81 -11.42
C SER E 83 -30.46 -4.22 -11.44
N SER E 84 -30.66 -4.93 -10.35
CA SER E 84 -30.26 -6.34 -10.33
C SER E 84 -31.21 -7.24 -9.54
N GLU E 85 -32.43 -6.81 -9.28
CA GLU E 85 -33.35 -7.64 -8.52
C GLU E 85 -33.79 -8.83 -9.37
N LYS E 86 -34.22 -9.90 -8.69
CA LYS E 86 -34.44 -11.21 -9.27
C LYS E 86 -35.51 -11.21 -10.36
N ASP E 87 -36.75 -10.90 -9.99
CA ASP E 87 -37.84 -10.89 -10.95
C ASP E 87 -38.07 -9.51 -11.54
N LYS E 88 -37.24 -8.54 -11.19
CA LYS E 88 -37.46 -7.18 -11.67
C LYS E 88 -36.09 -6.56 -11.98
N ILE E 89 -35.70 -6.62 -13.24
CA ILE E 89 -34.43 -6.08 -13.70
C ILE E 89 -34.68 -5.19 -14.91
N ARG E 90 -34.05 -4.01 -14.91
CA ARG E 90 -33.97 -3.14 -16.09
C ARG E 90 -32.60 -2.49 -16.15
N ARG E 91 -32.21 -2.13 -17.37
CA ARG E 91 -30.86 -1.63 -17.65
C ARG E 91 -30.69 -0.22 -17.16
N ALA E 92 -29.43 0.17 -16.94
CA ALA E 92 -29.10 1.56 -16.69
C ALA E 92 -29.10 2.32 -18.01
N ARG E 93 -29.68 3.51 -18.00
CA ARG E 93 -29.61 4.35 -19.18
C ARG E 93 -28.33 5.17 -19.23
N LEU E 94 -27.64 5.30 -18.12
CA LEU E 94 -26.44 6.12 -18.04
C LEU E 94 -25.21 5.24 -18.10
N LYS E 95 -24.19 5.72 -18.81
CA LYS E 95 -22.91 5.01 -18.90
C LYS E 95 -21.85 6.01 -18.47
N PHE E 96 -21.40 5.91 -17.23
CA PHE E 96 -20.36 6.80 -16.76
C PHE E 96 -19.02 6.37 -17.34
N ASN E 97 -18.05 7.27 -17.27
CA ASN E 97 -16.74 6.99 -17.84
C ASN E 97 -15.66 7.45 -16.88
N ASP E 98 -14.50 6.82 -16.99
CA ASP E 98 -13.33 7.23 -16.23
C ASP E 98 -12.90 8.61 -16.71
N ILE E 99 -12.88 9.56 -15.80
CA ILE E 99 -12.58 10.95 -16.14
C ILE E 99 -11.11 11.21 -15.89
N LYS E 100 -10.45 11.80 -16.88
CA LYS E 100 -9.04 12.16 -16.77
C LYS E 100 -8.90 13.67 -16.65
N LEU E 101 -7.82 14.10 -16.01
CA LEU E 101 -7.56 15.53 -15.87
C LEU E 101 -7.23 16.14 -17.22
N SER E 102 -7.83 17.28 -17.51
CA SER E 102 -7.75 17.88 -18.83
C SER E 102 -6.91 19.13 -18.89
N ASN E 103 -6.83 19.92 -17.82
CA ASN E 103 -6.15 21.20 -17.83
C ASN E 103 -4.74 21.13 -17.29
N LEU E 104 -4.02 20.04 -17.57
CA LEU E 104 -2.61 19.95 -17.18
C LEU E 104 -1.76 20.99 -17.89
N ALA E 105 -2.17 21.43 -19.08
CA ALA E 105 -1.48 22.53 -19.76
C ALA E 105 -1.58 23.82 -18.97
N GLU E 106 -2.79 24.13 -18.46
CA GLU E 106 -2.97 25.34 -17.67
C GLU E 106 -2.24 25.24 -16.33
N LEU E 107 -2.12 24.03 -15.80
CA LEU E 107 -1.38 23.84 -14.56
C LEU E 107 0.12 23.91 -14.79
N GLU E 108 0.57 23.57 -16.00
CA GLU E 108 1.98 23.71 -16.32
C GLU E 108 2.33 25.17 -16.57
N THR E 109 1.37 25.97 -17.02
CA THR E 109 1.62 27.40 -17.17
C THR E 109 1.73 28.10 -15.83
N PHE E 110 1.24 27.50 -14.75
CA PHE E 110 1.36 28.08 -13.43
C PHE E 110 2.56 27.56 -12.66
N ASN E 111 3.35 26.69 -13.29
CA ASN E 111 4.51 26.00 -12.70
C ASN E 111 4.15 25.27 -11.41
N VAL E 112 3.09 24.47 -11.50
CA VAL E 112 2.66 23.62 -10.39
C VAL E 112 2.36 22.25 -10.96
N SER E 113 2.59 21.22 -10.15
CA SER E 113 2.23 19.87 -10.53
C SER E 113 0.71 19.69 -10.43
N SER E 114 0.22 18.58 -10.96
CA SER E 114 -1.21 18.30 -10.96
C SER E 114 -1.70 17.77 -9.62
N THR E 115 -0.80 17.50 -8.69
CA THR E 115 -1.19 16.95 -7.40
C THR E 115 -0.34 17.61 -6.32
N GLU E 116 -0.81 17.50 -5.08
CA GLU E 116 -0.11 18.04 -3.93
C GLU E 116 -0.12 16.99 -2.84
N VAL E 117 0.48 17.34 -1.70
CA VAL E 117 0.45 16.49 -0.52
C VAL E 117 -0.08 17.36 0.62
N LYS E 118 -1.21 16.98 1.19
CA LYS E 118 -1.68 17.63 2.41
C LYS E 118 -1.15 16.89 3.63
N PHE E 119 -0.60 17.65 4.56
CA PHE E 119 -0.13 17.11 5.83
C PHE E 119 -1.22 17.25 6.86
N GLU E 120 -1.55 16.15 7.53
CA GLU E 120 -2.55 16.16 8.59
C GLU E 120 -1.95 15.50 9.82
N ASN E 121 -2.67 15.60 10.93
CA ASN E 121 -2.41 14.75 12.07
C ASN E 121 -3.69 14.60 12.87
N THR E 122 -3.57 13.96 14.02
CA THR E 122 -4.64 13.93 15.01
C THR E 122 -4.01 14.05 16.38
N ILE E 123 -4.80 14.36 17.39
CA ILE E 123 -4.29 14.52 18.73
C ILE E 123 -5.02 13.51 19.61
N ASN E 124 -4.30 12.50 20.10
CA ASN E 124 -4.89 11.49 20.96
C ASN E 124 -5.14 12.17 22.30
N ARG E 125 -6.40 12.47 22.59
CA ARG E 125 -6.75 13.49 23.58
C ARG E 125 -6.45 13.09 25.01
N LYS E 126 -6.14 11.82 25.29
CA LYS E 126 -5.73 11.46 26.64
C LYS E 126 -4.27 11.81 26.87
N THR E 127 -3.42 11.54 25.90
CA THR E 127 -1.99 11.79 26.01
C THR E 127 -1.55 13.09 25.32
N ALA E 128 -2.45 13.69 24.52
CA ALA E 128 -2.23 14.95 23.82
C ALA E 128 -1.02 14.91 22.88
N VAL E 129 -0.74 13.73 22.30
CA VAL E 129 0.39 13.55 21.41
C VAL E 129 -0.16 13.50 19.99
N ALA E 130 0.69 13.80 19.01
CA ALA E 130 0.21 13.88 17.64
C ALA E 130 0.48 12.58 16.89
N ASN E 131 -0.20 12.41 15.75
CA ASN E 131 -0.08 11.20 14.94
C ASN E 131 -0.22 11.66 13.51
N PRO E 132 0.90 11.93 12.83
CA PRO E 132 0.85 12.61 11.54
C PRO E 132 0.32 11.73 10.43
N ARG E 133 0.07 12.36 9.28
CA ARG E 133 -0.80 11.83 8.26
C ARG E 133 -0.51 12.60 6.98
N GLN E 134 0.01 11.93 5.97
CA GLN E 134 0.15 12.54 4.65
C GLN E 134 -0.79 11.86 3.68
N ILE E 135 -1.59 12.65 2.98
CA ILE E 135 -2.51 12.16 1.98
C ILE E 135 -2.26 12.92 0.68
N GLU E 136 -2.20 12.20 -0.42
CA GLU E 136 -2.10 12.88 -1.70
C GLU E 136 -3.46 13.45 -2.05
N ARG E 137 -3.47 14.61 -2.68
CA ARG E 137 -4.69 15.27 -3.07
C ARG E 137 -4.45 15.92 -4.40
N VAL E 138 -5.45 15.89 -5.27
CA VAL E 138 -5.37 16.65 -6.49
C VAL E 138 -5.53 18.12 -6.12
N ILE E 139 -4.88 19.01 -6.85
CA ILE E 139 -4.91 20.41 -6.45
C ILE E 139 -6.27 21.00 -6.81
N ALA E 140 -6.61 22.11 -6.19
CA ALA E 140 -7.83 22.81 -6.55
C ALA E 140 -7.66 23.49 -7.90
N GLY E 141 -8.77 23.74 -8.57
CA GLY E 141 -8.69 24.31 -9.90
C GLY E 141 -8.37 23.33 -10.98
N SER E 142 -8.33 22.03 -10.67
CA SER E 142 -8.10 21.00 -11.66
C SER E 142 -9.40 20.68 -12.37
N LYS E 143 -9.35 20.60 -13.70
CA LYS E 143 -10.53 20.39 -14.51
C LYS E 143 -10.57 18.96 -15.02
N PHE E 144 -11.78 18.42 -15.14
CA PHE E 144 -12.00 17.02 -15.46
C PHE E 144 -13.12 16.95 -16.49
N ASP E 145 -12.76 16.90 -17.77
CA ASP E 145 -13.77 16.81 -18.82
C ASP E 145 -14.35 15.41 -18.86
N PHE E 146 -15.67 15.30 -18.69
CA PHE E 146 -16.32 14.01 -18.60
C PHE E 146 -17.36 13.85 -19.69
N GLU E 147 -17.62 12.59 -20.04
CA GLU E 147 -18.64 12.20 -21.00
C GLU E 147 -19.46 11.08 -20.38
N ILE E 148 -20.77 11.25 -20.30
CA ILE E 148 -21.67 10.18 -19.87
C ILE E 148 -22.60 9.87 -21.03
N PHE E 149 -22.64 8.60 -21.42
CA PHE E 149 -23.53 8.18 -22.48
C PHE E 149 -24.92 7.91 -21.91
N TYR E 150 -25.92 8.58 -22.46
CA TYR E 150 -27.30 8.41 -22.04
C TYR E 150 -28.00 7.53 -23.07
N ASN E 151 -28.57 6.43 -22.61
CA ASN E 151 -29.32 5.51 -23.48
C ASN E 151 -30.78 5.93 -23.45
N LEU E 152 -31.26 6.52 -24.54
CA LEU E 152 -32.62 7.03 -24.57
C LEU E 152 -33.52 5.85 -24.89
N ASP E 153 -33.99 5.18 -23.83
CA ASP E 153 -34.85 4.02 -24.00
C ASP E 153 -36.26 4.41 -24.43
N ASP E 154 -36.82 5.48 -23.88
CA ASP E 154 -38.20 5.85 -24.15
C ASP E 154 -38.29 7.37 -24.17
N ILE E 155 -39.01 7.88 -25.17
CA ILE E 155 -39.21 9.32 -25.35
C ILE E 155 -40.01 9.96 -24.22
N LYS E 156 -40.89 9.21 -23.57
CA LYS E 156 -41.78 9.78 -22.57
C LYS E 156 -41.12 10.04 -21.23
N GLU E 157 -39.86 9.62 -21.06
CA GLU E 157 -39.19 9.68 -19.77
C GLU E 157 -37.93 10.54 -19.78
N VAL E 158 -37.53 11.07 -20.93
CA VAL E 158 -36.20 11.67 -21.05
C VAL E 158 -36.15 13.02 -20.35
N GLU E 159 -37.26 13.75 -20.33
CA GLU E 159 -37.26 15.06 -19.67
C GLU E 159 -37.25 14.91 -18.15
N LYS E 160 -37.95 13.90 -17.62
CA LYS E 160 -37.88 13.63 -16.20
C LYS E 160 -36.51 13.08 -15.83
N ASP E 161 -35.89 12.33 -16.73
CA ASP E 161 -34.56 11.79 -16.45
C ASP E 161 -33.52 12.90 -16.39
N PHE E 162 -33.55 13.87 -17.30
CA PHE E 162 -32.60 14.97 -17.16
C PHE E 162 -33.00 15.98 -16.10
N GLU E 163 -34.27 16.05 -15.73
CA GLU E 163 -34.61 16.81 -14.52
C GLU E 163 -33.97 16.19 -13.29
N ASN E 164 -33.98 14.85 -13.21
CA ASN E 164 -33.32 14.16 -12.11
C ASN E 164 -31.80 14.27 -12.21
N ILE E 165 -31.26 14.29 -13.43
CA ILE E 165 -29.80 14.38 -13.58
C ILE E 165 -29.31 15.76 -13.18
N LYS E 166 -30.04 16.80 -13.57
CA LYS E 166 -29.71 18.15 -13.11
C LYS E 166 -29.91 18.28 -11.61
N GLN E 167 -30.89 17.56 -11.06
CA GLN E 167 -31.09 17.53 -9.62
C GLN E 167 -29.89 16.92 -8.90
N GLY E 168 -29.39 15.80 -9.43
CA GLY E 168 -28.21 15.16 -8.83
C GLY E 168 -26.95 15.99 -8.98
N PHE E 169 -26.83 16.71 -10.10
CA PHE E 169 -25.70 17.59 -10.30
C PHE E 169 -25.74 18.78 -9.37
N ASP E 170 -26.94 19.32 -9.12
CA ASP E 170 -27.09 20.37 -8.12
C ASP E 170 -26.81 19.85 -6.72
N LEU E 171 -27.14 18.59 -6.47
CA LEU E 171 -26.86 18.02 -5.15
C LEU E 171 -25.37 17.80 -4.94
N LEU E 172 -24.63 17.50 -6.00
CA LEU E 172 -23.20 17.26 -5.82
C LEU E 172 -22.43 18.56 -5.61
N GLU E 173 -23.00 19.68 -6.04
CA GLU E 173 -22.37 20.99 -5.83
C GLU E 173 -22.29 21.35 -4.36
N PHE E 174 -23.19 20.81 -3.55
CA PHE E 174 -23.23 21.07 -2.12
C PHE E 174 -22.79 19.86 -1.33
N ASP E 175 -21.99 18.99 -1.94
CA ASP E 175 -21.46 17.83 -1.26
C ASP E 175 -20.07 17.55 -1.83
N TYR E 176 -19.43 16.51 -1.32
CA TYR E 176 -18.10 16.15 -1.79
C TYR E 176 -18.13 14.94 -2.71
N LEU E 177 -17.07 14.79 -3.51
CA LEU E 177 -17.07 13.77 -4.53
C LEU E 177 -16.34 12.52 -4.06
N GLY E 178 -15.27 12.67 -3.31
CA GLY E 178 -14.60 11.49 -2.83
C GLY E 178 -13.58 11.74 -1.74
N GLY E 179 -13.48 10.82 -0.81
CA GLY E 179 -12.45 10.91 0.19
C GLY E 179 -12.85 11.75 1.38
N HIS E 180 -11.87 12.34 2.04
CA HIS E 180 -12.07 13.00 3.33
C HIS E 180 -12.84 14.28 3.17
N GLY E 181 -14.13 14.17 2.91
CA GLY E 181 -14.90 15.32 2.50
C GLY E 181 -15.33 16.22 3.62
N THR E 182 -15.63 15.63 4.78
CA THR E 182 -16.02 16.45 5.92
C THR E 182 -14.84 17.18 6.53
N ARG E 183 -13.62 16.83 6.14
CA ARG E 183 -12.41 17.53 6.50
C ARG E 183 -11.94 18.47 5.41
N GLY E 184 -12.85 19.09 4.70
CA GLY E 184 -12.46 20.13 3.78
C GLY E 184 -11.81 19.64 2.51
N SER E 185 -12.41 18.66 1.86
CA SER E 185 -11.88 18.16 0.60
C SER E 185 -13.04 17.68 -0.23
N GLY E 186 -12.78 17.44 -1.51
CA GLY E 186 -13.76 16.83 -2.35
C GLY E 186 -14.80 17.74 -2.95
N ARG E 187 -14.75 19.03 -2.67
CA ARG E 187 -15.79 19.91 -3.17
C ARG E 187 -15.62 20.19 -4.66
N ILE E 188 -16.68 19.93 -5.43
CA ILE E 188 -16.64 20.04 -6.88
C ILE E 188 -17.69 21.05 -7.33
N ALA E 189 -17.64 21.40 -8.61
CA ALA E 189 -18.58 22.34 -9.19
C ALA E 189 -18.68 22.04 -10.68
N PHE E 190 -19.82 21.52 -11.11
CA PHE E 190 -20.05 21.15 -12.50
C PHE E 190 -20.24 22.40 -13.35
N GLU E 191 -19.68 22.38 -14.56
CA GLU E 191 -19.85 23.52 -15.44
C GLU E 191 -19.78 23.06 -16.89
N ASN E 192 -20.26 23.93 -17.78
CA ASN E 192 -20.28 23.74 -19.23
C ASN E 192 -21.01 22.46 -19.65
N LEU E 193 -22.17 22.23 -19.03
CA LEU E 193 -22.96 21.06 -19.33
C LEU E 193 -23.71 21.23 -20.63
N SER E 194 -23.73 20.17 -21.44
CA SER E 194 -24.49 20.15 -22.69
C SER E 194 -24.75 18.70 -23.06
N VAL E 195 -25.71 18.50 -23.96
CA VAL E 195 -26.07 17.18 -24.46
C VAL E 195 -26.04 17.21 -25.98
N ILE E 196 -25.29 16.29 -26.58
CA ILE E 196 -25.20 16.19 -28.03
C ILE E 196 -25.44 14.74 -28.41
N THR E 197 -25.92 14.52 -29.62
CA THR E 197 -26.27 13.18 -30.09
C THR E 197 -25.03 12.41 -30.49
N ALA E 198 -25.14 11.08 -30.47
CA ALA E 198 -24.05 10.25 -30.95
C ALA E 198 -24.07 10.14 -32.47
N VAL E 199 -25.15 9.61 -33.02
CA VAL E 199 -25.35 9.51 -34.46
C VAL E 199 -26.70 10.12 -34.80
N GLY E 200 -26.84 10.60 -36.03
CA GLY E 200 -28.11 11.17 -36.45
C GLY E 200 -28.39 12.50 -35.78
N ASN E 201 -29.66 12.76 -35.50
CA ASN E 201 -30.04 13.97 -34.79
C ASN E 201 -31.32 13.73 -34.01
N PHE E 202 -31.36 14.24 -32.79
CA PHE E 202 -32.56 14.24 -31.97
C PHE E 202 -33.33 15.53 -32.24
N GLU E 203 -34.66 15.44 -32.19
CA GLU E 203 -35.47 16.57 -32.58
C GLU E 203 -35.70 17.56 -31.45
N LYS E 204 -36.10 17.09 -30.26
CA LYS E 204 -36.32 17.98 -29.13
C LYS E 204 -35.11 17.98 -28.19
N ILE E 205 -33.94 18.31 -28.74
CA ILE E 205 -32.73 18.30 -27.94
C ILE E 205 -32.61 19.58 -27.10
N ASN E 206 -33.39 20.61 -27.45
CA ASN E 206 -33.22 21.91 -26.80
C ASN E 206 -33.80 21.92 -25.40
N THR E 207 -34.95 21.26 -25.20
CA THR E 207 -35.54 21.23 -23.86
C THR E 207 -34.65 20.49 -22.88
N LEU E 208 -33.99 19.43 -23.35
CA LEU E 208 -32.99 18.71 -22.57
C LEU E 208 -31.78 19.59 -22.30
N ASN E 209 -31.29 20.30 -23.33
CA ASN E 209 -30.05 21.05 -23.23
C ASN E 209 -30.15 22.21 -22.25
N GLU E 210 -31.31 22.86 -22.18
CA GLU E 210 -31.44 23.93 -21.21
C GLU E 210 -32.43 23.63 -20.07
N ILE E 211 -32.77 22.35 -19.85
CA ILE E 211 -33.06 22.01 -18.45
C ILE E 211 -31.81 21.51 -17.79
N LEU E 212 -30.80 21.11 -18.58
CA LEU E 212 -29.57 20.65 -17.96
C LEU E 212 -28.51 21.75 -17.94
N GLY E 213 -28.49 22.62 -18.95
CA GLY E 213 -27.51 23.69 -18.97
C GLY E 213 -28.01 24.98 -18.37
N ALA E 214 -28.62 24.89 -17.19
CA ALA E 214 -29.10 26.08 -16.49
C ALA E 214 -29.00 25.88 -14.98
N MET F 1 -15.29 26.92 29.66
CA MET F 1 -15.19 27.90 30.74
C MET F 1 -13.76 28.42 30.81
N LYS F 2 -13.56 29.65 30.34
CA LYS F 2 -12.25 30.26 30.31
C LYS F 2 -12.30 31.56 31.08
N LEU F 3 -11.14 32.00 31.56
CA LEU F 3 -11.01 33.34 32.09
C LEU F 3 -10.05 34.14 31.22
N VAL F 4 -10.30 35.44 31.13
CA VAL F 4 -9.49 36.34 30.32
C VAL F 4 -8.81 37.32 31.25
N ILE F 5 -7.49 37.38 31.20
CA ILE F 5 -6.71 38.22 32.11
C ILE F 5 -6.37 39.49 31.34
N GLU F 6 -7.26 40.48 31.43
CA GLU F 6 -7.05 41.76 30.78
C GLU F 6 -6.02 42.56 31.59
N GLY F 7 -5.19 43.33 30.90
CA GLY F 7 -4.18 44.10 31.60
C GLY F 7 -3.58 45.17 30.72
N THR F 8 -2.55 45.83 31.24
CA THR F 8 -1.83 46.85 30.50
C THR F 8 -0.37 46.85 30.94
N ILE F 9 0.53 46.71 29.97
CA ILE F 9 1.97 46.80 30.21
C ILE F 9 2.40 48.24 29.96
N VAL F 10 2.99 48.86 30.96
CA VAL F 10 3.45 50.24 30.86
C VAL F 10 4.97 50.25 30.78
N LEU F 11 5.50 50.89 29.75
CA LEU F 11 6.93 50.90 29.50
C LEU F 11 7.60 51.99 30.33
N LYS F 12 8.60 51.62 31.11
CA LYS F 12 9.42 52.58 31.82
C LYS F 12 10.69 52.97 31.08
N THR F 13 11.17 52.10 30.20
CA THR F 13 12.46 52.27 29.53
C THR F 13 12.21 51.84 28.07
N GLY F 14 13.26 51.58 27.29
CA GLY F 14 13.15 51.35 25.87
C GLY F 14 12.41 50.13 25.36
N MET F 15 12.85 48.92 25.74
CA MET F 15 12.28 47.65 25.27
C MET F 15 12.38 47.56 23.75
N HIS F 16 13.60 47.29 23.30
CA HIS F 16 13.84 46.86 21.93
C HIS F 16 13.69 45.36 21.85
N ILE F 17 12.70 44.88 21.11
CA ILE F 17 12.49 43.46 20.90
C ILE F 17 12.43 43.18 19.41
N GLY F 18 13.15 42.16 18.97
CA GLY F 18 12.76 41.42 17.80
C GLY F 18 13.67 41.59 16.61
N GLY F 19 13.49 40.68 15.66
CA GLY F 19 14.19 40.74 14.40
C GLY F 19 13.23 41.02 13.27
N SER F 20 13.56 41.99 12.45
CA SER F 20 12.73 42.30 11.29
C SER F 20 13.41 41.82 10.02
N SER F 21 12.62 41.73 8.95
CA SER F 21 13.18 41.55 7.62
C SER F 21 13.34 42.86 6.88
N ASP F 22 13.38 43.98 7.59
CA ASP F 22 13.63 45.27 6.99
C ASP F 22 15.06 45.33 6.49
N PHE F 23 15.24 45.84 5.27
CA PHE F 23 16.58 46.21 4.84
C PHE F 23 17.04 47.44 5.59
N SER F 24 18.25 47.37 6.13
CA SER F 24 18.78 48.42 6.98
C SER F 24 19.73 49.28 6.17
N ALA F 25 19.47 50.58 6.13
CA ALA F 25 20.41 51.49 5.51
C ALA F 25 21.64 51.66 6.41
N ILE F 26 22.77 51.95 5.77
CA ILE F 26 24.05 51.85 6.45
C ILE F 26 24.39 53.11 7.24
N GLY F 27 23.68 54.20 6.97
CA GLY F 27 23.82 55.33 7.84
C GLY F 27 22.68 55.39 8.83
N ALA F 28 21.97 54.27 8.94
CA ALA F 28 20.72 54.23 9.68
C ALA F 28 20.72 53.11 10.69
N VAL F 29 19.53 52.81 11.22
CA VAL F 29 19.38 51.81 12.26
C VAL F 29 19.67 50.42 11.71
N ALA F 30 20.36 49.62 12.51
CA ALA F 30 20.57 48.20 12.23
C ALA F 30 19.91 47.40 13.35
N SER F 31 19.37 46.23 12.98
CA SER F 31 18.52 45.40 13.83
C SER F 31 17.35 46.20 14.40
N PRO F 32 16.32 46.49 13.59
CA PRO F 32 15.18 47.24 14.11
C PRO F 32 14.24 46.41 14.97
N VAL F 33 13.17 47.04 15.45
CA VAL F 33 12.24 46.45 16.41
C VAL F 33 11.21 45.63 15.67
N VAL F 34 10.58 44.67 16.37
CA VAL F 34 9.53 43.87 15.75
C VAL F 34 8.23 44.69 15.71
N ARG F 35 7.43 44.48 14.67
CA ARG F 35 6.25 45.28 14.40
C ARG F 35 5.08 44.39 14.02
N ASP F 36 3.86 44.91 14.17
CA ASP F 36 2.66 44.19 13.76
C ASP F 36 2.38 44.49 12.29
N THR F 37 2.80 43.58 11.42
CA THR F 37 3.19 43.89 10.05
C THR F 37 2.06 44.32 9.13
N LEU F 38 0.81 44.35 9.60
CA LEU F 38 -0.26 44.90 8.77
C LEU F 38 -0.04 46.38 8.55
N THR F 39 -0.06 47.15 9.62
CA THR F 39 0.40 48.53 9.61
C THR F 39 1.89 48.67 9.86
N ARG F 40 2.53 47.58 10.29
CA ARG F 40 3.83 47.53 10.98
C ARG F 40 4.02 48.75 11.90
N LEU F 41 3.25 48.72 12.97
CA LEU F 41 3.21 49.50 14.20
C LEU F 41 3.77 48.60 15.28
N PRO F 42 4.38 49.14 16.36
CA PRO F 42 5.21 48.31 17.24
C PRO F 42 4.44 47.23 17.99
N LEU F 43 5.11 46.11 18.22
CA LEU F 43 4.52 44.87 18.68
C LEU F 43 5.33 44.27 19.81
N ILE F 44 4.64 43.71 20.79
CA ILE F 44 5.24 42.78 21.75
C ILE F 44 4.80 41.39 21.36
N PRO F 45 5.72 40.49 21.01
CA PRO F 45 5.33 39.11 20.73
C PRO F 45 4.84 38.42 21.98
N GLY F 46 3.89 37.51 21.80
CA GLY F 46 3.44 36.71 22.93
C GLY F 46 4.49 35.72 23.39
N SER F 47 5.32 35.27 22.45
CA SER F 47 6.36 34.29 22.77
C SER F 47 7.43 34.91 23.68
N SER F 48 7.73 36.20 23.49
CA SER F 48 8.70 36.86 24.33
C SER F 48 8.21 37.01 25.76
N LEU F 49 6.94 37.41 25.91
CA LEU F 49 6.37 37.55 27.24
C LEU F 49 6.26 36.21 27.93
N LYS F 50 5.88 35.17 27.19
CA LYS F 50 5.81 33.83 27.77
C LYS F 50 7.18 33.31 28.16
N GLY F 51 8.19 33.58 27.35
CA GLY F 51 9.53 33.12 27.65
C GLY F 51 10.11 33.79 28.89
N LYS F 52 9.94 35.11 28.99
CA LYS F 52 10.41 35.80 30.19
C LYS F 52 9.63 35.42 31.43
N MET F 53 8.32 35.21 31.31
CA MET F 53 7.54 34.85 32.48
C MET F 53 7.89 33.45 32.95
N ARG F 54 8.10 32.52 32.01
CA ARG F 54 8.48 31.17 32.39
C ARG F 54 9.88 31.14 32.97
N TYR F 55 10.77 32.00 32.48
CA TYR F 55 12.10 32.07 33.05
C TYR F 55 12.08 32.62 34.46
N LEU F 56 11.34 33.72 34.69
CA LEU F 56 11.39 34.35 36.00
C LEU F 56 10.58 33.57 37.04
N LEU F 57 9.55 32.85 36.61
CA LEU F 57 8.88 31.94 37.53
C LEU F 57 9.74 30.72 37.82
N ALA F 58 10.48 30.23 36.82
CA ALA F 58 11.28 29.04 37.09
C ALA F 58 12.57 29.37 37.83
N LYS F 59 12.87 30.65 38.06
CA LYS F 59 13.90 31.02 39.01
C LYS F 59 13.37 31.10 40.44
N GLU F 60 12.21 31.73 40.63
CA GLU F 60 11.69 31.98 41.97
C GLU F 60 11.11 30.70 42.57
N LEU F 61 10.26 30.02 41.82
CA LEU F 61 10.04 28.62 42.10
C LEU F 61 11.30 27.86 41.69
N ASN F 62 11.63 26.82 42.47
CA ASN F 62 12.97 26.24 42.54
C ASN F 62 13.98 27.35 42.81
N ASN F 63 13.88 27.89 44.03
CA ASN F 63 14.39 29.20 44.42
C ASN F 63 15.88 29.39 44.22
N GLY F 64 16.24 30.26 43.27
CA GLY F 64 17.63 30.48 42.96
C GLY F 64 18.07 29.84 41.67
N ILE F 65 18.74 28.69 41.77
CA ILE F 65 19.47 28.03 40.71
C ILE F 65 18.53 27.59 39.59
N LEU F 66 19.06 27.53 38.37
CA LEU F 66 18.35 27.02 37.20
C LEU F 66 19.39 26.58 36.18
N LEU F 67 19.49 25.27 35.95
CA LEU F 67 20.34 24.75 34.90
C LEU F 67 19.70 23.59 34.15
N ASN F 68 18.38 23.45 34.21
CA ASN F 68 17.73 22.29 33.61
C ASN F 68 16.96 22.69 32.36
N GLU F 69 16.66 21.68 31.54
CA GLU F 69 15.87 21.81 30.33
C GLU F 69 14.44 22.24 30.69
N PRO F 70 13.77 22.99 29.80
CA PRO F 70 12.47 23.57 30.16
C PRO F 70 11.35 22.58 30.45
N ASN F 71 11.46 21.34 30.01
CA ASN F 71 10.43 20.36 30.36
C ASN F 71 10.58 19.82 31.77
N ASN F 72 11.67 20.14 32.46
CA ASN F 72 11.93 19.62 33.79
C ASN F 72 11.79 20.72 34.85
N ASP F 73 10.83 21.61 34.67
CA ASP F 73 10.58 22.65 35.66
C ASP F 73 9.65 22.11 36.74
N GLN F 74 9.13 22.98 37.58
CA GLN F 74 8.22 22.53 38.62
C GLN F 74 6.82 22.33 38.06
N ASP F 75 5.98 21.65 38.84
CA ASP F 75 4.66 21.23 38.39
C ASP F 75 3.75 22.42 38.08
N GLU F 76 3.91 23.50 38.86
CA GLU F 76 3.14 24.72 38.61
C GLU F 76 3.47 25.30 37.24
N ILE F 77 4.75 25.27 36.88
CA ILE F 77 5.20 25.86 35.62
C ILE F 77 4.72 25.03 34.45
N LEU F 78 4.79 23.71 34.57
CA LEU F 78 4.37 22.84 33.47
C LEU F 78 2.87 22.90 33.29
N ARG F 79 2.12 22.95 34.38
CA ARG F 79 0.67 23.03 34.25
C ARG F 79 0.19 24.42 33.89
N LEU F 80 1.06 25.42 33.97
CA LEU F 80 0.68 26.77 33.59
C LEU F 80 1.15 27.14 32.18
N PHE F 81 2.21 26.50 31.69
CA PHE F 81 2.83 26.93 30.44
C PHE F 81 2.94 25.80 29.42
N GLY F 82 2.85 24.55 29.86
CA GLY F 82 2.88 23.47 28.89
C GLY F 82 4.10 22.59 28.96
N SER F 83 3.98 21.43 28.34
CA SER F 83 4.96 20.36 28.44
C SER F 83 5.13 19.71 27.08
N SER F 84 6.26 19.02 26.91
CA SER F 84 6.44 18.20 25.73
C SER F 84 7.13 16.87 26.03
N GLU F 85 7.29 16.51 27.29
CA GLU F 85 7.80 15.18 27.63
C GLU F 85 6.81 14.12 27.19
N LYS F 86 7.34 12.94 26.87
CA LYS F 86 6.58 11.96 26.09
C LYS F 86 5.44 11.35 26.90
N ASP F 87 5.67 11.10 28.17
CA ASP F 87 4.64 10.45 28.99
C ASP F 87 3.53 11.41 29.41
N LYS F 88 3.85 12.66 29.74
CA LYS F 88 2.89 13.58 30.33
C LYS F 88 2.96 14.92 29.60
N ILE F 89 2.26 15.02 28.50
CA ILE F 89 2.11 16.31 27.85
C ILE F 89 1.03 17.07 28.60
N ARG F 90 1.35 18.28 29.04
CA ARG F 90 0.40 19.14 29.69
C ARG F 90 -0.04 20.22 28.71
N ARG F 91 -1.33 20.29 28.45
CA ARG F 91 -1.88 21.38 27.66
C ARG F 91 -1.87 22.64 28.52
N ALA F 92 -1.33 23.71 27.98
CA ALA F 92 -1.13 24.93 28.75
C ALA F 92 -2.45 25.61 29.06
N ARG F 93 -2.63 25.96 30.34
CA ARG F 93 -3.82 26.69 30.73
C ARG F 93 -3.71 28.16 30.39
N LEU F 94 -2.52 28.66 30.11
CA LEU F 94 -2.33 30.03 29.67
C LEU F 94 -2.36 30.07 28.15
N LYS F 95 -2.67 31.22 27.59
CA LYS F 95 -2.59 31.43 26.15
C LYS F 95 -2.20 32.90 25.95
N PHE F 96 -0.94 33.13 25.64
CA PHE F 96 -0.48 34.49 25.42
C PHE F 96 -0.86 34.94 24.02
N ASN F 97 -0.80 36.26 23.82
CA ASN F 97 -1.17 36.86 22.55
C ASN F 97 -0.16 37.94 22.20
N ASP F 98 -0.01 38.19 20.92
CA ASP F 98 0.77 39.34 20.47
C ASP F 98 0.07 40.62 20.87
N ILE F 99 0.80 41.50 21.52
CA ILE F 99 0.27 42.72 22.08
C ILE F 99 0.70 43.87 21.19
N LYS F 100 -0.26 44.52 20.54
CA LYS F 100 0.04 45.67 19.72
C LYS F 100 0.04 46.92 20.59
N LEU F 101 0.61 48.00 20.07
CA LEU F 101 0.57 49.28 20.76
C LEU F 101 -0.86 49.80 20.80
N SER F 102 -1.22 50.44 21.90
CA SER F 102 -2.61 50.87 22.06
C SER F 102 -2.72 52.38 22.15
N ASN F 103 -1.74 53.03 22.77
CA ASN F 103 -1.83 54.44 23.09
C ASN F 103 -1.08 55.31 22.08
N LEU F 104 -1.13 54.97 20.80
CA LEU F 104 -0.55 55.83 19.76
C LEU F 104 -1.25 57.19 19.73
N ALA F 105 -2.56 57.21 20.01
CA ALA F 105 -3.28 58.48 20.13
C ALA F 105 -2.77 59.29 21.32
N GLU F 106 -2.48 58.62 22.44
CA GLU F 106 -1.88 59.29 23.59
C GLU F 106 -0.47 59.79 23.26
N LEU F 107 0.24 59.08 22.37
CA LEU F 107 1.55 59.56 21.97
C LEU F 107 1.47 60.72 20.99
N GLU F 108 0.48 60.69 20.09
CA GLU F 108 0.27 61.82 19.19
C GLU F 108 -0.23 63.06 19.93
N THR F 109 -0.84 62.86 21.11
CA THR F 109 -1.11 63.99 21.99
C THR F 109 0.18 64.67 22.43
N PHE F 110 1.19 63.90 22.81
CA PHE F 110 2.49 64.44 23.17
C PHE F 110 3.32 64.83 21.97
N ASN F 111 2.89 64.47 20.76
CA ASN F 111 3.52 64.77 19.47
C ASN F 111 4.96 64.24 19.42
N VAL F 112 5.06 62.93 19.65
CA VAL F 112 6.30 62.20 19.47
C VAL F 112 6.00 60.97 18.63
N SER F 113 7.03 60.42 18.02
CA SER F 113 6.85 59.17 17.30
C SER F 113 6.83 58.01 18.28
N SER F 114 6.33 56.87 17.82
CA SER F 114 6.11 55.70 18.66
C SER F 114 7.39 54.96 19.00
N THR F 115 8.52 55.32 18.39
CA THR F 115 9.77 54.64 18.65
C THR F 115 10.90 55.62 18.46
N GLU F 116 12.13 55.18 18.74
CA GLU F 116 13.26 56.10 18.79
C GLU F 116 14.55 55.33 18.51
N VAL F 117 15.45 55.98 17.80
CA VAL F 117 16.76 55.44 17.46
C VAL F 117 17.75 55.82 18.55
N LYS F 118 18.32 54.81 19.20
CA LYS F 118 19.26 55.05 20.27
C LYS F 118 20.69 54.76 19.79
N PHE F 119 21.59 55.69 20.08
CA PHE F 119 22.96 55.61 19.60
C PHE F 119 23.86 54.96 20.64
N GLU F 120 24.54 53.89 20.23
CA GLU F 120 25.48 53.18 21.08
C GLU F 120 26.76 52.99 20.30
N ASN F 121 27.82 52.56 21.00
CA ASN F 121 29.04 52.13 20.32
C ASN F 121 29.73 51.09 21.17
N THR F 122 30.95 50.73 20.77
CA THR F 122 31.81 49.87 21.54
C THR F 122 33.23 50.39 21.43
N ILE F 123 33.84 50.70 22.57
CA ILE F 123 35.22 51.14 22.61
C ILE F 123 36.09 49.92 22.81
N ASN F 124 36.91 49.62 21.80
CA ASN F 124 37.92 48.59 21.93
C ASN F 124 38.94 49.18 22.87
N ARG F 125 39.17 48.53 24.01
CA ARG F 125 39.96 49.15 25.05
C ARG F 125 41.45 49.16 24.77
N LYS F 126 41.90 48.51 23.70
CA LYS F 126 43.32 48.53 23.35
C LYS F 126 43.71 49.86 22.73
N THR F 127 43.04 50.25 21.65
CA THR F 127 43.42 51.43 20.90
C THR F 127 42.39 52.55 20.98
N ALA F 128 41.31 52.36 21.76
CA ALA F 128 40.26 53.35 22.01
C ALA F 128 39.56 53.82 20.72
N VAL F 129 39.50 52.97 19.71
CA VAL F 129 38.73 53.26 18.51
C VAL F 129 37.34 52.67 18.69
N ALA F 130 36.33 53.43 18.32
CA ALA F 130 34.96 53.04 18.61
C ALA F 130 34.41 52.15 17.50
N ASN F 131 33.15 51.77 17.66
CA ASN F 131 32.45 50.86 16.77
C ASN F 131 30.96 51.09 16.94
N PRO F 132 30.37 52.01 16.19
CA PRO F 132 29.03 52.50 16.54
C PRO F 132 27.94 51.55 16.10
N ARG F 133 26.73 51.81 16.61
CA ARG F 133 25.53 51.11 16.22
C ARG F 133 24.33 51.96 16.57
N GLN F 134 23.22 51.72 15.88
CA GLN F 134 21.94 52.31 16.20
C GLN F 134 20.94 51.20 16.42
N ILE F 135 20.10 51.33 17.45
CA ILE F 135 19.04 50.37 17.71
C ILE F 135 17.71 51.10 17.76
N GLU F 136 16.68 50.49 17.17
CA GLU F 136 15.36 51.10 17.19
C GLU F 136 14.63 50.66 18.45
N ARG F 137 14.27 51.63 19.26
CA ARG F 137 13.84 51.35 20.61
C ARG F 137 12.52 52.08 20.84
N VAL F 138 11.53 51.37 21.37
CA VAL F 138 10.22 51.96 21.62
C VAL F 138 10.36 52.98 22.74
N ILE F 139 9.55 54.03 22.72
CA ILE F 139 9.72 55.05 23.72
C ILE F 139 9.10 54.60 25.04
N ALA F 140 9.54 55.22 26.12
CA ALA F 140 8.96 54.94 27.41
C ALA F 140 7.61 55.63 27.53
N GLY F 141 6.81 55.16 28.49
CA GLY F 141 5.47 55.70 28.61
C GLY F 141 4.52 55.26 27.52
N SER F 142 4.79 54.11 26.90
CA SER F 142 3.90 53.52 25.91
C SER F 142 3.19 52.34 26.53
N LYS F 143 1.88 52.28 26.35
CA LYS F 143 1.04 51.24 26.92
C LYS F 143 0.87 50.10 25.92
N PHE F 144 0.52 48.93 26.46
CA PHE F 144 0.31 47.74 25.64
C PHE F 144 -0.83 46.96 26.27
N ASP F 145 -2.02 47.07 25.69
CA ASP F 145 -3.20 46.41 26.24
C ASP F 145 -3.24 44.95 25.82
N PHE F 146 -3.17 44.05 26.79
CA PHE F 146 -3.09 42.63 26.52
C PHE F 146 -4.21 41.88 27.22
N GLU F 147 -4.40 40.64 26.79
CA GLU F 147 -5.37 39.75 27.41
C GLU F 147 -4.92 38.31 27.21
N ILE F 148 -4.81 37.58 28.32
CA ILE F 148 -4.29 36.23 28.34
C ILE F 148 -5.43 35.30 28.75
N PHE F 149 -5.72 34.33 27.91
CA PHE F 149 -6.82 33.42 28.18
C PHE F 149 -6.39 32.33 29.14
N TYR F 150 -6.88 32.41 30.38
CA TYR F 150 -6.78 31.29 31.30
C TYR F 150 -7.82 30.25 30.98
N ASN F 151 -7.36 29.04 30.73
CA ASN F 151 -8.22 27.89 30.46
C ASN F 151 -8.42 27.17 31.78
N LEU F 152 -9.63 27.27 32.34
CA LEU F 152 -9.93 26.70 33.64
C LEU F 152 -10.00 25.18 33.52
N ASP F 153 -9.22 24.49 34.32
CA ASP F 153 -9.22 23.03 34.32
C ASP F 153 -9.90 22.45 35.54
N ASP F 154 -9.52 22.89 36.74
CA ASP F 154 -10.20 22.49 37.96
C ASP F 154 -10.01 23.60 38.97
N ILE F 155 -11.07 23.86 39.74
CA ILE F 155 -11.07 25.02 40.63
C ILE F 155 -10.20 24.84 41.86
N LYS F 156 -9.64 23.65 42.07
CA LYS F 156 -8.76 23.46 43.21
C LYS F 156 -7.40 24.09 43.01
N GLU F 157 -7.02 24.43 41.78
CA GLU F 157 -5.71 24.98 41.49
C GLU F 157 -5.73 26.38 40.90
N VAL F 158 -6.92 26.96 40.70
CA VAL F 158 -7.00 28.26 40.04
C VAL F 158 -6.47 29.37 40.94
N GLU F 159 -6.65 29.22 42.26
CA GLU F 159 -6.14 30.21 43.20
C GLU F 159 -4.62 30.20 43.22
N LYS F 160 -4.02 29.00 43.28
CA LYS F 160 -2.57 28.88 43.27
C LYS F 160 -1.99 29.34 41.95
N ASP F 161 -2.71 29.08 40.85
CA ASP F 161 -2.20 29.47 39.55
C ASP F 161 -2.24 30.98 39.35
N PHE F 162 -3.31 31.65 39.76
CA PHE F 162 -3.26 33.12 39.70
C PHE F 162 -2.32 33.72 40.72
N GLU F 163 -2.06 33.05 41.84
CA GLU F 163 -1.03 33.57 42.73
C GLU F 163 0.35 33.46 42.08
N ASN F 164 0.59 32.38 41.35
CA ASN F 164 1.85 32.25 40.61
C ASN F 164 1.90 33.22 39.43
N ILE F 165 0.75 33.53 38.83
CA ILE F 165 0.72 34.47 37.71
C ILE F 165 1.01 35.89 38.21
N LYS F 166 0.46 36.25 39.36
CA LYS F 166 0.80 37.56 39.93
C LYS F 166 2.25 37.57 40.43
N GLN F 167 2.77 36.42 40.84
CA GLN F 167 4.19 36.33 41.18
C GLN F 167 5.06 36.58 39.96
N GLY F 168 4.67 36.02 38.80
CA GLY F 168 5.44 36.25 37.58
C GLY F 168 5.23 37.64 37.01
N PHE F 169 4.10 38.26 37.33
CA PHE F 169 3.89 39.67 37.00
C PHE F 169 4.79 40.54 37.85
N ASP F 170 4.97 40.16 39.12
CA ASP F 170 5.85 40.91 40.02
C ASP F 170 7.30 40.73 39.63
N LEU F 171 7.69 39.52 39.23
CA LEU F 171 9.09 39.21 38.98
C LEU F 171 9.59 39.90 37.72
N LEU F 172 8.68 40.22 36.80
CA LEU F 172 9.10 40.83 35.55
C LEU F 172 9.18 42.34 35.70
N GLU F 173 8.72 42.86 36.84
CA GLU F 173 8.92 44.28 37.15
C GLU F 173 10.39 44.60 37.36
N PHE F 174 11.14 43.67 37.92
CA PHE F 174 12.52 43.93 38.31
C PHE F 174 13.53 43.35 37.33
N ASP F 175 13.07 42.90 36.17
CA ASP F 175 13.96 42.34 35.16
C ASP F 175 13.43 42.86 33.83
N TYR F 176 14.23 42.71 32.78
CA TYR F 176 13.87 43.34 31.51
C TYR F 176 12.81 42.52 30.79
N LEU F 177 12.41 43.00 29.61
CA LEU F 177 11.44 42.25 28.82
C LEU F 177 12.08 41.63 27.60
N GLY F 178 13.01 42.35 26.98
CA GLY F 178 13.69 41.79 25.82
C GLY F 178 14.71 42.72 25.22
N GLY F 179 15.76 42.15 24.62
CA GLY F 179 16.78 42.93 23.96
C GLY F 179 17.88 43.32 24.92
N HIS F 180 18.52 44.44 24.62
CA HIS F 180 19.66 44.92 25.42
C HIS F 180 19.18 45.48 26.76
N GLY F 181 18.69 44.57 27.60
CA GLY F 181 18.03 44.99 28.82
C GLY F 181 18.93 45.01 30.03
N THR F 182 20.06 44.32 29.95
CA THR F 182 21.06 44.44 30.99
C THR F 182 21.79 45.77 30.93
N ARG F 183 21.61 46.52 29.86
CA ARG F 183 22.24 47.81 29.63
C ARG F 183 21.21 48.94 29.64
N GLY F 184 20.09 48.75 30.30
CA GLY F 184 19.10 49.80 30.40
C GLY F 184 17.98 49.78 29.39
N SER F 185 17.25 48.68 29.30
CA SER F 185 16.06 48.62 28.46
C SER F 185 15.09 47.60 29.03
N GLY F 186 13.86 47.64 28.54
CA GLY F 186 12.89 46.62 28.82
C GLY F 186 12.25 46.66 30.18
N ARG F 187 12.26 47.81 30.85
CA ARG F 187 11.61 47.89 32.16
C ARG F 187 10.12 48.14 31.98
N ILE F 188 9.32 47.17 32.42
CA ILE F 188 7.88 47.18 32.22
C ILE F 188 7.21 47.43 33.57
N ALA F 189 5.93 47.81 33.51
CA ALA F 189 5.12 47.97 34.70
C ALA F 189 3.72 47.46 34.40
N PHE F 190 3.33 46.39 35.07
CA PHE F 190 1.99 45.85 34.90
C PHE F 190 1.00 46.69 35.68
N GLU F 191 0.17 47.44 34.97
CA GLU F 191 -0.75 48.36 35.60
C GLU F 191 -2.17 48.02 35.16
N ASN F 192 -3.10 48.13 36.13
CA ASN F 192 -4.53 47.92 35.95
C ASN F 192 -4.82 46.48 35.52
N LEU F 193 -4.47 45.54 36.40
CA LEU F 193 -4.71 44.13 36.17
C LEU F 193 -6.14 43.76 36.53
N SER F 194 -6.70 42.80 35.81
CA SER F 194 -8.08 42.38 36.02
C SER F 194 -8.28 41.00 35.43
N VAL F 195 -9.42 40.40 35.74
CA VAL F 195 -9.80 39.10 35.19
C VAL F 195 -11.32 39.08 35.05
N ILE F 196 -11.81 38.31 34.07
CA ILE F 196 -13.23 38.26 33.75
C ILE F 196 -13.51 36.90 33.11
N THR F 197 -14.78 36.51 33.10
CA THR F 197 -15.18 35.28 32.43
C THR F 197 -15.44 35.53 30.95
N ALA F 198 -15.29 34.48 30.15
CA ALA F 198 -15.61 34.59 28.74
C ALA F 198 -17.11 34.43 28.52
N VAL F 199 -17.65 33.26 28.86
CA VAL F 199 -19.08 33.03 28.94
C VAL F 199 -19.37 32.41 30.29
N GLY F 200 -20.61 32.50 30.74
CA GLY F 200 -20.94 31.98 32.05
C GLY F 200 -20.45 32.86 33.18
N ASN F 201 -20.38 32.32 34.39
CA ASN F 201 -20.06 33.15 35.54
C ASN F 201 -19.32 32.32 36.58
N PHE F 202 -18.08 32.70 36.86
CA PHE F 202 -17.29 32.10 37.91
C PHE F 202 -17.76 32.66 39.25
N GLU F 203 -18.14 31.77 40.17
CA GLU F 203 -18.75 32.25 41.40
C GLU F 203 -17.71 32.80 42.37
N LYS F 204 -16.52 32.23 42.40
CA LYS F 204 -15.43 32.79 43.19
C LYS F 204 -14.45 33.58 42.31
N ILE F 205 -14.98 34.58 41.62
CA ILE F 205 -14.13 35.43 40.80
C ILE F 205 -13.80 36.74 41.52
N ASN F 206 -14.54 37.08 42.58
CA ASN F 206 -14.20 38.28 43.34
C ASN F 206 -12.92 38.07 44.14
N THR F 207 -12.61 36.83 44.51
CA THR F 207 -11.35 36.58 45.19
C THR F 207 -10.17 36.64 44.23
N LEU F 208 -10.41 36.41 42.94
CA LEU F 208 -9.31 36.34 42.00
C LEU F 208 -8.76 37.71 41.65
N ASN F 209 -9.63 38.73 41.55
CA ASN F 209 -9.14 40.08 41.37
C ASN F 209 -8.43 40.61 42.60
N GLU F 210 -8.71 40.07 43.78
CA GLU F 210 -7.99 40.48 44.97
C GLU F 210 -6.56 39.95 44.96
N ILE F 211 -6.37 38.72 44.51
CA ILE F 211 -5.03 38.15 44.54
C ILE F 211 -4.25 38.52 43.29
N LEU F 212 -4.90 39.14 42.31
CA LEU F 212 -4.18 39.50 41.10
C LEU F 212 -4.05 41.01 40.95
N GLY F 213 -5.16 41.73 40.94
CA GLY F 213 -5.10 43.17 40.75
C GLY F 213 -4.83 43.95 42.02
N ALA F 214 -3.79 43.56 42.76
CA ALA F 214 -3.45 44.20 44.03
C ALA F 214 -1.97 44.01 44.34
N MET G 1 22.09 36.91 44.51
CA MET G 1 20.64 36.78 44.58
C MET G 1 19.93 38.08 44.22
N LYS G 2 20.37 38.69 43.11
CA LYS G 2 19.80 39.92 42.55
C LYS G 2 19.82 41.05 43.58
N LYS G 3 21.04 41.39 43.99
CA LYS G 3 21.23 42.45 44.98
C LYS G 3 21.04 43.80 44.32
N THR G 4 19.81 44.32 44.36
CA THR G 4 19.47 45.58 43.74
C THR G 4 19.96 46.74 44.59
N TYR G 5 20.64 47.68 43.96
CA TYR G 5 21.15 48.85 44.66
C TYR G 5 20.80 50.12 43.90
N ARG G 6 20.52 51.18 44.65
CA ARG G 6 20.14 52.47 44.10
C ARG G 6 21.40 53.31 43.96
N VAL G 7 21.81 53.56 42.72
CA VAL G 7 23.05 54.30 42.48
C VAL G 7 22.75 55.77 42.23
N THR G 8 23.25 56.63 43.09
CA THR G 8 23.13 58.06 42.93
C THR G 8 24.48 58.57 42.42
N LEU G 9 24.53 58.87 41.12
CA LEU G 9 25.77 59.31 40.47
C LEU G 9 25.87 60.82 40.64
N THR G 10 26.66 61.26 41.62
CA THR G 10 26.89 62.67 41.85
C THR G 10 27.86 63.18 40.80
N ALA G 11 27.40 64.04 39.91
CA ALA G 11 28.23 64.56 38.83
C ALA G 11 29.23 65.55 39.39
N LEU G 12 30.43 65.09 39.74
CA LEU G 12 31.45 65.94 40.31
C LEU G 12 32.06 66.86 39.28
N GLY G 13 32.15 66.44 38.03
CA GLY G 13 32.58 67.29 36.96
C GLY G 13 31.57 67.28 35.84
N PRO G 14 31.93 67.83 34.69
CA PRO G 14 30.99 67.86 33.55
C PRO G 14 30.82 66.47 32.93
N ILE G 15 29.57 66.03 32.86
CA ILE G 15 29.23 64.71 32.34
C ILE G 15 28.58 64.90 30.98
N PHE G 16 29.06 64.17 29.98
CA PHE G 16 28.57 64.32 28.61
C PHE G 16 28.40 62.96 27.95
N ILE G 17 27.20 62.70 27.43
CA ILE G 17 26.92 61.45 26.74
C ILE G 17 26.63 61.64 25.26
N GLY G 18 26.32 62.85 24.81
CA GLY G 18 26.31 63.03 23.36
C GLY G 18 25.07 62.45 22.71
N GLY G 19 25.24 61.30 22.08
CA GLY G 19 24.09 60.62 21.52
C GLY G 19 23.88 60.86 20.04
N GLY G 20 24.86 61.47 19.40
CA GLY G 20 24.79 61.63 17.95
C GLY G 20 23.88 62.76 17.53
N GLU G 21 24.23 63.98 17.91
CA GLU G 21 23.50 65.17 17.47
C GLU G 21 24.50 66.33 17.48
N LYS G 22 24.94 66.74 16.30
CA LYS G 22 25.94 67.80 16.17
C LYS G 22 25.25 69.08 15.75
N LEU G 23 25.59 70.17 16.42
CA LEU G 23 24.97 71.47 16.22
C LEU G 23 26.03 72.41 15.67
N LYS G 24 25.77 72.99 14.51
CA LYS G 24 26.79 73.62 13.69
C LYS G 24 26.87 75.10 14.10
N LYS G 25 27.53 75.95 13.29
CA LYS G 25 27.79 77.35 13.66
C LYS G 25 26.51 78.16 13.82
N TYR G 26 25.64 78.13 12.80
CA TYR G 26 24.24 78.54 12.96
C TYR G 26 23.38 77.51 12.25
N GLU G 27 23.11 76.41 12.94
CA GLU G 27 22.19 75.38 12.47
C GLU G 27 21.49 74.88 13.74
N TYR G 28 20.29 75.41 13.99
CA TYR G 28 19.42 75.27 15.17
C TYR G 28 19.96 75.94 16.43
N ILE G 29 21.18 76.43 16.43
CA ILE G 29 21.77 77.03 17.63
C ILE G 29 21.44 78.52 17.63
N PHE G 30 21.22 79.07 18.81
CA PHE G 30 20.88 80.48 18.98
C PHE G 30 21.67 80.99 20.18
N ASP G 31 22.86 81.53 19.90
CA ASP G 31 23.79 81.97 20.94
C ASP G 31 23.79 83.50 20.95
N LYS G 32 23.41 84.09 22.07
CA LYS G 32 23.41 85.53 22.20
C LYS G 32 24.49 86.01 23.17
N GLN G 33 24.69 87.31 23.21
CA GLN G 33 25.74 87.93 24.01
C GLN G 33 25.24 88.33 25.39
N LYS G 34 24.75 87.34 26.14
CA LYS G 34 24.38 87.46 27.54
C LYS G 34 24.76 86.16 28.24
N LYS G 35 25.63 85.39 27.56
CA LYS G 35 26.29 84.18 28.07
C LYS G 35 25.31 83.05 28.34
N VAL G 36 24.20 83.02 27.60
CA VAL G 36 23.32 81.85 27.57
C VAL G 36 23.04 81.54 26.11
N ALA G 37 22.66 80.29 25.86
CA ALA G 37 22.26 79.88 24.53
C ALA G 37 20.86 79.28 24.59
N HIS G 38 20.07 79.60 23.58
CA HIS G 38 18.78 78.97 23.37
C HIS G 38 18.89 78.09 22.15
N MET G 39 18.08 77.04 22.07
CA MET G 39 18.05 76.22 20.88
C MET G 39 16.62 75.91 20.48
N ILE G 40 16.47 75.67 19.17
CA ILE G 40 15.19 75.71 18.50
C ILE G 40 14.84 74.31 18.01
N ASP G 41 13.60 74.15 17.57
CA ASP G 41 13.16 72.92 16.93
C ASP G 41 13.09 73.14 15.42
N HIS G 42 13.45 72.09 14.68
CA HIS G 42 13.57 72.19 13.23
C HIS G 42 12.22 72.39 12.54
N THR G 43 11.17 71.74 13.04
CA THR G 43 9.86 71.82 12.42
C THR G 43 9.27 73.22 12.54
N LYS G 44 9.25 73.76 13.75
CA LYS G 44 8.64 75.07 13.94
C LYS G 44 9.49 76.16 13.34
N PHE G 45 10.81 75.98 13.28
CA PHE G 45 11.68 76.93 12.58
C PHE G 45 11.39 76.95 11.10
N THR G 46 11.32 75.76 10.48
CA THR G 46 11.14 75.71 9.04
C THR G 46 9.76 76.20 8.62
N LYS G 47 8.71 75.87 9.37
CA LYS G 47 7.40 76.40 9.01
C LYS G 47 7.26 77.88 9.39
N TYR G 48 8.00 78.33 10.40
CA TYR G 48 7.99 79.76 10.71
C TYR G 48 8.73 80.56 9.64
N LEU G 49 9.64 79.91 8.92
CA LEU G 49 10.28 80.58 7.79
C LEU G 49 9.50 80.42 6.50
N LEU G 50 8.78 79.30 6.36
CA LEU G 50 8.03 79.06 5.13
C LEU G 50 6.68 79.74 5.16
N GLU G 51 6.25 80.25 6.31
CA GLU G 51 5.03 81.03 6.35
C GLU G 51 5.26 82.45 5.85
N LYS G 52 6.51 82.90 5.77
CA LYS G 52 6.84 84.27 5.40
C LYS G 52 8.06 84.27 4.49
N ASN G 53 7.82 84.46 3.18
CA ASN G 53 8.85 84.70 2.16
C ASN G 53 9.84 83.53 2.07
N LEU G 54 9.30 82.40 1.61
CA LEU G 54 9.94 81.09 1.56
C LEU G 54 11.27 81.07 0.84
N LEU G 55 11.21 81.27 -0.48
CA LEU G 55 12.40 81.29 -1.30
C LEU G 55 13.27 82.49 -0.97
N ASP G 56 12.63 83.61 -0.58
CA ASP G 56 13.35 84.83 -0.26
C ASP G 56 14.23 84.67 0.96
N ASP G 57 13.66 84.17 2.07
CA ASP G 57 14.48 84.10 3.28
C ASP G 57 15.45 82.93 3.23
N PHE G 58 15.10 81.84 2.51
CA PHE G 58 16.11 80.81 2.26
C PHE G 58 17.29 81.33 1.44
N THR G 59 17.03 82.08 0.35
CA THR G 59 18.16 82.52 -0.47
C THR G 59 18.94 83.62 0.23
N SER G 60 18.30 84.39 1.11
CA SER G 60 19.00 85.41 1.88
C SER G 60 19.97 84.78 2.86
N ARG G 61 19.51 83.80 3.64
CA ARG G 61 20.42 83.20 4.62
C ARG G 61 21.44 82.29 3.96
N VAL G 62 21.07 81.59 2.89
CA VAL G 62 22.02 80.76 2.16
C VAL G 62 23.08 81.63 1.49
N ASN G 63 22.71 82.85 1.09
CA ASN G 63 23.72 83.82 0.67
C ASN G 63 24.58 84.27 1.84
N SER G 64 24.02 84.30 3.06
CA SER G 64 24.80 84.84 4.17
C SER G 64 25.68 83.82 4.90
N HIS G 65 25.65 82.54 4.51
CA HIS G 65 26.66 81.59 4.99
C HIS G 65 28.07 82.02 4.61
N PHE G 66 29.02 81.85 5.55
CA PHE G 66 28.82 81.23 6.87
C PHE G 66 28.57 82.23 8.00
N ASP G 67 28.71 83.52 7.71
CA ASP G 67 28.56 84.54 8.74
C ASP G 67 27.10 84.78 9.07
N LEU G 68 26.57 84.06 10.06
CA LEU G 68 25.19 84.25 10.46
C LEU G 68 25.09 84.83 11.87
N TYR G 69 25.60 84.12 12.88
CA TYR G 69 25.64 84.47 14.31
C TYR G 69 24.38 85.12 14.84
N ASP G 70 23.22 84.57 14.46
CA ASP G 70 21.83 84.90 14.81
C ASP G 70 21.52 86.39 14.99
N TYR G 71 22.08 87.24 14.14
CA TYR G 71 21.63 88.62 14.07
C TYR G 71 20.76 88.87 12.85
N LEU G 72 20.47 87.84 12.05
CA LEU G 72 19.35 87.95 11.10
C LEU G 72 18.03 87.82 11.82
N VAL G 73 18.05 87.23 13.02
CA VAL G 73 16.90 87.21 13.91
C VAL G 73 16.58 88.62 14.40
N ASN G 74 17.61 89.45 14.57
CA ASN G 74 17.38 90.81 15.04
C ASN G 74 17.01 91.77 13.92
N LYS G 75 17.72 91.71 12.79
CA LYS G 75 17.54 92.71 11.74
C LYS G 75 16.23 92.53 10.98
N LYS G 76 15.68 91.31 10.94
CA LYS G 76 14.52 91.02 10.12
C LYS G 76 13.21 91.04 10.90
N GLY G 77 13.23 91.56 12.13
CA GLY G 77 12.01 91.61 12.93
C GLY G 77 11.54 90.26 13.40
N ILE G 78 12.45 89.31 13.56
CA ILE G 78 12.11 87.93 13.89
C ILE G 78 12.52 87.77 15.36
N VAL G 79 12.55 88.89 16.08
CA VAL G 79 12.87 88.93 17.51
C VAL G 79 11.82 88.19 18.33
N PHE G 80 10.62 88.07 17.76
CA PHE G 80 9.56 87.19 18.25
C PHE G 80 10.10 85.76 18.22
N MET G 81 10.38 85.18 19.40
CA MET G 81 11.07 83.89 19.49
C MET G 81 10.32 82.87 20.37
N PRO G 82 9.36 82.15 19.79
CA PRO G 82 8.74 81.03 20.51
C PRO G 82 9.53 79.74 20.44
N LEU G 83 10.72 79.80 19.86
CA LEU G 83 11.48 78.61 19.48
C LEU G 83 12.46 78.21 20.58
N VAL G 84 11.94 78.10 21.79
CA VAL G 84 12.75 77.77 22.97
C VAL G 84 12.29 76.41 23.52
N LYS G 85 13.03 75.37 23.16
CA LYS G 85 12.85 74.09 23.85
C LYS G 85 13.33 74.21 25.28
N TYR G 86 14.52 74.77 25.48
CA TYR G 86 15.15 74.98 26.78
C TYR G 86 16.32 75.93 26.57
N SER G 87 16.66 76.69 27.61
CA SER G 87 17.79 77.60 27.56
C SER G 87 18.99 76.96 28.25
N VAL G 88 20.18 77.18 27.69
CA VAL G 88 21.39 76.59 28.24
C VAL G 88 22.46 77.67 28.42
N PRO G 89 23.19 77.65 29.53
CA PRO G 89 24.30 78.60 29.69
C PRO G 89 25.58 78.11 29.03
N VAL G 90 26.40 79.08 28.62
CA VAL G 90 27.62 78.82 27.87
C VAL G 90 28.82 79.19 28.74
N ALA G 91 29.84 78.35 28.71
CA ALA G 91 31.11 78.68 29.36
C ALA G 91 32.18 78.77 28.30
N GLN G 92 32.70 79.98 28.09
CA GLN G 92 33.63 80.29 27.03
C GLN G 92 35.04 80.32 27.65
N PHE G 93 36.07 80.41 26.79
CA PHE G 93 37.50 80.48 27.15
C PHE G 93 37.99 79.26 27.92
N MET G 110 33.74 78.98 14.97
CA MET G 110 34.28 79.12 16.31
C MET G 110 33.36 78.34 17.23
N ASN G 111 32.15 78.06 16.74
CA ASN G 111 31.14 77.33 17.51
C ASN G 111 30.75 76.06 16.74
N ASP G 112 30.72 74.95 17.45
CA ASP G 112 30.22 73.67 16.92
C ASP G 112 29.76 72.88 18.15
N LEU G 113 28.46 72.92 18.42
CA LEU G 113 27.95 72.37 19.66
C LEU G 113 27.60 70.88 19.51
N ASN G 114 27.91 70.12 20.55
CA ASN G 114 27.46 68.74 20.68
C ASN G 114 26.53 68.68 21.88
N THR G 115 25.30 68.20 21.66
CA THR G 115 24.34 68.20 22.76
C THR G 115 24.21 66.84 23.40
N PHE G 116 23.65 66.86 24.60
CA PHE G 116 23.47 65.69 25.44
C PHE G 116 22.40 64.77 24.86
N VAL G 117 22.47 63.50 25.21
CA VAL G 117 21.50 62.55 24.69
C VAL G 117 20.17 62.76 25.41
N LYS G 118 19.10 62.80 24.63
CA LYS G 118 17.76 62.97 25.18
C LYS G 118 16.88 61.88 24.62
N ASP G 119 15.87 61.51 25.39
CA ASP G 119 14.90 60.53 24.96
C ASP G 119 13.90 61.17 23.98
N ALA G 120 12.82 60.47 23.68
CA ALA G 120 11.88 60.96 22.69
C ALA G 120 11.11 62.18 23.18
N PHE G 121 11.00 62.36 24.48
CA PHE G 121 10.29 63.48 25.06
C PHE G 121 11.13 64.75 25.11
N GLY G 122 12.38 64.69 24.64
CA GLY G 122 13.26 65.83 24.68
C GLY G 122 13.68 66.25 26.07
N ARG G 123 13.86 65.29 26.99
CA ARG G 123 14.26 65.59 28.36
C ARG G 123 15.37 64.61 28.74
N PRO G 124 16.56 65.12 29.07
CA PRO G 124 17.77 64.30 29.01
C PRO G 124 17.87 63.28 30.13
N TYR G 125 18.73 62.29 29.88
CA TYR G 125 18.95 61.13 30.74
C TYR G 125 20.25 60.48 30.30
N ILE G 126 20.86 59.71 31.20
CA ILE G 126 22.05 58.92 30.87
C ILE G 126 21.59 57.49 30.61
N PRO G 127 21.86 56.91 29.45
CA PRO G 127 21.48 55.52 29.21
C PRO G 127 22.34 54.57 30.03
N GLY G 128 21.79 53.39 30.30
CA GLY G 128 22.45 52.42 31.16
C GLY G 128 23.66 51.78 30.53
N SER G 129 23.75 51.79 29.20
CA SER G 129 24.93 51.25 28.54
C SER G 129 26.16 52.08 28.84
N SER G 130 25.98 53.39 29.02
CA SER G 130 27.07 54.28 29.40
C SER G 130 27.63 53.90 30.76
N LEU G 131 26.75 53.66 31.73
CA LEU G 131 27.20 53.35 33.08
C LEU G 131 27.80 51.96 33.13
N LYS G 132 27.27 51.02 32.33
CA LYS G 132 27.88 49.69 32.29
C LYS G 132 29.26 49.75 31.65
N GLY G 133 29.44 50.60 30.63
CA GLY G 133 30.77 50.77 30.07
C GLY G 133 31.76 51.36 31.06
N ALA G 134 31.30 52.32 31.87
CA ALA G 134 32.15 52.88 32.91
C ALA G 134 32.54 51.85 33.96
N LEU G 135 31.55 51.11 34.49
CA LEU G 135 31.87 50.08 35.47
C LEU G 135 32.64 48.92 34.87
N ARG G 136 32.51 48.66 33.57
CA ARG G 136 33.30 47.62 32.97
C ARG G 136 34.75 48.04 32.86
N THR G 137 34.98 49.31 32.50
CA THR G 137 36.32 49.89 32.52
C THR G 137 36.90 49.87 33.93
N ALA G 138 36.06 50.08 34.93
CA ALA G 138 36.55 50.05 36.31
C ALA G 138 36.84 48.63 36.81
N ILE G 139 35.98 47.67 36.47
CA ILE G 139 36.18 46.28 36.89
C ILE G 139 37.35 45.62 36.19
N LEU G 140 37.59 45.93 34.91
CA LEU G 140 38.55 45.18 34.12
C LEU G 140 40.00 45.53 34.37
N ASN G 141 40.35 46.08 35.54
CA ASN G 141 41.76 46.32 35.84
C ASN G 141 42.49 45.08 36.35
N ASP G 142 42.02 43.89 35.99
CA ASP G 142 42.93 42.78 35.74
C ASP G 142 43.50 42.91 34.33
N LEU G 143 44.09 41.83 33.83
CA LEU G 143 44.66 41.84 32.49
C LEU G 143 43.59 41.98 31.43
N LYS G 144 43.93 42.63 30.32
CA LYS G 144 43.00 42.82 29.21
C LYS G 144 42.88 41.49 28.46
N GLU G 145 42.12 40.57 29.05
CA GLU G 145 41.81 39.31 28.41
C GLU G 145 40.32 39.05 28.41
N ASP G 146 39.49 39.97 28.89
CA ASP G 146 38.08 39.72 29.10
C ASP G 146 37.31 40.06 27.83
N THR G 147 36.85 39.01 27.17
CA THR G 147 36.24 39.07 25.85
C THR G 147 34.73 39.16 25.97
N LYS G 148 34.02 38.92 24.88
CA LYS G 148 32.57 39.02 24.80
C LYS G 148 31.85 37.75 25.23
N GLU G 149 32.52 36.88 25.98
CA GLU G 149 31.83 35.79 26.64
C GLU G 149 32.24 35.68 28.10
N ASN G 150 32.70 36.77 28.71
CA ASN G 150 32.97 36.79 30.13
C ASN G 150 31.66 36.71 30.91
N GLU G 151 31.61 35.79 31.87
CA GLU G 151 30.37 35.53 32.59
C GLU G 151 30.03 36.57 33.64
N VAL G 152 30.95 37.49 33.93
CA VAL G 152 30.73 38.41 35.05
C VAL G 152 29.90 39.61 34.61
N PHE G 153 29.95 39.97 33.32
CA PHE G 153 29.15 41.09 32.83
C PHE G 153 27.83 40.67 32.23
N ALA G 154 27.54 39.38 32.15
CA ALA G 154 26.21 38.94 31.79
C ALA G 154 25.27 38.91 32.99
N HIS G 155 25.78 39.19 34.18
CA HIS G 155 24.98 39.19 35.39
C HIS G 155 25.08 40.53 36.12
N LEU G 156 25.15 41.63 35.36
CA LEU G 156 25.10 42.98 35.93
C LEU G 156 23.95 43.69 35.25
N GLN G 157 22.92 44.04 36.02
CA GLN G 157 21.68 44.59 35.51
C GLN G 157 21.61 46.08 35.83
N VAL G 158 21.99 46.93 34.89
CA VAL G 158 21.96 48.37 35.11
C VAL G 158 20.91 48.99 34.19
N SER G 159 20.04 49.80 34.78
CA SER G 159 18.99 50.49 34.06
C SER G 159 19.42 51.90 33.70
N ASP G 160 18.50 52.64 33.11
CA ASP G 160 18.74 54.05 32.86
C ASP G 160 18.42 54.87 34.09
N SER G 161 18.52 56.18 33.94
CA SER G 161 18.12 57.09 34.99
C SER G 161 16.75 57.67 34.73
N GLU G 162 16.19 58.29 35.77
CA GLU G 162 15.02 59.10 35.55
C GLU G 162 15.41 60.37 34.79
N THR G 163 14.41 60.96 34.15
CA THR G 163 14.62 62.11 33.26
C THR G 163 15.12 63.31 34.05
N ILE G 164 16.39 63.64 33.86
CA ILE G 164 17.01 64.80 34.50
C ILE G 164 16.34 66.06 33.96
N ASP G 165 16.09 67.02 34.85
CA ASP G 165 15.54 68.30 34.45
C ASP G 165 16.50 69.06 33.54
N LEU G 166 15.92 69.81 32.61
CA LEU G 166 16.69 70.44 31.55
C LEU G 166 17.50 71.64 32.02
N GLU G 167 17.29 72.09 33.26
CA GLU G 167 18.05 73.21 33.81
C GLU G 167 19.41 72.79 34.34
N ASN G 168 19.73 71.51 34.33
CA ASN G 168 21.03 71.03 34.79
C ASN G 168 22.01 70.81 33.65
N LEU G 169 21.82 71.46 32.51
CA LEU G 169 22.70 71.33 31.37
C LEU G 169 23.42 72.65 31.11
N LYS G 170 24.69 72.54 30.72
CA LYS G 170 25.54 73.72 30.57
C LYS G 170 26.57 73.44 29.48
N VAL G 171 26.78 74.43 28.62
CA VAL G 171 27.67 74.30 27.48
C VAL G 171 29.07 74.78 27.87
N TYR G 172 30.07 73.92 27.68
CA TYR G 172 31.43 74.22 28.10
C TYR G 172 32.35 74.34 26.91
N GLN G 173 33.50 74.98 27.14
CA GLN G 173 34.60 75.01 26.19
C GLN G 173 35.59 73.90 26.51
N LYS G 174 35.94 73.10 25.52
CA LYS G 174 36.89 72.01 25.71
C LYS G 174 38.30 72.59 25.67
N VAL G 175 38.98 72.53 26.79
CA VAL G 175 40.33 73.09 26.93
C VAL G 175 41.31 71.94 27.10
N ASP G 176 42.47 72.05 26.46
CA ASP G 176 43.55 71.08 26.62
C ASP G 176 44.64 71.68 27.50
N TYR G 177 45.16 70.87 28.43
CA TYR G 177 46.14 71.31 29.42
C TYR G 177 47.31 70.33 29.41
N SER G 178 48.25 70.52 28.48
CA SER G 178 49.46 69.70 28.44
C SER G 178 50.60 70.41 29.16
N LYS G 179 50.97 71.59 28.67
CA LYS G 179 51.85 72.50 29.39
C LYS G 179 51.10 73.69 29.97
N THR G 180 50.35 74.40 29.14
CA THR G 180 49.53 75.51 29.57
C THR G 180 48.20 75.37 28.86
N ALA G 181 47.13 75.83 29.50
CA ALA G 181 45.77 75.64 28.99
C ALA G 181 45.55 76.51 27.75
N LYS G 182 45.05 75.90 26.68
CA LYS G 182 44.62 76.59 25.48
C LYS G 182 43.32 75.95 24.99
N PRO G 183 42.41 76.73 24.40
CA PRO G 183 41.11 76.18 24.04
C PRO G 183 41.11 75.53 22.67
N LEU G 184 40.08 74.71 22.44
CA LEU G 184 39.85 74.03 21.18
C LEU G 184 38.43 74.36 20.73
N PRO G 185 38.19 74.61 19.44
CA PRO G 185 36.85 75.01 19.01
C PRO G 185 35.85 73.87 19.03
N LEU G 186 35.45 73.43 20.23
CA LEU G 186 34.51 72.34 20.37
C LEU G 186 33.74 72.58 21.67
N TYR G 187 32.44 72.85 21.54
CA TYR G 187 31.55 72.93 22.68
C TYR G 187 30.72 71.66 22.78
N ARG G 188 30.65 71.12 23.99
CA ARG G 188 29.79 69.97 24.22
C ARG G 188 28.88 70.30 25.40
N GLU G 189 27.60 69.94 25.28
CA GLU G 189 26.59 70.30 26.27
C GLU G 189 26.60 69.35 27.45
N CYS G 190 27.37 69.66 28.46
CA CYS G 190 27.54 68.79 29.61
C CYS G 190 26.49 69.08 30.67
N LEU G 191 26.63 68.42 31.81
CA LEU G 191 25.88 68.75 33.01
C LEU G 191 26.71 69.68 33.87
N LYS G 192 26.03 70.63 34.53
CA LYS G 192 26.67 71.41 35.57
C LYS G 192 27.03 70.49 36.74
N PRO G 193 28.10 70.80 37.48
CA PRO G 193 28.55 69.91 38.55
C PRO G 193 27.59 69.81 39.73
N ASN G 194 27.99 68.98 40.71
CA ASN G 194 27.24 68.48 41.86
C ASN G 194 25.77 68.19 41.57
N THR G 195 25.52 67.53 40.43
CA THR G 195 24.19 67.18 39.99
C THR G 195 23.97 65.69 40.23
N GLU G 196 22.87 65.35 40.89
CA GLU G 196 22.62 63.97 41.26
C GLU G 196 21.84 63.26 40.17
N ILE G 197 22.36 62.11 39.74
CA ILE G 197 21.76 61.27 38.73
C ILE G 197 21.52 59.91 39.33
N THR G 198 20.32 59.38 39.19
CA THR G 198 19.88 58.21 39.94
C THR G 198 19.73 56.99 39.04
N PHE G 199 20.51 55.95 39.31
CA PHE G 199 20.44 54.69 38.58
C PHE G 199 19.90 53.61 39.50
N THR G 200 19.48 52.49 38.90
CA THR G 200 19.12 51.31 39.68
C THR G 200 19.85 50.10 39.08
N VAL G 201 20.81 49.58 39.84
CA VAL G 201 21.70 48.53 39.38
C VAL G 201 21.51 47.30 40.25
N SER G 202 21.47 46.12 39.61
CA SER G 202 21.39 44.87 40.34
C SER G 202 22.38 43.89 39.73
N PHE G 203 22.81 42.91 40.52
CA PHE G 203 23.76 41.93 40.05
C PHE G 203 23.62 40.65 40.86
N ASP G 204 24.20 39.57 40.34
CA ASP G 204 24.33 38.33 41.08
C ASP G 204 25.57 38.37 41.95
N ASP G 205 25.40 37.97 43.22
CA ASP G 205 26.53 37.96 44.15
C ASP G 205 27.52 36.85 43.87
N GLU G 206 27.15 35.87 43.03
CA GLU G 206 28.06 34.80 42.65
C GLU G 206 29.22 35.28 41.80
N TYR G 207 29.13 36.47 41.22
CA TYR G 207 30.18 36.99 40.36
C TYR G 207 30.76 38.31 40.82
N LEU G 208 29.95 39.24 41.32
CA LEU G 208 30.47 40.49 41.85
C LEU G 208 29.53 41.01 42.92
N THR G 209 30.06 41.88 43.78
CA THR G 209 29.30 42.39 44.92
C THR G 209 29.50 43.90 45.08
N LEU G 210 29.06 44.45 46.22
CA LEU G 210 29.38 45.83 46.54
C LEU G 210 30.88 46.02 46.73
N LYS G 211 31.52 45.09 47.43
CA LYS G 211 32.94 45.21 47.76
C LYS G 211 33.81 45.21 46.51
N LYS G 212 33.47 44.35 45.56
CA LYS G 212 34.21 44.30 44.30
C LYS G 212 34.05 45.57 43.50
N ILE G 213 32.85 46.16 43.50
CA ILE G 213 32.61 47.39 42.74
C ILE G 213 33.35 48.57 43.38
N GLN G 214 33.26 48.73 44.70
CA GLN G 214 33.97 49.82 45.34
C GLN G 214 35.48 49.66 45.24
N ASN G 215 35.98 48.42 45.36
CA ASN G 215 37.41 48.19 45.22
C ASN G 215 37.88 48.42 43.78
N ALA G 216 37.06 48.06 42.79
CA ALA G 216 37.45 48.27 41.40
C ALA G 216 37.47 49.76 41.05
N LEU G 217 36.45 50.50 41.48
CA LEU G 217 36.42 51.95 41.25
C LEU G 217 37.55 52.65 41.98
N HIS G 218 37.83 52.23 43.23
CA HIS G 218 38.92 52.81 44.00
C HIS G 218 40.26 52.53 43.34
N LYS G 219 40.46 51.29 42.86
CA LYS G 219 41.71 50.91 42.22
C LYS G 219 41.91 51.66 40.91
N THR G 220 40.85 51.78 40.11
CA THR G 220 40.93 52.47 38.83
C THR G 220 41.22 53.95 39.03
N TYR G 221 40.57 54.57 40.00
CA TYR G 221 40.82 55.99 40.24
C TYR G 221 42.21 56.21 40.81
N GLN G 222 42.69 55.31 41.66
CA GLN G 222 44.00 55.55 42.27
C GLN G 222 45.11 55.32 41.27
N HIS G 223 44.95 54.37 40.35
CA HIS G 223 45.96 54.22 39.29
C HIS G 223 45.86 55.35 38.28
N TYR G 224 44.64 55.82 38.01
CA TYR G 224 44.42 56.99 37.17
C TYR G 224 45.12 58.23 37.71
N TYR G 225 45.10 58.39 39.03
CA TYR G 225 45.80 59.50 39.64
C TYR G 225 47.32 59.27 39.60
N ILE G 226 47.80 58.20 40.24
CA ILE G 226 49.24 58.07 40.50
C ILE G 226 50.03 57.71 39.26
N LYS G 227 49.39 57.27 38.18
CA LYS G 227 50.13 56.93 36.98
C LYS G 227 50.02 57.98 35.88
N TRP G 228 48.95 58.75 35.84
CA TRP G 228 48.93 59.77 34.80
C TRP G 228 48.63 61.16 35.33
N LEU G 229 47.70 61.30 36.27
CA LEU G 229 47.18 62.63 36.56
C LEU G 229 47.90 63.29 37.73
N LYS G 230 48.42 62.52 38.68
CA LYS G 230 49.42 63.08 39.60
C LYS G 230 50.67 63.46 38.84
N GLY G 231 51.05 62.66 37.83
CA GLY G 231 52.11 63.06 36.93
C GLY G 231 51.78 64.31 36.13
N GLY G 232 50.48 64.52 35.85
CA GLY G 232 50.06 65.80 35.31
C GLY G 232 50.21 66.92 36.30
N LYS G 233 49.96 66.64 37.58
CA LYS G 233 49.93 67.65 38.63
C LYS G 233 51.31 67.97 39.19
N VAL G 234 52.35 67.18 38.89
CA VAL G 234 53.71 67.50 39.31
C VAL G 234 54.67 67.61 38.13
N GLY G 235 54.36 66.96 37.01
CA GLY G 235 55.27 66.93 35.88
C GLY G 235 54.73 67.72 34.69
N GLU G 236 55.63 68.49 34.08
CA GLU G 236 55.33 69.51 33.06
C GLU G 236 54.25 70.44 33.60
N THR G 237 54.45 70.88 34.84
CA THR G 237 53.42 71.52 35.64
C THR G 237 53.96 72.82 36.21
N LEU G 238 53.11 73.85 36.19
CA LEU G 238 53.42 75.14 36.77
C LEU G 238 52.18 75.59 37.55
N ILE G 239 52.10 76.89 37.86
CA ILE G 239 51.12 77.41 38.80
C ILE G 239 49.75 77.61 38.16
N LYS G 240 49.55 77.07 36.96
CA LYS G 240 48.29 77.18 36.25
C LYS G 240 47.17 76.37 36.90
N GLY G 241 47.48 75.51 37.87
CA GLY G 241 46.42 74.84 38.62
C GLY G 241 45.56 75.80 39.42
N VAL G 242 46.16 76.81 40.02
CA VAL G 242 45.40 77.83 40.73
C VAL G 242 45.65 79.19 40.12
N PRO G 260 42.96 66.19 45.22
CA PRO G 260 41.58 65.69 45.30
C PRO G 260 41.51 64.16 45.39
N SER G 261 42.43 63.56 46.13
CA SER G 261 42.51 62.11 46.29
C SER G 261 43.39 61.82 47.51
N GLN G 262 43.01 60.80 48.29
CA GLN G 262 41.79 60.01 48.14
C GLN G 262 40.76 60.46 49.15
N ASN G 263 39.53 60.67 48.69
CA ASN G 263 38.48 61.16 49.57
C ASN G 263 37.72 60.03 50.24
N GLN G 264 37.29 59.05 49.47
CA GLN G 264 36.63 57.90 50.07
C GLN G 264 37.22 56.52 49.71
N GLY G 265 37.56 56.21 48.44
CA GLY G 265 37.32 56.90 47.18
C GLY G 265 36.36 56.16 46.27
N GLU G 266 35.22 56.77 46.00
CA GLU G 266 34.21 56.21 45.12
C GLU G 266 34.05 57.20 43.96
N ILE G 267 34.94 57.07 42.98
CA ILE G 267 35.01 58.00 41.86
C ILE G 267 35.17 57.19 40.58
N ILE G 268 34.34 57.49 39.58
CA ILE G 268 34.46 56.89 38.27
C ILE G 268 34.36 58.00 37.24
N TYR G 269 34.83 57.73 36.04
CA TYR G 269 34.78 58.68 34.94
C TYR G 269 33.75 58.24 33.92
N ILE G 270 32.71 59.03 33.78
CA ILE G 270 31.67 58.80 32.78
C ILE G 270 32.14 59.48 31.51
N GLY G 271 31.70 58.97 30.36
CA GLY G 271 32.35 59.26 29.11
C GLY G 271 32.20 60.65 28.52
N GLY G 272 32.54 61.67 29.28
CA GLY G 272 32.37 63.03 28.81
C GLY G 272 33.59 63.59 28.12
N GLY G 273 34.23 62.79 27.27
CA GLY G 273 35.51 63.19 26.72
C GLY G 273 36.57 63.23 27.80
N ALA G 274 36.56 62.26 28.71
CA ALA G 274 37.43 62.32 29.88
C ALA G 274 38.88 62.02 29.56
N GLY G 275 39.16 61.44 28.41
CA GLY G 275 40.53 61.23 27.98
C GLY G 275 40.74 59.82 27.46
N PHE G 276 41.89 59.63 26.83
CA PHE G 276 42.27 58.31 26.31
C PHE G 276 42.49 57.32 27.44
N VAL G 277 43.20 57.74 28.49
CA VAL G 277 43.57 56.84 29.56
C VAL G 277 42.39 56.56 30.49
N SER G 278 41.34 57.38 30.42
CA SER G 278 40.12 57.05 31.14
C SER G 278 39.36 55.93 30.44
N LYS G 279 39.31 55.96 29.12
CA LYS G 279 38.51 54.97 28.39
C LYS G 279 39.22 53.64 28.31
N THR G 280 40.54 53.64 28.19
CA THR G 280 41.28 52.40 28.12
C THR G 280 41.45 51.81 29.51
N LEU G 281 42.28 50.77 29.60
CA LEU G 281 42.52 50.12 30.88
C LEU G 281 44.00 49.92 31.09
N HIS G 282 44.81 50.07 30.04
CA HIS G 282 46.18 49.60 30.11
C HIS G 282 47.15 50.65 30.66
N TYR G 283 46.81 51.15 31.84
CA TYR G 283 47.80 51.47 32.86
C TYR G 283 47.86 50.38 33.92
N LYS G 284 47.78 49.12 33.48
CA LYS G 284 48.19 47.96 34.26
C LYS G 284 49.45 47.40 33.59
N SER G 285 50.52 47.21 34.37
CA SER G 285 50.58 47.45 35.80
C SER G 285 51.88 48.15 36.19
N LYS G 286 52.35 49.06 35.32
CA LYS G 286 53.50 49.88 35.64
C LYS G 286 53.37 51.21 34.92
N ASN G 287 54.07 52.22 35.44
CA ASN G 287 53.97 53.57 34.89
C ASN G 287 54.66 53.71 33.54
N ARG G 288 55.73 52.96 33.30
CA ARG G 288 56.64 53.28 32.21
C ARG G 288 56.26 52.57 30.91
N ASP G 289 56.24 51.23 30.92
CA ASP G 289 56.07 50.47 29.69
C ASP G 289 54.70 50.69 29.09
N GLN G 290 53.69 50.93 29.92
CA GLN G 290 52.36 51.22 29.40
C GLN G 290 52.31 52.61 28.78
N ALA G 291 53.04 53.58 29.35
CA ALA G 291 53.08 54.93 28.77
C ALA G 291 53.78 54.94 27.43
N ARG G 292 54.88 54.21 27.29
CA ARG G 292 55.52 54.17 25.98
C ARG G 292 54.74 53.29 25.00
N ASN G 293 54.02 52.28 25.53
CA ASN G 293 53.19 51.44 24.68
C ASN G 293 52.06 52.23 24.04
N ASP G 294 51.28 52.95 24.85
CA ASP G 294 50.20 53.70 24.22
C ASP G 294 50.70 54.97 23.56
N SER G 295 51.89 55.46 23.94
CA SER G 295 52.56 56.52 23.22
C SER G 295 52.79 56.16 21.76
N PHE G 296 53.44 55.01 21.53
CA PHE G 296 53.60 54.49 20.18
C PHE G 296 52.25 54.24 19.53
N ASP G 297 51.34 53.63 20.30
CA ASP G 297 50.10 53.08 19.76
C ASP G 297 49.17 54.16 19.22
N ILE G 298 49.06 55.30 19.90
CA ILE G 298 48.15 56.31 19.39
C ILE G 298 48.88 57.40 18.63
N LEU G 299 50.09 57.81 19.05
CA LEU G 299 50.64 59.02 18.51
C LEU G 299 51.86 58.71 17.64
N LYS G 300 52.01 57.44 17.24
CA LYS G 300 52.91 57.08 16.16
C LYS G 300 52.17 57.02 14.83
N GLN G 301 51.04 56.31 14.78
CA GLN G 301 50.28 56.15 13.54
C GLN G 301 49.54 57.43 13.15
N LEU G 302 49.31 58.34 14.06
CA LEU G 302 48.67 59.61 13.74
C LEU G 302 49.75 60.65 13.41
N PHE G 303 49.36 61.93 13.37
CA PHE G 303 50.21 62.95 12.77
C PHE G 303 51.26 63.51 13.74
N ARG G 304 50.85 63.87 14.95
CA ARG G 304 51.78 64.51 15.87
C ARG G 304 52.79 63.51 16.44
N THR G 305 53.94 64.04 16.86
CA THR G 305 55.09 63.25 17.29
C THR G 305 54.91 62.79 18.74
N THR G 306 55.30 61.55 19.02
CA THR G 306 55.06 60.91 20.31
C THR G 306 56.30 60.93 21.20
N TYR G 307 56.05 61.22 22.49
CA TYR G 307 56.75 60.87 23.75
C TYR G 307 56.04 61.51 24.94
N SER G 308 56.53 61.22 26.15
CA SER G 308 55.89 61.56 27.41
C SER G 308 55.71 63.06 27.61
N LYS G 309 54.47 63.50 27.86
CA LYS G 309 53.32 62.63 28.12
C LYS G 309 52.07 63.11 27.38
N MET G 310 50.90 62.66 27.84
CA MET G 310 49.64 62.95 27.17
C MET G 310 49.21 64.39 27.52
N ARG G 311 47.98 64.75 27.20
CA ARG G 311 47.44 66.04 27.61
C ARG G 311 46.16 65.84 28.42
N SER G 312 45.91 66.78 29.34
CA SER G 312 44.78 66.73 30.24
C SER G 312 43.70 67.69 29.77
N VAL G 313 42.45 67.25 29.90
CA VAL G 313 41.29 68.03 29.45
C VAL G 313 40.41 68.43 30.65
N PRO G 314 40.49 69.68 31.09
CA PRO G 314 39.49 70.22 32.00
C PRO G 314 38.39 70.96 31.26
N ASP G 315 37.45 71.49 32.03
CA ASP G 315 36.60 72.59 31.62
C ASP G 315 36.78 73.75 32.58
N ASN G 316 36.03 74.82 32.35
CA ASN G 316 36.34 76.07 33.01
C ASN G 316 35.05 76.85 33.18
N VAL G 317 34.98 77.63 34.26
CA VAL G 317 33.87 78.53 34.51
C VAL G 317 34.40 79.75 35.25
N PRO G 318 33.98 80.97 34.90
CA PRO G 318 34.37 82.17 35.65
C PRO G 318 33.58 82.34 36.94
N THR G 335 36.91 88.23 38.88
CA THR G 335 36.66 87.12 37.97
C THR G 335 37.79 86.09 38.05
N GLY G 336 37.54 85.02 38.80
CA GLY G 336 38.49 83.93 38.94
C GLY G 336 37.98 82.66 38.28
N LYS G 337 38.91 81.79 37.92
CA LYS G 337 38.61 80.57 37.20
C LYS G 337 38.88 79.36 38.08
N HIS G 338 38.20 78.25 37.79
CA HIS G 338 38.32 77.05 38.61
C HIS G 338 39.17 75.96 37.96
N TYR G 339 39.13 75.87 36.62
CA TYR G 339 39.77 74.81 35.83
C TYR G 339 39.32 73.43 36.28
N LEU G 340 38.02 73.29 36.56
CA LEU G 340 37.48 72.05 37.09
C LEU G 340 37.47 70.96 36.02
N GLU G 341 37.85 69.75 36.43
CA GLU G 341 38.22 68.71 35.49
C GLU G 341 37.03 67.84 35.09
N MET G 342 37.19 67.16 33.96
CA MET G 342 36.12 66.86 33.04
C MET G 342 35.86 65.37 32.96
N GLY G 343 34.59 64.99 33.04
CA GLY G 343 34.18 63.60 32.97
C GLY G 343 34.02 62.94 34.33
N LYS G 344 34.56 63.54 35.37
CA LYS G 344 34.57 62.90 36.68
C LYS G 344 33.20 62.96 37.33
N ALA G 345 32.95 62.01 38.23
CA ALA G 345 31.70 61.93 38.95
C ALA G 345 31.92 61.15 40.24
N ARG G 346 30.91 61.18 41.10
CA ARG G 346 30.95 60.48 42.37
C ARG G 346 29.82 59.47 42.44
N ILE G 347 30.14 58.29 42.96
CA ILE G 347 29.28 57.12 42.90
C ILE G 347 28.89 56.70 44.31
N LYS G 348 27.61 56.48 44.54
CA LYS G 348 27.14 56.03 45.86
C LYS G 348 26.28 54.79 45.66
N LEU G 349 26.45 53.80 46.55
CA LEU G 349 25.68 52.56 46.52
C LEU G 349 24.84 52.46 47.78
N GLU G 350 23.54 52.23 47.61
CA GLU G 350 22.61 52.17 48.72
C GLU G 350 21.71 50.95 48.64
N GLU G 351 21.49 50.32 49.79
CA GLU G 351 20.66 49.13 49.90
C GLU G 351 19.19 49.49 49.66
N LEU G 352 18.64 49.01 48.54
CA LEU G 352 17.27 49.26 48.08
C LEU G 352 16.83 50.73 48.05
N THR I 1 21.39 1.16 -12.80
CA THR I 1 20.76 0.04 -12.12
C THR I 1 21.68 -0.54 -11.07
N GLU I 2 22.79 0.15 -10.81
CA GLU I 2 23.81 -0.33 -9.88
C GLU I 2 24.60 0.87 -9.39
N LEU I 3 24.41 1.22 -8.13
CA LEU I 3 24.95 2.44 -7.54
C LEU I 3 26.26 2.12 -6.83
N LYS I 4 27.27 2.97 -7.04
CA LYS I 4 28.60 2.74 -6.48
C LYS I 4 28.75 3.55 -5.21
N ILE I 5 29.29 2.92 -4.17
CA ILE I 5 29.52 3.59 -2.89
C ILE I 5 31.01 3.77 -2.65
N GLY I 6 31.72 2.66 -2.45
CA GLY I 6 33.16 2.67 -2.24
C GLY I 6 33.89 1.83 -3.26
N ASN I 7 34.43 0.70 -2.82
CA ASN I 7 34.99 -0.31 -3.71
C ASN I 7 34.02 -1.46 -3.97
N GLU I 8 32.82 -1.40 -3.41
CA GLU I 8 31.82 -2.45 -3.63
C GLU I 8 30.49 -1.81 -3.99
N LYS I 9 29.89 -2.32 -5.05
CA LYS I 9 28.74 -1.71 -5.69
C LYS I 9 27.47 -2.24 -5.06
N VAL I 10 26.43 -1.39 -5.04
CA VAL I 10 25.16 -1.77 -4.43
C VAL I 10 24.06 -1.59 -5.46
N ASN I 11 23.12 -2.54 -5.48
CA ASN I 11 22.06 -2.55 -6.47
C ASN I 11 20.76 -2.95 -5.80
N SER I 12 19.75 -3.34 -6.57
CA SER I 12 18.50 -3.75 -5.95
C SER I 12 18.52 -5.22 -5.55
N THR I 13 19.62 -5.65 -4.91
CA THR I 13 19.69 -6.93 -4.22
C THR I 13 20.38 -6.78 -2.87
N ASN I 14 20.98 -5.62 -2.60
CA ASN I 14 21.91 -5.47 -1.48
C ASN I 14 21.70 -4.23 -0.63
N PHE I 15 20.84 -3.27 -1.02
CA PHE I 15 20.78 -2.00 -0.32
C PHE I 15 20.19 -2.15 1.07
N GLY I 16 19.25 -3.07 1.24
CA GLY I 16 18.81 -3.41 2.58
C GLY I 16 19.91 -4.05 3.39
N ASP I 17 20.67 -4.93 2.75
CA ASP I 17 21.78 -5.60 3.42
C ASP I 17 22.93 -4.63 3.70
N PHE I 18 23.22 -3.74 2.74
CA PHE I 18 24.27 -2.75 2.95
C PHE I 18 23.89 -1.76 4.04
N ALA I 19 22.63 -1.32 4.07
CA ALA I 19 22.18 -0.39 5.09
C ALA I 19 22.10 -1.04 6.45
N GLU I 20 21.75 -2.33 6.49
CA GLU I 20 21.77 -3.09 7.73
C GLU I 20 23.18 -3.21 8.27
N LYS I 21 24.14 -3.51 7.39
CA LYS I 21 25.54 -3.60 7.80
C LYS I 21 26.05 -2.24 8.25
N ALA I 22 25.61 -1.17 7.60
CA ALA I 22 26.07 0.17 7.96
C ALA I 22 25.51 0.61 9.31
N ILE I 23 24.22 0.38 9.55
CA ILE I 23 23.61 0.73 10.83
C ILE I 23 24.20 -0.12 11.95
N ARG I 24 24.36 -1.41 11.71
CA ARG I 24 24.92 -2.25 12.76
C ARG I 24 26.43 -2.07 12.90
N GLY I 25 27.06 -1.36 11.96
CA GLY I 25 28.40 -0.87 12.20
C GLY I 25 28.44 0.46 12.90
N ILE I 26 27.35 1.23 12.85
CA ILE I 26 27.27 2.45 13.65
C ILE I 26 27.18 2.11 15.13
N ASN I 27 26.32 1.18 15.49
CA ASN I 27 26.46 0.52 16.78
C ASN I 27 27.67 -0.40 16.74
N HIS I 28 28.15 -0.77 17.94
CA HIS I 28 29.37 -1.54 18.27
C HIS I 28 30.63 -0.70 18.03
N LYS I 29 30.51 0.51 17.49
CA LYS I 29 31.56 1.52 17.40
C LYS I 29 30.91 2.87 17.14
N PRO I 30 30.33 3.51 18.16
CA PRO I 30 29.62 4.77 17.92
C PRO I 30 30.58 5.95 17.89
N PHE I 31 30.00 7.14 17.73
CA PHE I 31 30.78 8.36 17.58
C PHE I 31 30.97 9.05 18.92
N VAL I 32 32.16 9.63 19.10
CA VAL I 32 32.51 10.37 20.31
C VAL I 32 32.61 11.86 19.97
N ASN I 33 31.92 12.69 20.76
CA ASN I 33 31.81 14.12 20.48
C ASN I 33 32.85 14.98 21.21
N SER I 34 34.09 14.50 21.16
CA SER I 34 35.29 15.10 21.76
C SER I 34 35.19 15.27 23.27
N LYS I 35 34.26 14.55 23.90
CA LYS I 35 34.20 14.42 25.35
C LYS I 35 34.32 12.95 25.73
N GLY I 36 34.07 12.67 27.01
CA GLY I 36 34.26 11.32 27.53
C GLY I 36 33.31 10.29 26.95
N GLY I 37 32.05 10.65 26.76
CA GLY I 37 31.04 9.69 26.35
C GLY I 37 30.81 9.65 24.85
N GLU I 38 30.14 8.58 24.42
CA GLU I 38 29.71 8.43 23.03
C GLU I 38 28.42 9.21 22.81
N GLN I 39 28.12 9.48 21.54
CA GLN I 39 26.87 10.13 21.18
C GLN I 39 26.52 9.70 19.76
N LYS I 40 25.32 9.18 19.59
CA LYS I 40 24.82 8.79 18.29
C LYS I 40 23.75 9.77 17.84
N ILE I 41 23.46 9.73 16.54
CA ILE I 41 22.48 10.66 15.99
C ILE I 41 21.10 10.27 16.47
N THR I 42 20.26 11.27 16.71
CA THR I 42 18.94 11.05 17.26
C THR I 42 17.93 10.76 16.15
N THR I 43 16.69 10.49 16.55
CA THR I 43 15.62 10.21 15.59
C THR I 43 15.34 11.40 14.69
N SER I 44 15.31 12.61 15.27
CA SER I 44 14.78 13.77 14.56
C SER I 44 15.68 14.20 13.41
N LYS I 45 16.99 14.05 13.57
CA LYS I 45 17.90 14.45 12.49
C LYS I 45 17.81 13.49 11.30
N ILE I 46 17.77 12.18 11.56
CA ILE I 46 17.69 11.27 10.43
C ILE I 46 16.29 11.29 9.82
N ARG I 47 15.27 11.68 10.59
CA ARG I 47 13.97 11.93 9.97
C ARG I 47 14.01 13.20 9.14
N GLY I 48 14.88 14.15 9.50
CA GLY I 48 15.10 15.29 8.62
C GLY I 48 15.76 14.88 7.31
N ILE I 49 16.73 13.97 7.38
CA ILE I 49 17.37 13.46 6.16
C ILE I 49 16.36 12.69 5.30
N LEU I 50 15.54 11.87 5.93
CA LEU I 50 14.53 11.11 5.21
C LEU I 50 13.46 12.02 4.62
N GLU I 51 13.10 13.09 5.33
CA GLU I 51 12.15 14.06 4.79
C GLU I 51 12.73 14.79 3.59
N LEU I 52 14.04 15.08 3.64
CA LEU I 52 14.70 15.70 2.49
C LEU I 52 14.67 14.78 1.28
N VAL I 53 14.89 13.48 1.49
CA VAL I 53 14.80 12.54 0.38
C VAL I 53 13.36 12.41 -0.12
N ASN I 54 12.41 12.38 0.81
CA ASN I 54 11.01 12.15 0.46
C ASN I 54 10.40 13.34 -0.27
N LYS I 55 10.93 14.54 -0.07
CA LYS I 55 10.45 15.70 -0.81
C LYS I 55 10.68 15.58 -2.32
N VAL I 56 11.61 14.73 -2.74
CA VAL I 56 11.83 14.45 -4.15
C VAL I 56 11.19 13.11 -4.49
N TYR I 57 11.15 12.20 -3.51
CA TYR I 57 10.59 10.87 -3.75
C TYR I 57 9.09 10.93 -4.01
N ASN I 58 8.41 11.92 -3.42
CA ASN I 58 6.99 12.08 -3.67
C ASN I 58 6.71 12.53 -5.09
N ARG I 59 7.69 13.13 -5.76
CA ARG I 59 7.49 13.57 -7.12
C ARG I 59 8.02 12.60 -8.15
N VAL I 60 9.10 11.88 -7.83
CA VAL I 60 9.78 11.04 -8.81
C VAL I 60 8.93 9.82 -9.18
N ILE I 61 8.23 9.24 -8.20
CA ILE I 61 7.44 8.05 -8.43
C ILE I 61 6.26 8.24 -9.37
N ASN I 62 5.87 9.49 -9.64
CA ASN I 62 4.82 9.81 -10.59
C ASN I 62 5.38 10.41 -11.88
N THR I 63 6.59 10.04 -12.26
CA THR I 63 7.21 10.55 -13.47
C THR I 63 7.25 9.48 -14.53
N ASN I 64 7.53 9.93 -15.75
CA ASN I 64 7.35 9.12 -16.95
C ASN I 64 8.66 8.60 -17.50
N ASP I 65 9.61 9.49 -17.77
CA ASP I 65 10.83 9.14 -18.48
C ASP I 65 11.79 8.42 -17.57
N VAL I 66 12.65 7.59 -18.16
CA VAL I 66 13.62 6.84 -17.37
C VAL I 66 14.77 7.74 -16.92
N GLU I 67 14.97 8.88 -17.58
CA GLU I 67 15.96 9.85 -17.14
C GLU I 67 15.25 11.01 -16.45
N LEU I 68 15.78 11.45 -15.32
CA LEU I 68 15.13 12.46 -14.49
C LEU I 68 15.13 13.82 -15.18
N SER I 69 14.11 14.61 -14.86
CA SER I 69 14.04 15.98 -15.36
C SER I 69 15.00 16.88 -14.58
N GLU I 70 15.18 18.09 -15.09
CA GLU I 70 16.24 18.95 -14.55
C GLU I 70 15.86 19.54 -13.20
N ASN I 71 14.57 19.76 -12.95
CA ASN I 71 14.18 20.28 -11.64
C ASN I 71 14.29 19.21 -10.56
N ILE I 72 14.14 17.94 -10.94
CA ILE I 72 14.42 16.85 -10.02
C ILE I 72 15.90 16.81 -9.68
N LEU I 73 16.76 16.95 -10.69
CA LEU I 73 18.19 16.91 -10.46
C LEU I 73 18.67 18.16 -9.72
N ALA I 74 17.99 19.29 -9.92
CA ALA I 74 18.24 20.47 -9.12
C ALA I 74 17.99 20.21 -7.65
N ASP I 75 16.88 19.53 -7.34
CA ASP I 75 16.57 19.24 -5.96
C ASP I 75 17.48 18.17 -5.39
N ILE I 76 17.98 17.27 -6.23
CA ILE I 76 18.94 16.27 -5.75
C ILE I 76 20.27 16.94 -5.39
N ALA I 77 20.74 17.86 -6.24
CA ALA I 77 21.94 18.62 -5.92
C ALA I 77 21.75 19.48 -4.68
N TYR I 78 20.54 20.01 -4.49
CA TYR I 78 20.30 20.80 -3.29
C TYR I 78 20.18 19.92 -2.05
N ILE I 79 19.73 18.67 -2.20
CA ILE I 79 19.81 17.72 -1.08
C ILE I 79 21.26 17.50 -0.71
N LYS I 80 22.13 17.34 -1.70
CA LYS I 80 23.57 17.17 -1.44
C LYS I 80 24.14 18.37 -0.69
N VAL I 81 23.71 19.57 -1.08
CA VAL I 81 24.10 20.78 -0.38
C VAL I 81 23.60 20.78 1.07
N LYS I 82 22.35 20.38 1.28
CA LYS I 82 21.77 20.38 2.62
C LYS I 82 22.45 19.37 3.54
N ILE I 83 22.73 18.17 3.03
CA ILE I 83 23.43 17.16 3.83
C ILE I 83 24.85 17.62 4.14
N ALA I 84 25.51 18.26 3.19
CA ALA I 84 26.85 18.78 3.46
C ALA I 84 26.81 19.92 4.47
N TYR I 85 25.71 20.68 4.48
CA TYR I 85 25.58 21.74 5.46
C TYR I 85 25.33 21.19 6.86
N GLU I 86 24.39 20.26 6.99
CA GLU I 86 23.99 19.80 8.31
C GLU I 86 25.06 18.89 8.92
N SER I 87 25.88 18.27 8.08
CA SER I 87 26.98 17.47 8.60
C SER I 87 28.10 18.35 9.13
N GLY I 88 28.33 19.51 8.50
CA GLY I 88 29.36 20.40 8.97
C GLY I 88 28.98 21.12 10.26
N ARG I 89 27.69 21.26 10.52
CA ARG I 89 27.19 21.79 11.78
C ARG I 89 27.53 20.88 12.94
N GLU I 90 26.96 19.69 12.94
CA GLU I 90 27.18 18.81 14.05
C GLU I 90 28.04 17.62 13.62
N PRO I 91 29.12 17.33 14.34
CA PRO I 91 30.00 16.21 13.93
C PRO I 91 29.38 14.85 14.12
N VAL I 92 28.29 14.73 14.88
CA VAL I 92 27.60 13.44 14.98
C VAL I 92 26.83 13.16 13.70
N VAL I 93 26.39 14.22 13.00
CA VAL I 93 25.74 14.04 11.71
C VAL I 93 26.77 13.70 10.65
N LYS I 94 27.97 14.29 10.74
CA LYS I 94 29.03 14.02 9.78
C LYS I 94 29.50 12.57 9.87
N ASP I 95 29.54 12.03 11.09
CA ASP I 95 29.93 10.63 11.27
C ASP I 95 28.90 9.68 10.67
N PHE I 96 27.62 9.95 10.89
CA PHE I 96 26.56 9.13 10.32
C PHE I 96 26.55 9.23 8.80
N ILE I 97 26.83 10.41 8.26
CA ILE I 97 26.76 10.59 6.82
C ILE I 97 27.97 9.94 6.14
N GLN I 98 29.15 10.02 6.74
CA GLN I 98 30.33 9.41 6.14
C GLN I 98 30.32 7.89 6.28
N ARG I 99 29.95 7.38 7.45
CA ARG I 99 30.00 5.94 7.67
C ARG I 99 28.89 5.22 6.91
N THR I 100 27.66 5.73 6.99
CA THR I 100 26.58 5.21 6.16
C THR I 100 26.58 6.05 4.90
N ALA I 101 27.48 5.69 3.98
CA ALA I 101 28.03 6.62 3.01
C ALA I 101 27.00 7.19 2.05
N PHE I 102 26.68 8.45 2.28
CA PHE I 102 25.53 9.15 1.72
C PHE I 102 25.93 10.05 0.57
N THR I 103 26.99 10.83 0.76
CA THR I 103 27.41 11.80 -0.25
C THR I 103 27.89 11.10 -1.52
N ALA I 104 28.62 10.00 -1.38
CA ALA I 104 29.05 9.23 -2.54
C ALA I 104 27.86 8.66 -3.30
N ALA I 105 26.85 8.20 -2.56
CA ALA I 105 25.62 7.69 -3.17
C ALA I 105 24.91 8.77 -3.96
N ILE I 106 24.79 9.97 -3.38
CA ILE I 106 24.01 10.99 -4.07
C ILE I 106 24.78 11.60 -5.24
N THR I 107 26.12 11.62 -5.15
CA THR I 107 26.92 12.01 -6.31
C THR I 107 26.79 11.01 -7.44
N ASP I 108 26.83 9.71 -7.13
CA ASP I 108 26.70 8.73 -8.21
C ASP I 108 25.28 8.62 -8.72
N VAL I 109 24.30 9.09 -7.94
CA VAL I 109 22.97 9.34 -8.49
C VAL I 109 23.02 10.50 -9.47
N MET I 110 23.79 11.53 -9.14
CA MET I 110 23.87 12.69 -10.02
C MET I 110 24.66 12.39 -11.29
N ASN I 111 25.57 11.42 -11.25
CA ASN I 111 26.28 11.03 -12.47
C ASN I 111 25.38 10.30 -13.44
N GLN I 112 24.87 9.13 -13.03
CA GLN I 112 23.91 8.40 -13.85
C GLN I 112 22.52 8.96 -13.52
N ARG I 113 22.12 9.94 -14.30
CA ARG I 113 20.96 10.78 -13.99
C ARG I 113 19.63 10.13 -14.39
N THR I 114 19.47 8.89 -13.94
CA THR I 114 18.35 8.04 -14.31
C THR I 114 17.38 7.90 -13.15
N ARG I 115 16.16 7.47 -13.48
CA ARG I 115 15.12 7.32 -12.47
C ARG I 115 15.43 6.17 -11.52
N GLU I 116 15.91 5.05 -12.07
CA GLU I 116 16.13 3.86 -11.26
C GLU I 116 17.27 4.06 -10.27
N SER I 117 18.26 4.88 -10.62
CA SER I 117 19.33 5.21 -9.68
C SER I 117 18.79 5.98 -8.48
N PHE I 118 17.90 6.94 -8.72
CA PHE I 118 17.34 7.70 -7.61
C PHE I 118 16.40 6.85 -6.77
N LEU I 119 15.63 5.97 -7.41
CA LEU I 119 14.82 5.03 -6.62
C LEU I 119 15.70 4.11 -5.78
N LEU I 120 16.83 3.65 -6.32
CA LEU I 120 17.74 2.83 -5.56
C LEU I 120 18.29 3.58 -4.36
N PHE I 121 18.63 4.86 -4.56
CA PHE I 121 19.07 5.70 -3.45
C PHE I 121 17.97 5.90 -2.42
N ALA I 122 16.73 6.11 -2.86
CA ALA I 122 15.64 6.39 -1.95
C ALA I 122 15.27 5.17 -1.11
N ARG I 123 15.24 4.00 -1.73
CA ARG I 123 15.00 2.77 -0.97
C ARG I 123 16.18 2.45 -0.07
N TYR I 124 17.39 2.87 -0.46
CA TYR I 124 18.56 2.72 0.41
C TYR I 124 18.41 3.54 1.68
N VAL I 125 18.02 4.81 1.54
CA VAL I 125 17.85 5.67 2.71
C VAL I 125 16.66 5.22 3.55
N GLU I 126 15.59 4.76 2.89
CA GLU I 126 14.43 4.25 3.60
C GLU I 126 14.77 3.02 4.43
N SER I 127 15.58 2.11 3.88
CA SER I 127 16.05 0.96 4.62
C SER I 127 16.99 1.36 5.75
N LEU I 128 17.76 2.43 5.53
CA LEU I 128 18.68 2.92 6.55
C LEU I 128 17.93 3.44 7.76
N ILE I 129 16.86 4.22 7.52
CA ILE I 129 15.99 4.72 8.59
C ILE I 129 15.29 3.55 9.27
N ALA I 130 14.86 2.57 8.47
CA ALA I 130 14.14 1.41 8.98
C ALA I 130 15.01 0.61 9.95
N TYR I 131 16.27 0.39 9.58
CA TYR I 131 17.14 -0.39 10.43
C TYR I 131 17.61 0.41 11.64
N PHE I 132 17.69 1.75 11.51
CA PHE I 132 17.98 2.56 12.69
C PHE I 132 16.87 2.48 13.71
N LYS I 133 15.61 2.48 13.26
CA LYS I 133 14.54 2.29 14.24
C LYS I 133 14.49 0.85 14.73
N PHE I 134 14.87 -0.11 13.89
CA PHE I 134 14.83 -1.51 14.28
C PHE I 134 15.83 -1.82 15.38
N TYR I 135 17.03 -1.25 15.30
CA TYR I 135 18.06 -1.50 16.30
C TYR I 135 18.05 -0.41 17.36
N GLY I 136 17.74 -0.80 18.60
CA GLY I 136 17.85 0.05 19.76
C GLY I 136 16.95 1.27 19.79
N GLY I 137 15.68 1.08 19.43
CA GLY I 137 14.73 2.19 19.35
C GLY I 137 14.37 2.74 20.73
N LYS I 138 14.10 4.05 20.77
CA LYS I 138 13.81 4.76 22.00
C LYS I 138 12.36 5.25 22.06
N ASP I 139 11.45 4.56 21.38
CA ASP I 139 10.04 4.93 21.42
C ASP I 139 9.33 4.24 22.57
N THR J 1 18.37 28.18 -14.51
CA THR J 1 18.60 27.54 -15.79
C THR J 1 19.93 27.98 -16.39
N GLU J 2 20.19 29.28 -16.33
CA GLU J 2 21.43 29.85 -16.87
C GLU J 2 21.87 30.95 -15.93
N LEU J 3 23.16 31.00 -15.63
CA LEU J 3 23.76 32.06 -14.81
C LEU J 3 25.27 32.06 -15.06
N LYS J 4 25.79 33.14 -15.62
CA LYS J 4 27.19 33.18 -16.04
C LYS J 4 28.03 33.80 -14.93
N ILE J 5 29.28 33.34 -14.81
CA ILE J 5 30.21 33.88 -13.83
C ILE J 5 31.34 34.60 -14.55
N GLY J 6 32.07 33.89 -15.40
CA GLY J 6 33.07 34.49 -16.26
C GLY J 6 32.78 34.09 -17.68
N ASN J 7 33.73 33.38 -18.29
CA ASN J 7 33.46 32.53 -19.44
C ASN J 7 33.02 31.13 -19.02
N GLU J 8 32.71 30.94 -17.74
CA GLU J 8 32.43 29.63 -17.18
C GLU J 8 31.06 29.67 -16.51
N LYS J 9 30.21 28.71 -16.86
CA LYS J 9 28.79 28.79 -16.58
C LYS J 9 28.41 27.90 -15.40
N VAL J 10 27.43 28.35 -14.62
CA VAL J 10 26.82 27.55 -13.58
C VAL J 10 25.31 27.48 -13.80
N ASN J 11 24.75 26.27 -13.74
CA ASN J 11 23.32 26.07 -13.98
C ASN J 11 22.73 25.18 -12.89
N SER J 12 21.44 24.92 -12.98
CA SER J 12 20.69 24.30 -11.89
C SER J 12 20.78 22.79 -11.86
N THR J 13 21.98 22.22 -12.03
CA THR J 13 22.29 20.84 -11.70
C THR J 13 23.67 20.78 -11.07
N ASN J 14 24.25 21.94 -10.82
CA ASN J 14 25.69 22.16 -10.94
C ASN J 14 26.25 23.10 -9.87
N PHE J 15 25.41 23.88 -9.20
CA PHE J 15 25.85 24.92 -8.26
C PHE J 15 26.61 24.37 -7.07
N GLY J 16 26.33 23.13 -6.68
CA GLY J 16 27.08 22.53 -5.58
C GLY J 16 28.53 22.31 -5.93
N ASP J 17 28.81 21.98 -7.19
CA ASP J 17 30.18 21.70 -7.60
C ASP J 17 31.00 22.98 -7.69
N PHE J 18 30.43 24.06 -8.22
CA PHE J 18 31.13 25.34 -8.15
C PHE J 18 31.19 25.91 -6.75
N ALA J 19 30.29 25.50 -5.86
CA ALA J 19 30.46 25.94 -4.48
C ALA J 19 31.60 25.20 -3.80
N GLU J 20 31.72 23.88 -4.04
CA GLU J 20 32.94 23.11 -3.75
C GLU J 20 34.19 23.82 -4.24
N LYS J 21 34.26 24.10 -5.54
CA LYS J 21 35.48 24.63 -6.12
C LYS J 21 35.75 26.05 -5.66
N ALA J 22 34.71 26.81 -5.37
CA ALA J 22 34.87 28.18 -4.91
C ALA J 22 35.43 28.20 -3.49
N ILE J 23 34.86 27.42 -2.58
CA ILE J 23 35.36 27.41 -1.21
C ILE J 23 36.73 26.73 -1.13
N ARG J 24 36.93 25.65 -1.90
CA ARG J 24 38.25 25.01 -1.95
C ARG J 24 39.27 25.86 -2.69
N GLY J 25 38.82 26.91 -3.38
CA GLY J 25 39.71 27.96 -3.81
C GLY J 25 40.01 28.97 -2.72
N ILE J 26 39.04 29.23 -1.84
CA ILE J 26 39.29 30.12 -0.71
C ILE J 26 40.23 29.46 0.28
N ASN J 27 39.99 28.20 0.59
CA ASN J 27 41.03 27.42 1.24
C ASN J 27 42.10 27.04 0.23
N HIS J 28 43.24 26.56 0.74
CA HIS J 28 44.42 26.09 0.02
C HIS J 28 45.21 27.23 -0.63
N LYS J 29 44.67 28.44 -0.67
CA LYS J 29 45.37 29.66 -1.04
C LYS J 29 44.58 30.82 -0.45
N PRO J 30 44.67 31.06 0.84
CA PRO J 30 43.79 32.05 1.45
C PRO J 30 44.28 33.49 1.30
N PHE J 31 43.49 34.41 1.82
CA PHE J 31 43.79 35.83 1.81
C PHE J 31 45.02 36.17 2.63
N VAL J 32 45.78 37.15 2.16
CA VAL J 32 46.89 37.74 2.91
C VAL J 32 46.53 39.18 3.24
N ASN J 33 46.64 39.53 4.52
CA ASN J 33 46.08 40.78 5.02
C ASN J 33 47.09 41.92 5.09
N SER J 34 47.79 42.17 3.98
CA SER J 34 48.89 43.13 3.86
C SER J 34 49.98 42.89 4.91
N LYS J 35 50.11 41.64 5.35
CA LYS J 35 51.06 41.17 6.34
C LYS J 35 51.56 39.80 5.91
N GLY J 36 52.47 39.23 6.70
CA GLY J 36 52.85 37.85 6.49
C GLY J 36 51.88 36.84 7.08
N GLY J 37 50.84 37.33 7.76
CA GLY J 37 49.89 36.46 8.41
C GLY J 37 48.82 35.95 7.46
N GLU J 38 48.08 34.96 7.94
CA GLU J 38 46.95 34.41 7.20
C GLU J 38 45.66 34.95 7.79
N GLN J 39 44.63 34.99 6.95
CA GLN J 39 43.32 35.46 7.38
C GLN J 39 42.22 34.93 6.47
N LYS J 40 41.21 34.29 7.05
CA LYS J 40 40.04 33.86 6.30
C LYS J 40 38.82 34.56 6.88
N ILE J 41 37.78 34.64 6.05
CA ILE J 41 36.61 35.43 6.39
C ILE J 41 35.81 34.74 7.50
N THR J 42 35.18 35.53 8.36
CA THR J 42 34.47 34.99 9.50
C THR J 42 33.09 34.49 9.09
N THR J 43 32.45 33.78 10.02
CA THR J 43 31.12 33.22 9.76
C THR J 43 30.08 34.32 9.62
N SER J 44 30.17 35.35 10.46
CA SER J 44 29.11 36.33 10.57
C SER J 44 29.02 37.21 9.35
N LYS J 45 30.15 37.48 8.69
CA LYS J 45 30.11 38.32 7.48
C LYS J 45 29.40 37.61 6.34
N ILE J 46 29.79 36.37 6.05
CA ILE J 46 29.16 35.65 4.94
C ILE J 46 27.72 35.31 5.27
N ARG J 47 27.39 35.17 6.54
CA ARG J 47 26.02 34.78 6.80
C ARG J 47 25.14 36.01 6.97
N GLY J 48 25.76 37.17 7.19
CA GLY J 48 25.05 38.42 6.96
C GLY J 48 24.76 38.63 5.50
N ILE J 49 25.66 38.16 4.62
CA ILE J 49 25.36 38.14 3.19
C ILE J 49 24.21 37.19 2.89
N LEU J 50 24.17 36.04 3.57
CA LEU J 50 23.07 35.09 3.39
C LEU J 50 21.74 35.69 3.84
N GLU J 51 21.74 36.37 4.98
CA GLU J 51 20.51 37.00 5.46
C GLU J 51 20.12 38.16 4.56
N LEU J 52 21.11 38.80 3.93
CA LEU J 52 20.82 39.80 2.92
C LEU J 52 20.11 39.19 1.71
N VAL J 53 20.52 38.00 1.28
CA VAL J 53 19.80 37.35 0.18
C VAL J 53 18.44 36.84 0.66
N ASN J 54 18.37 36.29 1.87
CA ASN J 54 17.14 35.66 2.33
C ASN J 54 16.07 36.65 2.74
N LYS J 55 16.40 37.94 2.83
CA LYS J 55 15.34 38.93 2.92
C LYS J 55 14.58 39.04 1.61
N VAL J 56 15.18 38.64 0.50
CA VAL J 56 14.54 38.68 -0.80
C VAL J 56 13.96 37.30 -1.11
N TYR J 57 14.63 36.25 -0.62
CA TYR J 57 14.23 34.88 -0.94
C TYR J 57 12.86 34.55 -0.36
N ASN J 58 12.54 35.10 0.81
CA ASN J 58 11.25 34.81 1.43
C ASN J 58 10.09 35.45 0.67
N ARG J 59 10.37 36.41 -0.21
CA ARG J 59 9.31 37.00 -0.99
C ARG J 59 9.31 36.53 -2.45
N VAL J 60 10.21 35.63 -2.81
CA VAL J 60 10.26 35.15 -4.19
C VAL J 60 9.71 33.73 -4.29
N ILE J 61 10.10 32.87 -3.35
CA ILE J 61 9.62 31.48 -3.36
C ILE J 61 8.15 31.43 -2.98
N ASN J 62 7.65 32.49 -2.37
CA ASN J 62 6.26 32.63 -1.95
C ASN J 62 5.36 33.06 -3.10
N THR J 63 5.96 33.44 -4.22
CA THR J 63 5.23 34.10 -5.29
C THR J 63 5.07 33.15 -6.47
N ASN J 64 4.42 33.65 -7.51
CA ASN J 64 3.91 32.84 -8.60
C ASN J 64 4.58 33.19 -9.92
N ASP J 65 4.73 34.47 -10.20
CA ASP J 65 5.04 34.95 -11.54
C ASP J 65 6.45 34.57 -11.99
N VAL J 66 6.60 34.38 -13.29
CA VAL J 66 7.88 33.94 -13.84
C VAL J 66 8.86 35.09 -14.03
N GLU J 67 8.39 36.32 -13.90
CA GLU J 67 9.25 37.49 -13.98
C GLU J 67 9.26 38.19 -12.63
N LEU J 68 10.43 38.63 -12.19
CA LEU J 68 10.55 39.31 -10.91
C LEU J 68 9.87 40.67 -10.95
N SER J 69 9.34 41.09 -9.80
CA SER J 69 8.72 42.40 -9.72
C SER J 69 9.78 43.49 -9.57
N GLU J 70 9.32 44.73 -9.61
CA GLU J 70 10.25 45.85 -9.48
C GLU J 70 10.69 46.07 -8.04
N ASN J 71 9.83 45.78 -7.07
CA ASN J 71 10.23 45.86 -5.67
C ASN J 71 11.32 44.85 -5.34
N ILE J 72 11.13 43.61 -5.81
CA ILE J 72 12.09 42.54 -5.59
C ILE J 72 13.42 42.86 -6.26
N LEU J 73 13.39 43.31 -7.52
CA LEU J 73 14.65 43.55 -8.23
C LEU J 73 15.32 44.82 -7.72
N ALA J 74 14.52 45.75 -7.16
CA ALA J 74 15.10 46.88 -6.45
C ALA J 74 15.88 46.41 -5.24
N ASP J 75 15.34 45.43 -4.51
CA ASP J 75 16.08 44.91 -3.37
C ASP J 75 17.27 44.05 -3.81
N ILE J 76 17.20 43.46 -5.00
CA ILE J 76 18.35 42.78 -5.59
C ILE J 76 19.48 43.77 -5.87
N ALA J 77 19.14 44.93 -6.42
CA ALA J 77 20.11 46.00 -6.62
C ALA J 77 20.67 46.46 -5.29
N TYR J 78 19.82 46.53 -4.27
CA TYR J 78 20.28 46.84 -2.91
C TYR J 78 21.25 45.79 -2.38
N ILE J 79 21.04 44.52 -2.70
CA ILE J 79 22.00 43.47 -2.34
C ILE J 79 23.35 43.73 -2.99
N LYS J 80 23.34 44.14 -4.25
CA LYS J 80 24.59 44.46 -4.95
C LYS J 80 25.31 45.64 -4.31
N VAL J 81 24.56 46.68 -3.92
CA VAL J 81 25.14 47.82 -3.22
C VAL J 81 25.72 47.42 -1.87
N LYS J 82 25.00 46.58 -1.13
CA LYS J 82 25.46 46.17 0.19
C LYS J 82 26.70 45.28 0.07
N ILE J 83 26.77 44.49 -1.01
CA ILE J 83 27.96 43.73 -1.35
C ILE J 83 29.14 44.64 -1.57
N ALA J 84 28.94 45.73 -2.32
CA ALA J 84 30.01 46.68 -2.57
C ALA J 84 30.45 47.37 -1.28
N TYR J 85 29.50 47.69 -0.42
CA TYR J 85 29.85 48.38 0.83
C TYR J 85 30.62 47.48 1.77
N GLU J 86 30.16 46.24 1.96
CA GLU J 86 30.85 45.41 2.94
C GLU J 86 32.10 44.79 2.34
N SER J 87 32.22 44.85 1.01
CA SER J 87 33.52 44.69 0.37
C SER J 87 34.45 45.86 0.72
N GLY J 88 33.92 47.08 0.73
CA GLY J 88 34.77 48.22 1.05
C GLY J 88 35.16 48.29 2.51
N ARG J 89 34.36 47.69 3.39
CA ARG J 89 34.69 47.54 4.80
C ARG J 89 35.99 46.79 5.06
N GLU J 90 36.09 45.59 4.52
CA GLU J 90 37.21 44.71 4.84
C GLU J 90 37.80 44.14 3.56
N PRO J 91 39.11 44.01 3.48
CA PRO J 91 39.71 43.49 2.25
C PRO J 91 39.51 41.99 2.09
N VAL J 92 39.36 41.29 3.22
CA VAL J 92 39.12 39.85 3.18
C VAL J 92 37.75 39.56 2.58
N VAL J 93 36.77 40.42 2.84
CA VAL J 93 35.46 40.28 2.22
C VAL J 93 35.55 40.59 0.73
N LYS J 94 36.40 41.53 0.37
CA LYS J 94 36.59 41.89 -1.03
C LYS J 94 37.16 40.72 -1.83
N ASP J 95 38.16 40.04 -1.28
CA ASP J 95 38.70 38.90 -2.01
C ASP J 95 37.80 37.67 -1.93
N PHE J 96 36.98 37.55 -0.88
CA PHE J 96 35.98 36.49 -0.88
C PHE J 96 34.95 36.70 -1.98
N ILE J 97 34.53 37.94 -2.18
CA ILE J 97 33.56 38.23 -3.24
C ILE J 97 34.22 38.08 -4.61
N GLN J 98 35.49 38.45 -4.73
CA GLN J 98 36.17 38.42 -6.02
C GLN J 98 36.47 36.99 -6.46
N ARG J 99 36.86 36.13 -5.51
CA ARG J 99 37.14 34.74 -5.89
C ARG J 99 35.85 33.95 -6.08
N THR J 100 35.01 33.90 -5.04
CA THR J 100 33.68 33.30 -5.17
C THR J 100 32.79 34.34 -5.82
N ALA J 101 32.76 34.31 -7.15
CA ALA J 101 32.36 35.48 -7.93
C ALA J 101 30.88 35.78 -7.78
N PHE J 102 30.60 36.70 -6.87
CA PHE J 102 29.28 37.02 -6.36
C PHE J 102 28.70 38.22 -7.09
N THR J 103 29.53 39.22 -7.38
CA THR J 103 29.09 40.35 -8.18
C THR J 103 28.70 39.91 -9.57
N ALA J 104 29.41 38.92 -10.14
CA ALA J 104 29.06 38.37 -11.45
C ALA J 104 27.69 37.71 -11.42
N ALA J 105 27.40 36.95 -10.36
CA ALA J 105 26.11 36.27 -10.25
C ALA J 105 24.97 37.25 -10.01
N ILE J 106 25.20 38.28 -9.19
CA ILE J 106 24.12 39.21 -8.89
C ILE J 106 23.86 40.11 -10.10
N THR J 107 24.89 40.39 -10.91
CA THR J 107 24.66 41.11 -12.15
C THR J 107 23.99 40.24 -13.18
N ASP J 108 24.25 38.93 -13.16
CA ASP J 108 23.50 38.01 -14.02
C ASP J 108 22.02 38.02 -13.66
N VAL J 109 21.71 38.02 -12.37
CA VAL J 109 20.31 38.08 -11.93
C VAL J 109 19.68 39.39 -12.36
N MET J 110 20.41 40.50 -12.22
CA MET J 110 19.85 41.79 -12.64
C MET J 110 19.69 41.89 -14.16
N ASN J 111 20.51 41.17 -14.93
CA ASN J 111 20.30 41.15 -16.37
C ASN J 111 19.10 40.31 -16.75
N GLN J 112 19.11 39.02 -16.44
CA GLN J 112 17.95 38.19 -16.77
C GLN J 112 16.98 38.28 -15.60
N ARG J 113 15.98 39.13 -15.73
CA ARG J 113 15.05 39.36 -14.64
C ARG J 113 13.99 38.28 -14.59
N THR J 114 14.39 37.04 -14.35
CA THR J 114 13.47 35.92 -14.21
C THR J 114 13.50 35.43 -12.78
N ARG J 115 12.42 34.74 -12.40
CA ARG J 115 12.32 34.22 -11.03
C ARG J 115 13.33 33.11 -10.79
N GLU J 116 13.51 32.22 -11.77
CA GLU J 116 14.36 31.06 -11.54
C GLU J 116 15.83 31.40 -11.53
N SER J 117 16.24 32.52 -12.14
CA SER J 117 17.63 32.94 -12.07
C SER J 117 18.00 33.37 -10.66
N PHE J 118 17.12 34.13 -10.00
CA PHE J 118 17.39 34.51 -8.62
C PHE J 118 17.33 33.30 -7.71
N LEU J 119 16.43 32.36 -7.99
CA LEU J 119 16.35 31.17 -7.16
C LEU J 119 17.62 30.33 -7.30
N LEU J 120 18.18 30.26 -8.51
CA LEU J 120 19.48 29.62 -8.71
C LEU J 120 20.59 30.35 -7.97
N PHE J 121 20.54 31.68 -7.97
CA PHE J 121 21.52 32.47 -7.24
C PHE J 121 21.42 32.22 -5.73
N ALA J 122 20.20 32.07 -5.23
CA ALA J 122 20.00 31.72 -3.83
C ALA J 122 20.52 30.33 -3.50
N ARG J 123 20.30 29.37 -4.42
CA ARG J 123 20.90 28.05 -4.28
C ARG J 123 22.42 28.15 -4.20
N TYR J 124 23.01 29.00 -5.03
CA TYR J 124 24.47 29.12 -5.09
C TYR J 124 25.02 29.75 -3.82
N VAL J 125 24.35 30.77 -3.28
CA VAL J 125 24.80 31.40 -2.04
C VAL J 125 24.66 30.46 -0.85
N GLU J 126 23.52 29.75 -0.77
CA GLU J 126 23.33 28.78 0.30
C GLU J 126 24.34 27.65 0.20
N SER J 127 24.69 27.25 -1.02
CA SER J 127 25.69 26.20 -1.19
C SER J 127 27.09 26.70 -0.86
N LEU J 128 27.36 27.98 -1.11
CA LEU J 128 28.63 28.58 -0.73
C LEU J 128 28.83 28.53 0.77
N ILE J 129 27.79 28.85 1.51
CA ILE J 129 27.91 28.88 2.96
C ILE J 129 27.83 27.48 3.55
N ALA J 130 27.13 26.58 2.86
CA ALA J 130 27.13 25.17 3.23
C ALA J 130 28.53 24.57 3.13
N TYR J 131 29.23 24.84 2.03
CA TYR J 131 30.57 24.31 1.92
C TYR J 131 31.60 25.14 2.68
N PHE J 132 31.24 26.35 3.12
CA PHE J 132 32.08 27.02 4.09
C PHE J 132 32.01 26.32 5.44
N LYS J 133 30.80 26.00 5.89
CA LYS J 133 30.66 25.37 7.20
C LYS J 133 31.12 23.92 7.19
N PHE J 134 31.07 23.25 6.03
CA PHE J 134 31.48 21.86 5.97
C PHE J 134 33.00 21.71 6.15
N TYR J 135 33.77 22.70 5.72
CA TYR J 135 35.21 22.69 5.93
C TYR J 135 35.57 23.53 7.14
N ILE K 5 7.85 56.27 -10.06
CA ILE K 5 9.08 55.57 -9.73
C ILE K 5 10.19 55.96 -10.69
N GLY K 6 9.92 56.95 -11.55
CA GLY K 6 10.93 57.40 -12.48
C GLY K 6 12.05 58.17 -11.80
N ASN K 7 11.74 59.38 -11.31
CA ASN K 7 12.63 60.20 -10.47
C ASN K 7 13.96 60.53 -11.17
N GLU K 8 13.85 61.24 -12.30
CA GLU K 8 14.97 61.87 -13.01
C GLU K 8 16.02 60.84 -13.45
N LYS K 9 15.61 60.01 -14.42
CA LYS K 9 16.41 59.04 -15.17
C LYS K 9 16.96 57.89 -14.34
N VAL K 10 16.76 57.85 -13.02
CA VAL K 10 17.32 56.77 -12.21
C VAL K 10 16.23 56.01 -11.48
N ASN K 11 16.06 54.75 -11.85
CA ASN K 11 14.92 53.98 -11.40
C ASN K 11 15.16 53.46 -9.99
N SER K 12 14.26 52.58 -9.57
CA SER K 12 14.42 51.82 -8.34
C SER K 12 15.50 50.76 -8.44
N THR K 13 16.00 50.50 -9.64
CA THR K 13 16.98 49.45 -9.93
C THR K 13 18.38 49.96 -10.20
N ASN K 14 18.53 50.93 -11.10
CA ASN K 14 19.86 51.35 -11.55
C ASN K 14 20.47 52.46 -10.71
N PHE K 15 20.07 52.59 -9.44
CA PHE K 15 20.62 53.65 -8.61
C PHE K 15 22.07 53.36 -8.23
N GLY K 16 22.38 52.10 -7.88
CA GLY K 16 23.74 51.75 -7.54
C GLY K 16 24.67 51.79 -8.73
N ASP K 17 24.13 51.49 -9.92
CA ASP K 17 24.92 51.59 -11.13
C ASP K 17 25.27 53.03 -11.46
N PHE K 18 24.32 53.95 -11.25
CA PHE K 18 24.60 55.37 -11.48
C PHE K 18 25.64 55.86 -10.47
N ALA K 19 25.51 55.42 -9.21
CA ALA K 19 26.46 55.85 -8.19
C ALA K 19 27.86 55.29 -8.47
N GLU K 20 27.93 54.06 -8.95
CA GLU K 20 29.20 53.46 -9.33
C GLU K 20 29.83 54.21 -10.49
N LYS K 21 29.02 54.60 -11.47
CA LYS K 21 29.50 55.43 -12.57
C LYS K 21 30.00 56.79 -12.09
N ALA K 22 29.29 57.39 -11.14
CA ALA K 22 29.68 58.70 -10.61
C ALA K 22 30.99 58.61 -9.84
N ILE K 23 31.15 57.58 -9.01
CA ILE K 23 32.37 57.45 -8.22
C ILE K 23 33.56 57.10 -9.12
N ARG K 24 33.33 56.26 -10.14
CA ARG K 24 34.41 55.98 -11.09
C ARG K 24 34.77 57.21 -11.90
N GLY K 25 33.80 58.09 -12.16
CA GLY K 25 34.11 59.38 -12.75
C GLY K 25 34.90 60.28 -11.80
N ILE K 26 34.64 60.15 -10.50
CA ILE K 26 35.41 60.89 -9.51
C ILE K 26 36.84 60.38 -9.44
N ASN K 27 37.03 59.06 -9.52
CA ASN K 27 38.29 58.44 -9.14
C ASN K 27 39.40 58.72 -10.15
N HIS K 28 39.07 58.73 -11.44
CA HIS K 28 40.04 59.21 -12.41
C HIS K 28 39.64 60.61 -12.85
N LYS K 29 40.65 61.47 -13.00
CA LYS K 29 40.58 62.92 -13.13
C LYS K 29 39.75 63.47 -11.95
N PRO K 30 40.33 63.55 -10.75
CA PRO K 30 39.61 64.11 -9.61
C PRO K 30 39.80 65.62 -9.52
N PHE K 31 39.26 66.19 -8.44
CA PHE K 31 39.36 67.62 -8.21
C PHE K 31 40.72 67.96 -7.63
N VAL K 32 41.51 68.71 -8.41
CA VAL K 32 42.90 69.14 -8.07
C VAL K 32 43.80 67.97 -7.69
N GLN K 39 43.84 67.11 -3.61
CA GLN K 39 43.00 66.90 -2.44
C GLN K 39 41.66 66.32 -2.85
N LYS K 40 41.51 65.00 -2.70
CA LYS K 40 40.25 64.35 -2.99
C LYS K 40 39.39 64.34 -1.72
N ILE K 41 38.09 64.13 -1.91
CA ILE K 41 37.13 64.20 -0.81
C ILE K 41 37.37 63.08 0.19
N THR K 42 37.18 63.38 1.47
CA THR K 42 37.48 62.43 2.53
C THR K 42 36.22 61.63 2.87
N THR K 43 36.30 60.85 3.95
CA THR K 43 35.24 59.93 4.34
C THR K 43 34.47 60.41 5.56
N SER K 44 34.51 61.72 5.83
CA SER K 44 33.81 62.27 6.99
C SER K 44 32.67 63.20 6.58
N LYS K 45 32.90 64.11 5.63
CA LYS K 45 31.83 65.00 5.18
C LYS K 45 30.73 64.22 4.47
N ILE K 46 31.13 63.23 3.68
CA ILE K 46 30.18 62.48 2.88
C ILE K 46 29.34 61.62 3.82
N ARG K 47 29.97 61.13 4.89
CA ARG K 47 29.25 60.46 5.96
C ARG K 47 28.32 61.41 6.71
N GLY K 48 28.70 62.68 6.87
CA GLY K 48 27.80 63.63 7.52
C GLY K 48 26.54 63.84 6.71
N ILE K 49 26.69 63.89 5.39
CA ILE K 49 25.55 63.92 4.48
C ILE K 49 24.70 62.66 4.65
N LEU K 50 25.35 61.49 4.72
CA LEU K 50 24.66 60.23 4.96
C LEU K 50 23.89 60.23 6.27
N GLU K 51 24.49 60.79 7.32
CA GLU K 51 23.86 60.74 8.64
C GLU K 51 22.65 61.65 8.71
N LEU K 52 22.73 62.84 8.11
CA LEU K 52 21.57 63.73 8.08
C LEU K 52 20.42 63.16 7.25
N VAL K 53 20.74 62.57 6.09
CA VAL K 53 19.66 62.03 5.27
C VAL K 53 19.06 60.77 5.89
N ASN K 54 19.84 59.98 6.62
CA ASN K 54 19.25 58.80 7.23
C ASN K 54 18.58 59.11 8.55
N LYS K 55 18.95 60.23 9.18
CA LYS K 55 18.18 60.72 10.31
C LYS K 55 16.79 61.14 9.87
N VAL K 56 16.67 61.72 8.67
CA VAL K 56 15.34 61.97 8.12
C VAL K 56 14.66 60.65 7.74
N TYR K 57 15.43 59.71 7.20
CA TYR K 57 14.92 58.43 6.70
C TYR K 57 14.27 57.58 7.78
N ASN K 58 14.80 57.60 9.00
CA ASN K 58 14.21 56.79 10.08
C ASN K 58 12.79 57.24 10.37
N ARG K 59 12.60 58.55 10.56
CA ARG K 59 11.27 59.11 10.77
C ARG K 59 10.37 58.89 9.57
N VAL K 60 10.94 58.93 8.35
CA VAL K 60 10.14 58.73 7.15
C VAL K 60 9.63 57.30 7.06
N ILE K 61 10.51 56.32 7.24
CA ILE K 61 10.13 54.93 7.02
C ILE K 61 9.29 54.39 8.18
N ASN K 62 9.31 55.04 9.35
CA ASN K 62 8.34 54.59 10.35
C ASN K 62 6.99 55.28 10.23
N THR K 63 6.76 56.11 9.21
CA THR K 63 5.42 56.61 8.96
C THR K 63 4.55 55.54 8.32
N ASN K 64 3.25 55.84 8.22
CA ASN K 64 2.20 54.88 7.91
C ASN K 64 1.72 54.93 6.47
N ASP K 65 1.70 56.12 5.86
CA ASP K 65 0.98 56.33 4.61
C ASP K 65 1.93 56.62 3.46
N VAL K 66 1.34 56.76 2.27
CA VAL K 66 2.08 56.82 1.02
C VAL K 66 2.33 58.26 0.57
N GLU K 67 1.80 59.22 1.30
CA GLU K 67 2.16 60.61 1.09
C GLU K 67 3.05 61.11 2.23
N LEU K 68 3.47 62.36 2.12
CA LEU K 68 4.41 62.94 3.07
C LEU K 68 3.71 64.01 3.90
N SER K 69 4.14 64.15 5.15
CA SER K 69 3.58 65.17 6.01
C SER K 69 4.24 66.52 5.72
N GLU K 70 3.76 67.54 6.44
CA GLU K 70 4.38 68.85 6.33
C GLU K 70 5.78 68.85 6.94
N ASN K 71 5.95 68.13 8.05
CA ASN K 71 7.22 68.11 8.77
C ASN K 71 8.31 67.41 7.95
N ILE K 72 7.92 66.44 7.14
CA ILE K 72 8.89 65.74 6.31
C ILE K 72 9.41 66.65 5.20
N LEU K 73 8.51 67.42 4.57
CA LEU K 73 8.95 68.42 3.59
C LEU K 73 9.84 69.49 4.24
N ALA K 74 9.55 69.82 5.49
CA ALA K 74 10.46 70.66 6.26
C ALA K 74 11.83 70.00 6.43
N ASP K 75 11.85 68.68 6.63
CA ASP K 75 13.12 67.98 6.83
C ASP K 75 13.97 67.95 5.57
N ILE K 76 13.38 67.62 4.42
CA ILE K 76 14.15 67.65 3.17
C ILE K 76 14.55 69.09 2.81
N ALA K 77 13.70 70.08 3.10
CA ALA K 77 14.08 71.48 2.87
C ALA K 77 15.26 71.90 3.75
N TYR K 78 15.28 71.43 5.00
CA TYR K 78 16.34 71.91 5.88
C TYR K 78 17.64 71.15 5.60
N ILE K 79 17.55 69.91 5.12
CA ILE K 79 18.80 69.26 4.77
C ILE K 79 19.31 69.81 3.45
N LYS K 80 18.43 70.36 2.62
CA LYS K 80 18.87 71.13 1.47
C LYS K 80 19.67 72.36 1.88
N VAL K 81 19.19 73.10 2.89
CA VAL K 81 19.97 74.28 3.27
C VAL K 81 21.23 73.88 4.04
N LYS K 82 21.21 72.71 4.70
CA LYS K 82 22.41 72.22 5.37
C LYS K 82 23.50 71.83 4.38
N ILE K 83 23.13 71.13 3.30
CA ILE K 83 24.14 70.78 2.31
C ILE K 83 24.51 72.01 1.48
N ALA K 84 23.64 73.00 1.41
CA ALA K 84 24.02 74.29 0.83
C ALA K 84 25.12 74.95 1.67
N TYR K 85 24.97 74.92 2.98
CA TYR K 85 26.00 75.44 3.89
C TYR K 85 27.30 74.67 3.76
N GLU K 86 27.21 73.33 3.71
CA GLU K 86 28.41 72.50 3.67
C GLU K 86 29.12 72.61 2.33
N SER K 87 28.36 72.74 1.24
CA SER K 87 28.96 73.06 -0.06
C SER K 87 29.61 74.44 -0.02
N GLY K 88 28.97 75.40 0.67
CA GLY K 88 29.57 76.71 0.83
C GLY K 88 30.84 76.72 1.67
N ARG K 89 31.10 75.67 2.43
CA ARG K 89 32.37 75.58 3.15
C ARG K 89 33.54 75.22 2.24
N GLU K 90 33.47 74.09 1.52
CA GLU K 90 34.65 73.59 0.82
C GLU K 90 34.42 73.48 -0.68
N PRO K 91 35.46 73.65 -1.50
CA PRO K 91 35.28 73.53 -2.95
C PRO K 91 35.21 72.09 -3.43
N VAL K 92 35.85 71.18 -2.69
CA VAL K 92 35.87 69.78 -3.11
C VAL K 92 34.47 69.17 -2.96
N VAL K 93 33.73 69.58 -1.93
CA VAL K 93 32.38 69.07 -1.79
C VAL K 93 31.45 69.78 -2.78
N LYS K 94 31.81 70.98 -3.25
CA LYS K 94 31.09 71.58 -4.38
C LYS K 94 31.24 70.74 -5.63
N ASP K 95 32.45 70.25 -5.90
CA ASP K 95 32.64 69.39 -7.07
C ASP K 95 31.92 68.05 -6.89
N PHE K 96 31.87 67.56 -5.64
CA PHE K 96 31.15 66.32 -5.35
C PHE K 96 29.65 66.47 -5.61
N ILE K 97 29.04 67.52 -5.07
CA ILE K 97 27.60 67.70 -5.21
C ILE K 97 27.26 68.16 -6.63
N GLN K 98 28.21 68.78 -7.33
CA GLN K 98 27.98 69.17 -8.72
C GLN K 98 27.97 67.95 -9.63
N ARG K 99 28.96 67.05 -9.48
CA ARG K 99 29.05 65.90 -10.35
C ARG K 99 27.99 64.84 -10.04
N THR K 100 27.35 64.96 -8.88
CA THR K 100 26.17 64.19 -8.52
C THR K 100 24.93 65.01 -8.89
N ALA K 101 23.81 64.33 -9.14
CA ALA K 101 22.52 65.01 -9.25
C ALA K 101 21.82 65.08 -7.90
N PHE K 102 22.53 65.58 -6.89
CA PHE K 102 22.03 65.54 -5.52
C PHE K 102 20.94 66.58 -5.29
N THR K 103 21.26 67.85 -5.53
CA THR K 103 20.29 68.92 -5.38
C THR K 103 19.16 68.79 -6.39
N ALA K 104 19.46 68.21 -7.56
CA ALA K 104 18.41 67.87 -8.51
C ALA K 104 17.44 66.86 -7.92
N ALA K 105 17.97 65.86 -7.20
CA ALA K 105 17.13 64.86 -6.56
C ALA K 105 16.29 65.48 -5.44
N ILE K 106 16.86 66.41 -4.68
CA ILE K 106 16.12 67.10 -3.63
C ILE K 106 15.00 67.95 -4.22
N THR K 107 15.28 68.68 -5.30
CA THR K 107 14.24 69.49 -5.94
C THR K 107 13.18 68.61 -6.59
N ASP K 108 13.55 67.40 -7.02
CA ASP K 108 12.55 66.48 -7.54
C ASP K 108 11.71 65.90 -6.41
N VAL K 109 12.29 65.76 -5.22
CA VAL K 109 11.50 65.35 -4.06
C VAL K 109 10.53 66.47 -3.68
N MET K 110 10.95 67.72 -3.84
CA MET K 110 10.05 68.87 -3.68
C MET K 110 8.91 68.85 -4.69
N ASN K 111 9.21 68.61 -5.96
CA ASN K 111 8.13 68.66 -6.96
C ASN K 111 7.45 67.32 -7.17
N GLN K 112 7.79 66.29 -6.40
CA GLN K 112 7.13 65.00 -6.52
C GLN K 112 6.39 64.59 -5.25
N ARG K 113 7.02 64.75 -4.09
CA ARG K 113 6.43 64.56 -2.75
C ARG K 113 5.85 63.15 -2.55
N THR K 114 6.60 62.15 -3.02
CA THR K 114 6.15 60.77 -2.90
C THR K 114 7.17 59.99 -2.09
N ARG K 115 6.66 59.07 -1.26
CA ARG K 115 7.50 58.36 -0.29
C ARG K 115 8.51 57.47 -0.99
N GLU K 116 8.08 56.81 -2.07
CA GLU K 116 8.96 55.92 -2.80
C GLU K 116 10.10 56.67 -3.47
N SER K 117 9.86 57.92 -3.86
CA SER K 117 10.94 58.74 -4.39
C SER K 117 11.96 59.07 -3.31
N PHE K 118 11.51 59.30 -2.07
CA PHE K 118 12.45 59.54 -0.99
C PHE K 118 13.26 58.31 -0.67
N LEU K 119 12.63 57.13 -0.68
CA LEU K 119 13.39 55.90 -0.46
C LEU K 119 14.36 55.64 -1.60
N LEU K 120 13.99 55.99 -2.82
CA LEU K 120 14.90 55.85 -3.96
C LEU K 120 16.09 56.79 -3.82
N PHE K 121 15.85 58.02 -3.38
CA PHE K 121 16.94 58.97 -3.19
C PHE K 121 17.84 58.56 -2.04
N ALA K 122 17.24 58.00 -0.97
CA ALA K 122 18.03 57.52 0.17
C ALA K 122 18.88 56.33 -0.24
N ARG K 123 18.35 55.45 -1.07
CA ARG K 123 19.14 54.35 -1.59
C ARG K 123 20.20 54.83 -2.55
N TYR K 124 19.94 55.92 -3.27
CA TYR K 124 20.94 56.51 -4.15
C TYR K 124 22.11 57.08 -3.36
N VAL K 125 21.85 57.82 -2.28
CA VAL K 125 22.94 58.39 -1.51
C VAL K 125 23.65 57.31 -0.67
N GLU K 126 22.92 56.27 -0.27
CA GLU K 126 23.57 55.12 0.35
C GLU K 126 24.49 54.42 -0.63
N SER K 127 24.07 54.32 -1.90
CA SER K 127 24.92 53.75 -2.92
C SER K 127 26.12 54.65 -3.22
N LEU K 128 25.96 55.96 -3.07
CA LEU K 128 27.09 56.88 -3.18
C LEU K 128 28.12 56.61 -2.10
N ILE K 129 27.66 56.44 -0.85
CA ILE K 129 28.55 56.09 0.26
C ILE K 129 29.25 54.77 -0.01
N ALA K 130 28.47 53.76 -0.43
CA ALA K 130 28.98 52.42 -0.62
C ALA K 130 30.02 52.36 -1.74
N TYR K 131 29.72 52.98 -2.87
CA TYR K 131 30.65 52.92 -3.99
C TYR K 131 31.80 53.88 -3.84
N PHE K 132 31.68 54.92 -3.00
CA PHE K 132 32.87 55.68 -2.64
C PHE K 132 33.79 54.83 -1.77
N LYS K 133 33.20 54.04 -0.87
CA LYS K 133 34.00 53.17 -0.04
C LYS K 133 34.63 52.04 -0.84
N PHE K 134 33.98 51.59 -1.91
CA PHE K 134 34.47 50.44 -2.67
C PHE K 134 35.69 50.81 -3.50
N TYR K 135 35.83 52.07 -3.88
CA TYR K 135 36.97 52.49 -4.66
C TYR K 135 37.80 53.53 -3.93
#